data_8EEV
#
_entry.id   8EEV
#
_cell.length_a   1.00
_cell.length_b   1.00
_cell.length_c   1.00
_cell.angle_alpha   90.00
_cell.angle_beta   90.00
_cell.angle_gamma   90.00
#
_symmetry.space_group_name_H-M   'P 1'
#
loop_
_entity.id
_entity.type
_entity.pdbx_description
1 polymer 'Coat protein'
2 polymer 'Fab SKT20 heavy chain'
3 polymer 'Fab SKT20 light chain'
#
loop_
_entity_poly.entity_id
_entity_poly.type
_entity_poly.pdbx_seq_one_letter_code
_entity_poly.pdbx_strand_id
1 'polypeptide(L)'
;MFPFQPMYPMQPMPYRNPFAAPRRPWFPRTDPFLAMQVQELTRSMANLTFKQRRDAPPEGPSAKKPKKEASQKQKGGGQG
KKKKNQGKKKAKTGPPNPKAQNGNKKKTNKKPGKRQRMVMKLESDKTFPIMLEGKINGYACVVGGKLFRPMHVEGKIDND
VLAALKTKKASKYDLEYADVPQNMRADTFKYTHEKPQGYYSWHHGAVQYENGRFTVPKGVGAKGDSGRPILDNQGRVVAI
VLGGVNEGSRTALSVVMWNEKGVTVKYTPENCEQWSLVTTMCLLANVTFPCAQPPICYDRKPAETLAMLSVNVDNPGYDE
LLEAAVKCPGRKRRSTEELFNEYKLTRPYMARCIRCAVGSCHSPIAIEAVKSDGHDGYVRLQTSSQYGLDSSGNLKGRTM
RYDMHGTIKEIPLHQVSLYTSRPCHIVDGHGYFLLARCPAGDSITMEFKKDSVRHSCSVPYEVKFNPVGRELYTHPPEHG
VEQACQVYAHDAQNRGAYVEMHLPGSEVDSSLVSLSGSSVTVTPPDGTSALVECECGGTKISETINKTKQFSQCTKKEQC
RAYRLQNDKWVYNSDKLPKAAGATLKGKLHVPFLLADGKCTVPLAPEPMITFGFRSVSLKLHPKNPTYLITRQLADEPHY
THELISEPAVRNFTVTEKGWEFVWGNHPPKRFWAQETAPGNPHGLPHEVITHYYHRYPMSTILGLSICAAIATVSVAAST
WLFCRSRVACLTPYRLTPNARIPFCLAVLCCARTARAETTWESLDHLWNNNQQMFWIQLLIPLAALIVVTRLLRCVCCVV
PFLVMAGAAAPAYEHATTMPSQAGISYNTIVNRAGYAPLPISITPTKIKLIPTVNLEYVTCHYKTGMDSPAIKCCGSQEC
TPTYRPDEQCKVFTGVYPFMWGGAYCFCDTENTQVSKAYVMKSDDCLADHAEAYKAHTASVQAFLNITVGEHSIVTTVYV
NGETPVNFNGVKITAGPLSTAWTPFDRKIVQYAGEIYNYDFPEYGAGQPGAFGDIQSRTVSSSDLYANTNLVLQRPKAGA
IHVPYTQAPSGFEQWKKDKAPSLKFTAPFGCEIYTNPIRAENCAVGSIPLAFDIPDALFTRVSETPTLSAAECTLNECVY
SSDFGGIATVKYSASKSGKCAVHVPSGTATLKEAAVELTEQGSATIHFSTANIHPEFRLQICTSYVTCKGDCHPPKDHIV
THPQYHAQTFTAAVSKTAWTWLTSLLGGSAVIIIIGLVLATIVAMYVLTNQKHN
;
A,B,F,G,J,K
2 'polypeptide(L)'
;QVQVQESGPGLVKPSETLSLTCAVSSGSINDDSYYWTWIRQSPGKGLEWLGFIHGGTGKSFYNPSLESRVTISKDTSRNQ
FSLTLSSVSAADTAVYYCARSHFCSNTFCYGWFDVWGPGIRVTVSSASTKGPSVFPLAPSSRSTSESTAALGCLVKDYFP
EPVTVSWNSGSLTSGVHTFPAVLQSSGLYSLSSVVTVPSSSLGTQTYVCNVNHKPSNTKVDKRVEIKTCGGLEVLFQ
;
H,S,U
3 'polypeptide(L)'
;DVVMTQTPLSLPITPGEPASISCRSSQSLLHSNGNTYLHWYLQKPGQSPQLLIYGGSNRASGVPDRFSGSGSGTDFTLKI
SKVEAEDVGVYYCVQAIAFPWTFGQGTKVEIKRTVAAPSVFIFPPSEDQVKSGTVSVVCLLNNFYPREASVKWKVDGALK
TGNSQESVTEQDSKDNTYSLSSTLTLSSTEYQSHKVYACEVTHQGLSSPVTKSFNRGEC
;
L,T,V
#
# COMPACT_ATOMS: atom_id res chain seq x y z
N TYR A 813 -2.46 27.91 72.16
CA TYR A 813 -3.64 28.68 71.70
C TYR A 813 -4.11 28.06 70.41
N GLU A 814 -5.39 28.21 70.13
CA GLU A 814 -6.04 27.54 69.03
C GLU A 814 -6.35 28.53 67.91
N HIS A 815 -6.44 28.02 66.71
CA HIS A 815 -6.71 28.83 65.53
C HIS A 815 -7.31 27.93 64.47
N ALA A 816 -8.28 28.46 63.75
CA ALA A 816 -9.09 27.70 62.81
C ALA A 816 -9.07 28.43 61.48
N THR A 817 -8.13 28.05 60.61
CA THR A 817 -7.92 28.71 59.34
C THR A 817 -8.34 27.77 58.21
N THR A 818 -8.31 28.31 56.99
CA THR A 818 -8.77 27.61 55.81
C THR A 818 -7.75 27.83 54.71
N MET A 819 -7.38 26.74 54.01
CA MET A 819 -6.35 26.77 52.99
C MET A 819 -6.93 26.34 51.66
N PRO A 820 -6.85 27.16 50.61
CA PRO A 820 -7.25 26.66 49.29
C PRO A 820 -6.36 25.52 48.85
N SER A 821 -6.98 24.39 48.53
CA SER A 821 -6.23 23.23 48.10
C SER A 821 -5.65 23.50 46.72
N GLN A 822 -4.41 23.99 46.68
CA GLN A 822 -3.76 24.37 45.43
C GLN A 822 -2.26 24.34 45.68
N ALA A 823 -1.58 23.41 45.03
CA ALA A 823 -0.17 23.17 45.32
C ALA A 823 0.70 24.29 44.77
N GLY A 824 1.94 24.31 45.24
CA GLY A 824 2.92 25.29 44.83
C GLY A 824 2.78 26.66 45.46
N ILE A 825 1.68 26.93 46.14
CA ILE A 825 1.35 28.26 46.63
C ILE A 825 1.51 28.27 48.15
N SER A 826 1.94 29.40 48.68
CA SER A 826 2.11 29.55 50.11
C SER A 826 0.85 30.14 50.72
N TYR A 827 0.77 30.01 52.05
CA TYR A 827 -0.32 30.57 52.82
C TYR A 827 0.30 31.14 54.09
N ASN A 828 0.40 32.46 54.12
CA ASN A 828 1.02 33.19 55.21
C ASN A 828 -0.10 33.82 56.01
N THR A 829 -0.42 33.21 57.15
CA THR A 829 -1.38 33.74 58.10
C THR A 829 -0.63 34.08 59.37
N ILE A 830 -1.35 34.66 60.32
CA ILE A 830 -0.75 35.03 61.60
C ILE A 830 -1.70 34.66 62.74
N VAL A 831 -1.09 34.41 63.90
CA VAL A 831 -1.81 34.32 65.16
C VAL A 831 -1.43 35.56 65.95
N ASN A 832 -2.42 36.40 66.24
CA ASN A 832 -2.24 37.61 67.01
C ASN A 832 -3.14 37.56 68.25
N ARG A 833 -2.52 37.36 69.40
CA ARG A 833 -3.23 37.45 70.66
C ARG A 833 -3.33 38.91 71.10
N ALA A 834 -4.33 39.19 71.93
CA ALA A 834 -4.64 40.56 72.31
C ALA A 834 -3.53 41.22 73.11
N GLY A 835 -2.62 40.44 73.71
CA GLY A 835 -1.59 40.98 74.59
C GLY A 835 -0.19 40.62 74.19
N TYR A 836 -0.01 39.47 73.56
CA TYR A 836 1.30 38.94 73.22
C TYR A 836 1.60 39.18 71.75
N ALA A 837 2.78 38.77 71.34
CA ALA A 837 3.29 39.14 70.05
C ALA A 837 2.77 38.20 68.97
N PRO A 838 2.82 38.60 67.71
CA PRO A 838 2.25 37.76 66.65
C PRO A 838 3.15 36.59 66.32
N LEU A 839 2.57 35.62 65.61
CA LEU A 839 3.27 34.44 65.17
C LEU A 839 2.94 34.21 63.71
N PRO A 840 3.91 34.21 62.79
CA PRO A 840 3.60 33.93 61.39
C PRO A 840 3.60 32.44 61.11
N ILE A 841 2.57 32.00 60.39
CA ILE A 841 2.40 30.62 60.00
C ILE A 841 2.41 30.60 58.48
N SER A 842 3.47 30.05 57.91
CA SER A 842 3.63 29.91 56.47
C SER A 842 3.51 28.43 56.14
N ILE A 843 2.40 28.03 55.54
CA ILE A 843 2.19 26.64 55.16
C ILE A 843 1.97 26.59 53.65
N THR A 844 2.69 25.69 52.99
CA THR A 844 2.74 25.62 51.53
C THR A 844 2.49 24.17 51.10
N PRO A 845 1.34 23.82 50.54
CA PRO A 845 1.17 22.46 50.03
C PRO A 845 2.01 22.24 48.79
N THR A 846 2.87 21.24 48.85
CA THR A 846 3.69 20.85 47.70
C THR A 846 2.94 19.87 46.82
N LYS A 847 2.21 18.95 47.44
CA LYS A 847 1.36 18.00 46.75
C LYS A 847 0.12 17.73 47.57
N ILE A 848 -0.97 17.43 46.87
CA ILE A 848 -2.27 17.19 47.48
C ILE A 848 -2.86 15.99 46.75
N LYS A 849 -3.03 14.89 47.45
CA LYS A 849 -3.39 13.62 46.85
C LYS A 849 -4.86 13.31 47.07
N LEU A 850 -5.33 12.28 46.36
CA LEU A 850 -6.72 11.84 46.43
C LEU A 850 -6.73 10.38 46.00
N ILE A 851 -6.78 9.48 46.97
CA ILE A 851 -6.48 8.07 46.79
C ILE A 851 -7.76 7.28 47.04
N PRO A 852 -8.36 6.64 46.04
CA PRO A 852 -9.57 5.86 46.31
C PRO A 852 -9.25 4.49 46.85
N THR A 853 -10.25 3.88 47.46
CA THR A 853 -10.14 2.51 47.93
C THR A 853 -10.48 1.59 46.77
N VAL A 854 -9.48 0.88 46.29
CA VAL A 854 -9.59 0.07 45.08
C VAL A 854 -9.76 -1.38 45.48
N ASN A 855 -10.79 -2.02 44.93
CA ASN A 855 -11.08 -3.42 45.16
C ASN A 855 -11.09 -4.14 43.83
N LEU A 856 -10.24 -5.15 43.72
CA LEU A 856 -10.10 -5.89 42.47
C LEU A 856 -11.37 -6.66 42.16
N GLU A 857 -11.68 -6.76 40.87
CA GLU A 857 -12.83 -7.53 40.39
C GLU A 857 -12.41 -8.59 39.40
N TYR A 858 -11.64 -8.21 38.38
CA TYR A 858 -11.04 -9.17 37.47
C TYR A 858 -9.97 -8.51 36.63
N VAL A 859 -9.34 -9.32 35.79
CA VAL A 859 -8.32 -8.89 34.86
C VAL A 859 -8.67 -9.42 33.47
N THR A 860 -7.96 -8.94 32.46
CA THR A 860 -8.25 -9.37 31.11
C THR A 860 -7.09 -9.05 30.18
N CYS A 861 -7.11 -9.72 29.04
CA CYS A 861 -6.00 -9.74 28.11
C CYS A 861 -6.48 -10.42 26.84
N HIS A 862 -5.57 -10.59 25.89
CA HIS A 862 -5.91 -11.30 24.67
C HIS A 862 -6.20 -12.76 24.99
N TYR A 863 -6.88 -13.40 24.06
CA TYR A 863 -7.13 -14.82 24.12
C TYR A 863 -6.29 -15.52 23.06
N LYS A 864 -6.19 -16.82 23.22
CA LYS A 864 -5.48 -17.70 22.33
C LYS A 864 -6.35 -18.91 22.13
N THR A 865 -6.80 -19.12 20.90
CA THR A 865 -7.71 -20.21 20.60
C THR A 865 -6.88 -21.47 20.54
N GLY A 866 -6.80 -22.17 21.67
CA GLY A 866 -6.15 -23.46 21.68
C GLY A 866 -6.98 -24.47 20.94
N MET A 867 -6.32 -25.36 20.22
CA MET A 867 -6.95 -26.24 19.25
C MET A 867 -6.41 -27.65 19.49
N ASP A 868 -7.09 -28.40 20.34
CA ASP A 868 -6.76 -29.81 20.46
C ASP A 868 -6.92 -30.49 19.11
N SER A 869 -6.07 -31.47 18.87
CA SER A 869 -5.91 -32.00 17.54
C SER A 869 -7.14 -32.76 17.08
N PRO A 870 -7.24 -33.03 15.78
CA PRO A 870 -8.25 -33.98 15.32
C PRO A 870 -8.01 -35.36 15.91
N ALA A 871 -9.10 -36.02 16.27
CA ALA A 871 -9.08 -37.44 16.55
C ALA A 871 -9.80 -38.10 15.39
N ILE A 872 -9.03 -38.79 14.54
CA ILE A 872 -9.50 -39.32 13.28
C ILE A 872 -9.66 -40.82 13.44
N LYS A 873 -10.70 -41.38 12.82
CA LYS A 873 -10.82 -42.81 12.66
C LYS A 873 -11.35 -43.12 11.27
N CYS A 874 -10.68 -44.05 10.60
CA CYS A 874 -10.97 -44.42 9.23
C CYS A 874 -11.99 -45.54 9.23
N CYS A 875 -13.09 -45.36 8.49
CA CYS A 875 -14.28 -46.21 8.63
C CYS A 875 -14.65 -46.35 10.10
N GLY A 876 -14.70 -45.21 10.78
CA GLY A 876 -14.87 -45.16 12.21
C GLY A 876 -16.20 -44.63 12.70
N SER A 877 -16.28 -44.46 14.01
CA SER A 877 -17.42 -43.86 14.67
C SER A 877 -16.96 -43.42 16.05
N GLN A 878 -16.92 -42.11 16.26
CA GLN A 878 -16.29 -41.52 17.43
C GLN A 878 -17.35 -41.06 18.43
N GLU A 879 -16.90 -40.60 19.58
CA GLU A 879 -17.75 -39.96 20.57
C GLU A 879 -16.93 -38.91 21.29
N CYS A 880 -17.56 -37.80 21.68
CA CYS A 880 -16.86 -36.70 22.33
C CYS A 880 -16.73 -36.97 23.82
N THR A 881 -15.50 -36.86 24.33
CA THR A 881 -15.26 -36.94 25.76
C THR A 881 -15.45 -35.55 26.37
N PRO A 882 -16.45 -35.35 27.25
CA PRO A 882 -16.63 -34.00 27.80
C PRO A 882 -15.47 -33.54 28.67
N THR A 883 -14.80 -32.48 28.23
CA THR A 883 -13.76 -31.82 29.01
C THR A 883 -14.29 -30.44 29.38
N TYR A 884 -13.64 -29.81 30.36
CA TYR A 884 -14.13 -28.59 30.96
C TYR A 884 -13.15 -27.43 30.82
N ARG A 885 -12.59 -27.26 29.62
CA ARG A 885 -11.76 -26.10 29.36
C ARG A 885 -12.63 -24.86 29.22
N PRO A 886 -12.04 -23.67 29.27
CA PRO A 886 -12.84 -22.46 29.12
C PRO A 886 -13.39 -22.34 27.70
N ASP A 887 -14.70 -22.27 27.59
CA ASP A 887 -15.38 -22.26 26.31
C ASP A 887 -15.00 -23.48 25.50
N GLU A 888 -15.05 -24.63 26.16
CA GLU A 888 -14.71 -25.90 25.54
C GLU A 888 -15.82 -26.29 24.58
N GLN A 889 -15.57 -26.07 23.29
CA GLN A 889 -16.38 -26.67 22.26
C GLN A 889 -15.83 -28.02 21.87
N CYS A 890 -16.67 -28.79 21.20
CA CYS A 890 -16.36 -30.14 20.77
C CYS A 890 -17.47 -30.58 19.84
N LYS A 891 -17.10 -31.33 18.82
CA LYS A 891 -18.05 -31.83 17.85
C LYS A 891 -17.49 -33.11 17.26
N VAL A 892 -18.30 -33.75 16.44
CA VAL A 892 -17.88 -34.86 15.61
C VAL A 892 -18.40 -34.58 14.21
N PHE A 893 -17.58 -34.87 13.21
CA PHE A 893 -17.95 -34.73 11.81
C PHE A 893 -17.87 -36.08 11.12
N THR A 894 -18.74 -36.27 10.13
CA THR A 894 -18.82 -37.50 9.36
C THR A 894 -18.63 -37.19 7.89
N GLY A 895 -17.77 -37.96 7.25
CA GLY A 895 -17.47 -37.81 5.86
C GLY A 895 -16.19 -37.04 5.61
N VAL A 896 -15.85 -36.12 6.49
CA VAL A 896 -14.72 -35.21 6.23
C VAL A 896 -13.49 -35.89 6.79
N TYR A 897 -13.06 -36.88 6.08
CA TYR A 897 -11.72 -37.11 5.56
C TYR A 897 -11.99 -38.25 4.60
N PRO A 898 -12.52 -37.96 3.40
CA PRO A 898 -12.79 -39.02 2.44
C PRO A 898 -11.49 -39.67 1.97
N PHE A 899 -11.52 -40.43 0.88
CA PHE A 899 -10.61 -41.53 0.59
C PHE A 899 -9.13 -41.27 0.85
N MET A 900 -8.30 -42.30 0.67
CA MET A 900 -6.92 -42.05 0.31
C MET A 900 -6.89 -41.06 -0.85
N TRP A 901 -5.74 -40.42 -1.06
CA TRP A 901 -5.63 -39.12 -1.73
C TRP A 901 -6.69 -38.15 -1.19
N GLY A 902 -6.95 -38.22 0.11
CA GLY A 902 -7.85 -37.30 0.79
C GLY A 902 -7.39 -36.89 2.18
N GLY A 903 -6.09 -36.93 2.41
CA GLY A 903 -5.51 -36.34 3.60
C GLY A 903 -5.26 -37.29 4.75
N ALA A 904 -6.32 -37.89 5.28
CA ALA A 904 -6.19 -38.72 6.47
C ALA A 904 -5.66 -40.10 6.17
N TYR A 905 -5.37 -40.41 4.91
CA TYR A 905 -4.92 -41.74 4.51
C TYR A 905 -5.92 -42.81 4.93
N CYS A 906 -7.19 -42.44 4.95
CA CYS A 906 -8.27 -43.37 5.21
C CYS A 906 -8.72 -44.03 3.91
N PHE A 907 -9.35 -45.18 4.07
CA PHE A 907 -9.75 -46.05 2.97
C PHE A 907 -11.12 -45.70 2.42
N CYS A 908 -11.91 -44.93 3.15
CA CYS A 908 -13.35 -44.95 3.03
C CYS A 908 -13.86 -43.67 2.36
N ASP A 909 -15.13 -43.72 1.94
CA ASP A 909 -15.77 -42.61 1.24
C ASP A 909 -16.56 -41.74 2.22
N THR A 910 -17.30 -42.38 3.09
CA THR A 910 -17.97 -41.74 4.21
C THR A 910 -17.66 -42.59 5.42
N GLU A 911 -18.36 -42.35 6.52
CA GLU A 911 -18.11 -42.99 7.82
C GLU A 911 -16.63 -42.96 8.23
N ASN A 912 -15.87 -41.98 7.73
CA ASN A 912 -14.67 -41.54 8.37
C ASN A 912 -15.01 -40.41 9.32
N THR A 913 -14.40 -40.41 10.50
CA THR A 913 -14.88 -39.58 11.59
C THR A 913 -13.77 -38.75 12.18
N GLN A 914 -14.02 -37.45 12.31
CA GLN A 914 -13.13 -36.51 12.96
C GLN A 914 -13.80 -35.99 14.22
N VAL A 915 -12.99 -35.81 15.26
CA VAL A 915 -13.40 -35.11 16.46
C VAL A 915 -12.50 -33.91 16.65
N SER A 916 -13.11 -32.74 16.64
CA SER A 916 -12.44 -31.47 16.84
C SER A 916 -12.77 -30.93 18.21
N LYS A 917 -11.83 -30.21 18.80
CA LYS A 917 -11.98 -29.62 20.12
C LYS A 917 -11.15 -28.35 20.16
N ALA A 918 -11.80 -27.25 20.50
CA ALA A 918 -11.18 -25.94 20.55
C ALA A 918 -11.57 -25.25 21.85
N TYR A 919 -10.56 -24.85 22.62
CA TYR A 919 -10.76 -24.11 23.84
C TYR A 919 -10.15 -22.72 23.69
N VAL A 920 -10.38 -21.89 24.69
CA VAL A 920 -9.94 -20.50 24.70
C VAL A 920 -9.14 -20.28 25.97
N MET A 921 -7.83 -20.14 25.83
CA MET A 921 -6.95 -19.87 26.96
C MET A 921 -6.43 -18.46 26.88
N LYS A 922 -5.83 -18.00 27.96
CA LYS A 922 -5.28 -16.66 27.98
C LYS A 922 -3.92 -16.65 27.30
N SER A 923 -3.56 -15.48 26.78
CA SER A 923 -2.39 -15.35 25.94
C SER A 923 -1.14 -15.71 26.72
N ASP A 924 -0.10 -16.06 25.96
CA ASP A 924 1.22 -16.26 26.55
C ASP A 924 1.81 -14.97 27.07
N ASP A 925 1.24 -13.81 26.70
CA ASP A 925 1.73 -12.51 27.08
C ASP A 925 0.84 -11.83 28.11
N CYS A 926 -0.05 -12.57 28.76
CA CYS A 926 -1.04 -11.98 29.64
C CYS A 926 -0.47 -11.49 30.95
N LEU A 927 0.82 -11.73 31.22
CA LEU A 927 1.45 -11.26 32.44
C LEU A 927 1.88 -9.81 32.34
N ALA A 928 2.13 -9.31 31.14
CA ALA A 928 2.59 -7.94 30.94
C ALA A 928 1.91 -7.28 29.76
N ASP A 929 0.73 -7.74 29.39
CA ASP A 929 -0.16 -6.98 28.51
C ASP A 929 -1.57 -7.35 28.96
N HIS A 930 -2.10 -6.56 29.89
CA HIS A 930 -3.37 -6.90 30.52
C HIS A 930 -3.94 -5.66 31.18
N ALA A 931 -5.25 -5.56 31.12
CA ALA A 931 -5.99 -4.53 31.80
C ALA A 931 -6.54 -5.08 33.12
N GLU A 932 -6.59 -4.20 34.11
CA GLU A 932 -7.10 -4.53 35.43
C GLU A 932 -8.37 -3.74 35.68
N ALA A 933 -9.47 -4.44 35.98
CA ALA A 933 -10.73 -3.81 36.30
C ALA A 933 -10.83 -3.62 37.81
N TYR A 934 -11.48 -2.52 38.20
CA TYR A 934 -11.45 -2.05 39.57
C TYR A 934 -12.76 -1.39 39.94
N LYS A 935 -13.12 -1.50 41.22
CA LYS A 935 -14.21 -0.75 41.82
C LYS A 935 -13.64 0.19 42.86
N ALA A 936 -14.03 1.45 42.78
CA ALA A 936 -13.48 2.50 43.62
C ALA A 936 -14.52 3.03 44.60
N HIS A 937 -14.03 3.53 45.73
CA HIS A 937 -14.83 4.23 46.72
C HIS A 937 -13.90 4.80 47.77
N THR A 938 -14.44 5.71 48.58
CA THR A 938 -13.83 6.13 49.85
C THR A 938 -12.43 6.71 49.62
N ALA A 939 -12.43 7.87 48.97
CA ALA A 939 -11.19 8.62 48.79
C ALA A 939 -10.55 8.92 50.13
N SER A 940 -9.30 8.50 50.28
CA SER A 940 -8.50 8.78 51.48
C SER A 940 -7.58 9.94 51.12
N VAL A 941 -8.11 11.13 51.24
CA VAL A 941 -7.39 12.34 50.87
C VAL A 941 -6.19 12.52 51.78
N GLN A 942 -5.17 13.17 51.25
CA GLN A 942 -3.81 13.10 51.77
C GLN A 942 -3.00 14.21 51.07
N ALA A 943 -1.86 14.57 51.65
CA ALA A 943 -1.17 15.78 51.24
C ALA A 943 0.25 15.82 51.78
N PHE A 944 1.08 16.63 51.12
CA PHE A 944 2.42 16.95 51.58
C PHE A 944 2.52 18.45 51.80
N LEU A 945 2.98 18.85 52.99
CA LEU A 945 3.06 20.25 53.35
C LEU A 945 4.48 20.66 53.65
N ASN A 946 4.77 21.94 53.43
CA ASN A 946 6.03 22.57 53.81
C ASN A 946 5.66 23.69 54.77
N ILE A 947 6.03 23.53 56.04
CA ILE A 947 5.39 24.23 57.15
C ILE A 947 6.42 25.03 57.93
N THR A 948 6.01 26.23 58.37
CA THR A 948 6.79 27.11 59.23
C THR A 948 5.83 27.76 60.22
N VAL A 949 5.71 27.16 61.40
CA VAL A 949 4.93 27.72 62.50
C VAL A 949 5.87 28.25 63.56
N GLY A 950 6.20 29.54 63.47
CA GLY A 950 7.08 30.16 64.44
C GLY A 950 8.52 29.78 64.26
N GLU A 951 9.09 30.14 63.12
CA GLU A 951 10.50 29.92 62.81
C GLU A 951 10.89 28.44 62.93
N HIS A 952 10.25 27.63 62.08
CA HIS A 952 10.64 26.24 61.89
C HIS A 952 10.44 25.90 60.41
N SER A 953 10.82 24.67 60.04
CA SER A 953 10.79 24.27 58.64
C SER A 953 10.61 22.75 58.60
N ILE A 954 9.43 22.30 58.19
CA ILE A 954 9.04 20.89 58.26
C ILE A 954 8.47 20.51 56.91
N VAL A 955 8.63 19.24 56.53
CA VAL A 955 8.25 18.76 55.21
C VAL A 955 7.28 17.60 55.41
N THR A 956 6.44 17.71 56.43
CA THR A 956 5.62 16.59 56.87
C THR A 956 4.55 16.23 55.86
N THR A 957 4.26 14.94 55.82
CA THR A 957 3.10 14.39 55.14
C THR A 957 1.91 14.45 56.10
N VAL A 958 0.75 14.77 55.56
CA VAL A 958 -0.43 15.03 56.38
C VAL A 958 -1.64 14.39 55.73
N TYR A 959 -2.40 13.68 56.56
CA TYR A 959 -3.74 13.29 56.22
C TYR A 959 -4.68 14.41 56.59
N VAL A 960 -5.70 14.62 55.76
CA VAL A 960 -6.68 15.67 55.99
C VAL A 960 -8.01 15.00 56.27
N ASN A 961 -7.95 13.84 56.92
CA ASN A 961 -9.02 13.44 57.81
C ASN A 961 -8.77 14.05 59.17
N GLY A 962 -9.82 14.59 59.78
CA GLY A 962 -9.65 15.41 60.96
C GLY A 962 -9.48 14.67 62.27
N GLU A 963 -8.67 13.62 62.27
CA GLU A 963 -8.38 12.87 63.48
C GLU A 963 -6.92 12.45 63.61
N THR A 964 -6.07 12.79 62.64
CA THR A 964 -4.71 12.28 62.55
C THR A 964 -3.74 13.45 62.67
N PRO A 965 -3.33 13.84 63.86
CA PRO A 965 -2.55 15.07 64.02
C PRO A 965 -1.07 14.88 63.74
N VAL A 966 -0.37 16.02 63.70
CA VAL A 966 1.08 16.08 63.67
C VAL A 966 1.54 17.03 64.77
N ASN A 967 2.80 16.87 65.18
CA ASN A 967 3.36 17.57 66.33
C ASN A 967 4.82 17.86 66.03
N PHE A 968 5.24 19.11 66.23
CA PHE A 968 6.58 19.54 65.84
C PHE A 968 7.45 19.90 67.02
N ASN A 969 7.07 20.93 67.78
CA ASN A 969 7.84 21.39 68.93
C ASN A 969 6.90 21.87 70.03
N GLY A 970 5.79 21.17 70.21
CA GLY A 970 4.75 21.54 71.14
C GLY A 970 3.44 21.88 70.48
N VAL A 971 3.46 22.17 69.20
CA VAL A 971 2.25 22.46 68.45
C VAL A 971 1.55 21.15 68.13
N LYS A 972 0.24 21.23 67.89
CA LYS A 972 -0.52 20.10 67.38
C LYS A 972 -1.41 20.60 66.26
N ILE A 973 -1.20 20.05 65.07
CA ILE A 973 -1.89 20.47 63.86
C ILE A 973 -2.79 19.34 63.40
N THR A 974 -4.01 19.69 62.98
CA THR A 974 -4.99 18.71 62.53
C THR A 974 -5.74 19.30 61.35
N ALA A 975 -5.71 18.58 60.22
CA ALA A 975 -6.21 19.09 58.95
C ALA A 975 -7.45 18.34 58.52
N GLY A 976 -8.31 19.04 57.78
CA GLY A 976 -9.50 18.45 57.23
C GLY A 976 -10.67 18.56 58.17
N PRO A 977 -11.78 17.88 57.84
CA PRO A 977 -12.16 17.16 56.63
C PRO A 977 -12.89 18.08 55.64
N LEU A 978 -13.69 17.49 54.75
CA LEU A 978 -14.57 18.22 53.85
C LEU A 978 -13.76 19.05 52.84
N SER A 979 -12.98 18.31 52.07
CA SER A 979 -12.38 18.84 50.85
C SER A 979 -13.36 18.72 49.67
N THR A 980 -14.60 19.19 49.86
CA THR A 980 -15.66 19.22 48.84
C THR A 980 -16.14 17.83 48.39
N ALA A 981 -15.64 16.75 49.01
CA ALA A 981 -16.17 15.40 48.84
C ALA A 981 -16.19 14.94 47.38
N TRP A 982 -15.35 15.51 46.53
CA TRP A 982 -15.34 15.20 45.11
C TRP A 982 -14.30 14.14 44.79
N THR A 983 -14.56 13.39 43.71
CA THR A 983 -13.58 12.52 43.10
C THR A 983 -13.81 12.52 41.59
N PRO A 984 -12.76 12.37 40.79
CA PRO A 984 -12.96 12.10 39.36
C PRO A 984 -13.20 10.62 39.13
N PHE A 985 -12.60 9.81 39.99
CA PHE A 985 -12.62 8.37 39.84
C PHE A 985 -14.04 7.84 39.99
N ASP A 986 -14.63 7.43 38.87
CA ASP A 986 -15.98 6.92 38.88
C ASP A 986 -15.97 5.53 39.53
N ARG A 987 -17.16 4.96 39.72
CA ARG A 987 -17.29 3.70 40.43
C ARG A 987 -16.56 2.55 39.76
N LYS A 988 -16.38 2.61 38.44
CA LYS A 988 -15.76 1.56 37.67
C LYS A 988 -14.52 2.11 36.96
N ILE A 989 -13.38 1.51 37.23
CA ILE A 989 -12.07 1.99 36.77
C ILE A 989 -11.37 0.86 36.02
N VAL A 990 -10.62 1.22 34.98
CA VAL A 990 -9.81 0.29 34.21
C VAL A 990 -8.40 0.85 34.15
N GLN A 991 -7.42 0.00 34.41
CA GLN A 991 -6.02 0.38 34.45
C GLN A 991 -5.28 -0.36 33.34
N TYR A 992 -4.50 0.40 32.57
CA TYR A 992 -3.79 -0.13 31.40
C TYR A 992 -2.63 0.78 31.06
N ALA A 993 -1.41 0.27 31.20
CA ALA A 993 -0.21 0.96 30.76
C ALA A 993 -0.03 2.30 31.47
N GLY A 994 -0.37 2.33 32.75
CA GLY A 994 -0.28 3.55 33.53
C GLY A 994 -1.45 4.49 33.37
N GLU A 995 -2.32 4.23 32.41
CA GLU A 995 -3.46 5.09 32.12
C GLU A 995 -4.71 4.51 32.75
N ILE A 996 -5.58 5.40 33.19
CA ILE A 996 -6.79 5.04 33.93
C ILE A 996 -8.00 5.57 33.19
N TYR A 997 -9.03 4.74 33.08
CA TYR A 997 -10.21 5.00 32.28
C TYR A 997 -11.45 4.67 33.07
N ASN A 998 -12.50 5.47 32.89
CA ASN A 998 -13.79 5.22 33.56
C ASN A 998 -14.73 4.49 32.62
N TYR A 999 -14.52 3.17 32.54
CA TYR A 999 -15.32 2.30 31.72
C TYR A 999 -16.29 1.51 32.59
N ASP A 1000 -17.45 1.19 32.03
CA ASP A 1000 -18.48 0.44 32.73
C ASP A 1000 -18.24 -1.04 32.48
N PHE A 1001 -17.23 -1.55 33.15
CA PHE A 1001 -16.83 -2.91 32.85
C PHE A 1001 -17.84 -3.91 33.40
N PRO A 1002 -18.19 -4.96 32.66
CA PRO A 1002 -19.15 -5.92 33.16
C PRO A 1002 -18.55 -6.87 34.17
N GLU A 1003 -19.40 -7.38 35.04
CA GLU A 1003 -19.00 -8.24 36.12
C GLU A 1003 -18.45 -9.56 35.59
N TYR A 1004 -17.89 -10.32 36.52
CA TYR A 1004 -17.27 -11.60 36.23
C TYR A 1004 -18.34 -12.63 35.93
N GLY A 1005 -18.62 -12.81 34.64
CA GLY A 1005 -19.62 -13.73 34.18
C GLY A 1005 -20.76 -13.09 33.42
N ALA A 1006 -20.59 -11.84 33.00
CA ALA A 1006 -21.53 -11.15 32.13
C ALA A 1006 -20.81 -10.54 30.94
N GLY A 1007 -19.58 -10.96 30.69
CA GLY A 1007 -18.81 -10.39 29.60
C GLY A 1007 -19.16 -11.05 28.29
N GLN A 1008 -19.35 -10.24 27.28
CA GLN A 1008 -19.81 -10.66 25.98
C GLN A 1008 -18.68 -10.58 24.98
N PRO A 1009 -18.77 -11.31 23.86
CA PRO A 1009 -17.69 -11.27 22.89
C PRO A 1009 -17.67 -9.95 22.13
N GLY A 1010 -16.46 -9.52 21.79
CA GLY A 1010 -16.27 -8.25 21.14
C GLY A 1010 -16.35 -7.06 22.06
N ALA A 1011 -16.11 -7.26 23.35
CA ALA A 1011 -16.19 -6.23 24.35
C ALA A 1011 -15.16 -6.52 25.43
N PHE A 1012 -14.87 -5.48 26.20
CA PHE A 1012 -13.94 -5.60 27.31
C PHE A 1012 -14.54 -6.55 28.33
N GLY A 1013 -14.00 -7.76 28.39
CA GLY A 1013 -14.47 -8.78 29.31
C GLY A 1013 -14.77 -10.11 28.66
N ASP A 1014 -14.27 -10.32 27.45
CA ASP A 1014 -14.42 -11.61 26.80
C ASP A 1014 -13.62 -12.70 27.49
N ILE A 1015 -12.52 -12.33 28.15
CA ILE A 1015 -11.74 -13.24 28.98
C ILE A 1015 -11.68 -12.61 30.35
N GLN A 1016 -12.01 -13.40 31.37
CA GLN A 1016 -12.12 -12.89 32.73
C GLN A 1016 -11.51 -13.89 33.70
N SER A 1017 -10.30 -13.58 34.14
CA SER A 1017 -9.65 -14.26 35.23
C SER A 1017 -9.78 -13.37 36.45
N ARG A 1018 -9.95 -13.98 37.61
CA ARG A 1018 -10.13 -13.19 38.81
C ARG A 1018 -8.82 -12.50 39.19
N THR A 1019 -7.71 -13.18 39.00
CA THR A 1019 -6.38 -12.60 39.11
C THR A 1019 -5.59 -12.93 37.85
N VAL A 1020 -4.40 -12.35 37.73
CA VAL A 1020 -3.56 -12.61 36.58
C VAL A 1020 -2.92 -14.00 36.64
N SER A 1021 -3.04 -14.69 37.77
CA SER A 1021 -2.46 -16.00 37.98
C SER A 1021 -3.44 -16.90 38.71
N SER A 1022 -4.73 -16.73 38.44
CA SER A 1022 -5.72 -17.65 38.95
C SER A 1022 -5.67 -18.96 38.18
N SER A 1023 -6.58 -19.85 38.52
CA SER A 1023 -6.67 -21.18 37.92
C SER A 1023 -7.86 -21.35 37.00
N ASP A 1024 -8.74 -20.37 36.94
CA ASP A 1024 -9.96 -20.46 36.14
C ASP A 1024 -10.22 -19.13 35.46
N LEU A 1025 -10.52 -19.19 34.17
CA LEU A 1025 -10.94 -18.04 33.40
C LEU A 1025 -12.30 -18.32 32.78
N TYR A 1026 -13.01 -17.23 32.52
CA TYR A 1026 -14.32 -17.25 31.90
C TYR A 1026 -14.18 -16.71 30.48
N ALA A 1027 -14.63 -17.50 29.51
CA ALA A 1027 -14.46 -17.18 28.09
C ALA A 1027 -15.81 -17.28 27.39
N ASN A 1028 -16.30 -16.14 26.93
CA ASN A 1028 -17.49 -16.03 26.08
C ASN A 1028 -17.02 -15.34 24.81
N THR A 1029 -16.53 -16.13 23.85
CA THR A 1029 -15.89 -15.61 22.65
C THR A 1029 -16.64 -15.92 21.36
N ASN A 1030 -17.82 -16.52 21.43
CA ASN A 1030 -18.63 -16.79 20.24
C ASN A 1030 -17.88 -17.69 19.26
N LEU A 1031 -17.51 -18.86 19.73
CA LEU A 1031 -16.76 -19.83 18.93
C LEU A 1031 -17.70 -20.88 18.40
N VAL A 1032 -17.55 -21.20 17.11
CA VAL A 1032 -18.39 -22.18 16.44
C VAL A 1032 -17.49 -23.01 15.57
N LEU A 1033 -17.26 -24.25 15.99
CA LEU A 1033 -16.50 -25.18 15.17
C LEU A 1033 -17.20 -25.41 13.84
N GLN A 1034 -16.41 -25.40 12.79
CA GLN A 1034 -16.89 -25.57 11.42
C GLN A 1034 -16.37 -26.89 10.88
N ARG A 1035 -16.79 -27.19 9.67
CA ARG A 1035 -16.55 -28.43 8.97
C ARG A 1035 -15.29 -28.32 8.12
N PRO A 1036 -14.37 -29.28 8.14
CA PRO A 1036 -13.17 -29.13 7.32
C PRO A 1036 -13.40 -29.48 5.87
N LYS A 1037 -12.37 -29.21 5.08
CA LYS A 1037 -12.33 -29.51 3.67
C LYS A 1037 -11.20 -30.50 3.42
N ALA A 1038 -11.46 -31.47 2.56
CA ALA A 1038 -10.44 -32.44 2.23
C ALA A 1038 -9.25 -31.78 1.56
N GLY A 1039 -8.15 -32.52 1.52
CA GLY A 1039 -6.90 -32.06 0.96
C GLY A 1039 -5.80 -32.19 1.99
N ALA A 1040 -6.17 -32.07 3.25
CA ALA A 1040 -5.22 -32.16 4.35
C ALA A 1040 -5.99 -32.05 5.64
N ILE A 1041 -5.31 -32.40 6.72
CA ILE A 1041 -5.93 -32.48 8.04
C ILE A 1041 -5.90 -31.10 8.67
N HIS A 1042 -7.03 -30.69 9.24
CA HIS A 1042 -7.07 -29.42 9.93
C HIS A 1042 -8.31 -29.28 10.78
N VAL A 1043 -8.27 -28.28 11.66
CA VAL A 1043 -9.34 -27.95 12.59
C VAL A 1043 -9.77 -26.51 12.30
N PRO A 1044 -10.95 -26.28 11.73
CA PRO A 1044 -11.40 -24.90 11.54
C PRO A 1044 -12.26 -24.39 12.68
N TYR A 1045 -12.44 -23.08 12.71
CA TYR A 1045 -13.30 -22.45 13.70
C TYR A 1045 -13.54 -21.01 13.29
N THR A 1046 -14.79 -20.57 13.42
CA THR A 1046 -15.14 -19.17 13.38
C THR A 1046 -15.18 -18.64 14.79
N GLN A 1047 -14.49 -17.53 15.03
CA GLN A 1047 -14.39 -16.94 16.34
C GLN A 1047 -14.48 -15.44 16.19
N ALA A 1048 -14.88 -14.78 17.27
CA ALA A 1048 -15.01 -13.35 17.26
C ALA A 1048 -13.65 -12.68 17.45
N PRO A 1049 -13.48 -11.46 16.94
CA PRO A 1049 -12.31 -10.68 17.32
C PRO A 1049 -12.33 -10.40 18.81
N SER A 1050 -11.14 -10.25 19.37
CA SER A 1050 -11.02 -9.99 20.79
C SER A 1050 -11.59 -8.62 21.11
N GLY A 1051 -12.22 -8.53 22.28
CA GLY A 1051 -12.68 -7.25 22.77
C GLY A 1051 -11.59 -6.42 23.41
N PHE A 1052 -10.47 -7.04 23.73
CA PHE A 1052 -9.34 -6.27 24.22
C PHE A 1052 -8.83 -5.34 23.13
N GLU A 1053 -8.57 -5.89 21.95
CA GLU A 1053 -8.17 -5.08 20.80
C GLU A 1053 -9.18 -3.99 20.51
N GLN A 1054 -10.47 -4.32 20.60
CA GLN A 1054 -11.49 -3.40 20.13
C GLN A 1054 -11.71 -2.27 21.13
N TRP A 1055 -11.69 -2.58 22.42
CA TRP A 1055 -11.65 -1.51 23.42
C TRP A 1055 -10.42 -0.67 23.23
N LYS A 1056 -9.31 -1.30 22.86
CA LYS A 1056 -8.06 -0.59 22.73
C LYS A 1056 -8.11 0.43 21.62
N LYS A 1057 -8.65 0.06 20.46
CA LYS A 1057 -8.63 0.94 19.31
C LYS A 1057 -9.83 1.88 19.24
N ASP A 1058 -10.69 1.87 20.25
CA ASP A 1058 -11.87 2.73 20.27
C ASP A 1058 -12.11 3.35 21.63
N LYS A 1059 -11.25 3.13 22.61
CA LYS A 1059 -11.42 3.77 23.91
C LYS A 1059 -11.28 5.28 23.78
N ALA A 1060 -11.95 5.97 24.69
CA ALA A 1060 -11.77 7.40 24.83
C ALA A 1060 -10.39 7.68 25.42
N PRO A 1061 -9.99 8.94 25.49
CA PRO A 1061 -8.77 9.26 26.22
C PRO A 1061 -8.92 9.00 27.72
N SER A 1062 -7.80 9.11 28.41
CA SER A 1062 -7.69 8.71 29.80
C SER A 1062 -8.32 9.76 30.71
N LEU A 1063 -8.38 9.42 32.00
CA LEU A 1063 -8.92 10.33 32.98
C LEU A 1063 -7.97 11.48 33.27
N LYS A 1064 -6.71 11.37 32.84
CA LYS A 1064 -5.78 12.47 32.99
C LYS A 1064 -5.99 13.52 31.93
N PHE A 1065 -6.70 13.17 30.87
CA PHE A 1065 -7.04 14.07 29.79
C PHE A 1065 -8.54 14.35 29.69
N THR A 1066 -9.32 13.96 30.69
CA THR A 1066 -10.74 14.25 30.75
C THR A 1066 -11.20 14.61 32.17
N ALA A 1067 -10.28 14.81 33.09
CA ALA A 1067 -10.62 15.12 34.47
C ALA A 1067 -10.86 16.62 34.67
N PRO A 1068 -11.87 17.03 35.43
CA PRO A 1068 -11.97 18.43 35.80
C PRO A 1068 -11.16 18.75 37.05
N PHE A 1069 -11.10 20.05 37.35
CA PHE A 1069 -10.31 20.61 38.42
C PHE A 1069 -8.84 20.25 38.31
N GLY A 1070 -8.36 20.18 37.08
CA GLY A 1070 -6.95 20.10 36.78
C GLY A 1070 -6.21 18.98 37.45
N CYS A 1071 -6.85 17.82 37.58
CA CYS A 1071 -6.24 16.71 38.29
C CYS A 1071 -5.20 16.02 37.41
N GLU A 1072 -4.19 15.47 38.08
CA GLU A 1072 -3.15 14.66 37.45
C GLU A 1072 -3.28 13.24 37.99
N ILE A 1073 -3.72 12.33 37.14
CA ILE A 1073 -3.90 10.95 37.56
C ILE A 1073 -2.56 10.23 37.50
N TYR A 1074 -2.41 9.20 38.33
CA TYR A 1074 -1.15 8.48 38.41
C TYR A 1074 -1.44 6.98 38.56
N THR A 1075 -0.40 6.23 38.96
CA THR A 1075 -0.22 4.82 38.65
C THR A 1075 -0.91 3.90 39.64
N ASN A 1076 -0.51 2.61 39.66
CA ASN A 1076 -1.01 1.54 40.52
C ASN A 1076 -1.41 2.00 41.92
N PRO A 1077 -0.60 2.83 42.60
CA PRO A 1077 -1.16 3.59 43.72
C PRO A 1077 -2.05 4.70 43.18
N ILE A 1078 -3.23 4.31 42.71
CA ILE A 1078 -4.18 5.16 42.02
C ILE A 1078 -4.43 6.43 42.83
N ARG A 1079 -4.27 7.56 42.17
CA ARG A 1079 -4.33 8.83 42.86
C ARG A 1079 -4.50 9.94 41.84
N ALA A 1080 -5.21 10.97 42.28
CA ALA A 1080 -5.36 12.23 41.56
C ALA A 1080 -4.63 13.30 42.36
N GLU A 1081 -3.43 13.65 41.91
CA GLU A 1081 -2.65 14.70 42.52
C GLU A 1081 -3.04 16.06 41.96
N ASN A 1082 -2.99 17.06 42.82
CA ASN A 1082 -3.05 18.46 42.43
C ASN A 1082 -4.38 18.80 41.78
N CYS A 1083 -5.46 18.43 42.47
CA CYS A 1083 -6.80 18.82 42.08
C CYS A 1083 -7.12 20.16 42.72
N ALA A 1084 -7.08 21.23 41.92
CA ALA A 1084 -7.33 22.58 42.42
C ALA A 1084 -8.83 22.72 42.70
N VAL A 1085 -9.24 22.22 43.85
CA VAL A 1085 -10.65 22.18 44.23
C VAL A 1085 -10.76 22.17 45.74
N GLY A 1086 -11.71 22.92 46.26
CA GLY A 1086 -12.01 22.88 47.65
C GLY A 1086 -10.98 23.57 48.49
N SER A 1087 -11.27 23.57 49.79
CA SER A 1087 -10.42 24.22 50.77
C SER A 1087 -10.34 23.32 51.98
N ILE A 1088 -9.12 23.01 52.38
CA ILE A 1088 -8.86 22.14 53.53
C ILE A 1088 -8.82 23.01 54.78
N PRO A 1089 -9.59 22.71 55.82
CA PRO A 1089 -9.45 23.47 57.06
C PRO A 1089 -8.33 22.94 57.93
N LEU A 1090 -7.73 23.87 58.66
CA LEU A 1090 -6.62 23.57 59.56
C LEU A 1090 -6.96 24.08 60.96
N ALA A 1091 -6.80 23.20 61.94
CA ALA A 1091 -7.05 23.50 63.34
C ALA A 1091 -5.76 23.32 64.12
N PHE A 1092 -5.43 24.30 64.94
CA PHE A 1092 -4.16 24.39 65.61
C PHE A 1092 -4.30 24.27 67.11
N ASP A 1093 -3.21 23.88 67.76
CA ASP A 1093 -3.05 24.00 69.21
C ASP A 1093 -1.59 24.37 69.46
N ILE A 1094 -1.35 25.66 69.63
CA ILE A 1094 -0.01 26.23 69.76
C ILE A 1094 0.28 26.38 71.25
N PRO A 1095 1.49 26.09 71.74
CA PRO A 1095 1.79 26.36 73.15
C PRO A 1095 2.21 27.81 73.37
N ASP A 1096 2.34 28.16 74.64
CA ASP A 1096 2.69 29.51 75.03
C ASP A 1096 4.19 29.78 75.01
N ALA A 1097 5.02 28.75 74.89
CA ALA A 1097 6.46 28.95 74.90
C ALA A 1097 6.91 29.67 73.64
N LEU A 1098 6.56 29.13 72.48
CA LEU A 1098 6.90 29.72 71.18
C LEU A 1098 5.86 30.77 70.77
N PHE A 1099 5.51 31.63 71.71
CA PHE A 1099 4.37 32.51 71.62
C PHE A 1099 4.70 33.84 72.29
N THR A 1100 5.98 34.23 72.20
CA THR A 1100 6.56 35.21 73.10
C THR A 1100 5.87 36.56 72.98
N ARG A 1101 5.87 37.31 74.08
CA ARG A 1101 5.25 38.62 74.16
C ARG A 1101 6.20 39.66 73.58
N VAL A 1102 5.90 40.94 73.85
CA VAL A 1102 6.44 42.04 73.06
C VAL A 1102 7.89 42.33 73.43
N SER A 1103 8.30 42.05 74.68
CA SER A 1103 9.51 42.63 75.25
C SER A 1103 10.79 42.30 74.48
N GLU A 1104 10.74 41.34 73.56
CA GLU A 1104 11.87 41.01 72.71
C GLU A 1104 11.61 41.31 71.23
N THR A 1105 10.52 42.01 70.92
CA THR A 1105 10.18 42.44 69.58
C THR A 1105 10.12 43.97 69.52
N PRO A 1106 10.43 44.58 68.38
CA PRO A 1106 10.15 46.01 68.23
C PRO A 1106 8.66 46.27 68.25
N THR A 1107 8.31 47.57 68.31
CA THR A 1107 6.97 48.00 68.64
C THR A 1107 6.51 49.15 67.76
N LEU A 1108 5.40 49.79 68.15
CA LEU A 1108 4.86 50.95 67.44
C LEU A 1108 5.93 52.00 67.20
N SER A 1109 5.95 52.53 65.99
CA SER A 1109 7.11 53.23 65.46
C SER A 1109 6.78 54.42 64.59
N ALA A 1110 5.51 54.81 64.48
CA ALA A 1110 5.09 55.89 63.60
C ALA A 1110 5.47 55.59 62.15
N ALA A 1111 4.85 54.55 61.62
CA ALA A 1111 5.12 54.06 60.29
C ALA A 1111 4.16 54.72 59.28
N GLU A 1112 4.61 54.80 58.03
CA GLU A 1112 3.79 55.34 56.95
C GLU A 1112 4.06 54.58 55.66
N CYS A 1113 3.01 54.04 55.07
CA CYS A 1113 3.10 53.25 53.85
C CYS A 1113 2.80 54.08 52.62
N THR A 1114 3.42 53.69 51.51
CA THR A 1114 3.12 54.23 50.20
C THR A 1114 3.15 53.11 49.18
N LEU A 1115 2.19 53.15 48.25
CA LEU A 1115 2.15 52.20 47.12
C LEU A 1115 2.85 52.84 45.93
N ASN A 1116 4.09 52.42 45.73
CA ASN A 1116 4.92 52.98 44.67
C ASN A 1116 4.42 52.56 43.29
N GLU A 1117 4.34 51.25 43.07
CA GLU A 1117 4.08 50.69 41.74
C GLU A 1117 3.15 49.51 41.92
N CYS A 1118 1.91 49.64 41.45
CA CYS A 1118 0.89 48.60 41.56
C CYS A 1118 0.38 48.17 40.20
N VAL A 1119 0.31 46.86 40.01
CA VAL A 1119 -0.35 46.25 38.87
C VAL A 1119 -1.20 45.10 39.40
N TYR A 1120 -2.47 45.08 39.02
CA TYR A 1120 -3.42 44.09 39.52
C TYR A 1120 -3.31 42.79 38.75
N SER A 1121 -2.10 42.24 38.71
CA SER A 1121 -1.83 41.01 38.01
C SER A 1121 -2.08 39.82 38.93
N SER A 1122 -1.92 38.64 38.36
CA SER A 1122 -2.11 37.41 39.12
C SER A 1122 -0.96 37.14 40.07
N ASP A 1123 0.17 37.81 39.89
CA ASP A 1123 1.37 37.56 40.68
C ASP A 1123 1.72 38.80 41.52
N PHE A 1124 2.89 38.73 42.16
CA PHE A 1124 3.36 39.73 43.11
C PHE A 1124 3.77 40.97 42.34
N GLY A 1125 2.77 41.75 41.96
CA GLY A 1125 2.98 42.96 41.20
C GLY A 1125 3.33 44.18 42.02
N GLY A 1126 2.62 44.36 43.12
CA GLY A 1126 2.75 45.57 43.90
C GLY A 1126 4.00 45.59 44.76
N ILE A 1127 4.47 46.81 45.02
CA ILE A 1127 5.53 47.09 45.98
C ILE A 1127 5.02 48.15 46.92
N ALA A 1128 5.01 47.84 48.22
CA ALA A 1128 4.71 48.80 49.27
C ALA A 1128 6.00 49.21 49.94
N THR A 1129 6.01 50.44 50.46
CA THR A 1129 7.19 51.01 51.09
C THR A 1129 6.76 51.67 52.39
N VAL A 1130 7.28 51.17 53.51
CA VAL A 1130 6.91 51.65 54.83
C VAL A 1130 8.09 52.38 55.43
N LYS A 1131 7.82 53.59 55.93
CA LYS A 1131 8.83 54.46 56.53
C LYS A 1131 8.53 54.55 58.02
N TYR A 1132 9.43 54.04 58.84
CA TYR A 1132 9.20 53.86 60.26
C TYR A 1132 10.37 54.42 61.07
N SER A 1133 10.17 54.50 62.38
CA SER A 1133 11.24 54.81 63.33
C SER A 1133 11.03 53.91 64.55
N ALA A 1134 11.62 52.72 64.50
CA ALA A 1134 11.33 51.67 65.47
C ALA A 1134 12.40 51.59 66.53
N SER A 1135 12.06 50.92 67.63
CA SER A 1135 12.97 50.78 68.76
C SER A 1135 14.10 49.81 68.43
N LYS A 1136 13.76 48.54 68.26
CA LYS A 1136 14.72 47.48 67.99
C LYS A 1136 14.83 47.24 66.49
N SER A 1137 16.02 46.83 66.07
CA SER A 1137 16.28 46.43 64.69
C SER A 1137 16.26 44.91 64.65
N GLY A 1138 15.10 44.35 64.33
CA GLY A 1138 14.89 42.91 64.37
C GLY A 1138 13.85 42.49 63.37
N LYS A 1139 13.02 41.53 63.75
CA LYS A 1139 12.03 40.94 62.86
C LYS A 1139 10.62 41.29 63.32
N CYS A 1140 9.71 41.33 62.36
CA CYS A 1140 8.29 41.48 62.59
C CYS A 1140 7.53 40.57 61.64
N ALA A 1141 6.37 40.14 62.11
CA ALA A 1141 5.43 39.46 61.23
C ALA A 1141 4.74 40.49 60.34
N VAL A 1142 4.17 40.04 59.23
CA VAL A 1142 3.44 40.91 58.31
C VAL A 1142 2.23 40.15 57.79
N HIS A 1143 1.10 40.84 57.68
CA HIS A 1143 -0.12 40.22 57.22
C HIS A 1143 -1.17 41.27 56.89
N VAL A 1144 -2.13 40.86 56.07
CA VAL A 1144 -3.29 41.65 55.70
C VAL A 1144 -4.52 40.87 56.15
N PRO A 1145 -5.25 41.31 57.19
CA PRO A 1145 -6.39 40.50 57.65
C PRO A 1145 -7.48 40.31 56.62
N SER A 1146 -7.51 41.12 55.56
CA SER A 1146 -8.54 41.03 54.56
C SER A 1146 -8.05 40.28 53.33
N GLY A 1147 -8.98 39.96 52.44
CA GLY A 1147 -8.65 39.35 51.17
C GLY A 1147 -8.42 40.37 50.08
N THR A 1148 -8.17 41.63 50.47
CA THR A 1148 -7.87 42.68 49.52
C THR A 1148 -6.44 42.61 48.99
N ALA A 1149 -5.66 41.64 49.43
CA ALA A 1149 -4.30 41.48 48.95
C ALA A 1149 -3.79 40.13 49.42
N THR A 1150 -2.61 39.76 48.93
CA THR A 1150 -1.90 38.60 49.41
C THR A 1150 -0.41 38.88 49.28
N LEU A 1151 0.30 38.77 50.38
CA LEU A 1151 1.69 39.18 50.45
C LEU A 1151 2.60 37.98 50.27
N LYS A 1152 3.78 38.27 49.74
CA LYS A 1152 4.76 37.22 49.47
C LYS A 1152 5.28 36.63 50.77
N GLU A 1153 5.75 37.49 51.66
CA GLU A 1153 6.42 37.07 52.87
C GLU A 1153 5.49 37.16 54.07
N ALA A 1154 5.95 36.57 55.17
CA ALA A 1154 5.40 36.80 56.48
C ALA A 1154 6.38 37.52 57.40
N ALA A 1155 7.66 37.55 57.06
CA ALA A 1155 8.72 38.03 57.93
C ALA A 1155 9.39 39.23 57.28
N VAL A 1156 9.15 40.41 57.83
CA VAL A 1156 9.90 41.60 57.50
C VAL A 1156 10.95 41.79 58.57
N GLU A 1157 12.05 42.45 58.21
CA GLU A 1157 13.12 42.76 59.14
C GLU A 1157 13.24 44.27 59.23
N LEU A 1158 12.75 44.85 60.32
CA LEU A 1158 12.87 46.27 60.56
C LEU A 1158 14.29 46.59 61.04
N THR A 1159 14.84 47.65 60.48
CA THR A 1159 16.08 48.24 60.99
C THR A 1159 15.71 49.22 62.12
N GLU A 1160 16.65 50.06 62.52
CA GLU A 1160 16.37 50.98 63.62
C GLU A 1160 15.40 52.07 63.21
N GLN A 1161 15.79 52.90 62.25
CA GLN A 1161 15.03 54.07 61.85
C GLN A 1161 14.98 54.20 60.34
N GLY A 1162 14.73 53.09 59.65
CA GLY A 1162 14.82 53.03 58.21
C GLY A 1162 13.48 52.90 57.52
N SER A 1163 13.53 52.37 56.29
CA SER A 1163 12.35 52.02 55.52
C SER A 1163 12.43 50.55 55.17
N ALA A 1164 11.32 50.03 54.63
CA ALA A 1164 11.27 48.63 54.26
C ALA A 1164 10.33 48.44 53.08
N THR A 1165 10.72 47.52 52.20
CA THR A 1165 10.00 47.20 50.99
C THR A 1165 9.27 45.88 51.16
N ILE A 1166 8.07 45.81 50.58
CA ILE A 1166 7.22 44.63 50.68
C ILE A 1166 6.65 44.36 49.30
N HIS A 1167 7.05 43.25 48.71
CA HIS A 1167 6.46 42.77 47.47
C HIS A 1167 5.14 42.05 47.79
N PHE A 1168 4.09 42.40 47.07
CA PHE A 1168 2.78 41.83 47.34
C PHE A 1168 1.99 41.71 46.04
N SER A 1169 0.81 41.09 46.16
CA SER A 1169 -0.12 40.96 45.06
C SER A 1169 -1.48 41.45 45.51
N THR A 1170 -2.30 41.77 44.52
CA THR A 1170 -3.60 42.35 44.74
C THR A 1170 -4.35 42.28 43.43
N ALA A 1171 -5.62 42.66 43.47
CA ALA A 1171 -6.49 42.53 42.33
C ALA A 1171 -7.42 43.72 42.15
N ASN A 1172 -7.24 44.79 42.91
CA ASN A 1172 -8.12 45.94 42.87
C ASN A 1172 -7.43 47.11 42.21
N ILE A 1173 -8.21 47.95 41.54
CA ILE A 1173 -7.66 49.15 40.91
C ILE A 1173 -7.42 50.23 41.95
N HIS A 1174 -8.09 50.14 43.10
CA HIS A 1174 -7.94 51.08 44.21
C HIS A 1174 -7.72 50.28 45.47
N PRO A 1175 -6.53 49.71 45.66
CA PRO A 1175 -6.26 49.01 46.92
C PRO A 1175 -6.27 49.94 48.11
N GLU A 1176 -6.87 49.46 49.19
CA GLU A 1176 -6.72 50.09 50.50
C GLU A 1176 -6.80 48.95 51.51
N PHE A 1177 -5.65 48.39 51.83
CA PHE A 1177 -5.54 47.18 52.60
C PHE A 1177 -4.80 47.44 53.90
N ARG A 1178 -5.36 46.91 54.98
CA ARG A 1178 -4.85 47.14 56.33
C ARG A 1178 -3.59 46.32 56.50
N LEU A 1179 -2.46 46.92 56.14
CA LEU A 1179 -1.18 46.24 56.27
C LEU A 1179 -0.74 46.27 57.73
N GLN A 1180 0.04 45.27 58.10
CA GLN A 1180 0.42 45.05 59.49
C GLN A 1180 1.91 44.79 59.59
N ILE A 1181 2.53 45.41 60.58
CA ILE A 1181 3.87 45.09 61.04
C ILE A 1181 3.62 44.78 62.52
N CYS A 1182 4.66 44.47 63.30
CA CYS A 1182 4.59 43.71 64.56
C CYS A 1182 3.30 43.86 65.36
N THR A 1183 2.83 45.08 65.53
CA THR A 1183 1.56 45.35 66.17
C THR A 1183 0.76 46.45 65.50
N SER A 1184 1.33 47.15 64.53
CA SER A 1184 0.70 48.34 63.99
C SER A 1184 -0.23 47.99 62.84
N TYR A 1185 -1.14 48.91 62.56
CA TYR A 1185 -2.04 48.84 61.42
C TYR A 1185 -1.72 50.01 60.51
N VAL A 1186 -0.73 49.84 59.66
CA VAL A 1186 -0.43 50.82 58.64
C VAL A 1186 -1.41 50.59 57.50
N THR A 1187 -1.63 51.63 56.70
CA THR A 1187 -2.65 51.62 55.69
C THR A 1187 -2.07 52.15 54.38
N CYS A 1188 -1.88 51.25 53.44
CA CYS A 1188 -1.41 51.58 52.12
C CYS A 1188 -2.62 51.87 51.23
N LYS A 1189 -2.50 52.89 50.39
CA LYS A 1189 -3.56 53.24 49.46
C LYS A 1189 -2.93 53.72 48.17
N GLY A 1190 -3.51 53.34 47.04
CA GLY A 1190 -2.97 53.76 45.77
C GLY A 1190 -3.82 53.31 44.62
N ASP A 1191 -3.27 53.51 43.42
CA ASP A 1191 -3.90 53.13 42.16
C ASP A 1191 -3.00 52.13 41.45
N CYS A 1192 -3.62 51.31 40.59
CA CYS A 1192 -2.95 50.19 39.96
C CYS A 1192 -3.10 50.26 38.44
N HIS A 1193 -1.96 50.38 37.79
CA HIS A 1193 -1.80 50.34 36.35
C HIS A 1193 -2.23 48.95 35.85
N PRO A 1194 -2.71 48.81 34.62
CA PRO A 1194 -3.06 47.48 34.13
C PRO A 1194 -1.83 46.69 33.69
N PRO A 1195 -2.00 45.41 33.39
CA PRO A 1195 -0.84 44.54 33.18
C PRO A 1195 -0.35 44.51 31.74
N LYS A 1196 0.63 43.63 31.49
CA LYS A 1196 1.42 43.63 30.28
C LYS A 1196 1.33 42.34 29.48
N ASP A 1197 0.77 41.28 30.03
CA ASP A 1197 0.68 40.00 29.33
C ASP A 1197 -0.52 39.24 29.84
N HIS A 1198 -1.55 39.13 28.99
CA HIS A 1198 -2.86 38.66 29.42
C HIS A 1198 -3.05 37.16 29.19
N ILE A 1199 -1.97 36.44 28.97
CA ILE A 1199 -1.88 35.02 29.28
C ILE A 1199 -0.55 34.75 29.95
N VAL A 1200 -0.58 34.01 31.05
CA VAL A 1200 0.59 33.73 31.85
C VAL A 1200 0.64 32.23 32.14
N THR A 1201 1.64 31.82 32.90
CA THR A 1201 1.79 30.45 33.36
C THR A 1201 1.94 30.36 34.88
N HIS A 1202 1.76 31.49 35.58
CA HIS A 1202 1.90 31.57 37.03
C HIS A 1202 0.51 31.81 37.60
N PRO A 1203 -0.06 30.87 38.38
CA PRO A 1203 -1.46 31.00 38.75
C PRO A 1203 -1.75 32.04 39.81
N GLN A 1204 -3.02 32.15 40.16
CA GLN A 1204 -3.53 33.30 40.90
C GLN A 1204 -3.00 33.35 42.31
N TYR A 1205 -2.54 34.54 42.71
CA TYR A 1205 -2.07 34.81 44.05
C TYR A 1205 -2.96 35.84 44.74
N HIS A 1206 -4.26 35.78 44.53
CA HIS A 1206 -5.18 36.71 45.17
C HIS A 1206 -6.56 36.04 45.28
N ALA A 1207 -7.58 36.85 45.60
CA ALA A 1207 -8.89 36.36 46.01
C ALA A 1207 -10.02 36.71 45.05
N GLN A 1208 -9.94 37.84 44.37
CA GLN A 1208 -10.88 38.20 43.31
C GLN A 1208 -12.32 38.34 43.84
N THR A 1209 -12.50 39.36 44.67
CA THR A 1209 -13.83 39.85 45.01
C THR A 1209 -14.34 40.79 43.92
N PHE A 1210 -15.60 41.21 44.05
CA PHE A 1210 -16.21 42.19 43.15
C PHE A 1210 -15.80 43.59 43.60
N THR A 1211 -14.52 43.87 43.39
CA THR A 1211 -13.89 45.10 43.88
C THR A 1211 -12.98 45.67 42.80
N ALA A 1212 -13.50 45.79 41.58
CA ALA A 1212 -12.75 46.40 40.50
C ALA A 1212 -12.73 47.92 40.65
N ALA A 1213 -13.90 48.55 40.62
CA ALA A 1213 -14.03 49.99 40.84
C ALA A 1213 -15.29 50.28 41.63
N ASN B 341 16.22 -28.95 26.74
CA ASN B 341 16.68 -28.35 25.48
C ASN B 341 15.72 -28.72 24.34
N GLU B 342 15.69 -27.87 23.31
CA GLU B 342 14.73 -27.97 22.23
C GLU B 342 15.33 -28.59 20.97
N TYR B 343 16.37 -27.95 20.44
CA TYR B 343 16.90 -28.31 19.12
C TYR B 343 17.56 -29.68 19.09
N LYS B 344 17.92 -30.23 20.24
CA LYS B 344 18.52 -31.55 20.34
C LYS B 344 17.52 -32.62 20.79
N LEU B 345 16.23 -32.28 20.83
CA LEU B 345 15.22 -33.14 21.44
C LEU B 345 13.96 -33.29 20.59
N THR B 346 13.68 -32.32 19.72
CA THR B 346 12.41 -32.23 19.02
C THR B 346 12.60 -32.50 17.53
N ARG B 347 11.52 -32.32 16.77
CA ARG B 347 11.48 -32.57 15.36
C ARG B 347 10.40 -31.72 14.69
N PRO B 348 10.67 -31.11 13.53
CA PRO B 348 9.62 -30.37 12.84
C PRO B 348 8.79 -31.26 11.95
N TYR B 349 7.61 -30.78 11.63
CA TYR B 349 6.64 -31.50 10.85
C TYR B 349 6.34 -30.77 9.54
N MET B 350 5.62 -31.47 8.67
CA MET B 350 4.96 -30.88 7.51
C MET B 350 3.50 -30.63 7.84
N ALA B 351 2.91 -29.65 7.18
CA ALA B 351 1.58 -29.20 7.56
C ALA B 351 0.97 -28.38 6.43
N ARG B 352 -0.33 -28.20 6.54
CA ARG B 352 -1.13 -27.56 5.51
C ARG B 352 -0.88 -26.07 5.46
N CYS B 353 -0.60 -25.56 4.27
CA CYS B 353 -0.62 -24.14 3.95
C CYS B 353 -1.55 -23.91 2.78
N ILE B 354 -2.17 -22.73 2.74
CA ILE B 354 -3.06 -22.40 1.64
C ILE B 354 -2.26 -22.36 0.34
N ARG B 355 -1.22 -21.54 0.33
CA ARG B 355 -0.49 -21.19 -0.87
C ARG B 355 0.97 -21.62 -0.68
N CYS B 356 1.30 -22.78 -1.25
CA CYS B 356 2.64 -23.34 -1.25
C CYS B 356 3.41 -22.99 -2.52
N ALA B 357 3.10 -21.82 -3.09
CA ALA B 357 3.61 -21.31 -4.35
C ALA B 357 3.01 -21.97 -5.60
N VAL B 358 2.32 -23.09 -5.45
CA VAL B 358 1.41 -23.59 -6.47
C VAL B 358 0.25 -24.23 -5.73
N GLY B 359 -0.83 -23.48 -5.57
CA GLY B 359 -1.89 -23.91 -4.68
C GLY B 359 -1.37 -24.32 -3.33
N SER B 360 -2.00 -25.33 -2.75
CA SER B 360 -1.64 -25.84 -1.43
C SER B 360 -0.62 -26.96 -1.54
N CYS B 361 -0.23 -27.47 -0.37
CA CYS B 361 0.67 -28.60 -0.23
C CYS B 361 0.68 -29.01 1.23
N HIS B 362 1.59 -29.90 1.57
CA HIS B 362 2.07 -30.07 2.93
C HIS B 362 3.41 -29.36 3.01
N SER B 363 3.45 -28.27 3.76
CA SER B 363 4.57 -27.35 3.71
C SER B 363 5.51 -27.57 4.90
N PRO B 364 6.83 -27.50 4.69
CA PRO B 364 7.75 -27.47 5.84
C PRO B 364 7.77 -26.17 6.62
N ILE B 365 7.17 -25.11 6.11
CA ILE B 365 7.23 -23.80 6.75
C ILE B 365 5.82 -23.30 7.08
N ALA B 366 4.95 -24.21 7.49
CA ALA B 366 3.60 -23.85 7.90
C ALA B 366 3.63 -22.84 9.02
N ILE B 367 2.67 -21.94 8.99
CA ILE B 367 2.53 -20.88 9.98
C ILE B 367 1.32 -21.21 10.84
N GLU B 368 1.59 -21.56 12.09
CA GLU B 368 0.54 -21.91 13.02
C GLU B 368 0.01 -20.69 13.74
N ALA B 369 0.87 -19.71 13.97
CA ALA B 369 0.53 -18.60 14.84
C ALA B 369 1.37 -17.39 14.50
N VAL B 370 0.70 -16.25 14.51
CA VAL B 370 1.27 -14.94 14.23
C VAL B 370 0.81 -14.03 15.35
N LYS B 371 1.74 -13.27 15.90
CA LYS B 371 1.41 -12.28 16.92
C LYS B 371 2.08 -10.96 16.58
N SER B 372 1.27 -9.92 16.46
CA SER B 372 1.69 -8.59 16.07
C SER B 372 0.99 -7.52 16.90
N ASP B 373 0.91 -7.73 18.22
CA ASP B 373 0.17 -6.86 19.12
C ASP B 373 1.06 -5.89 19.86
N GLY B 374 2.36 -6.15 19.90
CA GLY B 374 3.32 -5.22 20.44
C GLY B 374 3.39 -3.97 19.60
N HIS B 375 4.22 -3.03 20.05
CA HIS B 375 4.14 -1.68 19.52
C HIS B 375 4.85 -1.49 18.18
N ASP B 376 6.18 -1.66 18.15
CA ASP B 376 6.98 -1.07 17.08
C ASP B 376 7.28 -2.04 15.95
N GLY B 377 6.35 -2.92 15.62
CA GLY B 377 6.46 -3.73 14.42
C GLY B 377 7.13 -5.07 14.59
N TYR B 378 7.45 -5.47 15.82
CA TYR B 378 7.94 -6.81 16.06
C TYR B 378 6.77 -7.77 15.90
N VAL B 379 7.01 -8.83 15.16
CA VAL B 379 6.07 -9.93 15.01
C VAL B 379 6.75 -11.18 15.55
N ARG B 380 5.94 -12.09 16.08
CA ARG B 380 6.41 -13.41 16.48
C ARG B 380 5.66 -14.45 15.67
N LEU B 381 6.40 -15.39 15.10
CA LEU B 381 5.87 -16.46 14.29
C LEU B 381 6.10 -17.78 15.00
N GLN B 382 5.20 -18.71 14.79
CA GLN B 382 5.30 -20.08 15.29
C GLN B 382 5.21 -20.97 14.06
N THR B 383 6.33 -21.48 13.62
CA THR B 383 6.41 -22.14 12.32
C THR B 383 6.28 -23.64 12.49
N SER B 384 6.53 -24.38 11.42
CA SER B 384 6.71 -25.82 11.44
C SER B 384 8.15 -26.18 11.07
N SER B 385 9.09 -25.45 11.64
CA SER B 385 10.50 -25.73 11.52
C SER B 385 11.11 -25.55 12.90
N GLN B 386 12.43 -25.51 12.93
CA GLN B 386 13.16 -25.22 14.16
C GLN B 386 14.33 -24.32 13.83
N TYR B 387 14.81 -23.62 14.84
CA TYR B 387 15.93 -22.71 14.70
C TYR B 387 16.89 -22.94 15.86
N GLY B 388 18.10 -23.39 15.54
CA GLY B 388 19.08 -23.87 16.49
C GLY B 388 20.37 -23.08 16.44
N LEU B 389 21.48 -23.82 16.49
CA LEU B 389 22.81 -23.25 16.64
C LEU B 389 23.79 -23.68 15.56
N ASP B 390 23.73 -24.93 15.12
CA ASP B 390 24.63 -25.43 14.07
C ASP B 390 23.90 -25.61 12.74
N GLY B 397 26.02 -19.01 13.06
CA GLY B 397 25.59 -20.16 13.85
C GLY B 397 24.14 -20.07 14.25
N ARG B 398 23.28 -19.73 13.28
CA ARG B 398 21.85 -19.65 13.51
C ARG B 398 21.17 -20.06 12.21
N THR B 399 20.54 -21.24 12.21
CA THR B 399 20.10 -21.91 11.00
C THR B 399 18.70 -22.46 11.21
N MET B 400 18.19 -23.13 10.18
CA MET B 400 16.82 -23.60 10.09
C MET B 400 16.80 -25.07 9.70
N ARG B 401 16.20 -25.89 10.55
CA ARG B 401 16.07 -27.32 10.33
C ARG B 401 14.62 -27.63 10.04
N TYR B 402 14.36 -28.26 8.88
CA TYR B 402 13.01 -28.52 8.42
C TYR B 402 12.85 -29.97 8.01
N ASP B 403 11.58 -30.36 7.83
CA ASP B 403 11.19 -31.73 7.55
C ASP B 403 10.62 -31.82 6.15
N MET B 404 11.05 -32.84 5.42
CA MET B 404 10.67 -33.00 4.02
C MET B 404 10.66 -34.49 3.75
N HIS B 405 9.50 -35.10 3.88
CA HIS B 405 9.29 -36.49 3.50
C HIS B 405 10.20 -37.40 4.32
N GLY B 406 10.17 -37.19 5.63
CA GLY B 406 10.94 -38.00 6.55
C GLY B 406 12.32 -37.43 6.80
N THR B 407 13.10 -37.29 5.74
CA THR B 407 14.44 -36.76 5.87
C THR B 407 14.41 -35.33 6.38
N ILE B 408 15.18 -35.08 7.44
CA ILE B 408 15.22 -33.79 8.11
C ILE B 408 16.35 -32.99 7.49
N LYS B 409 16.04 -31.78 7.08
CA LYS B 409 16.91 -30.96 6.27
C LYS B 409 17.47 -29.81 7.09
N GLU B 410 18.23 -28.95 6.43
CA GLU B 410 18.91 -27.84 7.09
C GLU B 410 19.30 -26.81 6.04
N ILE B 411 18.90 -25.57 6.28
CA ILE B 411 19.38 -24.44 5.50
C ILE B 411 19.90 -23.41 6.49
N PRO B 412 20.75 -22.48 6.08
CA PRO B 412 21.05 -21.36 6.96
C PRO B 412 19.83 -20.48 7.16
N LEU B 413 19.94 -19.56 8.10
CA LEU B 413 18.84 -18.64 8.35
C LEU B 413 18.92 -17.42 7.45
N HIS B 414 20.05 -17.18 6.80
CA HIS B 414 20.16 -16.00 5.95
C HIS B 414 19.49 -16.19 4.60
N GLN B 415 19.30 -17.43 4.15
CA GLN B 415 18.58 -17.68 2.91
C GLN B 415 17.07 -17.62 3.07
N VAL B 416 16.59 -17.54 4.29
CA VAL B 416 15.15 -17.44 4.55
C VAL B 416 14.74 -16.01 4.33
N SER B 417 13.51 -15.80 3.89
CA SER B 417 13.03 -14.48 3.55
C SER B 417 11.53 -14.43 3.74
N LEU B 418 11.06 -13.47 4.54
CA LEU B 418 9.66 -13.33 4.85
C LEU B 418 9.23 -11.88 4.65
N TYR B 419 7.99 -11.71 4.20
CA TYR B 419 7.48 -10.41 3.79
C TYR B 419 5.98 -10.36 3.97
N THR B 420 5.47 -9.15 4.23
CA THR B 420 4.05 -8.93 4.46
C THR B 420 3.43 -8.05 3.40
N SER B 421 3.88 -6.81 3.30
CA SER B 421 3.66 -5.95 2.15
C SER B 421 4.94 -5.31 1.67
N ARG B 422 5.93 -5.17 2.54
CA ARG B 422 7.31 -4.92 2.22
C ARG B 422 8.08 -6.09 2.81
N PRO B 423 9.39 -6.16 2.64
CA PRO B 423 10.13 -7.22 3.30
C PRO B 423 10.30 -6.95 4.79
N CYS B 424 10.77 -7.98 5.47
CA CYS B 424 11.02 -8.00 6.89
C CYS B 424 12.49 -8.26 7.14
N HIS B 425 12.85 -8.21 8.43
CA HIS B 425 14.21 -8.47 8.87
C HIS B 425 14.14 -9.40 10.06
N ILE B 426 14.53 -10.65 9.84
CA ILE B 426 14.60 -11.63 10.91
C ILE B 426 15.58 -11.12 11.96
N VAL B 427 15.11 -11.07 13.20
CA VAL B 427 15.98 -10.73 14.31
C VAL B 427 16.56 -11.99 14.93
N ASP B 428 15.74 -13.03 15.03
CA ASP B 428 16.19 -14.21 15.76
C ASP B 428 15.24 -15.37 15.49
N GLY B 429 15.74 -16.56 15.76
CA GLY B 429 14.92 -17.75 15.77
C GLY B 429 15.28 -18.64 16.94
N HIS B 430 14.28 -19.31 17.51
CA HIS B 430 14.53 -20.21 18.62
C HIS B 430 13.39 -21.21 18.69
N GLY B 431 13.74 -22.49 18.62
CA GLY B 431 12.72 -23.51 18.60
C GLY B 431 11.84 -23.34 17.38
N TYR B 432 10.57 -23.66 17.56
CA TYR B 432 9.57 -23.45 16.54
C TYR B 432 9.27 -21.98 16.30
N PHE B 433 9.78 -21.07 17.13
CA PHE B 433 9.39 -19.67 17.10
C PHE B 433 10.43 -18.80 16.42
N LEU B 434 9.99 -17.63 15.99
CA LEU B 434 10.83 -16.70 15.25
C LEU B 434 10.43 -15.26 15.52
N LEU B 435 11.41 -14.36 15.51
CA LEU B 435 11.22 -12.95 15.83
C LEU B 435 11.81 -12.08 14.72
N ALA B 436 11.06 -11.03 14.36
CA ALA B 436 11.32 -10.23 13.17
C ALA B 436 10.90 -8.80 13.40
N ARG B 437 11.10 -7.98 12.36
CA ARG B 437 10.71 -6.58 12.32
C ARG B 437 9.95 -6.35 11.02
N CYS B 438 8.63 -6.36 11.10
CA CYS B 438 7.77 -6.40 9.94
C CYS B 438 6.83 -5.20 9.92
N PRO B 439 6.53 -4.65 8.74
CA PRO B 439 5.48 -3.64 8.65
C PRO B 439 4.10 -4.25 8.46
N ALA B 440 3.10 -3.41 8.26
CA ALA B 440 1.74 -3.88 8.21
C ALA B 440 1.43 -4.54 6.88
N GLY B 441 0.52 -5.51 6.92
CA GLY B 441 0.03 -6.14 5.71
C GLY B 441 -1.01 -7.19 6.04
N ASP B 442 -1.78 -7.53 5.02
CA ASP B 442 -2.86 -8.49 5.16
C ASP B 442 -2.39 -9.93 5.02
N SER B 443 -1.09 -10.17 5.06
CA SER B 443 -0.56 -11.52 4.96
C SER B 443 0.84 -11.53 5.53
N ILE B 444 1.26 -12.71 5.99
CA ILE B 444 2.66 -13.01 6.20
C ILE B 444 3.04 -14.13 5.24
N THR B 445 4.17 -13.95 4.57
CA THR B 445 4.69 -14.91 3.62
C THR B 445 6.12 -15.20 4.02
N MET B 446 6.56 -16.41 3.71
CA MET B 446 7.88 -16.90 4.04
C MET B 446 8.34 -17.80 2.91
N GLU B 447 9.63 -17.81 2.65
CA GLU B 447 10.13 -18.58 1.52
C GLU B 447 11.64 -18.76 1.59
N PHE B 448 12.09 -19.85 0.99
CA PHE B 448 13.50 -20.13 0.81
C PHE B 448 13.67 -20.91 -0.49
N LYS B 449 14.92 -21.23 -0.81
CA LYS B 449 15.25 -21.88 -2.06
C LYS B 449 16.37 -22.87 -1.85
N LYS B 450 16.06 -24.15 -2.02
CA LYS B 450 17.02 -25.23 -2.11
C LYS B 450 17.62 -25.16 -3.53
N ASP B 451 18.27 -26.20 -4.02
CA ASP B 451 18.94 -26.10 -5.32
C ASP B 451 17.99 -26.26 -6.51
N SER B 452 16.71 -25.99 -6.30
CA SER B 452 15.67 -26.17 -7.31
C SER B 452 14.63 -25.08 -7.04
N VAL B 453 13.40 -25.32 -7.52
CA VAL B 453 12.33 -24.33 -7.38
C VAL B 453 12.15 -23.96 -5.91
N ARG B 454 11.75 -22.71 -5.69
CA ARG B 454 11.61 -22.18 -4.35
C ARG B 454 10.44 -22.82 -3.64
N HIS B 455 10.48 -22.76 -2.31
CA HIS B 455 9.36 -23.17 -1.47
C HIS B 455 8.90 -21.99 -0.63
N SER B 456 7.59 -21.84 -0.51
CA SER B 456 7.01 -20.71 0.21
C SER B 456 5.72 -21.13 0.90
N CYS B 457 5.27 -20.26 1.79
CA CYS B 457 3.96 -20.37 2.42
C CYS B 457 3.49 -18.97 2.81
N SER B 458 2.23 -18.69 2.53
CA SER B 458 1.59 -17.44 2.92
C SER B 458 0.40 -17.74 3.81
N VAL B 459 -0.01 -16.74 4.57
CA VAL B 459 -1.06 -16.92 5.55
C VAL B 459 -1.73 -15.57 5.76
N PRO B 460 -3.07 -15.48 5.74
CA PRO B 460 -3.70 -14.21 6.10
C PRO B 460 -3.73 -13.99 7.60
N TYR B 461 -2.82 -13.17 8.09
CA TYR B 461 -2.88 -12.65 9.44
C TYR B 461 -2.49 -11.20 9.36
N GLU B 462 -3.26 -10.35 10.03
CA GLU B 462 -3.16 -8.92 9.83
C GLU B 462 -2.06 -8.39 10.72
N VAL B 463 -0.85 -8.34 10.18
CA VAL B 463 0.23 -7.66 10.87
C VAL B 463 -0.13 -6.21 11.01
N LYS B 464 -0.07 -5.71 12.23
CA LYS B 464 -0.56 -4.39 12.57
C LYS B 464 0.56 -3.61 13.23
N PHE B 465 0.87 -2.46 12.66
CA PHE B 465 1.82 -1.52 13.23
C PHE B 465 1.09 -0.72 14.28
N ASN B 466 1.58 -0.77 15.51
CA ASN B 466 0.92 -0.18 16.68
C ASN B 466 1.84 0.89 17.26
N PRO B 467 1.82 2.11 16.75
CA PRO B 467 2.78 3.10 17.21
C PRO B 467 2.61 3.44 18.67
N VAL B 468 3.67 4.03 19.22
CA VAL B 468 3.70 4.46 20.61
C VAL B 468 3.46 5.96 20.66
N GLY B 469 2.53 6.36 21.50
CA GLY B 469 2.35 7.75 21.79
C GLY B 469 1.25 8.39 20.99
N ARG B 470 1.40 9.71 20.82
CA ARG B 470 0.38 10.57 20.23
C ARG B 470 0.86 11.20 18.92
N GLU B 471 1.79 10.54 18.23
CA GLU B 471 2.11 10.86 16.84
C GLU B 471 2.10 9.57 16.05
N LEU B 472 0.96 9.27 15.45
CA LEU B 472 0.78 8.04 14.70
C LEU B 472 1.75 8.01 13.54
N TYR B 473 2.71 7.10 13.59
CA TYR B 473 3.73 6.95 12.58
C TYR B 473 3.65 5.59 11.93
N THR B 474 4.46 5.42 10.88
CA THR B 474 4.48 4.23 10.04
C THR B 474 5.85 3.61 9.94
N HIS B 475 6.90 4.42 10.12
CA HIS B 475 8.27 4.00 10.27
C HIS B 475 8.89 4.76 11.44
N PRO B 476 9.60 4.10 12.34
CA PRO B 476 9.92 4.74 13.60
C PRO B 476 11.03 5.76 13.47
N PRO B 477 11.14 6.67 14.43
CA PRO B 477 11.88 7.90 14.17
C PRO B 477 13.35 7.82 14.50
N GLU B 478 14.11 8.67 13.82
CA GLU B 478 15.53 8.81 14.07
C GLU B 478 15.79 9.17 15.51
N HIS B 479 15.34 10.35 15.92
CA HIS B 479 15.53 10.87 17.26
C HIS B 479 14.17 11.27 17.81
N GLY B 480 14.11 11.38 19.12
CA GLY B 480 12.88 11.82 19.76
C GLY B 480 12.92 11.50 21.23
N VAL B 481 11.82 11.86 21.89
CA VAL B 481 11.63 11.57 23.31
C VAL B 481 11.39 10.08 23.50
N GLU B 482 11.44 9.63 24.74
CA GLU B 482 11.53 8.23 25.09
C GLU B 482 10.39 7.87 26.02
N GLN B 483 9.64 6.82 25.67
CA GLN B 483 8.47 6.40 26.43
C GLN B 483 8.46 4.90 26.60
N ALA B 484 7.48 4.43 27.35
CA ALA B 484 7.30 3.01 27.60
C ALA B 484 6.78 2.34 26.36
N CYS B 485 7.28 1.14 26.10
CA CYS B 485 6.92 0.37 24.93
C CYS B 485 7.05 -1.10 25.28
N GLN B 486 6.02 -1.86 24.96
CA GLN B 486 5.99 -3.30 25.15
C GLN B 486 6.34 -3.93 23.82
N VAL B 487 7.52 -4.50 23.73
CA VAL B 487 8.08 -4.99 22.48
C VAL B 487 8.43 -6.46 22.65
N TYR B 488 8.21 -7.21 21.58
CA TYR B 488 8.46 -8.64 21.63
C TYR B 488 9.95 -8.86 21.82
N ALA B 489 10.33 -9.19 23.04
CA ALA B 489 11.69 -9.18 23.50
C ALA B 489 12.54 -10.21 22.76
N HIS B 490 13.83 -10.18 23.08
CA HIS B 490 14.85 -11.00 22.46
C HIS B 490 15.44 -12.02 23.43
N ASP B 491 14.75 -12.30 24.53
CA ASP B 491 15.15 -13.36 25.44
C ASP B 491 14.49 -14.66 25.02
N ALA B 492 15.28 -15.71 24.90
CA ALA B 492 14.79 -17.06 24.69
C ALA B 492 14.74 -17.84 25.99
N GLN B 493 14.66 -17.14 27.11
CA GLN B 493 14.66 -17.74 28.43
C GLN B 493 13.24 -17.88 28.93
N ASN B 494 13.05 -18.79 29.89
CA ASN B 494 11.74 -19.25 30.32
C ASN B 494 11.19 -18.26 31.33
N ARG B 495 10.22 -17.46 30.89
CA ARG B 495 9.55 -16.50 31.72
C ARG B 495 8.22 -17.00 32.27
N GLY B 496 7.67 -18.06 31.69
CA GLY B 496 6.48 -18.69 32.24
C GLY B 496 5.50 -19.25 31.24
N ALA B 497 5.59 -18.79 29.99
CA ALA B 497 4.70 -19.28 28.96
C ALA B 497 5.13 -20.66 28.51
N TYR B 498 4.16 -21.42 28.00
CA TYR B 498 4.40 -22.80 27.60
C TYR B 498 3.43 -23.19 26.51
N VAL B 499 3.83 -24.20 25.73
CA VAL B 499 2.99 -24.84 24.74
C VAL B 499 3.21 -26.34 24.80
N GLU B 500 2.17 -27.08 24.44
CA GLU B 500 2.12 -28.51 24.63
C GLU B 500 2.67 -29.26 23.43
N MET B 501 3.14 -30.47 23.67
CA MET B 501 3.68 -31.33 22.62
C MET B 501 3.77 -32.75 23.17
N HIS B 502 4.19 -33.66 22.30
CA HIS B 502 4.03 -35.08 22.62
C HIS B 502 4.92 -35.94 21.75
N LEU B 503 5.12 -37.18 22.20
CA LEU B 503 5.71 -38.22 21.36
C LEU B 503 4.64 -38.79 20.44
N PRO B 504 4.99 -39.13 19.19
CA PRO B 504 3.95 -39.68 18.32
C PRO B 504 3.67 -41.15 18.61
N ASP B 568 9.67 -41.11 18.45
CA ASP B 568 11.08 -41.10 18.83
C ASP B 568 11.50 -39.73 19.32
N LYS B 569 10.95 -38.69 18.69
CA LYS B 569 11.19 -37.31 19.06
C LYS B 569 9.87 -36.60 19.28
N TRP B 570 9.94 -35.50 20.05
CA TRP B 570 8.74 -34.75 20.37
C TRP B 570 8.28 -33.94 19.18
N VAL B 571 7.00 -33.64 19.15
CA VAL B 571 6.39 -32.83 18.11
C VAL B 571 5.22 -32.07 18.70
N TYR B 572 5.01 -30.87 18.17
CA TYR B 572 3.98 -29.97 18.66
C TYR B 572 2.60 -30.57 18.51
N ASN B 573 1.71 -30.16 19.41
CA ASN B 573 0.34 -30.67 19.43
C ASN B 573 -0.51 -29.78 18.53
N SER B 574 -0.36 -30.00 17.25
CA SER B 574 -0.90 -29.10 16.25
C SER B 574 -2.30 -29.53 15.83
N ASP B 575 -3.06 -28.52 15.38
CA ASP B 575 -4.35 -28.71 14.75
C ASP B 575 -4.25 -29.33 13.36
N LYS B 576 -3.05 -29.44 12.80
CA LYS B 576 -2.84 -29.94 11.45
C LYS B 576 -2.20 -31.32 11.47
N LEU B 577 -2.41 -32.07 12.54
CA LEU B 577 -1.91 -33.41 12.70
C LEU B 577 -2.82 -34.11 13.70
N PRO B 578 -3.09 -35.40 13.53
CA PRO B 578 -4.00 -36.08 14.43
C PRO B 578 -3.31 -36.47 15.73
N LYS B 579 -4.03 -37.25 16.52
CA LYS B 579 -3.60 -37.67 17.83
C LYS B 579 -3.49 -39.19 17.88
N ALA B 580 -2.33 -39.67 18.31
CA ALA B 580 -2.12 -41.10 18.44
C ALA B 580 -3.01 -41.68 19.53
N ALA B 581 -2.97 -43.02 19.65
CA ALA B 581 -3.75 -43.73 20.65
C ALA B 581 -2.89 -44.65 21.52
N GLY B 582 -1.57 -44.63 21.35
CA GLY B 582 -0.70 -45.42 22.18
C GLY B 582 -0.62 -44.89 23.61
N ALA B 583 -0.15 -43.66 23.76
CA ALA B 583 -0.08 -43.02 25.07
C ALA B 583 0.17 -41.54 24.87
N THR B 584 -0.60 -40.71 25.55
CA THR B 584 -0.46 -39.26 25.47
C THR B 584 0.65 -38.81 26.42
N LEU B 585 1.87 -39.16 26.04
CA LEU B 585 3.06 -38.75 26.79
C LEU B 585 3.33 -37.30 26.44
N LYS B 586 2.61 -36.40 27.12
CA LYS B 586 2.62 -34.99 26.80
C LYS B 586 3.65 -34.25 27.64
N GLY B 587 4.02 -33.06 27.16
CA GLY B 587 5.03 -32.24 27.78
C GLY B 587 4.89 -30.82 27.30
N LYS B 588 5.62 -29.92 27.95
CA LYS B 588 5.45 -28.50 27.72
C LYS B 588 6.80 -27.84 27.54
N LEU B 589 6.87 -26.96 26.55
CA LEU B 589 8.09 -26.25 26.20
C LEU B 589 7.80 -24.77 26.08
N HIS B 590 8.81 -23.97 26.43
CA HIS B 590 8.60 -22.56 26.65
C HIS B 590 8.41 -21.81 25.34
N VAL B 591 7.56 -20.79 25.40
CA VAL B 591 7.35 -19.88 24.28
C VAL B 591 8.36 -18.74 24.42
N PRO B 592 9.43 -18.72 23.65
CA PRO B 592 10.33 -17.58 23.71
C PRO B 592 9.70 -16.33 23.10
N PHE B 593 10.49 -15.26 23.11
CA PHE B 593 10.16 -14.03 22.42
C PHE B 593 8.91 -13.42 23.03
N LEU B 594 8.92 -13.31 24.36
CA LEU B 594 7.81 -12.76 25.10
C LEU B 594 7.73 -11.25 24.91
N LEU B 595 6.66 -10.66 25.42
CA LEU B 595 6.36 -9.25 25.26
C LEU B 595 6.76 -8.56 26.55
N ALA B 596 7.87 -7.83 26.50
CA ALA B 596 8.46 -7.22 27.67
C ALA B 596 8.53 -5.71 27.51
N ASP B 597 8.70 -5.06 28.65
CA ASP B 597 8.72 -3.61 28.72
C ASP B 597 10.04 -3.10 28.16
N GLY B 598 10.28 -1.82 28.29
CA GLY B 598 11.46 -1.20 27.73
C GLY B 598 11.22 0.28 27.54
N LYS B 599 12.09 0.88 26.73
CA LYS B 599 12.01 2.29 26.42
C LYS B 599 12.26 2.48 24.94
N CYS B 600 11.30 3.08 24.25
CA CYS B 600 11.35 3.30 22.82
C CYS B 600 11.31 4.78 22.50
N THR B 601 11.89 5.14 21.36
CA THR B 601 12.13 6.52 20.99
C THR B 601 10.98 7.01 20.13
N VAL B 602 10.10 7.81 20.72
CA VAL B 602 8.90 8.28 20.04
C VAL B 602 9.15 9.70 19.53
N PRO B 603 8.54 10.10 18.42
CA PRO B 603 8.89 11.37 17.81
C PRO B 603 8.36 12.56 18.59
N LEU B 604 8.84 13.74 18.19
CA LEU B 604 8.51 15.00 18.83
C LEU B 604 8.11 16.01 17.77
N ALA B 605 6.82 16.33 17.71
CA ALA B 605 6.32 17.22 16.69
C ALA B 605 6.95 18.61 16.80
N PRO B 606 6.78 19.45 15.78
CA PRO B 606 7.34 20.79 15.85
C PRO B 606 6.70 21.60 16.95
N GLU B 607 7.38 22.67 17.32
CA GLU B 607 6.90 23.49 18.40
C GLU B 607 5.62 24.19 17.94
N PRO B 608 4.53 24.13 18.71
CA PRO B 608 3.34 24.87 18.30
C PRO B 608 3.58 26.36 18.38
N MET B 609 2.96 27.08 17.45
CA MET B 609 2.97 28.53 17.49
C MET B 609 1.73 29.02 18.23
N ILE B 610 1.96 29.84 19.25
CA ILE B 610 0.95 30.20 20.23
C ILE B 610 0.83 31.71 20.21
N THR B 611 -0.21 32.21 19.57
CA THR B 611 -0.52 33.63 19.54
C THR B 611 -1.61 33.94 20.55
N PHE B 612 -1.29 34.83 21.49
CA PHE B 612 -2.20 35.18 22.56
C PHE B 612 -3.33 36.07 22.08
N GLY B 613 -4.31 36.25 22.96
CA GLY B 613 -5.38 37.22 22.79
C GLY B 613 -6.23 37.21 24.03
N PHE B 614 -7.18 38.13 24.09
CA PHE B 614 -7.93 38.35 25.31
C PHE B 614 -8.78 37.14 25.62
N ARG B 615 -8.38 36.39 26.64
CA ARG B 615 -9.01 35.14 27.02
C ARG B 615 -9.07 34.21 25.83
N SER B 616 -7.98 34.18 25.08
CA SER B 616 -7.91 33.39 23.86
C SER B 616 -6.49 32.98 23.57
N VAL B 617 -6.33 31.70 23.21
CA VAL B 617 -5.09 31.17 22.68
C VAL B 617 -5.37 30.82 21.23
N SER B 618 -4.39 31.05 20.37
CA SER B 618 -4.45 30.66 18.98
C SER B 618 -3.26 29.76 18.67
N LEU B 619 -3.53 28.64 18.03
CA LEU B 619 -2.58 27.56 17.85
C LEU B 619 -2.38 27.32 16.38
N LYS B 620 -1.25 27.76 15.86
CA LYS B 620 -0.82 27.45 14.51
C LYS B 620 0.07 26.22 14.58
N LEU B 621 -0.38 25.15 13.92
CA LEU B 621 0.20 23.84 14.03
C LEU B 621 0.60 23.35 12.64
N HIS B 622 1.81 22.81 12.53
CA HIS B 622 2.40 22.37 11.26
C HIS B 622 3.04 21.02 11.46
N PRO B 623 2.24 19.95 11.52
CA PRO B 623 2.77 18.63 11.88
C PRO B 623 3.51 17.92 10.76
N LYS B 624 4.52 17.18 11.18
CA LYS B 624 5.24 16.28 10.29
C LYS B 624 4.48 14.99 10.06
N ASN B 625 3.57 14.65 10.96
CA ASN B 625 2.85 13.39 10.92
C ASN B 625 1.58 13.52 11.74
N PRO B 626 0.62 12.60 11.57
CA PRO B 626 -0.63 12.73 12.32
C PRO B 626 -0.44 12.72 13.81
N THR B 627 -0.71 13.88 14.41
CA THR B 627 -0.48 14.11 15.81
C THR B 627 -1.81 14.38 16.49
N TYR B 628 -2.03 13.75 17.63
CA TYR B 628 -3.20 14.06 18.41
C TYR B 628 -3.01 15.38 19.15
N LEU B 629 -4.12 16.10 19.35
CA LEU B 629 -4.16 17.28 20.19
C LEU B 629 -5.21 17.08 21.25
N ILE B 630 -4.84 17.37 22.49
CA ILE B 630 -5.70 17.21 23.66
C ILE B 630 -5.70 18.54 24.39
N THR B 631 -6.86 19.19 24.44
CA THR B 631 -7.03 20.39 25.21
C THR B 631 -8.19 20.22 26.17
N ARG B 632 -8.06 20.81 27.35
CA ARG B 632 -9.17 20.83 28.30
C ARG B 632 -9.07 22.08 29.15
N GLN B 633 -9.97 22.16 30.13
CA GLN B 633 -9.96 23.21 31.13
C GLN B 633 -9.67 22.65 32.52
N LEU B 634 -9.20 23.54 33.38
CA LEU B 634 -8.87 23.23 34.77
C LEU B 634 -10.00 23.59 35.73
N ALA B 635 -11.24 23.39 35.30
CA ALA B 635 -12.42 23.85 36.00
C ALA B 635 -13.38 22.70 36.25
N ASP B 636 -14.57 23.03 36.78
CA ASP B 636 -15.57 22.02 37.09
C ASP B 636 -16.12 21.34 35.85
N GLU B 637 -15.98 21.98 34.70
CA GLU B 637 -16.46 21.46 33.42
C GLU B 637 -15.25 21.32 32.51
N PRO B 638 -14.81 20.10 32.17
CA PRO B 638 -13.50 19.98 31.52
C PRO B 638 -13.48 20.50 30.09
N HIS B 639 -14.46 20.13 29.27
CA HIS B 639 -14.48 20.48 27.85
C HIS B 639 -13.24 19.95 27.14
N TYR B 640 -13.16 18.63 27.06
CA TYR B 640 -11.99 17.98 26.51
C TYR B 640 -12.16 17.79 25.01
N THR B 641 -11.25 18.39 24.27
CA THR B 641 -11.20 18.32 22.82
C THR B 641 -10.01 17.48 22.42
N HIS B 642 -10.26 16.51 21.56
CA HIS B 642 -9.33 15.44 21.24
C HIS B 642 -9.42 15.21 19.74
N GLU B 643 -8.44 15.73 18.99
CA GLU B 643 -8.52 15.63 17.56
C GLU B 643 -7.20 15.25 16.92
N LEU B 644 -7.30 14.40 15.91
CA LEU B 644 -6.15 13.98 15.14
C LEU B 644 -5.91 14.97 14.01
N ILE B 645 -4.68 15.45 13.89
CA ILE B 645 -4.35 16.54 12.99
C ILE B 645 -3.19 16.09 12.11
N SER B 646 -3.42 16.13 10.80
CA SER B 646 -2.45 15.80 9.78
C SER B 646 -2.12 16.95 8.87
N GLU B 647 -3.05 17.86 8.63
CA GLU B 647 -2.83 19.05 7.84
C GLU B 647 -2.42 20.21 8.74
N PRO B 648 -1.89 21.28 8.18
CA PRO B 648 -1.64 22.48 9.00
C PRO B 648 -2.94 23.10 9.45
N ALA B 649 -2.95 23.65 10.66
CA ALA B 649 -4.19 24.05 11.29
C ALA B 649 -4.01 25.30 12.14
N VAL B 650 -5.14 25.98 12.33
CA VAL B 650 -5.26 27.13 13.20
C VAL B 650 -6.43 26.85 14.11
N ARG B 651 -6.16 26.63 15.39
CA ARG B 651 -7.18 26.28 16.37
C ARG B 651 -7.15 27.26 17.53
N ASN B 652 -8.29 27.92 17.74
CA ASN B 652 -8.43 28.96 18.74
C ASN B 652 -9.28 28.44 19.89
N PHE B 653 -8.84 28.73 21.10
CA PHE B 653 -9.48 28.24 22.32
C PHE B 653 -9.62 29.37 23.32
N THR B 654 -10.64 29.27 24.17
CA THR B 654 -10.92 30.27 25.18
C THR B 654 -10.35 29.82 26.52
N VAL B 655 -9.72 30.74 27.22
CA VAL B 655 -8.85 30.45 28.35
C VAL B 655 -9.23 31.37 29.48
N THR B 656 -9.85 30.83 30.51
CA THR B 656 -10.43 31.64 31.56
C THR B 656 -9.35 31.98 32.57
N GLU B 657 -9.76 32.58 33.69
CA GLU B 657 -8.88 32.76 34.83
C GLU B 657 -8.63 31.46 35.56
N LYS B 658 -9.38 30.40 35.24
CA LYS B 658 -9.21 29.13 35.91
C LYS B 658 -8.06 28.34 35.29
N GLY B 659 -8.19 27.98 34.03
CA GLY B 659 -7.11 27.29 33.36
C GLY B 659 -7.50 26.76 32.00
N TRP B 660 -6.48 26.27 31.30
CA TRP B 660 -6.62 25.63 30.01
C TRP B 660 -5.35 24.84 29.75
N GLU B 661 -5.49 23.53 29.67
CA GLU B 661 -4.37 22.62 29.46
C GLU B 661 -4.31 22.23 28.00
N PHE B 662 -3.09 22.01 27.53
CA PHE B 662 -2.75 21.90 26.12
C PHE B 662 -1.66 20.85 25.98
N VAL B 663 -1.92 19.83 25.18
CA VAL B 663 -1.02 18.71 24.99
C VAL B 663 -0.98 18.39 23.50
N TRP B 664 0.17 18.61 22.88
CA TRP B 664 0.38 18.46 21.45
C TRP B 664 1.36 17.33 21.21
N GLY B 665 0.84 16.18 20.81
CA GLY B 665 1.71 15.06 20.56
C GLY B 665 2.36 14.59 21.86
N ASN B 666 3.60 14.19 21.73
CA ASN B 666 4.36 13.64 22.83
C ASN B 666 5.00 14.71 23.68
N HIS B 667 4.69 15.97 23.41
CA HIS B 667 5.17 17.05 24.25
C HIS B 667 4.56 16.95 25.65
N PRO B 668 5.13 17.64 26.63
CA PRO B 668 4.51 17.65 27.94
C PRO B 668 3.30 18.55 27.96
N PRO B 669 2.53 18.53 29.04
CA PRO B 669 1.37 19.42 29.14
C PRO B 669 1.76 20.84 29.53
N LYS B 670 1.19 21.80 28.81
CA LYS B 670 1.32 23.20 29.14
C LYS B 670 -0.03 23.73 29.61
N ARG B 671 0.03 24.79 30.39
CA ARG B 671 -1.13 25.34 31.07
C ARG B 671 -1.16 26.85 30.87
N PHE B 672 -2.36 27.39 30.71
CA PHE B 672 -2.53 28.83 30.53
C PHE B 672 -3.82 29.29 31.21
N TRP B 673 -3.76 30.45 31.84
CA TRP B 673 -4.91 31.10 32.43
C TRP B 673 -4.78 32.60 32.26
N ALA B 674 -5.92 33.25 32.09
CA ALA B 674 -5.96 34.66 31.74
C ALA B 674 -5.84 35.52 32.97
N GLN B 675 -5.80 36.82 32.71
CA GLN B 675 -5.80 37.85 33.73
C GLN B 675 -6.27 39.13 33.08
N GLU B 676 -6.88 39.99 33.89
CA GLU B 676 -7.77 41.01 33.39
C GLU B 676 -7.05 42.02 32.50
N THR B 677 -7.71 42.41 31.41
CA THR B 677 -7.23 43.45 30.51
C THR B 677 -8.31 44.49 30.27
N TYR C 813 -68.30 -35.91 -7.71
CA TYR C 813 -68.90 -34.72 -7.10
C TYR C 813 -67.85 -33.64 -7.13
N GLU C 814 -68.28 -32.40 -7.14
CA GLU C 814 -67.39 -31.27 -7.36
C GLU C 814 -67.23 -30.48 -6.08
N HIS C 815 -66.06 -29.85 -5.96
CA HIS C 815 -65.74 -29.02 -4.82
C HIS C 815 -64.82 -27.91 -5.30
N ALA C 816 -64.99 -26.74 -4.72
CA ALA C 816 -64.28 -25.53 -5.11
C ALA C 816 -63.66 -24.94 -3.86
N THR C 817 -62.33 -24.93 -3.81
CA THR C 817 -61.60 -24.48 -2.63
C THR C 817 -60.47 -23.55 -3.04
N THR C 818 -59.82 -22.98 -2.02
CA THR C 818 -58.78 -21.96 -2.22
C THR C 818 -57.60 -22.30 -1.32
N MET C 819 -56.44 -22.48 -1.92
CA MET C 819 -55.22 -22.79 -1.21
C MET C 819 -54.37 -21.53 -1.08
N PRO C 820 -53.96 -21.14 0.13
CA PRO C 820 -52.92 -20.11 0.24
C PRO C 820 -51.62 -20.59 -0.38
N SER C 821 -51.13 -19.82 -1.34
CA SER C 821 -49.90 -20.17 -2.06
C SER C 821 -48.73 -19.99 -1.11
N GLN C 822 -48.40 -21.06 -0.40
CA GLN C 822 -47.33 -21.01 0.60
C GLN C 822 -46.85 -22.43 0.84
N ALA C 823 -45.61 -22.70 0.48
CA ALA C 823 -45.07 -24.05 0.45
C ALA C 823 -44.91 -24.62 1.84
N GLY C 824 -44.80 -25.95 1.91
CA GLY C 824 -44.45 -26.65 3.12
C GLY C 824 -45.60 -26.98 4.03
N ILE C 825 -46.68 -26.20 4.00
CA ILE C 825 -47.76 -26.31 4.98
C ILE C 825 -48.92 -27.05 4.35
N SER C 826 -49.63 -27.82 5.16
CA SER C 826 -50.69 -28.69 4.67
C SER C 826 -52.04 -28.01 4.73
N TYR C 827 -52.75 -28.03 3.60
CA TYR C 827 -54.14 -27.60 3.54
C TYR C 827 -55.01 -28.84 3.70
N ASN C 828 -55.65 -28.96 4.85
CA ASN C 828 -56.52 -30.08 5.16
C ASN C 828 -57.96 -29.61 5.10
N THR C 829 -58.79 -30.38 4.40
CA THR C 829 -60.18 -30.02 4.15
C THR C 829 -60.95 -31.31 3.97
N ILE C 830 -62.24 -31.17 3.69
CA ILE C 830 -63.12 -32.32 3.59
C ILE C 830 -64.16 -32.09 2.51
N VAL C 831 -64.73 -33.19 2.04
CA VAL C 831 -65.89 -33.16 1.16
C VAL C 831 -66.96 -34.01 1.80
N ASN C 832 -68.08 -33.38 2.16
CA ASN C 832 -69.21 -34.08 2.75
C ASN C 832 -70.51 -33.49 2.23
N ARG C 833 -71.24 -34.29 1.47
CA ARG C 833 -72.63 -33.98 1.17
C ARG C 833 -73.53 -34.67 2.20
N ALA C 834 -74.81 -34.30 2.18
CA ALA C 834 -75.72 -34.61 3.28
C ALA C 834 -75.84 -36.10 3.54
N GLY C 835 -75.61 -36.94 2.54
CA GLY C 835 -75.90 -38.35 2.66
C GLY C 835 -74.75 -39.22 3.09
N TYR C 836 -73.65 -39.16 2.35
CA TYR C 836 -72.56 -40.11 2.50
C TYR C 836 -71.50 -39.53 3.44
N ALA C 837 -70.37 -40.23 3.54
CA ALA C 837 -69.41 -39.99 4.60
C ALA C 837 -68.40 -38.91 4.18
N PRO C 838 -67.72 -38.29 5.14
CA PRO C 838 -66.76 -37.23 4.78
C PRO C 838 -65.48 -37.81 4.20
N LEU C 839 -65.01 -37.18 3.13
CA LEU C 839 -63.78 -37.56 2.48
C LEU C 839 -62.70 -36.58 2.92
N PRO C 840 -61.63 -37.02 3.58
CA PRO C 840 -60.57 -36.08 3.93
C PRO C 840 -59.61 -35.85 2.78
N ILE C 841 -59.30 -34.59 2.54
CA ILE C 841 -58.37 -34.17 1.50
C ILE C 841 -57.26 -33.40 2.19
N SER C 842 -56.04 -33.60 1.74
CA SER C 842 -54.85 -33.00 2.35
C SER C 842 -53.87 -32.72 1.23
N ILE C 843 -53.77 -31.46 0.83
CA ILE C 843 -52.84 -31.06 -0.22
C ILE C 843 -51.80 -30.15 0.42
N THR C 844 -50.54 -30.55 0.34
CA THR C 844 -49.43 -29.79 0.88
C THR C 844 -48.54 -29.34 -0.26
N PRO C 845 -48.45 -28.04 -0.57
CA PRO C 845 -47.52 -27.62 -1.62
C PRO C 845 -46.07 -27.72 -1.16
N THR C 846 -45.30 -28.53 -1.88
CA THR C 846 -43.88 -28.62 -1.59
C THR C 846 -43.13 -27.44 -2.20
N LYS C 847 -43.44 -27.09 -3.44
CA LYS C 847 -42.85 -25.94 -4.10
C LYS C 847 -43.87 -25.28 -5.01
N ILE C 848 -43.66 -23.99 -5.26
CA ILE C 848 -44.55 -23.17 -6.08
C ILE C 848 -43.66 -22.29 -6.94
N LYS C 849 -43.61 -22.57 -8.23
CA LYS C 849 -42.71 -21.92 -9.16
C LYS C 849 -43.38 -20.71 -9.82
N LEU C 850 -42.60 -20.03 -10.67
CA LEU C 850 -43.10 -18.91 -11.44
C LEU C 850 -42.15 -18.72 -12.63
N ILE C 851 -42.57 -19.19 -13.79
CA ILE C 851 -41.70 -19.29 -14.97
C ILE C 851 -42.17 -18.26 -15.98
N PRO C 852 -41.37 -17.22 -16.27
CA PRO C 852 -41.76 -16.26 -17.31
C PRO C 852 -41.19 -16.58 -18.68
N THR C 853 -41.80 -15.94 -19.68
CA THR C 853 -41.35 -16.10 -21.05
C THR C 853 -40.13 -15.21 -21.28
N VAL C 854 -38.99 -15.84 -21.49
CA VAL C 854 -37.71 -15.18 -21.53
C VAL C 854 -37.19 -15.22 -22.96
N ASN C 855 -37.14 -14.05 -23.59
CA ASN C 855 -36.67 -13.91 -24.96
C ASN C 855 -35.38 -13.09 -24.96
N LEU C 856 -34.39 -13.59 -25.68
CA LEU C 856 -33.05 -13.00 -25.69
C LEU C 856 -32.97 -11.80 -26.63
N GLU C 857 -32.14 -10.83 -26.25
CA GLU C 857 -31.96 -9.58 -26.98
C GLU C 857 -30.50 -9.35 -27.32
N TYR C 858 -29.60 -9.50 -26.36
CA TYR C 858 -28.18 -9.52 -26.66
C TYR C 858 -27.41 -10.09 -25.48
N VAL C 859 -26.11 -10.28 -25.72
CA VAL C 859 -25.19 -10.82 -24.74
C VAL C 859 -23.91 -10.04 -24.82
N THR C 860 -23.41 -9.63 -23.66
CA THR C 860 -22.28 -8.72 -23.59
C THR C 860 -21.24 -9.28 -22.62
N CYS C 861 -20.08 -8.66 -22.67
CA CYS C 861 -18.89 -9.15 -22.00
C CYS C 861 -17.82 -8.08 -22.11
N HIS C 862 -16.63 -8.40 -21.61
CA HIS C 862 -15.50 -7.51 -21.80
C HIS C 862 -15.16 -7.42 -23.26
N TYR C 863 -14.27 -6.50 -23.57
CA TYR C 863 -13.76 -6.32 -24.91
C TYR C 863 -12.24 -6.30 -24.91
N LYS C 864 -11.72 -6.29 -26.12
CA LYS C 864 -10.29 -6.35 -26.36
C LYS C 864 -10.03 -5.56 -27.62
N THR C 865 -9.16 -4.57 -27.53
CA THR C 865 -8.83 -3.74 -28.67
C THR C 865 -7.93 -4.56 -29.58
N GLY C 866 -8.49 -5.02 -30.69
CA GLY C 866 -7.68 -5.66 -31.71
C GLY C 866 -6.95 -4.59 -32.49
N MET C 867 -5.65 -4.49 -32.29
CA MET C 867 -4.85 -3.40 -32.80
C MET C 867 -4.00 -3.92 -33.95
N ASP C 868 -4.51 -3.78 -35.18
CA ASP C 868 -3.74 -4.16 -36.33
C ASP C 868 -2.41 -3.40 -36.34
N SER C 869 -1.42 -4.02 -36.95
CA SER C 869 -0.07 -3.50 -36.84
C SER C 869 0.06 -2.18 -37.61
N PRO C 870 1.09 -1.41 -37.32
CA PRO C 870 1.37 -0.24 -38.15
C PRO C 870 1.70 -0.62 -39.57
N ALA C 871 1.42 0.30 -40.48
CA ALA C 871 1.94 0.26 -41.83
C ALA C 871 2.81 1.50 -42.02
N ILE C 872 4.12 1.29 -42.12
CA ILE C 872 5.10 2.36 -42.15
C ILE C 872 5.63 2.47 -43.57
N LYS C 873 5.89 3.69 -44.01
CA LYS C 873 6.64 3.93 -45.22
C LYS C 873 7.61 5.08 -45.00
N CYS C 874 8.86 4.87 -45.40
CA CYS C 874 9.92 5.84 -45.24
C CYS C 874 9.97 6.71 -46.49
N CYS C 875 9.97 8.03 -46.29
CA CYS C 875 9.79 8.99 -47.38
C CYS C 875 8.59 8.60 -48.23
N GLY C 876 7.49 8.30 -47.55
CA GLY C 876 6.30 7.77 -48.18
C GLY C 876 5.06 8.63 -48.06
N SER C 877 3.94 8.04 -48.48
CA SER C 877 2.62 8.65 -48.34
C SER C 877 1.60 7.53 -48.51
N GLN C 878 0.78 7.33 -47.50
CA GLN C 878 -0.07 6.15 -47.40
C GLN C 878 -1.52 6.50 -47.68
N GLU C 879 -2.35 5.46 -47.77
CA GLU C 879 -3.79 5.60 -47.86
C GLU C 879 -4.43 4.47 -47.06
N CYS C 880 -5.53 4.78 -46.38
CA CYS C 880 -6.18 3.80 -45.52
C CYS C 880 -7.02 2.85 -46.35
N THR C 881 -6.95 1.56 -46.01
CA THR C 881 -7.75 0.54 -46.66
C THR C 881 -8.90 0.15 -45.74
N PRO C 882 -10.15 0.56 -46.01
CA PRO C 882 -11.23 0.26 -45.06
C PRO C 882 -11.60 -1.20 -44.97
N THR C 883 -11.27 -1.82 -43.84
CA THR C 883 -11.97 -3.01 -43.39
C THR C 883 -13.11 -2.55 -42.48
N TYR C 884 -14.05 -3.45 -42.22
CA TYR C 884 -15.30 -3.11 -41.55
C TYR C 884 -15.40 -3.77 -40.18
N ARG C 885 -14.31 -3.75 -39.43
CA ARG C 885 -14.32 -4.30 -38.09
C ARG C 885 -15.21 -3.45 -37.20
N PRO C 886 -15.55 -3.94 -35.99
CA PRO C 886 -16.36 -3.13 -35.09
C PRO C 886 -15.57 -1.99 -34.50
N ASP C 887 -16.12 -0.79 -34.59
CA ASP C 887 -15.46 0.42 -34.13
C ASP C 887 -14.10 0.58 -34.79
N GLU C 888 -14.05 0.21 -36.06
CA GLU C 888 -12.82 0.33 -36.84
C GLU C 888 -12.49 1.80 -37.03
N GLN C 889 -11.48 2.27 -36.30
CA GLN C 889 -10.89 3.57 -36.52
C GLN C 889 -9.55 3.39 -37.22
N CYS C 890 -9.37 4.12 -38.30
CA CYS C 890 -8.17 4.12 -39.11
C CYS C 890 -7.79 5.56 -39.39
N LYS C 891 -6.51 5.86 -39.25
CA LYS C 891 -6.01 7.20 -39.50
C LYS C 891 -4.64 7.06 -40.17
N VAL C 892 -3.94 8.18 -40.31
CA VAL C 892 -2.62 8.21 -40.88
C VAL C 892 -1.87 9.39 -40.29
N PHE C 893 -0.59 9.17 -39.99
CA PHE C 893 0.24 10.14 -39.26
C PHE C 893 1.44 10.49 -40.12
N THR C 894 1.61 11.78 -40.39
CA THR C 894 2.78 12.30 -41.07
C THR C 894 3.74 12.92 -40.07
N GLY C 895 5.00 12.54 -40.14
CA GLY C 895 6.04 13.12 -39.34
C GLY C 895 6.54 12.17 -38.28
N VAL C 896 6.32 10.88 -38.49
CA VAL C 896 6.84 9.84 -37.62
C VAL C 896 7.33 8.69 -38.51
N TYR C 897 8.44 8.04 -38.15
CA TYR C 897 9.30 8.28 -36.99
C TYR C 897 10.52 9.11 -37.43
N PRO C 898 10.59 10.37 -37.00
CA PRO C 898 11.17 11.39 -37.89
C PRO C 898 12.68 11.54 -37.84
N PHE C 899 13.40 10.47 -38.16
CA PHE C 899 14.78 10.40 -38.68
C PHE C 899 15.05 8.91 -38.77
N MET C 900 16.24 8.50 -39.24
CA MET C 900 16.82 7.29 -38.66
C MET C 900 17.11 7.57 -37.19
N TRP C 901 17.53 6.55 -36.46
CA TRP C 901 17.58 6.56 -34.98
C TRP C 901 16.29 7.14 -34.39
N GLY C 902 15.18 6.93 -35.07
CA GLY C 902 13.89 7.47 -34.72
C GLY C 902 12.91 6.36 -34.41
N GLY C 903 13.23 5.16 -34.87
CA GLY C 903 12.54 3.95 -34.46
C GLY C 903 12.18 3.05 -35.62
N ALA C 904 11.80 3.65 -36.73
CA ALA C 904 11.39 2.90 -37.91
C ALA C 904 12.52 2.69 -38.90
N TYR C 905 13.74 3.12 -38.56
CA TYR C 905 14.89 3.01 -39.45
C TYR C 905 14.60 3.66 -40.79
N CYS C 906 13.85 4.76 -40.75
CA CYS C 906 13.57 5.54 -41.93
C CYS C 906 14.60 6.64 -42.09
N PHE C 907 14.82 7.04 -43.33
CA PHE C 907 15.85 7.99 -43.71
C PHE C 907 15.42 9.43 -43.52
N CYS C 908 14.14 9.68 -43.28
CA CYS C 908 13.53 10.95 -43.61
C CYS C 908 13.18 11.72 -42.34
N ASP C 909 13.02 13.03 -42.49
CA ASP C 909 12.71 13.90 -41.38
C ASP C 909 11.22 14.16 -41.24
N THR C 910 10.55 14.37 -42.38
CA THR C 910 9.11 14.33 -42.48
C THR C 910 8.76 13.30 -43.54
N GLU C 911 7.50 13.26 -43.94
CA GLU C 911 6.96 12.31 -44.91
C GLU C 911 7.40 10.87 -44.65
N ASN C 912 7.60 10.52 -43.38
CA ASN C 912 7.50 9.14 -42.94
C ASN C 912 6.08 8.94 -42.44
N THR C 913 5.40 7.95 -43.01
CA THR C 913 3.96 7.84 -42.86
C THR C 913 3.59 6.53 -42.18
N GLN C 914 2.71 6.63 -41.18
CA GLN C 914 2.24 5.51 -40.39
C GLN C 914 0.74 5.38 -40.57
N VAL C 915 0.27 4.15 -40.64
CA VAL C 915 -1.16 3.85 -40.64
C VAL C 915 -1.44 2.94 -39.47
N SER C 916 -2.21 3.46 -38.53
CA SER C 916 -2.74 2.73 -37.39
C SER C 916 -4.17 2.31 -37.68
N LYS C 917 -4.56 1.13 -37.17
CA LYS C 917 -5.89 0.58 -37.39
C LYS C 917 -6.27 -0.21 -36.16
N ALA C 918 -6.98 0.42 -35.24
CA ALA C 918 -7.50 -0.22 -34.05
C ALA C 918 -8.97 -0.53 -34.23
N TYR C 919 -9.41 -1.65 -33.69
CA TYR C 919 -10.82 -2.00 -33.62
C TYR C 919 -11.08 -2.68 -32.29
N VAL C 920 -12.33 -3.07 -32.08
CA VAL C 920 -12.79 -3.67 -30.84
C VAL C 920 -13.41 -5.01 -31.16
N MET C 921 -12.93 -6.05 -30.50
CA MET C 921 -13.53 -7.37 -30.57
C MET C 921 -13.84 -7.87 -29.18
N LYS C 922 -14.53 -8.99 -29.11
CA LYS C 922 -14.91 -9.53 -27.82
C LYS C 922 -13.75 -10.30 -27.20
N SER C 923 -13.87 -10.53 -25.91
CA SER C 923 -12.79 -11.09 -25.14
C SER C 923 -12.54 -12.53 -25.52
N ASP C 924 -11.47 -13.08 -24.98
CA ASP C 924 -11.19 -14.51 -25.02
C ASP C 924 -11.87 -15.26 -23.88
N ASP C 925 -12.85 -14.64 -23.22
CA ASP C 925 -13.54 -15.19 -22.08
C ASP C 925 -15.05 -14.99 -22.16
N CYS C 926 -15.56 -14.53 -23.30
CA CYS C 926 -16.96 -14.22 -23.46
C CYS C 926 -17.82 -15.47 -23.58
N LEU C 927 -17.20 -16.66 -23.67
CA LEU C 927 -17.94 -17.91 -23.64
C LEU C 927 -18.32 -18.35 -22.23
N ALA C 928 -17.61 -17.86 -21.21
CA ALA C 928 -17.89 -18.25 -19.83
C ALA C 928 -17.73 -17.12 -18.84
N ASP C 929 -17.64 -15.87 -19.29
CA ASP C 929 -17.76 -14.72 -18.39
C ASP C 929 -18.50 -13.65 -19.16
N HIS C 930 -19.83 -13.67 -19.05
CA HIS C 930 -20.67 -12.82 -19.87
C HIS C 930 -21.98 -12.59 -19.13
N ALA C 931 -22.61 -11.47 -19.49
CA ALA C 931 -23.96 -11.15 -19.05
C ALA C 931 -24.91 -11.32 -20.22
N GLU C 932 -26.11 -11.78 -19.89
CA GLU C 932 -27.15 -12.00 -20.87
C GLU C 932 -28.32 -11.07 -20.59
N ALA C 933 -28.96 -10.58 -21.66
CA ALA C 933 -30.02 -9.61 -21.56
C ALA C 933 -31.29 -10.16 -22.19
N TYR C 934 -32.41 -9.99 -21.49
CA TYR C 934 -33.64 -10.70 -21.75
C TYR C 934 -34.81 -9.76 -21.61
N LYS C 935 -35.86 -10.01 -22.39
CA LYS C 935 -37.16 -9.39 -22.19
C LYS C 935 -38.11 -10.42 -21.61
N ALA C 936 -38.84 -10.02 -20.58
CA ALA C 936 -39.63 -10.94 -19.77
C ALA C 936 -41.11 -10.60 -19.86
N HIS C 937 -41.93 -11.64 -19.91
CA HIS C 937 -43.39 -11.48 -19.89
C HIS C 937 -44.03 -12.84 -19.74
N THR C 938 -45.35 -12.82 -19.56
CA THR C 938 -46.20 -14.00 -19.68
C THR C 938 -45.76 -15.10 -18.70
N ALA C 939 -45.92 -14.78 -17.43
CA ALA C 939 -45.64 -15.73 -16.37
C ALA C 939 -46.50 -16.98 -16.53
N SER C 940 -45.90 -18.13 -16.28
CA SER C 940 -46.53 -19.44 -16.41
C SER C 940 -46.36 -20.12 -15.06
N VAL C 941 -47.32 -19.90 -14.18
CA VAL C 941 -47.16 -20.31 -12.79
C VAL C 941 -47.44 -21.80 -12.66
N GLN C 942 -46.74 -22.43 -11.71
CA GLN C 942 -46.59 -23.88 -11.66
C GLN C 942 -46.21 -24.28 -10.25
N ALA C 943 -46.69 -25.43 -9.79
CA ALA C 943 -46.47 -25.90 -8.43
C ALA C 943 -46.16 -27.39 -8.41
N PHE C 944 -45.59 -27.82 -7.29
CA PHE C 944 -45.44 -29.21 -6.94
C PHE C 944 -46.26 -29.48 -5.69
N LEU C 945 -47.13 -30.48 -5.74
CA LEU C 945 -48.06 -30.76 -4.67
C LEU C 945 -47.89 -32.19 -4.18
N ASN C 946 -48.08 -32.36 -2.88
CA ASN C 946 -48.14 -33.67 -2.24
C ASN C 946 -49.58 -33.85 -1.78
N ILE C 947 -50.32 -34.72 -2.47
CA ILE C 947 -51.77 -34.71 -2.48
C ILE C 947 -52.27 -36.00 -1.84
N THR C 948 -53.36 -35.89 -1.09
CA THR C 948 -54.10 -37.02 -0.54
C THR C 948 -55.58 -36.73 -0.73
N VAL C 949 -56.27 -37.61 -1.45
CA VAL C 949 -57.71 -37.51 -1.65
C VAL C 949 -58.27 -38.91 -1.42
N GLY C 950 -58.77 -39.15 -0.21
CA GLY C 950 -59.39 -40.41 0.11
C GLY C 950 -58.41 -41.56 0.28
N GLU C 951 -57.51 -41.41 1.25
CA GLU C 951 -56.49 -42.42 1.54
C GLU C 951 -55.66 -42.78 0.30
N HIS C 952 -54.99 -41.76 -0.22
CA HIS C 952 -54.02 -41.93 -1.30
C HIS C 952 -52.88 -40.96 -1.08
N SER C 953 -51.84 -41.07 -1.91
CA SER C 953 -50.65 -40.25 -1.76
C SER C 953 -50.01 -40.09 -3.13
N ILE C 954 -50.16 -38.91 -3.72
CA ILE C 954 -49.69 -38.61 -5.07
C ILE C 954 -48.84 -37.35 -5.02
N VAL C 955 -47.58 -37.47 -5.41
CA VAL C 955 -46.65 -36.35 -5.45
C VAL C 955 -46.57 -35.90 -6.89
N THR C 956 -47.38 -34.91 -7.26
CA THR C 956 -47.58 -34.55 -8.66
C THR C 956 -47.21 -33.10 -8.90
N THR C 957 -46.64 -32.87 -10.07
CA THR C 957 -46.47 -31.53 -10.59
C THR C 957 -47.77 -31.07 -11.21
N VAL C 958 -48.08 -29.79 -11.05
CA VAL C 958 -49.31 -29.21 -11.55
C VAL C 958 -49.02 -27.85 -12.15
N TYR C 959 -49.67 -27.56 -13.25
CA TYR C 959 -49.74 -26.22 -13.78
C TYR C 959 -51.02 -25.59 -13.26
N VAL C 960 -50.90 -24.44 -12.61
CA VAL C 960 -52.05 -23.84 -11.96
C VAL C 960 -52.71 -22.85 -12.92
N ASN C 961 -52.42 -22.99 -14.20
CA ASN C 961 -53.38 -22.57 -15.21
C ASN C 961 -54.60 -23.46 -15.12
N GLY C 962 -55.78 -22.87 -15.30
CA GLY C 962 -57.01 -23.59 -15.07
C GLY C 962 -57.52 -24.46 -16.20
N GLU C 963 -56.61 -25.02 -16.99
CA GLU C 963 -56.98 -25.91 -18.08
C GLU C 963 -56.09 -27.13 -18.20
N THR C 964 -55.11 -27.31 -17.32
CA THR C 964 -54.17 -28.42 -17.37
C THR C 964 -54.41 -29.32 -16.17
N PRO C 965 -55.34 -30.26 -16.24
CA PRO C 965 -55.71 -31.04 -15.06
C PRO C 965 -54.79 -32.23 -14.79
N VAL C 966 -55.10 -32.91 -13.70
CA VAL C 966 -54.45 -34.17 -13.35
C VAL C 966 -55.49 -35.16 -12.86
N ASN C 967 -55.20 -36.44 -13.08
CA ASN C 967 -56.08 -37.56 -12.81
C ASN C 967 -55.22 -38.71 -12.30
N PHE C 968 -55.63 -39.34 -11.21
CA PHE C 968 -54.90 -40.51 -10.74
C PHE C 968 -55.78 -41.71 -10.41
N ASN C 969 -56.93 -41.50 -9.78
CA ASN C 969 -57.88 -42.56 -9.48
C ASN C 969 -59.30 -42.08 -9.73
N GLY C 970 -59.50 -41.42 -10.87
CA GLY C 970 -60.79 -40.97 -11.30
C GLY C 970 -61.09 -39.53 -10.96
N VAL C 971 -60.50 -39.03 -9.89
CA VAL C 971 -60.75 -37.65 -9.49
C VAL C 971 -59.94 -36.73 -10.39
N LYS C 972 -60.55 -35.64 -10.83
CA LYS C 972 -59.93 -34.66 -11.68
C LYS C 972 -59.64 -33.41 -10.86
N ILE C 973 -58.38 -32.97 -10.88
CA ILE C 973 -57.95 -31.79 -10.16
C ILE C 973 -57.53 -30.75 -11.17
N THR C 974 -57.93 -29.50 -10.94
CA THR C 974 -57.63 -28.39 -11.84
C THR C 974 -57.35 -27.16 -11.00
N ALA C 975 -56.09 -26.72 -11.00
CA ALA C 975 -55.68 -25.53 -10.28
C ALA C 975 -55.76 -24.33 -11.21
N GLY C 976 -56.27 -23.21 -10.70
CA GLY C 976 -56.85 -22.20 -11.54
C GLY C 976 -56.16 -20.84 -11.48
N PRO C 977 -56.76 -19.86 -12.15
CA PRO C 977 -56.13 -18.54 -12.25
C PRO C 977 -56.29 -17.69 -11.01
N LEU C 978 -55.88 -16.42 -11.09
CA LEU C 978 -55.65 -15.55 -9.94
C LEU C 978 -54.48 -16.09 -9.11
N SER C 979 -53.60 -16.84 -9.75
CA SER C 979 -52.43 -17.42 -9.12
C SER C 979 -51.25 -16.51 -9.42
N THR C 980 -50.96 -15.61 -8.50
CA THR C 980 -49.82 -14.69 -8.60
C THR C 980 -49.93 -13.82 -9.86
N ALA C 981 -50.95 -12.95 -9.85
CA ALA C 981 -51.05 -11.91 -10.85
C ALA C 981 -49.78 -11.06 -10.90
N TRP C 982 -49.13 -10.88 -9.75
CA TRP C 982 -47.87 -10.17 -9.66
C TRP C 982 -46.76 -10.96 -10.35
N THR C 983 -45.74 -10.23 -10.79
CA THR C 983 -44.47 -10.81 -11.20
C THR C 983 -43.34 -10.08 -10.49
N PRO C 984 -42.26 -10.78 -10.13
CA PRO C 984 -41.09 -10.07 -9.62
C PRO C 984 -40.28 -9.41 -10.71
N PHE C 985 -40.24 -10.01 -11.89
CA PHE C 985 -39.35 -9.55 -12.93
C PHE C 985 -39.96 -8.40 -13.70
N ASP C 986 -39.14 -7.39 -13.94
CA ASP C 986 -39.53 -6.23 -14.72
C ASP C 986 -39.50 -6.64 -16.19
N ARG C 987 -39.79 -5.71 -17.10
CA ARG C 987 -39.76 -6.01 -18.52
C ARG C 987 -38.37 -6.43 -19.00
N LYS C 988 -37.32 -6.10 -18.24
CA LYS C 988 -35.94 -6.34 -18.65
C LYS C 988 -35.18 -7.07 -17.56
N ILE C 989 -34.48 -8.13 -17.97
CA ILE C 989 -33.70 -8.98 -17.09
C ILE C 989 -32.26 -8.99 -17.57
N VAL C 990 -31.32 -8.90 -16.64
CA VAL C 990 -29.91 -9.14 -16.88
C VAL C 990 -29.52 -10.33 -16.03
N GLN C 991 -28.66 -11.16 -16.56
CA GLN C 991 -28.34 -12.46 -15.98
C GLN C 991 -26.83 -12.63 -15.94
N TYR C 992 -26.30 -12.91 -14.75
CA TYR C 992 -24.86 -12.95 -14.55
C TYR C 992 -24.52 -13.71 -13.29
N ALA C 993 -23.80 -14.81 -13.44
CA ALA C 993 -23.27 -15.58 -12.33
C ALA C 993 -24.38 -16.11 -11.42
N GLY C 994 -25.53 -16.43 -12.00
CA GLY C 994 -26.66 -16.92 -11.24
C GLY C 994 -27.51 -15.83 -10.64
N GLU C 995 -27.10 -14.57 -10.77
CA GLU C 995 -27.81 -13.45 -10.21
C GLU C 995 -28.59 -12.76 -11.32
N ILE C 996 -29.87 -12.54 -11.07
CA ILE C 996 -30.74 -11.84 -11.97
C ILE C 996 -30.93 -10.43 -11.45
N TYR C 997 -30.92 -9.46 -12.35
CA TYR C 997 -31.05 -8.05 -12.02
C TYR C 997 -32.05 -7.40 -12.95
N ASN C 998 -32.76 -6.39 -12.43
CA ASN C 998 -33.74 -5.64 -13.21
C ASN C 998 -33.09 -4.34 -13.67
N TYR C 999 -32.38 -4.43 -14.79
CA TYR C 999 -31.68 -3.31 -15.39
C TYR C 999 -32.40 -2.91 -16.67
N ASP C 1000 -32.34 -1.61 -16.98
CA ASP C 1000 -32.93 -1.06 -18.20
C ASP C 1000 -31.82 -0.94 -19.23
N PHE C 1001 -31.58 -2.04 -19.92
CA PHE C 1001 -30.46 -2.13 -20.85
C PHE C 1001 -30.85 -1.52 -22.20
N PRO C 1002 -29.95 -0.79 -22.85
CA PRO C 1002 -30.29 -0.23 -24.16
C PRO C 1002 -30.32 -1.32 -25.21
N GLU C 1003 -31.15 -1.08 -26.21
CA GLU C 1003 -31.32 -2.06 -27.27
C GLU C 1003 -30.05 -2.18 -28.10
N TYR C 1004 -30.03 -3.23 -28.90
CA TYR C 1004 -28.95 -3.49 -29.84
C TYR C 1004 -28.81 -2.33 -30.81
N GLY C 1005 -27.69 -1.64 -30.73
CA GLY C 1005 -27.43 -0.45 -31.53
C GLY C 1005 -27.62 0.85 -30.79
N ALA C 1006 -28.09 0.80 -29.56
CA ALA C 1006 -28.26 1.98 -28.72
C ALA C 1006 -27.23 2.03 -27.61
N GLY C 1007 -26.38 1.02 -27.50
CA GLY C 1007 -25.39 1.00 -26.45
C GLY C 1007 -24.43 2.17 -26.57
N GLN C 1008 -23.98 2.63 -25.43
CA GLN C 1008 -23.12 3.78 -25.28
C GLN C 1008 -21.84 3.39 -24.57
N PRO C 1009 -20.77 4.15 -24.70
CA PRO C 1009 -19.52 3.75 -24.06
C PRO C 1009 -19.54 4.04 -22.58
N GLY C 1010 -18.98 3.11 -21.81
CA GLY C 1010 -18.71 3.29 -20.41
C GLY C 1010 -19.72 2.64 -19.50
N ALA C 1011 -20.92 2.42 -20.00
CA ALA C 1011 -21.99 1.78 -19.28
C ALA C 1011 -22.29 0.42 -19.89
N PHE C 1012 -23.19 -0.30 -19.24
CA PHE C 1012 -23.50 -1.67 -19.59
C PHE C 1012 -24.10 -1.73 -20.98
N GLY C 1013 -23.33 -2.23 -21.93
CA GLY C 1013 -23.77 -2.43 -23.29
C GLY C 1013 -22.91 -1.77 -24.32
N ASP C 1014 -21.67 -1.45 -23.96
CA ASP C 1014 -20.73 -0.94 -24.94
C ASP C 1014 -20.46 -1.93 -26.06
N ILE C 1015 -20.44 -3.22 -25.73
CA ILE C 1015 -20.43 -4.30 -26.72
C ILE C 1015 -21.79 -4.95 -26.71
N GLN C 1016 -22.40 -5.07 -27.88
CA GLN C 1016 -23.73 -5.66 -28.02
C GLN C 1016 -23.64 -6.70 -29.13
N SER C 1017 -23.55 -7.96 -28.72
CA SER C 1017 -23.63 -9.09 -29.63
C SER C 1017 -24.90 -9.87 -29.36
N ARG C 1018 -25.50 -10.38 -30.43
CA ARG C 1018 -26.84 -10.94 -30.33
C ARG C 1018 -26.82 -12.28 -29.61
N THR C 1019 -26.19 -13.27 -30.22
CA THR C 1019 -25.89 -14.54 -29.58
C THR C 1019 -24.42 -14.55 -29.16
N VAL C 1020 -24.04 -15.61 -28.44
CA VAL C 1020 -22.67 -15.76 -27.97
C VAL C 1020 -21.75 -16.37 -29.02
N SER C 1021 -22.27 -16.69 -30.20
CA SER C 1021 -21.50 -17.23 -31.29
C SER C 1021 -21.95 -16.60 -32.60
N SER C 1022 -22.34 -15.34 -32.55
CA SER C 1022 -22.70 -14.58 -33.74
C SER C 1022 -21.44 -14.14 -34.47
N SER C 1023 -21.60 -13.24 -35.42
CA SER C 1023 -20.53 -12.70 -36.24
C SER C 1023 -20.40 -11.19 -36.11
N ASP C 1024 -21.41 -10.53 -35.55
CA ASP C 1024 -21.45 -9.07 -35.45
C ASP C 1024 -21.48 -8.67 -33.99
N LEU C 1025 -20.85 -7.55 -33.68
CA LEU C 1025 -20.97 -6.92 -32.38
C LEU C 1025 -20.95 -5.43 -32.59
N TYR C 1026 -21.97 -4.76 -32.05
CA TYR C 1026 -22.00 -3.31 -32.04
C TYR C 1026 -21.09 -2.81 -30.92
N ALA C 1027 -20.01 -2.14 -31.30
CA ALA C 1027 -19.02 -1.60 -30.37
C ALA C 1027 -19.02 -0.08 -30.50
N ASN C 1028 -19.60 0.58 -29.51
CA ASN C 1028 -19.50 2.02 -29.35
C ASN C 1028 -18.65 2.25 -28.10
N THR C 1029 -17.35 2.35 -28.29
CA THR C 1029 -16.40 2.47 -27.20
C THR C 1029 -15.74 3.84 -27.09
N ASN C 1030 -16.08 4.78 -27.96
CA ASN C 1030 -15.44 6.09 -27.99
C ASN C 1030 -13.94 5.96 -28.20
N LEU C 1031 -13.55 5.01 -29.03
CA LEU C 1031 -12.16 4.84 -29.36
C LEU C 1031 -11.68 6.02 -30.19
N VAL C 1032 -10.54 6.57 -29.81
CA VAL C 1032 -9.90 7.66 -30.52
C VAL C 1032 -8.42 7.38 -30.57
N LEU C 1033 -7.87 7.37 -31.77
CA LEU C 1033 -6.45 7.18 -31.93
C LEU C 1033 -5.70 8.49 -31.67
N GLN C 1034 -4.39 8.36 -31.45
CA GLN C 1034 -3.53 9.48 -31.09
C GLN C 1034 -2.21 9.33 -31.82
N ARG C 1035 -1.47 10.40 -31.84
CA ARG C 1035 -0.21 10.42 -32.55
C ARG C 1035 0.88 9.80 -31.68
N PRO C 1036 1.78 8.98 -32.23
CA PRO C 1036 2.81 8.39 -31.38
C PRO C 1036 3.99 9.31 -31.16
N LYS C 1037 4.85 8.88 -30.25
CA LYS C 1037 6.08 9.57 -29.94
C LYS C 1037 7.23 8.89 -30.65
N ALA C 1038 8.21 9.69 -31.04
CA ALA C 1038 9.41 9.14 -31.61
C ALA C 1038 10.10 8.23 -30.61
N GLY C 1039 10.80 7.24 -31.13
CA GLY C 1039 11.61 6.35 -30.32
C GLY C 1039 11.43 4.90 -30.68
N ALA C 1040 10.23 4.52 -31.05
CA ALA C 1040 9.95 3.13 -31.36
C ALA C 1040 8.55 3.01 -31.94
N ILE C 1041 8.33 1.90 -32.62
CA ILE C 1041 7.09 1.64 -33.33
C ILE C 1041 6.03 1.22 -32.32
N HIS C 1042 4.88 1.87 -32.36
CA HIS C 1042 3.78 1.52 -31.47
C HIS C 1042 2.52 2.26 -31.91
N VAL C 1043 1.39 1.59 -31.73
CA VAL C 1043 0.08 2.12 -32.06
C VAL C 1043 -0.55 2.65 -30.77
N PRO C 1044 -0.64 3.95 -30.56
CA PRO C 1044 -1.37 4.46 -29.40
C PRO C 1044 -2.85 4.66 -29.68
N TYR C 1045 -3.61 4.68 -28.59
CA TYR C 1045 -5.04 4.94 -28.66
C TYR C 1045 -5.51 5.46 -27.32
N THR C 1046 -6.76 5.91 -27.30
CA THR C 1046 -7.48 6.22 -26.08
C THR C 1046 -8.91 5.77 -26.22
N GLN C 1047 -9.45 5.15 -25.18
CA GLN C 1047 -10.84 4.75 -25.19
C GLN C 1047 -11.40 4.74 -23.78
N ALA C 1048 -12.69 4.49 -23.71
CA ALA C 1048 -13.40 4.48 -22.47
C ALA C 1048 -13.00 3.27 -21.64
N PRO C 1049 -12.99 3.37 -20.32
CA PRO C 1049 -13.05 2.17 -19.51
C PRO C 1049 -14.30 1.39 -19.87
N SER C 1050 -14.20 0.08 -19.75
CA SER C 1050 -15.30 -0.78 -20.12
C SER C 1050 -16.51 -0.50 -19.26
N GLY C 1051 -17.68 -0.85 -19.81
CA GLY C 1051 -18.92 -0.73 -19.10
C GLY C 1051 -19.35 -1.99 -18.42
N PHE C 1052 -18.85 -3.13 -18.88
CA PHE C 1052 -19.13 -4.38 -18.20
C PHE C 1052 -18.55 -4.36 -16.79
N GLU C 1053 -17.28 -3.96 -16.67
CA GLU C 1053 -16.67 -3.83 -15.36
C GLU C 1053 -17.39 -2.81 -14.51
N GLN C 1054 -17.63 -1.62 -15.05
CA GLN C 1054 -18.20 -0.54 -14.28
C GLN C 1054 -19.59 -0.89 -13.80
N TRP C 1055 -20.35 -1.63 -14.61
CA TRP C 1055 -21.66 -2.08 -14.14
C TRP C 1055 -21.51 -3.17 -13.10
N LYS C 1056 -20.55 -4.06 -13.31
CA LYS C 1056 -20.31 -5.15 -12.39
C LYS C 1056 -19.99 -4.64 -10.99
N LYS C 1057 -19.35 -3.47 -10.89
CA LYS C 1057 -18.94 -2.94 -9.61
C LYS C 1057 -19.91 -1.92 -9.04
N ASP C 1058 -20.79 -1.37 -9.86
CA ASP C 1058 -21.81 -0.41 -9.42
C ASP C 1058 -23.20 -0.94 -9.69
N LYS C 1059 -23.42 -2.23 -9.50
CA LYS C 1059 -24.75 -2.81 -9.60
C LYS C 1059 -25.41 -2.92 -8.23
N ALA C 1060 -26.73 -2.86 -8.23
CA ALA C 1060 -27.50 -3.04 -7.02
C ALA C 1060 -27.44 -4.50 -6.58
N PRO C 1061 -27.91 -4.80 -5.38
CA PRO C 1061 -28.11 -6.20 -5.01
C PRO C 1061 -29.13 -6.86 -5.91
N SER C 1062 -29.06 -8.17 -5.96
CA SER C 1062 -29.83 -8.98 -6.86
C SER C 1062 -31.30 -9.00 -6.46
N LEU C 1063 -32.12 -9.54 -7.37
CA LEU C 1063 -33.56 -9.61 -7.14
C LEU C 1063 -33.88 -10.59 -6.04
N LYS C 1064 -32.99 -11.53 -5.76
CA LYS C 1064 -33.12 -12.39 -4.60
C LYS C 1064 -32.90 -11.66 -3.29
N PHE C 1065 -32.47 -10.40 -3.35
CA PHE C 1065 -32.28 -9.56 -2.19
C PHE C 1065 -33.12 -8.31 -2.21
N THR C 1066 -34.06 -8.18 -3.17
CA THR C 1066 -34.95 -7.05 -3.26
C THR C 1066 -36.39 -7.44 -3.55
N ALA C 1067 -36.63 -8.64 -4.03
CA ALA C 1067 -37.96 -9.06 -4.41
C ALA C 1067 -38.88 -9.09 -3.20
N PRO C 1068 -40.15 -8.70 -3.35
CA PRO C 1068 -41.11 -8.90 -2.27
C PRO C 1068 -41.84 -10.24 -2.37
N PHE C 1069 -42.59 -10.52 -1.32
CA PHE C 1069 -43.36 -11.75 -1.14
C PHE C 1069 -42.45 -12.97 -1.07
N GLY C 1070 -41.29 -12.80 -0.47
CA GLY C 1070 -40.45 -13.92 -0.09
C GLY C 1070 -40.02 -14.82 -1.23
N CYS C 1071 -39.67 -14.24 -2.36
CA CYS C 1071 -39.33 -15.02 -3.53
C CYS C 1071 -37.87 -15.45 -3.49
N GLU C 1072 -37.61 -16.61 -4.06
CA GLU C 1072 -36.26 -17.14 -4.24
C GLU C 1072 -35.99 -17.19 -5.74
N ILE C 1073 -35.21 -16.25 -6.24
CA ILE C 1073 -35.04 -16.05 -7.67
C ILE C 1073 -33.80 -16.81 -8.12
N TYR C 1074 -34.01 -17.85 -8.90
CA TYR C 1074 -32.98 -18.76 -9.35
C TYR C 1074 -32.94 -18.79 -10.88
N THR C 1075 -31.89 -19.44 -11.38
CA THR C 1075 -31.29 -19.03 -12.65
C THR C 1075 -31.24 -20.08 -13.75
N ASN C 1076 -31.17 -21.37 -13.43
CA ASN C 1076 -30.84 -22.29 -14.51
C ASN C 1076 -32.03 -22.42 -15.48
N PRO C 1077 -33.19 -22.94 -15.10
CA PRO C 1077 -34.38 -22.73 -15.93
C PRO C 1077 -35.10 -21.46 -15.51
N ILE C 1078 -34.64 -20.29 -15.93
CA ILE C 1078 -34.80 -19.00 -15.24
C ILE C 1078 -36.18 -18.86 -14.59
N ARG C 1079 -36.23 -18.62 -13.28
CA ARG C 1079 -37.52 -18.69 -12.59
C ARG C 1079 -37.37 -18.26 -11.14
N ALA C 1080 -38.50 -18.18 -10.46
CA ALA C 1080 -38.59 -17.99 -9.02
C ALA C 1080 -39.17 -19.21 -8.34
N GLU C 1081 -39.07 -19.20 -7.00
CA GLU C 1081 -39.64 -20.23 -6.16
C GLU C 1081 -40.22 -19.62 -4.90
N ASN C 1082 -41.42 -20.06 -4.56
CA ASN C 1082 -42.00 -19.90 -3.23
C ASN C 1082 -42.32 -18.44 -2.91
N CYS C 1083 -42.91 -17.77 -3.88
CA CYS C 1083 -43.45 -16.42 -3.66
C CYS C 1083 -44.75 -16.56 -2.88
N ALA C 1084 -44.68 -16.31 -1.57
CA ALA C 1084 -45.84 -16.43 -0.69
C ALA C 1084 -46.78 -15.27 -0.98
N VAL C 1085 -47.63 -15.46 -1.98
CA VAL C 1085 -48.53 -14.41 -2.42
C VAL C 1085 -49.70 -15.04 -3.16
N GLY C 1086 -50.84 -14.41 -3.05
CA GLY C 1086 -52.02 -14.86 -3.74
C GLY C 1086 -52.60 -16.09 -3.10
N SER C 1087 -53.51 -16.72 -3.84
CA SER C 1087 -54.19 -17.90 -3.39
C SER C 1087 -54.75 -18.61 -4.60
N ILE C 1088 -54.33 -19.85 -4.79
CA ILE C 1088 -54.63 -20.61 -6.00
C ILE C 1088 -55.95 -21.32 -5.80
N PRO C 1089 -56.91 -21.20 -6.74
CA PRO C 1089 -58.15 -21.97 -6.60
C PRO C 1089 -58.01 -23.38 -7.16
N LEU C 1090 -58.65 -24.31 -6.47
CA LEU C 1090 -58.63 -25.71 -6.81
C LEU C 1090 -60.05 -26.18 -7.06
N ALA C 1091 -60.29 -26.70 -8.26
CA ALA C 1091 -61.56 -27.30 -8.63
C ALA C 1091 -61.37 -28.81 -8.73
N PHE C 1092 -62.30 -29.53 -8.11
CA PHE C 1092 -62.27 -30.97 -8.04
C PHE C 1092 -63.47 -31.55 -8.76
N ASP C 1093 -63.30 -32.77 -9.27
CA ASP C 1093 -64.41 -33.58 -9.76
C ASP C 1093 -64.18 -35.01 -9.30
N ILE C 1094 -64.99 -35.45 -8.34
CA ILE C 1094 -64.73 -36.68 -7.58
C ILE C 1094 -65.71 -37.74 -8.07
N PRO C 1095 -65.26 -38.99 -8.33
CA PRO C 1095 -66.24 -40.01 -8.71
C PRO C 1095 -67.06 -40.51 -7.53
N ASP C 1096 -68.19 -41.16 -7.81
CA ASP C 1096 -69.09 -41.60 -6.77
C ASP C 1096 -68.64 -42.87 -6.07
N ALA C 1097 -67.58 -43.51 -6.54
CA ALA C 1097 -67.13 -44.77 -5.95
C ALA C 1097 -66.35 -44.52 -4.67
N LEU C 1098 -65.30 -43.72 -4.75
CA LEU C 1098 -64.45 -43.43 -3.59
C LEU C 1098 -65.03 -42.31 -2.72
N PHE C 1099 -66.32 -42.42 -2.42
CA PHE C 1099 -67.04 -41.44 -1.63
C PHE C 1099 -68.02 -42.18 -0.74
N THR C 1100 -67.53 -43.25 -0.11
CA THR C 1100 -68.35 -44.30 0.46
C THR C 1100 -69.34 -43.74 1.49
N ARG C 1101 -70.49 -44.42 1.59
CA ARG C 1101 -71.54 -44.03 2.52
C ARG C 1101 -71.15 -44.44 3.93
N VAL C 1102 -72.09 -44.29 4.86
CA VAL C 1102 -71.75 -44.26 6.27
C VAL C 1102 -71.63 -45.65 6.86
N SER C 1103 -72.42 -46.60 6.36
CA SER C 1103 -72.62 -47.87 7.08
C SER C 1103 -71.32 -48.64 7.26
N GLU C 1104 -70.38 -48.51 6.33
CA GLU C 1104 -69.08 -49.13 6.46
C GLU C 1104 -68.11 -48.30 7.28
N THR C 1105 -68.57 -47.18 7.84
CA THR C 1105 -67.75 -46.28 8.62
C THR C 1105 -68.31 -46.13 10.02
N PRO C 1106 -67.52 -45.62 10.97
CA PRO C 1106 -68.06 -45.40 12.31
C PRO C 1106 -69.13 -44.31 12.30
N THR C 1107 -69.95 -44.34 13.32
CA THR C 1107 -70.90 -43.27 13.63
C THR C 1107 -70.76 -42.91 15.09
N LEU C 1108 -70.73 -41.62 15.35
CA LEU C 1108 -70.39 -41.08 16.65
C LEU C 1108 -71.59 -41.07 17.57
N SER C 1109 -71.32 -41.12 18.88
CA SER C 1109 -72.35 -40.90 19.89
C SER C 1109 -71.69 -40.27 21.12
N ALA C 1110 -72.26 -39.14 21.56
CA ALA C 1110 -71.85 -38.47 22.80
C ALA C 1110 -70.39 -38.04 22.75
N ALA C 1111 -70.12 -37.11 21.85
CA ALA C 1111 -68.82 -36.48 21.72
C ALA C 1111 -68.78 -35.21 22.55
N GLU C 1112 -67.78 -35.09 23.42
CA GLU C 1112 -67.59 -33.90 24.25
C GLU C 1112 -66.14 -33.51 24.24
N CYS C 1113 -65.86 -32.26 23.86
CA CYS C 1113 -64.50 -31.76 23.75
C CYS C 1113 -64.11 -30.98 24.99
N THR C 1114 -62.83 -31.01 25.30
CA THR C 1114 -62.24 -30.18 26.35
C THR C 1114 -60.90 -29.66 25.88
N LEU C 1115 -60.66 -28.38 26.15
CA LEU C 1115 -59.42 -27.72 25.78
C LEU C 1115 -58.51 -27.67 27.01
N ASN C 1116 -57.56 -28.58 27.05
CA ASN C 1116 -56.60 -28.68 28.14
C ASN C 1116 -55.60 -27.55 28.09
N GLU C 1117 -54.87 -27.44 26.98
CA GLU C 1117 -53.76 -26.51 26.82
C GLU C 1117 -53.96 -25.75 25.53
N CYS C 1118 -54.24 -24.45 25.62
CA CYS C 1118 -54.29 -23.58 24.45
C CYS C 1118 -53.29 -22.44 24.60
N VAL C 1119 -52.54 -22.19 23.53
CA VAL C 1119 -51.66 -21.04 23.40
C VAL C 1119 -51.86 -20.51 21.99
N TYR C 1120 -52.10 -19.21 21.87
CA TYR C 1120 -52.44 -18.63 20.56
C TYR C 1120 -51.19 -18.32 19.75
N SER C 1121 -50.33 -19.32 19.61
CA SER C 1121 -49.13 -19.20 18.82
C SER C 1121 -49.41 -19.60 17.38
N SER C 1122 -48.34 -19.71 16.60
CA SER C 1122 -48.45 -20.09 15.20
C SER C 1122 -48.35 -21.58 15.02
N ASP C 1123 -47.53 -22.26 15.80
CA ASP C 1123 -47.40 -23.70 15.71
C ASP C 1123 -48.65 -24.36 16.32
N PHE C 1124 -48.61 -25.69 16.41
CA PHE C 1124 -49.74 -26.48 16.89
C PHE C 1124 -49.78 -26.43 18.41
N GLY C 1125 -50.15 -25.26 18.93
CA GLY C 1125 -50.24 -25.05 20.36
C GLY C 1125 -51.32 -25.84 21.06
N GLY C 1126 -52.48 -25.93 20.44
CA GLY C 1126 -53.64 -26.44 21.13
C GLY C 1126 -53.68 -27.96 21.21
N ILE C 1127 -54.29 -28.43 22.30
CA ILE C 1127 -54.59 -29.84 22.51
C ILE C 1127 -56.05 -29.95 22.89
N ALA C 1128 -56.83 -30.62 22.06
CA ALA C 1128 -58.22 -30.93 22.34
C ALA C 1128 -58.31 -32.39 22.73
N THR C 1129 -59.20 -32.66 23.67
CA THR C 1129 -59.44 -34.01 24.15
C THR C 1129 -60.92 -34.29 24.04
N VAL C 1130 -61.27 -35.28 23.22
CA VAL C 1130 -62.66 -35.61 22.93
C VAL C 1130 -63.01 -36.91 23.63
N LYS C 1131 -64.18 -36.93 24.26
CA LYS C 1131 -64.73 -38.12 24.89
C LYS C 1131 -65.93 -38.54 24.07
N TYR C 1132 -65.83 -39.71 23.45
CA TYR C 1132 -66.78 -40.16 22.45
C TYR C 1132 -67.22 -41.58 22.76
N SER C 1133 -68.28 -42.01 22.10
CA SER C 1133 -68.69 -43.41 22.05
C SER C 1133 -69.23 -43.66 20.66
N ALA C 1134 -68.60 -44.57 19.92
CA ALA C 1134 -69.03 -44.93 18.58
C ALA C 1134 -69.05 -46.44 18.41
N SER C 1135 -69.75 -46.87 17.37
CA SER C 1135 -69.92 -48.29 17.11
C SER C 1135 -68.59 -48.95 16.77
N LYS C 1136 -68.01 -48.53 15.65
CA LYS C 1136 -66.78 -49.11 15.14
C LYS C 1136 -65.57 -48.36 15.70
N SER C 1137 -64.45 -49.07 15.76
CA SER C 1137 -63.15 -48.51 16.14
C SER C 1137 -62.32 -48.40 14.86
N GLY C 1138 -62.37 -47.22 14.24
CA GLY C 1138 -61.87 -47.06 12.89
C GLY C 1138 -61.47 -45.64 12.56
N LYS C 1139 -61.65 -45.23 11.31
CA LYS C 1139 -61.20 -43.92 10.85
C LYS C 1139 -62.33 -42.92 10.83
N CYS C 1140 -61.99 -41.64 11.01
CA CYS C 1140 -62.91 -40.53 10.81
C CYS C 1140 -62.12 -39.29 10.42
N ALA C 1141 -62.59 -38.61 9.38
CA ALA C 1141 -62.02 -37.33 9.01
C ALA C 1141 -62.30 -36.30 10.10
N VAL C 1142 -61.51 -35.22 10.11
CA VAL C 1142 -61.67 -34.13 11.06
C VAL C 1142 -61.40 -32.83 10.33
N HIS C 1143 -62.25 -31.83 10.56
CA HIS C 1143 -62.01 -30.51 9.99
C HIS C 1143 -62.91 -29.47 10.64
N VAL C 1144 -62.42 -28.24 10.64
CA VAL C 1144 -63.12 -27.09 11.22
C VAL C 1144 -63.66 -26.26 10.07
N PRO C 1145 -64.99 -26.18 9.88
CA PRO C 1145 -65.50 -25.40 8.74
C PRO C 1145 -65.16 -23.93 8.77
N SER C 1146 -64.72 -23.41 9.90
CA SER C 1146 -64.38 -22.00 10.03
C SER C 1146 -62.88 -21.81 10.02
N GLY C 1147 -62.46 -20.54 9.98
CA GLY C 1147 -61.07 -20.17 10.06
C GLY C 1147 -60.57 -19.94 11.47
N THR C 1148 -61.38 -20.25 12.48
CA THR C 1148 -60.99 -20.05 13.87
C THR C 1148 -60.00 -21.07 14.38
N ALA C 1149 -59.57 -22.01 13.54
CA ALA C 1149 -58.57 -22.98 13.95
C ALA C 1149 -58.10 -23.74 12.72
N THR C 1150 -57.06 -24.54 12.92
CA THR C 1150 -56.49 -25.35 11.85
C THR C 1150 -55.77 -26.52 12.49
N LEU C 1151 -56.07 -27.72 12.04
CA LEU C 1151 -55.64 -28.93 12.70
C LEU C 1151 -54.45 -29.56 12.01
N LYS C 1152 -53.60 -30.17 12.82
CA LYS C 1152 -52.51 -30.98 12.30
C LYS C 1152 -53.03 -32.08 11.38
N GLU C 1153 -53.95 -32.89 11.86
CA GLU C 1153 -54.41 -34.07 11.15
C GLU C 1153 -55.77 -33.82 10.51
N ALA C 1154 -55.96 -34.43 9.35
CA ALA C 1154 -57.25 -34.46 8.67
C ALA C 1154 -58.08 -35.66 9.04
N ALA C 1155 -57.44 -36.77 9.37
CA ALA C 1155 -58.10 -38.02 9.72
C ALA C 1155 -57.50 -38.57 11.00
N VAL C 1156 -58.37 -38.91 11.94
CA VAL C 1156 -57.97 -39.50 13.21
C VAL C 1156 -58.70 -40.82 13.39
N GLU C 1157 -58.05 -41.74 14.08
CA GLU C 1157 -58.58 -43.07 14.32
C GLU C 1157 -59.17 -43.12 15.73
N LEU C 1158 -60.42 -43.55 15.83
CA LEU C 1158 -61.14 -43.63 17.09
C LEU C 1158 -61.27 -45.08 17.53
N THR C 1159 -61.30 -45.27 18.84
CA THR C 1159 -61.54 -46.56 19.46
C THR C 1159 -63.05 -46.77 19.59
N GLU C 1160 -63.45 -47.76 20.39
CA GLU C 1160 -64.88 -48.05 20.54
C GLU C 1160 -65.55 -47.03 21.44
N GLN C 1161 -65.17 -47.00 22.72
CA GLN C 1161 -65.87 -46.25 23.76
C GLN C 1161 -64.92 -45.37 24.54
N GLY C 1162 -63.87 -44.90 23.88
CA GLY C 1162 -62.79 -44.19 24.55
C GLY C 1162 -62.76 -42.70 24.28
N SER C 1163 -61.57 -42.12 24.48
CA SER C 1163 -61.31 -40.72 24.20
C SER C 1163 -60.14 -40.62 23.24
N ALA C 1164 -59.94 -39.42 22.70
CA ALA C 1164 -58.93 -39.20 21.67
C ALA C 1164 -58.33 -37.82 21.80
N THR C 1165 -57.07 -37.72 21.38
CA THR C 1165 -56.27 -36.51 21.48
C THR C 1165 -56.10 -35.91 20.10
N ILE C 1166 -56.23 -34.59 20.02
CA ILE C 1166 -56.06 -33.83 18.79
C ILE C 1166 -55.10 -32.70 19.07
N HIS C 1167 -54.07 -32.57 18.24
CA HIS C 1167 -53.14 -31.45 18.30
C HIS C 1167 -53.50 -30.49 17.20
N PHE C 1168 -53.88 -29.27 17.59
CA PHE C 1168 -54.43 -28.29 16.67
C PHE C 1168 -53.73 -26.95 16.88
N SER C 1169 -54.18 -25.96 16.12
CA SER C 1169 -53.66 -24.61 16.20
C SER C 1169 -54.80 -23.62 16.07
N THR C 1170 -54.58 -22.44 16.62
CA THR C 1170 -55.56 -21.38 16.61
C THR C 1170 -54.85 -20.08 16.93
N ALA C 1171 -55.62 -19.01 17.05
CA ALA C 1171 -55.07 -17.69 17.27
C ALA C 1171 -55.89 -16.82 18.21
N ASN C 1172 -57.03 -17.29 18.70
CA ASN C 1172 -57.92 -16.48 19.51
C ASN C 1172 -57.78 -16.82 20.98
N ILE C 1173 -58.00 -15.81 21.82
CA ILE C 1173 -57.94 -15.97 23.26
C ILE C 1173 -59.16 -16.74 23.76
N HIS C 1174 -60.22 -16.79 22.97
CA HIS C 1174 -61.45 -17.51 23.31
C HIS C 1174 -61.84 -18.38 22.12
N PRO C 1175 -61.20 -19.52 21.93
CA PRO C 1175 -61.60 -20.38 20.81
C PRO C 1175 -62.96 -21.00 21.04
N GLU C 1176 -63.76 -21.01 19.97
CA GLU C 1176 -65.02 -21.74 19.96
C GLU C 1176 -65.30 -22.10 18.50
N PHE C 1177 -64.91 -23.32 18.13
CA PHE C 1177 -64.98 -23.78 16.75
C PHE C 1177 -65.80 -25.05 16.66
N ARG C 1178 -66.49 -25.21 15.52
CA ARG C 1178 -67.35 -26.36 15.30
C ARG C 1178 -66.51 -27.49 14.71
N LEU C 1179 -65.90 -28.26 15.61
CA LEU C 1179 -65.09 -29.39 15.20
C LEU C 1179 -65.99 -30.49 14.65
N GLN C 1180 -65.71 -30.93 13.44
CA GLN C 1180 -66.35 -32.12 12.90
C GLN C 1180 -65.44 -33.31 13.14
N ILE C 1181 -66.04 -34.38 13.65
CA ILE C 1181 -65.53 -35.73 13.47
C ILE C 1181 -66.69 -36.34 12.69
N CYS C 1182 -66.62 -37.63 12.32
CA CYS C 1182 -67.30 -38.18 11.15
C CYS C 1182 -68.62 -37.53 10.73
N THR C 1183 -69.50 -37.26 11.69
CA THR C 1183 -70.74 -36.55 11.40
C THR C 1183 -70.99 -35.42 12.39
N SER C 1184 -70.50 -35.56 13.61
CA SER C 1184 -70.91 -34.70 14.69
C SER C 1184 -70.38 -33.28 14.50
N TYR C 1185 -71.01 -32.36 15.22
CA TYR C 1185 -70.48 -31.02 15.42
C TYR C 1185 -70.20 -30.88 16.90
N VAL C 1186 -69.03 -31.36 17.32
CA VAL C 1186 -68.60 -31.11 18.68
C VAL C 1186 -68.01 -29.72 18.77
N THR C 1187 -68.03 -29.14 19.97
CA THR C 1187 -67.76 -27.72 20.16
C THR C 1187 -66.81 -27.56 21.32
N CYS C 1188 -65.53 -27.34 20.99
CA CYS C 1188 -64.49 -27.05 21.96
C CYS C 1188 -64.59 -25.58 22.35
N LYS C 1189 -64.42 -25.29 23.64
CA LYS C 1189 -64.44 -23.91 24.11
C LYS C 1189 -63.42 -23.79 25.23
N GLY C 1190 -62.65 -22.71 25.21
CA GLY C 1190 -61.65 -22.53 26.24
C GLY C 1190 -60.96 -21.20 26.15
N ASP C 1191 -59.89 -21.08 26.92
CA ASP C 1191 -59.04 -19.91 26.96
C ASP C 1191 -57.61 -20.31 26.66
N CYS C 1192 -56.83 -19.34 26.18
CA CYS C 1192 -55.49 -19.61 25.67
C CYS C 1192 -54.48 -18.77 26.45
N HIS C 1193 -53.62 -19.46 27.19
CA HIS C 1193 -52.55 -18.81 27.92
C HIS C 1193 -51.47 -18.38 26.93
N PRO C 1194 -51.03 -17.11 26.94
CA PRO C 1194 -50.24 -16.59 25.82
C PRO C 1194 -48.89 -17.28 25.69
N PRO C 1195 -48.15 -16.99 24.61
CA PRO C 1195 -46.94 -17.77 24.30
C PRO C 1195 -45.70 -17.41 25.10
N LYS C 1196 -44.60 -18.09 24.76
CA LYS C 1196 -43.33 -17.97 25.46
C LYS C 1196 -42.25 -17.31 24.64
N ASP C 1197 -42.11 -17.67 23.38
CA ASP C 1197 -41.16 -17.05 22.47
C ASP C 1197 -41.89 -16.04 21.61
N HIS C 1198 -41.22 -14.94 21.33
CA HIS C 1198 -41.81 -13.81 20.64
C HIS C 1198 -41.17 -13.53 19.29
N ILE C 1199 -40.17 -14.33 18.89
CA ILE C 1199 -39.76 -14.45 17.50
C ILE C 1199 -39.52 -15.93 17.23
N VAL C 1200 -39.88 -16.38 16.03
CA VAL C 1200 -39.83 -17.78 15.64
C VAL C 1200 -39.23 -17.87 14.24
N THR C 1201 -39.19 -19.09 13.71
CA THR C 1201 -38.57 -19.38 12.42
C THR C 1201 -39.45 -20.29 11.57
N HIS C 1202 -40.75 -20.00 11.50
CA HIS C 1202 -41.63 -20.82 10.71
C HIS C 1202 -42.96 -20.10 10.51
N PRO C 1203 -43.68 -20.37 9.43
CA PRO C 1203 -44.81 -19.50 9.08
C PRO C 1203 -46.02 -19.64 9.97
N GLN C 1204 -46.99 -18.76 9.74
CA GLN C 1204 -48.27 -18.82 10.45
C GLN C 1204 -49.12 -19.98 9.95
N TYR C 1205 -49.88 -20.57 10.87
CA TYR C 1205 -50.79 -21.68 10.59
C TYR C 1205 -52.23 -21.32 10.90
N HIS C 1206 -52.62 -20.07 10.67
CA HIS C 1206 -53.99 -19.66 10.95
C HIS C 1206 -54.33 -18.45 10.06
N ALA C 1207 -55.46 -17.80 10.36
CA ALA C 1207 -56.14 -16.92 9.43
C ALA C 1207 -56.18 -15.47 9.85
N GLN C 1208 -56.08 -15.19 11.15
CA GLN C 1208 -56.00 -13.83 11.68
C GLN C 1208 -57.26 -13.02 11.35
N THR C 1209 -58.36 -13.44 11.96
CA THR C 1209 -59.54 -12.62 12.04
C THR C 1209 -59.40 -11.61 13.18
N PHE C 1210 -60.34 -10.66 13.24
CA PHE C 1210 -60.40 -9.68 14.32
C PHE C 1210 -61.15 -10.30 15.49
N THR C 1211 -60.52 -11.30 16.10
CA THR C 1211 -61.13 -12.11 17.15
C THR C 1211 -60.13 -12.27 18.29
N ALA C 1212 -59.56 -11.16 18.75
CA ALA C 1212 -58.64 -11.19 19.88
C ALA C 1212 -59.39 -11.33 21.20
N ALA C 1213 -60.22 -10.34 21.52
CA ALA C 1213 -61.04 -10.37 22.74
C ALA C 1213 -62.32 -9.58 22.55
N ASN D 341 1.57 -26.97 -32.44
CA ASN D 341 2.63 -26.73 -31.46
C ASN D 341 3.19 -25.31 -31.61
N GLU D 342 3.75 -24.76 -30.53
CA GLU D 342 4.16 -23.36 -30.49
C GLU D 342 5.66 -23.19 -30.35
N TYR D 343 6.24 -23.76 -29.29
CA TYR D 343 7.63 -23.48 -28.93
C TYR D 343 8.62 -23.97 -29.98
N LYS D 344 8.22 -24.92 -30.82
CA LYS D 344 9.07 -25.42 -31.90
C LYS D 344 8.84 -24.70 -33.22
N LEU D 345 8.02 -23.66 -33.25
CA LEU D 345 7.59 -23.05 -34.50
C LEU D 345 7.65 -21.53 -34.51
N THR D 346 7.62 -20.90 -33.35
CA THR D 346 7.48 -19.45 -33.25
C THR D 346 8.82 -18.81 -32.87
N ARG D 347 8.80 -17.48 -32.79
CA ARG D 347 9.97 -16.69 -32.44
C ARG D 347 9.51 -15.48 -31.61
N PRO D 348 10.13 -15.21 -30.47
CA PRO D 348 9.82 -13.97 -29.75
C PRO D 348 10.47 -12.76 -30.41
N TYR D 349 10.17 -11.59 -29.86
CA TYR D 349 10.59 -10.33 -30.44
C TYR D 349 10.94 -9.34 -29.35
N MET D 350 11.72 -8.33 -29.73
CA MET D 350 12.00 -7.19 -28.89
C MET D 350 10.89 -6.17 -29.08
N ALA D 351 10.62 -5.38 -28.06
CA ALA D 351 9.50 -4.46 -28.10
C ALA D 351 9.69 -3.34 -27.07
N ARG D 352 8.82 -2.35 -27.17
CA ARG D 352 8.91 -1.11 -26.40
C ARG D 352 8.32 -1.30 -25.02
N CYS D 353 9.13 -1.06 -24.00
CA CYS D 353 8.68 -0.92 -22.63
C CYS D 353 9.05 0.48 -22.13
N ILE D 354 8.24 0.99 -21.19
CA ILE D 354 8.47 2.33 -20.67
C ILE D 354 9.75 2.36 -19.87
N ARG D 355 9.84 1.49 -18.89
CA ARG D 355 10.91 1.47 -17.91
C ARG D 355 11.64 0.15 -18.05
N CYS D 356 12.75 0.19 -18.78
CA CYS D 356 13.63 -0.95 -19.03
C CYS D 356 14.78 -1.02 -18.04
N ALA D 357 14.55 -0.49 -16.84
CA ALA D 357 15.50 -0.36 -15.75
C ALA D 357 16.48 0.78 -15.93
N VAL D 358 16.56 1.35 -17.13
CA VAL D 358 17.08 2.69 -17.35
C VAL D 358 16.27 3.28 -18.49
N GLY D 359 15.28 4.10 -18.17
CA GLY D 359 14.37 4.63 -19.17
C GLY D 359 13.75 3.53 -20.00
N SER D 360 13.46 3.85 -21.25
CA SER D 360 12.90 2.91 -22.20
C SER D 360 14.01 2.20 -22.97
N CYS D 361 13.59 1.23 -23.77
CA CYS D 361 14.50 0.37 -24.53
C CYS D 361 13.65 -0.42 -25.49
N HIS D 362 14.29 -1.39 -26.14
CA HIS D 362 13.60 -2.47 -26.83
C HIS D 362 13.71 -3.69 -25.93
N SER D 363 12.68 -3.95 -25.15
CA SER D 363 12.70 -4.99 -24.14
C SER D 363 12.24 -6.34 -24.71
N PRO D 364 12.93 -7.44 -24.43
CA PRO D 364 12.38 -8.76 -24.76
C PRO D 364 11.26 -9.23 -23.87
N ILE D 365 11.09 -8.65 -22.68
CA ILE D 365 10.10 -9.12 -21.72
C ILE D 365 8.93 -8.15 -21.67
N ALA D 366 8.63 -7.55 -22.82
CA ALA D 366 7.57 -6.55 -22.89
C ALA D 366 6.22 -7.20 -22.71
N ILE D 367 5.28 -6.40 -22.25
CA ILE D 367 3.95 -6.86 -21.89
C ILE D 367 2.95 -6.20 -22.81
N GLU D 368 2.38 -7.01 -23.69
CA GLU D 368 1.37 -6.56 -24.64
C GLU D 368 -0.01 -6.58 -24.04
N ALA D 369 -0.26 -7.44 -23.07
CA ALA D 369 -1.59 -7.63 -22.54
C ALA D 369 -1.53 -8.28 -21.16
N VAL D 370 -2.31 -7.72 -20.25
CA VAL D 370 -2.54 -8.26 -18.93
C VAL D 370 -4.04 -8.47 -18.81
N LYS D 371 -4.45 -9.48 -18.05
CA LYS D 371 -5.85 -9.70 -17.74
C LYS D 371 -5.97 -10.16 -16.29
N SER D 372 -6.83 -9.49 -15.53
CA SER D 372 -7.09 -9.81 -14.15
C SER D 372 -8.57 -9.71 -13.84
N ASP D 373 -9.41 -10.17 -14.76
CA ASP D 373 -10.86 -10.15 -14.57
C ASP D 373 -11.37 -11.31 -13.74
N GLY D 374 -10.51 -12.24 -13.36
CA GLY D 374 -10.88 -13.33 -12.50
C GLY D 374 -10.94 -12.93 -11.05
N HIS D 375 -11.34 -13.89 -10.22
CA HIS D 375 -11.68 -13.58 -8.83
C HIS D 375 -10.47 -13.56 -7.90
N ASP D 376 -9.77 -14.69 -7.75
CA ASP D 376 -8.88 -14.89 -6.61
C ASP D 376 -7.44 -14.50 -6.88
N GLY D 377 -7.21 -13.49 -7.71
CA GLY D 377 -5.88 -12.97 -7.93
C GLY D 377 -5.13 -13.55 -9.11
N TYR D 378 -5.69 -14.53 -9.81
CA TYR D 378 -5.04 -15.02 -11.02
C TYR D 378 -4.99 -13.91 -12.06
N VAL D 379 -3.78 -13.60 -12.49
CA VAL D 379 -3.53 -12.73 -13.62
C VAL D 379 -3.01 -13.58 -14.76
N ARG D 380 -3.19 -13.08 -15.98
CA ARG D 380 -2.64 -13.69 -17.18
C ARG D 380 -1.87 -12.63 -17.96
N LEU D 381 -0.62 -12.91 -18.26
CA LEU D 381 0.22 -12.02 -19.03
C LEU D 381 0.46 -12.56 -20.43
N GLN D 382 0.80 -11.66 -21.34
CA GLN D 382 1.14 -11.98 -22.72
C GLN D 382 2.41 -11.23 -23.05
N THR D 383 3.54 -11.89 -22.84
CA THR D 383 4.84 -11.24 -22.93
C THR D 383 5.33 -11.23 -24.37
N SER D 384 6.56 -10.76 -24.57
CA SER D 384 7.30 -10.92 -25.80
C SER D 384 8.47 -11.87 -25.67
N SER D 385 8.40 -12.78 -24.71
CA SER D 385 9.21 -13.98 -24.64
C SER D 385 8.33 -15.16 -25.01
N GLN D 386 8.83 -16.37 -24.81
CA GLN D 386 8.03 -17.58 -24.93
C GLN D 386 8.30 -18.46 -23.72
N TYR D 387 7.46 -19.47 -23.56
CA TYR D 387 7.56 -20.41 -22.45
C TYR D 387 7.26 -21.81 -22.96
N GLY D 388 8.30 -22.64 -23.00
CA GLY D 388 8.23 -23.96 -23.59
C GLY D 388 8.34 -25.11 -22.62
N LEU D 389 9.13 -26.13 -22.98
CA LEU D 389 9.24 -27.38 -22.25
C LEU D 389 10.66 -27.81 -21.99
N ASP D 390 11.56 -27.60 -22.94
CA ASP D 390 12.95 -28.00 -22.78
C ASP D 390 13.63 -27.20 -21.68
N GLY D 397 10.75 -29.32 -16.17
CA GLY D 397 11.37 -28.50 -17.20
C GLY D 397 10.42 -27.46 -17.77
N ARG D 398 10.60 -26.21 -17.36
CA ARG D 398 9.76 -25.11 -17.81
C ARG D 398 10.63 -23.86 -17.82
N THR D 399 10.83 -23.29 -19.00
CA THR D 399 11.87 -22.29 -19.24
C THR D 399 11.32 -21.13 -20.08
N MET D 400 12.22 -20.25 -20.51
CA MET D 400 11.86 -18.99 -21.14
C MET D 400 12.89 -18.64 -22.20
N ARG D 401 12.44 -18.48 -23.43
CA ARG D 401 13.27 -18.20 -24.60
C ARG D 401 12.98 -16.80 -25.09
N TYR D 402 14.00 -15.95 -25.15
CA TYR D 402 13.83 -14.57 -25.56
C TYR D 402 14.75 -14.19 -26.70
N ASP D 403 14.35 -13.15 -27.42
CA ASP D 403 15.07 -12.61 -28.58
C ASP D 403 15.82 -11.38 -28.14
N MET D 404 17.13 -11.39 -28.35
CA MET D 404 18.03 -10.33 -27.91
C MET D 404 18.97 -10.00 -29.05
N HIS D 405 18.60 -9.00 -29.85
CA HIS D 405 19.45 -8.49 -30.91
C HIS D 405 19.77 -9.60 -31.92
N GLY D 406 18.70 -10.11 -32.52
CA GLY D 406 18.83 -11.08 -33.58
C GLY D 406 18.88 -12.51 -33.08
N THR D 407 19.77 -12.78 -32.13
CA THR D 407 19.92 -14.13 -31.63
C THR D 407 18.79 -14.48 -30.67
N ILE D 408 18.91 -15.67 -30.09
CA ILE D 408 17.89 -16.23 -29.21
C ILE D 408 18.58 -16.75 -27.96
N LYS D 409 17.89 -16.69 -26.84
CA LYS D 409 18.44 -16.98 -25.54
C LYS D 409 17.52 -17.90 -24.76
N GLU D 410 17.91 -18.20 -23.52
CA GLU D 410 17.17 -19.16 -22.71
C GLU D 410 17.55 -18.97 -21.25
N ILE D 411 16.58 -18.57 -20.44
CA ILE D 411 16.70 -18.57 -18.99
C ILE D 411 15.63 -19.51 -18.48
N PRO D 412 15.85 -20.25 -17.40
CA PRO D 412 14.75 -21.00 -16.82
C PRO D 412 13.72 -20.08 -16.21
N LEU D 413 12.59 -20.67 -15.82
CA LEU D 413 11.48 -19.95 -15.23
C LEU D 413 11.57 -19.91 -13.71
N HIS D 414 12.75 -20.18 -13.14
CA HIS D 414 12.98 -19.96 -11.72
C HIS D 414 13.88 -18.77 -11.44
N GLN D 415 14.34 -18.07 -12.48
CA GLN D 415 15.06 -16.82 -12.33
C GLN D 415 14.19 -15.62 -12.67
N VAL D 416 13.08 -15.84 -13.36
CA VAL D 416 12.14 -14.79 -13.69
C VAL D 416 11.43 -14.37 -12.41
N SER D 417 11.04 -13.12 -12.34
CA SER D 417 10.34 -12.62 -11.17
C SER D 417 9.49 -11.44 -11.57
N LEU D 418 8.24 -11.45 -11.14
CA LEU D 418 7.29 -10.41 -11.47
C LEU D 418 6.53 -10.00 -10.23
N TYR D 419 6.21 -8.72 -10.14
CA TYR D 419 5.55 -8.18 -8.95
C TYR D 419 4.70 -6.98 -9.32
N THR D 420 3.71 -6.72 -8.48
CA THR D 420 2.80 -5.59 -8.65
C THR D 420 2.93 -4.57 -7.52
N SER D 421 2.64 -4.98 -6.30
CA SER D 421 3.04 -4.27 -5.10
C SER D 421 3.74 -5.18 -4.12
N ARG D 422 3.28 -6.41 -3.99
CA ARG D 422 4.00 -7.51 -3.39
C ARG D 422 4.49 -8.41 -4.50
N PRO D 423 5.39 -9.34 -4.22
CA PRO D 423 5.79 -10.27 -5.26
C PRO D 423 4.67 -11.20 -5.67
N CYS D 424 4.85 -11.81 -6.82
CA CYS D 424 3.93 -12.76 -7.41
C CYS D 424 4.54 -14.15 -7.37
N HIS D 425 3.81 -15.10 -7.92
CA HIS D 425 4.23 -16.50 -7.97
C HIS D 425 3.70 -17.10 -9.25
N ILE D 426 4.58 -17.30 -10.22
CA ILE D 426 4.20 -17.91 -11.49
C ILE D 426 3.67 -19.30 -11.20
N VAL D 427 2.56 -19.64 -11.84
CA VAL D 427 2.00 -20.98 -11.74
C VAL D 427 2.32 -21.76 -12.99
N ASP D 428 2.40 -21.09 -14.13
CA ASP D 428 2.60 -21.82 -15.37
C ASP D 428 2.98 -20.85 -16.48
N GLY D 429 3.58 -21.40 -17.53
CA GLY D 429 3.84 -20.65 -18.73
C GLY D 429 3.60 -21.46 -19.98
N HIS D 430 3.00 -20.86 -21.00
CA HIS D 430 2.73 -21.57 -22.24
C HIS D 430 2.65 -20.56 -23.37
N GLY D 431 3.43 -20.80 -24.41
CA GLY D 431 3.50 -19.88 -25.52
C GLY D 431 4.01 -18.53 -25.07
N TYR D 432 3.46 -17.49 -25.69
CA TYR D 432 3.69 -16.12 -25.27
C TYR D 432 2.97 -15.77 -23.98
N PHE D 433 2.15 -16.67 -23.44
CA PHE D 433 1.30 -16.38 -22.30
C PHE D 433 1.85 -16.97 -21.01
N LEU D 434 1.42 -16.37 -19.90
CA LEU D 434 1.92 -16.73 -18.58
C LEU D 434 0.78 -16.64 -17.58
N LEU D 435 0.72 -17.60 -16.66
CA LEU D 435 -0.29 -17.64 -15.60
C LEU D 435 0.39 -17.50 -14.25
N ALA D 436 -0.08 -16.52 -13.46
CA ALA D 436 0.49 -16.15 -12.19
C ALA D 436 -0.61 -15.93 -11.16
N ARG D 437 -0.18 -15.73 -9.91
CA ARG D 437 -1.07 -15.38 -8.80
C ARG D 437 -0.58 -14.06 -8.25
N CYS D 438 -1.00 -12.97 -8.86
CA CYS D 438 -0.56 -11.66 -8.47
C CYS D 438 -1.64 -10.94 -7.67
N PRO D 439 -1.27 -10.20 -6.63
CA PRO D 439 -2.27 -9.41 -5.91
C PRO D 439 -2.62 -8.10 -6.57
N ALA D 440 -3.49 -7.35 -5.91
CA ALA D 440 -3.92 -6.06 -6.41
C ALA D 440 -2.75 -5.10 -6.47
N GLY D 441 -2.62 -4.42 -7.61
CA GLY D 441 -1.67 -3.36 -7.74
C GLY D 441 -2.07 -2.36 -8.81
N ASP D 442 -1.09 -1.67 -9.34
CA ASP D 442 -1.28 -0.64 -10.35
C ASP D 442 -0.26 -0.68 -11.46
N SER D 443 0.69 -1.61 -11.39
CA SER D 443 1.70 -1.74 -12.42
C SER D 443 2.39 -3.07 -12.24
N ILE D 444 2.52 -3.81 -13.32
CA ILE D 444 3.23 -5.09 -13.30
C ILE D 444 4.65 -4.83 -13.75
N THR D 445 5.59 -5.40 -13.01
CA THR D 445 7.01 -5.27 -13.27
C THR D 445 7.62 -6.65 -13.28
N MET D 446 8.04 -7.09 -14.45
CA MET D 446 8.74 -8.34 -14.67
C MET D 446 10.22 -8.08 -14.83
N GLU D 447 11.03 -9.08 -14.48
CA GLU D 447 12.46 -8.91 -14.60
C GLU D 447 13.20 -10.24 -14.45
N PHE D 448 14.40 -10.26 -15.01
CA PHE D 448 15.30 -11.39 -14.95
C PHE D 448 16.72 -10.85 -14.91
N LYS D 449 17.67 -11.72 -14.58
CA LYS D 449 19.06 -11.33 -14.46
C LYS D 449 19.94 -12.37 -15.13
N LYS D 450 20.69 -11.93 -16.13
CA LYS D 450 21.70 -12.70 -16.83
C LYS D 450 23.01 -12.51 -16.06
N ASP D 451 24.16 -12.83 -16.66
CA ASP D 451 25.47 -12.76 -15.99
C ASP D 451 25.67 -11.50 -15.14
N SER D 452 25.38 -10.33 -15.70
CA SER D 452 25.51 -9.07 -14.97
C SER D 452 24.35 -8.11 -15.17
N VAL D 453 23.60 -8.21 -16.26
CA VAL D 453 22.55 -7.24 -16.54
C VAL D 453 21.26 -7.70 -15.90
N ARG D 454 20.66 -6.85 -15.08
CA ARG D 454 19.30 -7.03 -14.62
C ARG D 454 18.40 -6.35 -15.62
N HIS D 455 17.71 -7.14 -16.43
CA HIS D 455 16.78 -6.63 -17.42
C HIS D 455 15.36 -6.68 -16.86
N SER D 456 14.64 -5.57 -16.94
CA SER D 456 13.30 -5.47 -16.40
C SER D 456 12.38 -4.75 -17.38
N CYS D 457 11.10 -4.80 -17.05
CA CYS D 457 10.07 -4.05 -17.77
C CYS D 457 8.89 -3.88 -16.84
N SER D 458 8.43 -2.65 -16.71
CA SER D 458 7.26 -2.33 -15.93
C SER D 458 6.25 -1.58 -16.78
N VAL D 459 4.98 -1.76 -16.44
CA VAL D 459 3.90 -1.23 -17.25
C VAL D 459 2.73 -0.89 -16.33
N PRO D 460 1.99 0.20 -16.55
CA PRO D 460 0.85 0.49 -15.71
C PRO D 460 -0.36 -0.32 -16.09
N TYR D 461 -0.86 -1.16 -15.19
CA TYR D 461 -2.14 -1.81 -15.37
C TYR D 461 -2.82 -1.98 -14.02
N GLU D 462 -4.11 -1.67 -13.98
CA GLU D 462 -4.85 -1.77 -12.75
C GLU D 462 -5.13 -3.24 -12.48
N VAL D 463 -4.13 -3.91 -11.97
CA VAL D 463 -4.24 -5.29 -11.55
C VAL D 463 -5.01 -5.32 -10.24
N LYS D 464 -6.06 -6.12 -10.20
CA LYS D 464 -7.03 -6.07 -9.12
C LYS D 464 -7.32 -7.47 -8.59
N PHE D 465 -7.85 -7.51 -7.37
CA PHE D 465 -8.14 -8.73 -6.64
C PHE D 465 -9.62 -8.71 -6.32
N ASN D 466 -10.39 -9.46 -7.09
CA ASN D 466 -11.83 -9.41 -7.10
C ASN D 466 -12.38 -10.52 -6.21
N PRO D 467 -12.67 -10.27 -4.94
CA PRO D 467 -12.94 -11.39 -4.04
C PRO D 467 -14.26 -12.05 -4.37
N VAL D 468 -14.40 -13.28 -3.92
CA VAL D 468 -15.61 -14.04 -4.13
C VAL D 468 -16.57 -13.79 -2.99
N GLY D 469 -17.81 -13.49 -3.33
CA GLY D 469 -18.86 -13.49 -2.36
C GLY D 469 -19.00 -12.18 -1.60
N ARG D 470 -19.55 -12.32 -0.40
CA ARG D 470 -20.05 -11.21 0.39
C ARG D 470 -19.25 -11.01 1.67
N GLU D 471 -17.98 -11.39 1.67
CA GLU D 471 -17.06 -11.12 2.77
C GLU D 471 -15.74 -10.72 2.13
N LEU D 472 -15.52 -9.42 2.02
CA LEU D 472 -14.48 -8.91 1.14
C LEU D 472 -13.12 -9.19 1.74
N TYR D 473 -12.46 -10.21 1.20
CA TYR D 473 -11.12 -10.58 1.61
C TYR D 473 -10.10 -10.02 0.63
N THR D 474 -8.91 -9.76 1.17
CA THR D 474 -7.76 -9.32 0.39
C THR D 474 -6.74 -10.42 0.18
N HIS D 475 -6.76 -11.45 1.03
CA HIS D 475 -5.95 -12.64 0.91
C HIS D 475 -6.81 -13.84 1.32
N PRO D 476 -6.83 -14.92 0.56
CA PRO D 476 -7.91 -15.87 0.70
C PRO D 476 -7.83 -16.65 2.00
N PRO D 477 -8.88 -17.39 2.35
CA PRO D 477 -8.99 -17.89 3.72
C PRO D 477 -8.41 -19.28 3.89
N GLU D 478 -7.88 -19.51 5.10
CA GLU D 478 -7.41 -20.83 5.49
C GLU D 478 -8.51 -21.86 5.36
N HIS D 479 -9.72 -21.49 5.75
CA HIS D 479 -10.83 -22.42 5.84
C HIS D 479 -12.12 -21.64 5.67
N GLY D 480 -13.07 -22.26 5.00
CA GLY D 480 -14.37 -21.62 4.86
C GLY D 480 -15.25 -22.41 3.92
N VAL D 481 -16.47 -21.91 3.78
CA VAL D 481 -17.48 -22.49 2.91
C VAL D 481 -17.04 -22.31 1.48
N GLU D 482 -17.74 -23.00 0.56
CA GLU D 482 -17.28 -23.20 -0.80
C GLU D 482 -18.32 -22.68 -1.79
N GLN D 483 -17.92 -21.70 -2.59
CA GLN D 483 -18.77 -21.04 -3.58
C GLN D 483 -18.21 -21.23 -4.98
N ALA D 484 -18.94 -20.72 -5.95
CA ALA D 484 -18.57 -20.78 -7.35
C ALA D 484 -17.63 -19.65 -7.69
N CYS D 485 -16.65 -19.95 -8.54
CA CYS D 485 -15.62 -19.00 -8.90
C CYS D 485 -15.17 -19.25 -10.32
N GLN D 486 -14.88 -18.16 -11.01
CA GLN D 486 -14.36 -18.17 -12.38
C GLN D 486 -12.90 -17.77 -12.30
N VAL D 487 -12.03 -18.76 -12.26
CA VAL D 487 -10.61 -18.56 -12.09
C VAL D 487 -9.90 -19.09 -13.31
N TYR D 488 -8.81 -18.42 -13.67
CA TYR D 488 -8.00 -18.82 -14.80
C TYR D 488 -7.50 -20.23 -14.62
N ALA D 489 -7.78 -21.08 -15.59
CA ALA D 489 -7.47 -22.49 -15.48
C ALA D 489 -6.00 -22.74 -15.77
N HIS D 490 -5.48 -23.76 -15.11
CA HIS D 490 -4.11 -24.21 -15.33
C HIS D 490 -3.98 -24.96 -16.66
N ASP D 491 -5.09 -25.29 -17.29
CA ASP D 491 -5.07 -25.94 -18.58
C ASP D 491 -4.43 -25.06 -19.62
N ALA D 492 -4.05 -25.67 -20.74
CA ALA D 492 -3.52 -24.97 -21.90
C ALA D 492 -4.05 -25.60 -23.18
N GLN D 493 -5.18 -26.28 -23.08
CA GLN D 493 -5.82 -26.90 -24.23
C GLN D 493 -6.44 -25.82 -25.10
N ASN D 494 -7.04 -26.23 -26.20
CA ASN D 494 -7.60 -25.33 -27.21
C ASN D 494 -9.11 -25.31 -27.03
N ARG D 495 -9.61 -24.22 -26.43
CA ARG D 495 -11.01 -24.07 -26.12
C ARG D 495 -11.76 -23.19 -27.11
N GLY D 496 -11.06 -22.36 -27.88
CA GLY D 496 -11.68 -21.54 -28.91
C GLY D 496 -11.20 -20.11 -28.99
N ALA D 497 -10.21 -19.76 -28.18
CA ALA D 497 -9.68 -18.41 -28.13
C ALA D 497 -8.39 -18.35 -28.93
N TYR D 498 -8.40 -17.59 -30.02
CA TYR D 498 -7.30 -17.54 -30.96
C TYR D 498 -6.87 -16.10 -31.18
N VAL D 499 -5.58 -15.93 -31.41
CA VAL D 499 -4.98 -14.64 -31.74
C VAL D 499 -4.11 -14.83 -32.97
N GLU D 500 -3.86 -13.74 -33.68
CA GLU D 500 -3.31 -13.81 -35.02
C GLU D 500 -1.80 -13.64 -35.00
N MET D 501 -1.16 -14.10 -36.07
CA MET D 501 0.27 -13.99 -36.21
C MET D 501 0.67 -14.28 -37.64
N HIS D 502 1.96 -14.11 -37.93
CA HIS D 502 2.39 -14.01 -39.31
C HIS D 502 3.87 -14.35 -39.44
N LEU D 503 4.26 -14.76 -40.64
CA LEU D 503 5.65 -14.73 -41.03
C LEU D 503 6.07 -13.31 -41.33
N PRO D 504 7.37 -12.99 -41.27
CA PRO D 504 7.80 -11.66 -41.69
C PRO D 504 7.84 -11.53 -43.21
N ASP D 568 11.04 -16.85 -41.75
CA ASP D 568 11.37 -18.26 -41.55
C ASP D 568 10.56 -18.85 -40.41
N LYS D 569 10.17 -18.01 -39.45
CA LYS D 569 9.35 -18.43 -38.32
C LYS D 569 8.20 -17.46 -38.14
N TRP D 570 7.25 -17.87 -37.30
CA TRP D 570 6.07 -17.07 -37.02
C TRP D 570 6.33 -16.11 -35.89
N VAL D 571 5.58 -15.02 -35.87
CA VAL D 571 5.71 -13.98 -34.87
C VAL D 571 4.35 -13.33 -34.69
N TYR D 572 4.06 -12.96 -33.44
CA TYR D 572 2.76 -12.43 -33.09
C TYR D 572 2.51 -11.11 -33.80
N ASN D 573 1.24 -10.83 -34.07
CA ASN D 573 0.85 -9.63 -34.80
C ASN D 573 0.69 -8.49 -33.80
N SER D 574 1.80 -8.15 -33.19
CA SER D 574 1.83 -7.07 -32.22
C SER D 574 1.64 -5.73 -32.90
N ASP D 575 1.11 -4.79 -32.13
CA ASP D 575 1.05 -3.40 -32.55
C ASP D 575 2.37 -2.68 -32.41
N LYS D 576 3.36 -3.30 -31.77
CA LYS D 576 4.67 -2.72 -31.56
C LYS D 576 5.69 -3.22 -32.57
N LEU D 577 5.25 -3.92 -33.60
CA LEU D 577 6.06 -4.27 -34.75
C LEU D 577 5.28 -3.96 -36.02
N PRO D 578 5.95 -3.55 -37.08
CA PRO D 578 5.23 -3.15 -38.29
C PRO D 578 4.79 -4.36 -39.11
N LYS D 579 4.30 -4.10 -40.31
CA LYS D 579 3.69 -5.10 -41.16
C LYS D 579 4.53 -5.28 -42.41
N ALA D 580 4.79 -6.54 -42.75
CA ALA D 580 5.54 -6.86 -43.95
C ALA D 580 4.76 -6.47 -45.21
N ALA D 581 5.42 -6.59 -46.35
CA ALA D 581 4.86 -6.23 -47.65
C ALA D 581 4.96 -7.34 -48.69
N GLY D 582 5.79 -8.35 -48.48
CA GLY D 582 5.90 -9.44 -49.42
C GLY D 582 4.63 -10.26 -49.52
N ALA D 583 4.20 -10.83 -48.39
CA ALA D 583 2.98 -11.62 -48.35
C ALA D 583 2.46 -11.67 -46.93
N THR D 584 1.18 -11.33 -46.76
CA THR D 584 0.53 -11.40 -45.45
C THR D 584 0.06 -12.84 -45.19
N LEU D 585 1.04 -13.73 -45.09
CA LEU D 585 0.78 -15.14 -44.83
C LEU D 585 0.46 -15.28 -43.36
N LYS D 586 -0.83 -15.23 -43.05
CA LYS D 586 -1.30 -15.11 -41.68
C LYS D 586 -1.85 -16.43 -41.16
N GLY D 587 -1.95 -16.51 -39.84
CA GLY D 587 -2.44 -17.70 -39.18
C GLY D 587 -2.86 -17.34 -37.76
N LYS D 588 -3.39 -18.33 -37.05
CA LYS D 588 -3.90 -18.12 -35.71
C LYS D 588 -3.38 -19.21 -34.78
N LEU D 589 -3.19 -18.81 -33.52
CA LEU D 589 -2.71 -19.69 -32.47
C LEU D 589 -3.52 -19.44 -31.21
N HIS D 590 -3.63 -20.48 -30.40
CA HIS D 590 -4.60 -20.50 -29.33
C HIS D 590 -4.08 -19.80 -28.09
N VAL D 591 -4.97 -19.07 -27.42
CA VAL D 591 -4.71 -18.51 -26.12
C VAL D 591 -5.01 -19.58 -25.08
N PRO D 592 -4.05 -20.03 -24.30
CA PRO D 592 -4.35 -20.89 -23.17
C PRO D 592 -4.73 -20.03 -21.97
N PHE D 593 -4.87 -20.68 -20.84
CA PHE D 593 -5.13 -20.00 -19.58
C PHE D 593 -6.43 -19.22 -19.67
N LEU D 594 -7.43 -19.86 -20.29
CA LEU D 594 -8.77 -19.31 -20.35
C LEU D 594 -9.38 -19.26 -18.95
N LEU D 595 -10.55 -18.66 -18.88
CA LEU D 595 -11.23 -18.37 -17.61
C LEU D 595 -12.36 -19.36 -17.44
N ALA D 596 -12.14 -20.39 -16.64
CA ALA D 596 -13.08 -21.47 -16.44
C ALA D 596 -13.67 -21.42 -15.04
N ASP D 597 -14.74 -22.18 -14.89
CA ASP D 597 -15.47 -22.24 -13.64
C ASP D 597 -14.67 -23.04 -12.61
N GLY D 598 -15.24 -23.23 -11.45
CA GLY D 598 -14.58 -23.96 -10.39
C GLY D 598 -15.13 -23.55 -9.04
N LYS D 599 -14.72 -24.30 -8.03
CA LYS D 599 -15.11 -24.06 -6.66
C LYS D 599 -13.96 -23.38 -5.93
N CYS D 600 -14.28 -22.35 -5.17
CA CYS D 600 -13.30 -21.61 -4.38
C CYS D 600 -13.81 -21.40 -2.96
N THR D 601 -12.86 -21.25 -2.04
CA THR D 601 -13.14 -21.24 -0.63
C THR D 601 -13.22 -19.80 -0.12
N VAL D 602 -14.35 -19.46 0.47
CA VAL D 602 -14.65 -18.10 0.94
C VAL D 602 -14.75 -18.11 2.45
N PRO D 603 -14.37 -17.04 3.13
CA PRO D 603 -14.47 -17.02 4.59
C PRO D 603 -15.92 -17.09 5.02
N LEU D 604 -16.11 -17.56 6.24
CA LEU D 604 -17.40 -17.59 6.89
C LEU D 604 -17.36 -16.63 8.06
N ALA D 605 -18.24 -15.64 8.04
CA ALA D 605 -18.13 -14.53 8.94
C ALA D 605 -18.30 -14.98 10.39
N PRO D 606 -17.85 -14.16 11.34
CA PRO D 606 -18.10 -14.52 12.73
C PRO D 606 -19.57 -14.49 13.04
N GLU D 607 -19.98 -15.40 13.90
CA GLU D 607 -21.39 -15.66 14.11
C GLU D 607 -22.04 -14.45 14.76
N PRO D 608 -23.24 -14.06 14.34
CA PRO D 608 -23.90 -12.92 14.97
C PRO D 608 -24.69 -13.31 16.19
N MET D 609 -24.88 -12.34 17.07
CA MET D 609 -25.65 -12.53 18.29
C MET D 609 -27.01 -11.86 18.11
N ILE D 610 -28.05 -12.66 18.08
CA ILE D 610 -29.39 -12.24 17.71
C ILE D 610 -30.20 -12.15 19.01
N THR D 611 -30.28 -10.96 19.58
CA THR D 611 -31.12 -10.71 20.74
C THR D 611 -32.52 -10.34 20.28
N PHE D 612 -33.48 -11.20 20.57
CA PHE D 612 -34.86 -10.96 20.20
C PHE D 612 -35.43 -9.77 20.96
N GLY D 613 -36.64 -9.40 20.57
CA GLY D 613 -37.40 -8.36 21.25
C GLY D 613 -38.72 -8.24 20.55
N PHE D 614 -39.67 -7.62 21.25
CA PHE D 614 -41.06 -7.68 20.79
C PHE D 614 -41.19 -6.99 19.45
N ARG D 615 -41.41 -7.80 18.42
CA ARG D 615 -41.49 -7.33 17.04
C ARG D 615 -40.24 -6.55 16.67
N SER D 616 -39.09 -7.14 16.99
CA SER D 616 -37.81 -6.53 16.67
C SER D 616 -36.72 -7.54 16.90
N VAL D 617 -35.79 -7.59 15.97
CA VAL D 617 -34.55 -8.34 16.11
C VAL D 617 -33.45 -7.34 16.38
N SER D 618 -32.49 -7.73 17.20
CA SER D 618 -31.31 -6.93 17.49
C SER D 618 -30.11 -7.80 17.15
N LEU D 619 -29.15 -7.21 16.45
CA LEU D 619 -28.02 -7.94 15.89
C LEU D 619 -26.74 -7.30 16.39
N LYS D 620 -25.93 -8.07 17.10
CA LYS D 620 -24.58 -7.68 17.44
C LYS D 620 -23.65 -8.41 16.50
N LEU D 621 -22.84 -7.63 15.78
CA LEU D 621 -22.03 -8.08 14.67
C LEU D 621 -20.58 -7.71 14.94
N HIS D 622 -19.67 -8.62 14.58
CA HIS D 622 -18.25 -8.46 14.90
C HIS D 622 -17.42 -8.97 13.73
N PRO D 623 -17.33 -8.22 12.63
CA PRO D 623 -16.72 -8.74 11.41
C PRO D 623 -15.21 -8.91 11.51
N LYS D 624 -14.73 -10.05 11.01
CA LYS D 624 -13.31 -10.24 10.79
C LYS D 624 -12.81 -9.41 9.62
N ASN D 625 -13.71 -9.09 8.68
CA ASN D 625 -13.35 -8.40 7.46
C ASN D 625 -14.60 -7.74 6.90
N PRO D 626 -14.45 -6.80 5.95
CA PRO D 626 -15.62 -6.10 5.44
C PRO D 626 -16.66 -7.01 4.84
N THR D 627 -17.80 -7.09 5.53
CA THR D 627 -18.83 -8.07 5.24
C THR D 627 -20.13 -7.34 4.96
N TYR D 628 -20.91 -7.88 4.03
CA TYR D 628 -22.18 -7.29 3.64
C TYR D 628 -23.32 -7.80 4.53
N LEU D 629 -24.17 -6.88 4.96
CA LEU D 629 -25.40 -7.16 5.68
C LEU D 629 -26.57 -6.87 4.75
N ILE D 630 -27.37 -7.89 4.47
CA ILE D 630 -28.46 -7.79 3.52
C ILE D 630 -29.73 -8.21 4.24
N THR D 631 -30.64 -7.26 4.44
CA THR D 631 -31.93 -7.52 5.04
C THR D 631 -33.04 -7.17 4.07
N ARG D 632 -34.16 -7.88 4.21
CA ARG D 632 -35.39 -7.44 3.57
C ARG D 632 -36.57 -7.95 4.37
N GLN D 633 -37.59 -7.11 4.49
CA GLN D 633 -38.90 -7.60 4.90
C GLN D 633 -39.51 -8.33 3.71
N LEU D 634 -40.58 -9.06 3.99
CA LEU D 634 -41.16 -9.97 3.01
C LEU D 634 -42.62 -9.65 2.71
N ALA D 635 -42.98 -8.38 2.71
CA ALA D 635 -44.30 -7.93 2.30
C ALA D 635 -44.19 -7.36 0.90
N ASP D 636 -45.24 -6.69 0.45
CA ASP D 636 -45.19 -5.99 -0.83
C ASP D 636 -44.19 -4.85 -0.85
N GLU D 637 -43.68 -4.45 0.31
CA GLU D 637 -42.74 -3.33 0.44
C GLU D 637 -41.58 -3.86 1.27
N PRO D 638 -40.57 -4.47 0.64
CA PRO D 638 -39.64 -5.30 1.41
C PRO D 638 -38.57 -4.51 2.14
N HIS D 639 -38.23 -3.32 1.65
CA HIS D 639 -37.24 -2.46 2.28
C HIS D 639 -35.87 -3.13 2.31
N TYR D 640 -35.36 -3.40 1.13
CA TYR D 640 -34.07 -4.07 1.03
C TYR D 640 -32.98 -3.14 1.51
N THR D 641 -32.28 -3.54 2.56
CA THR D 641 -31.12 -2.84 3.06
C THR D 641 -29.88 -3.65 2.76
N HIS D 642 -28.80 -2.95 2.46
CA HIS D 642 -27.56 -3.54 1.97
C HIS D 642 -26.44 -2.64 2.43
N GLU D 643 -25.83 -2.95 3.56
CA GLU D 643 -24.78 -2.11 4.11
C GLU D 643 -23.54 -2.93 4.40
N LEU D 644 -22.39 -2.35 4.12
CA LEU D 644 -21.12 -2.97 4.40
C LEU D 644 -20.69 -2.63 5.82
N ILE D 645 -20.03 -3.57 6.48
CA ILE D 645 -19.64 -3.41 7.86
C ILE D 645 -18.21 -3.89 8.02
N SER D 646 -17.38 -3.06 8.66
CA SER D 646 -16.03 -3.38 9.06
C SER D 646 -15.82 -3.27 10.55
N GLU D 647 -16.53 -2.37 11.21
CA GLU D 647 -16.47 -2.18 12.65
C GLU D 647 -17.50 -3.06 13.34
N PRO D 648 -17.34 -3.32 14.64
CA PRO D 648 -18.41 -4.00 15.37
C PRO D 648 -19.64 -3.12 15.47
N ALA D 649 -20.81 -3.73 15.33
CA ALA D 649 -22.04 -2.98 15.15
C ALA D 649 -23.17 -3.59 15.96
N VAL D 650 -24.15 -2.75 16.22
CA VAL D 650 -25.37 -3.13 16.93
C VAL D 650 -26.53 -2.58 16.12
N ARG D 651 -27.07 -3.41 15.24
CA ARG D 651 -28.12 -2.99 14.31
C ARG D 651 -29.44 -3.67 14.66
N ASN D 652 -30.48 -2.86 14.79
CA ASN D 652 -31.79 -3.29 15.22
C ASN D 652 -32.77 -3.10 14.09
N PHE D 653 -33.59 -4.12 13.85
CA PHE D 653 -34.52 -4.16 12.73
C PHE D 653 -35.90 -4.56 13.22
N THR D 654 -36.93 -3.87 12.74
CA THR D 654 -38.30 -4.19 13.09
C THR D 654 -38.76 -5.38 12.26
N VAL D 655 -39.54 -6.24 12.87
CA VAL D 655 -39.80 -7.58 12.35
C VAL D 655 -41.25 -7.92 12.65
N THR D 656 -42.01 -8.20 11.59
CA THR D 656 -43.45 -8.35 11.68
C THR D 656 -43.81 -9.81 11.75
N GLU D 657 -45.11 -10.10 11.63
CA GLU D 657 -45.58 -11.45 11.38
C GLU D 657 -45.29 -11.91 9.96
N LYS D 658 -45.00 -10.98 9.05
CA LYS D 658 -44.81 -11.33 7.66
C LYS D 658 -43.44 -11.95 7.41
N GLY D 659 -42.37 -11.23 7.73
CA GLY D 659 -41.06 -11.72 7.35
C GLY D 659 -39.95 -10.75 7.68
N TRP D 660 -38.77 -11.33 7.85
CA TRP D 660 -37.51 -10.58 7.84
C TRP D 660 -36.41 -11.56 7.46
N GLU D 661 -35.96 -11.48 6.22
CA GLU D 661 -34.86 -12.29 5.71
C GLU D 661 -33.56 -11.58 5.99
N PHE D 662 -32.63 -12.31 6.62
CA PHE D 662 -31.38 -11.80 7.14
C PHE D 662 -30.25 -12.62 6.53
N VAL D 663 -29.29 -11.93 5.92
CA VAL D 663 -28.19 -12.57 5.23
C VAL D 663 -26.91 -11.84 5.64
N TRP D 664 -25.99 -12.58 6.24
CA TRP D 664 -24.75 -12.05 6.80
C TRP D 664 -23.58 -12.67 6.06
N GLY D 665 -23.13 -11.98 5.02
CA GLY D 665 -22.02 -12.47 4.24
C GLY D 665 -22.33 -13.74 3.50
N ASN D 666 -21.54 -14.76 3.76
CA ASN D 666 -21.61 -16.03 3.06
C ASN D 666 -22.39 -17.07 3.84
N HIS D 667 -23.23 -16.65 4.77
CA HIS D 667 -24.07 -17.57 5.50
C HIS D 667 -25.34 -17.88 4.70
N PRO D 668 -26.04 -18.95 5.06
CA PRO D 668 -27.30 -19.23 4.38
C PRO D 668 -28.32 -18.15 4.69
N PRO D 669 -29.26 -17.91 3.79
CA PRO D 669 -30.27 -16.88 4.08
C PRO D 669 -31.24 -17.35 5.14
N LYS D 670 -31.25 -16.66 6.28
CA LYS D 670 -32.12 -16.98 7.39
C LYS D 670 -33.35 -16.08 7.36
N ARG D 671 -34.31 -16.44 8.19
CA ARG D 671 -35.62 -15.83 8.20
C ARG D 671 -36.17 -15.79 9.62
N PHE D 672 -36.71 -14.64 10.01
CA PHE D 672 -37.33 -14.46 11.30
C PHE D 672 -38.61 -13.65 11.11
N TRP D 673 -39.70 -14.11 11.72
CA TRP D 673 -40.89 -13.29 11.84
C TRP D 673 -41.63 -13.65 13.11
N ALA D 674 -42.40 -12.69 13.62
CA ALA D 674 -42.79 -12.64 15.01
C ALA D 674 -44.15 -13.27 15.24
N GLN D 675 -44.58 -13.21 16.50
CA GLN D 675 -45.87 -13.76 16.91
C GLN D 675 -46.35 -13.00 18.14
N GLU D 676 -47.67 -12.84 18.21
CA GLU D 676 -48.29 -11.85 19.07
C GLU D 676 -47.99 -12.11 20.54
N THR D 677 -47.42 -11.13 21.20
CA THR D 677 -47.11 -11.19 22.61
C THR D 677 -47.64 -9.95 23.33
N GLN E 1 -14.51 -42.07 -25.33
CA GLN E 1 -14.75 -40.71 -24.85
C GLN E 1 -13.45 -40.00 -24.56
N VAL E 2 -12.68 -40.57 -23.64
CA VAL E 2 -11.42 -40.00 -23.18
C VAL E 2 -10.32 -40.93 -23.64
N GLN E 3 -9.78 -40.66 -24.82
CA GLN E 3 -8.77 -41.51 -25.42
C GLN E 3 -7.42 -41.27 -24.77
N VAL E 4 -6.57 -42.29 -24.81
CA VAL E 4 -5.31 -42.30 -24.10
C VAL E 4 -4.22 -42.83 -25.03
N GLN E 5 -3.03 -42.23 -24.94
CA GLN E 5 -1.86 -42.65 -25.69
C GLN E 5 -0.71 -42.85 -24.73
N GLU E 6 0.24 -43.69 -25.13
CA GLU E 6 1.42 -43.99 -24.34
C GLU E 6 2.63 -43.91 -25.25
N SER E 7 3.76 -43.49 -24.68
CA SER E 7 4.97 -43.23 -25.45
C SER E 7 6.18 -43.59 -24.60
N GLY E 8 7.36 -43.33 -25.15
CA GLY E 8 8.61 -43.57 -24.47
C GLY E 8 9.53 -44.48 -25.25
N PRO E 9 10.76 -44.66 -24.76
CA PRO E 9 11.74 -45.46 -25.48
C PRO E 9 11.51 -46.95 -25.39
N GLY E 10 12.36 -47.71 -26.06
CA GLY E 10 12.26 -49.15 -26.16
C GLY E 10 13.38 -49.86 -25.44
N LEU E 11 14.42 -50.22 -26.18
CA LEU E 11 15.51 -50.98 -25.60
C LEU E 11 16.33 -50.11 -24.64
N VAL E 12 15.78 -49.88 -23.45
CA VAL E 12 16.47 -49.08 -22.46
C VAL E 12 17.69 -49.85 -21.96
N LYS E 13 18.81 -49.16 -21.83
CA LYS E 13 20.06 -49.83 -21.51
C LYS E 13 20.02 -50.25 -20.04
N PRO E 14 20.37 -51.50 -19.69
CA PRO E 14 20.08 -51.98 -18.34
C PRO E 14 20.88 -51.25 -17.27
N SER E 15 20.46 -51.46 -16.02
CA SER E 15 21.03 -50.84 -14.84
C SER E 15 21.09 -49.32 -15.01
N GLU E 16 19.91 -48.71 -15.11
CA GLU E 16 19.80 -47.31 -15.48
C GLU E 16 18.41 -46.82 -15.10
N THR E 17 18.20 -45.50 -15.21
CA THR E 17 16.92 -44.86 -14.93
C THR E 17 16.05 -44.90 -16.18
N LEU E 18 15.15 -45.87 -16.25
CA LEU E 18 14.16 -45.98 -17.29
C LEU E 18 13.03 -44.97 -17.09
N SER E 19 12.34 -44.64 -18.17
CA SER E 19 11.28 -43.65 -18.10
C SER E 19 10.34 -43.82 -19.28
N LEU E 20 9.04 -43.62 -19.03
CA LEU E 20 8.04 -43.57 -20.09
C LEU E 20 7.01 -42.49 -19.73
N THR E 21 6.13 -42.19 -20.70
CA THR E 21 5.08 -41.19 -20.52
C THR E 21 3.76 -41.71 -21.06
N CYS E 22 2.72 -40.90 -20.85
CA CYS E 22 1.35 -41.27 -21.21
C CYS E 22 0.53 -39.98 -21.16
N ALA E 23 -0.03 -39.60 -22.31
CA ALA E 23 -0.86 -38.41 -22.40
C ALA E 23 -2.33 -38.79 -22.32
N VAL E 24 -3.16 -37.75 -22.33
CA VAL E 24 -4.61 -37.89 -22.33
C VAL E 24 -5.15 -37.10 -23.50
N SER E 25 -5.95 -37.76 -24.32
CA SER E 25 -6.51 -37.15 -25.51
C SER E 25 -7.99 -36.84 -25.28
N SER E 26 -8.34 -35.57 -25.32
CA SER E 26 -9.72 -35.12 -25.14
C SER E 26 -10.24 -35.51 -23.76
N GLY E 27 -9.60 -34.99 -22.73
CA GLY E 27 -10.00 -35.30 -21.37
C GLY E 27 -9.23 -34.48 -20.36
N SER E 28 -9.68 -34.57 -19.12
CA SER E 28 -9.14 -33.78 -18.02
C SER E 28 -8.26 -34.64 -17.13
N ILE E 29 -7.06 -34.13 -16.83
CA ILE E 29 -6.19 -34.78 -15.86
C ILE E 29 -6.48 -34.31 -14.45
N ASN E 30 -6.75 -33.03 -14.26
CA ASN E 30 -6.89 -32.44 -12.95
C ASN E 30 -8.29 -32.56 -12.39
N ASP E 31 -9.08 -33.49 -12.90
CA ASP E 31 -10.40 -33.66 -12.37
C ASP E 31 -10.33 -34.51 -11.11
N ASP E 32 -11.20 -34.19 -10.18
CA ASP E 32 -11.31 -35.04 -9.01
C ASP E 32 -11.98 -36.34 -9.41
N SER E 33 -11.93 -37.32 -8.52
CA SER E 33 -12.61 -38.59 -8.67
C SER E 33 -12.07 -39.44 -9.83
N TYR E 34 -10.94 -39.06 -10.43
CA TYR E 34 -10.20 -39.90 -11.38
C TYR E 34 -8.76 -39.98 -10.91
N TYR E 35 -8.30 -41.18 -10.59
CA TYR E 35 -6.88 -41.43 -10.38
C TYR E 35 -6.32 -42.23 -11.54
N TRP E 36 -5.08 -41.92 -11.88
CA TRP E 36 -4.42 -42.44 -13.07
C TRP E 36 -3.33 -43.40 -12.63
N THR E 37 -3.35 -44.61 -13.17
CA THR E 37 -2.51 -45.71 -12.71
C THR E 37 -1.55 -46.16 -13.81
N TRP E 38 -0.49 -46.84 -13.39
CA TRP E 38 0.47 -47.48 -14.27
C TRP E 38 0.48 -48.97 -13.98
N ILE E 39 0.39 -49.79 -15.03
CA ILE E 39 0.32 -51.25 -14.91
C ILE E 39 1.32 -51.82 -15.90
N ARG E 40 1.79 -53.05 -15.65
CA ARG E 40 2.66 -53.73 -16.59
C ARG E 40 2.36 -55.23 -16.64
N GLN E 41 2.56 -55.81 -17.81
CA GLN E 41 2.45 -57.25 -18.03
C GLN E 41 3.83 -57.80 -18.34
N SER E 42 4.30 -58.67 -17.48
CA SER E 42 5.56 -59.36 -17.66
C SER E 42 5.33 -60.67 -18.40
N PRO E 43 6.37 -61.27 -18.98
CA PRO E 43 6.17 -62.59 -19.59
C PRO E 43 5.97 -63.66 -18.53
N GLY E 44 4.71 -64.08 -18.36
CA GLY E 44 4.39 -65.17 -17.48
C GLY E 44 3.93 -64.75 -16.10
N LYS E 45 4.54 -63.74 -15.50
CA LYS E 45 4.18 -63.34 -14.14
C LYS E 45 2.79 -62.76 -14.07
N GLY E 46 2.28 -62.23 -15.18
CA GLY E 46 0.95 -61.64 -15.21
C GLY E 46 1.01 -60.14 -15.01
N LEU E 47 -0.16 -59.53 -15.08
CA LEU E 47 -0.27 -58.09 -14.92
C LEU E 47 0.11 -57.71 -13.49
N GLU E 48 0.36 -56.41 -13.28
CA GLU E 48 0.89 -55.96 -12.01
C GLU E 48 0.64 -54.47 -11.85
N TRP E 49 0.09 -54.10 -10.69
CA TRP E 49 -0.02 -52.70 -10.31
C TRP E 49 1.34 -52.16 -9.89
N LEU E 50 1.72 -51.04 -10.49
CA LEU E 50 2.89 -50.28 -10.08
C LEU E 50 2.50 -49.20 -9.08
N GLY E 51 1.59 -48.32 -9.47
CA GLY E 51 1.26 -47.17 -8.69
C GLY E 51 0.23 -46.33 -9.40
N PHE E 52 -0.14 -45.23 -8.77
CA PHE E 52 -1.04 -44.28 -9.41
C PHE E 52 -0.80 -42.90 -8.82
N ILE E 53 -1.68 -41.98 -9.19
CA ILE E 53 -1.76 -40.68 -8.54
C ILE E 53 -3.09 -40.03 -8.90
N HIS E 54 -3.61 -39.24 -7.97
CA HIS E 54 -4.84 -38.52 -8.20
C HIS E 54 -4.57 -37.26 -9.04
N GLY E 55 -5.60 -36.82 -9.73
CA GLY E 55 -5.48 -35.58 -10.49
C GLY E 55 -5.41 -34.36 -9.61
N GLY E 56 -6.52 -34.03 -8.97
CA GLY E 56 -6.52 -32.99 -7.97
C GLY E 56 -6.07 -33.57 -6.64
N THR E 57 -5.27 -32.80 -5.92
CA THR E 57 -4.57 -33.29 -4.74
C THR E 57 -3.74 -34.50 -5.13
N GLY E 58 -2.76 -34.25 -5.99
CA GLY E 58 -1.94 -35.27 -6.58
C GLY E 58 -0.80 -35.77 -5.73
N LYS E 59 -1.09 -36.66 -4.78
CA LYS E 59 -0.07 -37.38 -4.03
C LYS E 59 -0.18 -38.86 -4.32
N SER E 60 0.96 -39.49 -4.59
CA SER E 60 1.01 -40.80 -5.21
C SER E 60 0.98 -41.92 -4.18
N PHE E 61 0.87 -43.13 -4.69
CA PHE E 61 0.73 -44.34 -3.88
C PHE E 61 1.39 -45.49 -4.61
N TYR E 62 2.61 -45.82 -4.22
CA TYR E 62 3.44 -46.78 -4.92
C TYR E 62 3.28 -48.17 -4.31
N ASN E 63 4.09 -49.12 -4.79
CA ASN E 63 4.19 -50.45 -4.22
C ASN E 63 5.45 -50.51 -3.35
N PRO E 64 5.38 -50.89 -2.07
CA PRO E 64 6.59 -50.86 -1.22
C PRO E 64 7.74 -51.74 -1.69
N SER E 65 7.56 -52.60 -2.68
CA SER E 65 8.67 -53.39 -3.19
C SER E 65 9.65 -52.51 -3.94
N LEU E 66 9.19 -51.89 -5.03
CA LEU E 66 9.99 -50.99 -5.85
C LEU E 66 9.71 -49.53 -5.54
N GLU E 67 9.18 -49.24 -4.35
CA GLU E 67 9.01 -47.85 -3.93
C GLU E 67 10.35 -47.13 -3.85
N SER E 68 11.44 -47.87 -3.62
CA SER E 68 12.76 -47.27 -3.57
C SER E 68 13.24 -46.86 -4.96
N ARG E 69 12.58 -47.32 -6.02
CA ARG E 69 13.08 -47.14 -7.38
C ARG E 69 11.99 -46.80 -8.38
N VAL E 70 10.91 -46.16 -7.93
CA VAL E 70 9.83 -45.74 -8.80
C VAL E 70 9.43 -44.31 -8.48
N THR E 71 8.92 -43.61 -9.49
CA THR E 71 8.53 -42.21 -9.34
C THR E 71 7.53 -41.85 -10.42
N ILE E 72 6.26 -41.72 -10.04
CA ILE E 72 5.21 -41.23 -10.92
C ILE E 72 5.08 -39.73 -10.73
N SER E 73 4.68 -39.04 -11.80
CA SER E 73 4.65 -37.58 -11.82
C SER E 73 3.43 -37.10 -12.61
N LYS E 74 3.42 -35.83 -13.01
CA LYS E 74 2.24 -35.25 -13.63
C LYS E 74 2.61 -33.90 -14.22
N ASP E 75 1.86 -33.48 -15.26
CA ASP E 75 2.04 -32.18 -15.88
C ASP E 75 0.72 -31.74 -16.48
N THR E 76 0.12 -30.69 -15.89
CA THR E 76 -1.14 -30.17 -16.39
C THR E 76 -0.96 -29.37 -17.66
N SER E 77 0.16 -28.64 -17.77
CA SER E 77 0.37 -27.74 -18.89
C SER E 77 0.36 -28.45 -20.24
N ARG E 78 0.70 -29.74 -20.26
CA ARG E 78 0.61 -30.57 -21.44
C ARG E 78 -0.41 -31.70 -21.31
N ASN E 79 -1.11 -31.77 -20.17
CA ASN E 79 -2.08 -32.85 -19.92
C ASN E 79 -1.39 -34.21 -19.89
N GLN E 80 -0.11 -34.22 -19.52
CA GLN E 80 0.72 -35.42 -19.59
C GLN E 80 0.88 -36.04 -18.21
N PHE E 81 1.52 -37.21 -18.21
CA PHE E 81 1.51 -38.12 -17.07
C PHE E 81 2.53 -39.21 -17.33
N SER E 82 3.40 -39.48 -16.36
CA SER E 82 4.70 -40.07 -16.65
C SER E 82 5.16 -41.00 -15.54
N LEU E 83 6.28 -41.67 -15.78
CA LEU E 83 6.78 -42.73 -14.92
C LEU E 83 8.29 -42.83 -15.08
N THR E 84 8.98 -42.98 -13.95
CA THR E 84 10.42 -43.17 -13.92
C THR E 84 10.72 -44.35 -13.01
N LEU E 85 11.77 -45.10 -13.35
CA LEU E 85 12.01 -46.42 -12.78
C LEU E 85 13.52 -46.62 -12.74
N SER E 86 14.11 -46.47 -11.57
CA SER E 86 15.55 -46.62 -11.44
C SER E 86 15.95 -48.08 -11.26
N SER E 87 17.18 -48.40 -11.65
CA SER E 87 17.82 -49.68 -11.38
C SER E 87 16.99 -50.83 -11.98
N VAL E 88 16.91 -50.82 -13.30
CA VAL E 88 16.14 -51.82 -14.01
C VAL E 88 16.81 -53.18 -13.90
N SER E 89 16.00 -54.22 -13.69
CA SER E 89 16.48 -55.60 -13.64
C SER E 89 16.38 -56.21 -15.03
N ALA E 90 16.49 -57.53 -15.12
CA ALA E 90 16.46 -58.25 -16.39
C ALA E 90 15.14 -58.94 -16.68
N ALA E 91 14.41 -59.35 -15.66
CA ALA E 91 13.14 -60.07 -15.85
C ALA E 91 11.96 -59.11 -15.94
N ASP E 92 12.09 -58.11 -16.82
CA ASP E 92 11.14 -57.02 -16.91
C ASP E 92 10.83 -56.64 -18.35
N THR E 93 11.01 -57.57 -19.28
CA THR E 93 10.73 -57.30 -20.69
C THR E 93 9.21 -57.20 -20.83
N ALA E 94 8.68 -56.05 -20.43
CA ALA E 94 7.29 -55.93 -20.04
C ALA E 94 6.53 -55.02 -20.99
N VAL E 95 5.22 -55.26 -21.06
CA VAL E 95 4.32 -54.38 -21.80
C VAL E 95 3.68 -53.45 -20.80
N TYR E 96 4.05 -52.17 -20.86
CA TYR E 96 3.50 -51.17 -19.96
C TYR E 96 2.17 -50.63 -20.47
N TYR E 97 1.35 -50.20 -19.52
CA TYR E 97 -0.02 -49.77 -19.71
C TYR E 97 -0.27 -48.60 -18.76
N CYS E 98 -1.10 -47.66 -19.18
CA CYS E 98 -1.51 -46.54 -18.34
C CYS E 98 -3.02 -46.43 -18.39
N ALA E 99 -3.65 -46.33 -17.22
CA ALA E 99 -5.09 -46.51 -17.09
C ALA E 99 -5.73 -45.39 -16.31
N ARG E 100 -7.01 -45.17 -16.59
CA ARG E 100 -7.85 -44.24 -15.84
C ARG E 100 -8.82 -45.02 -14.98
N SER E 101 -9.28 -44.40 -13.89
CA SER E 101 -10.29 -44.98 -13.03
C SER E 101 -11.63 -44.30 -13.23
N HIS E 102 -12.67 -45.01 -12.83
CA HIS E 102 -14.02 -44.50 -12.89
C HIS E 102 -14.15 -43.29 -11.95
N PHE E 103 -15.28 -42.60 -12.08
CA PHE E 103 -15.59 -41.43 -11.29
C PHE E 103 -15.73 -41.86 -9.84
N CYS E 104 -14.63 -41.76 -9.10
CA CYS E 104 -14.55 -42.34 -7.76
C CYS E 104 -15.42 -41.53 -6.82
N SER E 105 -16.71 -41.82 -6.89
CA SER E 105 -17.69 -41.37 -5.92
C SER E 105 -17.89 -42.39 -4.83
N ASN E 106 -17.66 -43.66 -5.13
CA ASN E 106 -17.76 -44.76 -4.19
C ASN E 106 -16.38 -45.35 -3.94
N THR E 107 -16.34 -46.30 -3.02
CA THR E 107 -15.12 -47.02 -2.69
C THR E 107 -14.84 -48.19 -3.64
N PHE E 108 -15.57 -48.29 -4.74
CA PHE E 108 -15.31 -49.30 -5.75
C PHE E 108 -14.36 -48.83 -6.83
N CYS E 109 -13.96 -47.56 -6.82
CA CYS E 109 -12.94 -47.09 -7.74
C CYS E 109 -11.59 -47.74 -7.46
N TYR E 110 -11.41 -48.32 -6.28
CA TYR E 110 -10.18 -48.99 -5.96
C TYR E 110 -10.07 -50.23 -6.82
N GLY E 111 -9.49 -50.08 -8.00
CA GLY E 111 -9.24 -51.17 -8.90
C GLY E 111 -9.98 -51.06 -10.23
N TRP E 112 -11.18 -50.49 -10.24
CA TRP E 112 -12.02 -50.53 -11.43
C TRP E 112 -11.53 -49.46 -12.40
N PHE E 113 -10.39 -49.77 -13.01
CA PHE E 113 -9.83 -49.00 -14.10
C PHE E 113 -10.78 -49.00 -15.30
N ASP E 114 -10.61 -48.00 -16.16
CA ASP E 114 -11.34 -47.89 -17.41
C ASP E 114 -10.37 -47.36 -18.45
N VAL E 115 -10.88 -46.82 -19.56
CA VAL E 115 -10.29 -46.86 -20.91
C VAL E 115 -8.77 -46.67 -20.93
N TRP E 116 -8.09 -47.52 -21.72
CA TRP E 116 -6.64 -47.61 -21.80
C TRP E 116 -6.11 -47.04 -23.11
N GLY E 117 -4.78 -47.02 -23.23
CA GLY E 117 -4.10 -46.88 -24.50
C GLY E 117 -3.60 -48.23 -24.98
N PRO E 118 -3.00 -48.28 -26.17
CA PRO E 118 -2.64 -49.59 -26.74
C PRO E 118 -1.63 -50.37 -25.92
N GLY E 119 -0.71 -49.68 -25.25
CA GLY E 119 0.37 -50.33 -24.54
C GLY E 119 1.68 -50.19 -25.26
N ILE E 120 2.79 -50.21 -24.51
CA ILE E 120 4.12 -50.01 -25.09
C ILE E 120 5.03 -51.12 -24.61
N ARG E 121 5.76 -51.73 -25.53
CA ARG E 121 6.68 -52.81 -25.20
C ARG E 121 7.97 -52.22 -24.66
N VAL E 122 8.61 -52.96 -23.77
CA VAL E 122 9.86 -52.55 -23.15
C VAL E 122 10.75 -53.78 -23.08
N THR E 123 11.97 -53.64 -23.62
CA THR E 123 13.00 -54.67 -23.57
C THR E 123 14.18 -54.11 -22.79
N VAL E 124 14.41 -54.69 -21.61
CA VAL E 124 15.50 -54.28 -20.73
C VAL E 124 16.85 -54.19 -21.40
N TYR F 813 -8.28 63.48 -43.28
CA TYR F 813 -9.60 63.49 -42.63
C TYR F 813 -9.51 62.73 -41.33
N GLU F 814 -10.28 63.19 -40.36
CA GLU F 814 -10.34 62.56 -39.05
C GLU F 814 -11.60 61.71 -38.96
N HIS F 815 -11.40 60.42 -38.67
CA HIS F 815 -12.49 59.51 -38.41
C HIS F 815 -12.24 58.91 -37.04
N ALA F 816 -13.27 58.89 -36.21
CA ALA F 816 -13.22 58.43 -34.85
C ALA F 816 -14.20 57.28 -34.71
N THR F 817 -13.67 56.07 -34.60
CA THR F 817 -14.48 54.86 -34.57
C THR F 817 -14.15 54.06 -33.30
N THR F 818 -14.88 52.96 -33.10
CA THR F 818 -14.73 52.13 -31.91
C THR F 818 -14.73 50.67 -32.30
N MET F 819 -13.69 49.95 -31.91
CA MET F 819 -13.51 48.53 -32.19
C MET F 819 -13.75 47.71 -30.94
N PRO F 820 -14.59 46.68 -30.96
CA PRO F 820 -14.64 45.78 -29.80
C PRO F 820 -13.33 45.03 -29.63
N SER F 821 -12.83 45.02 -28.41
CA SER F 821 -11.57 44.36 -28.10
C SER F 821 -11.81 42.85 -28.13
N GLN F 822 -11.65 42.27 -29.31
CA GLN F 822 -11.96 40.86 -29.53
C GLN F 822 -11.16 40.38 -30.73
N ALA F 823 -10.34 39.36 -30.52
CA ALA F 823 -9.42 38.89 -31.53
C ALA F 823 -10.11 38.08 -32.62
N GLY F 824 -9.53 38.13 -33.81
CA GLY F 824 -9.96 37.32 -34.93
C GLY F 824 -11.08 37.87 -35.76
N ILE F 825 -11.77 38.91 -35.29
CA ILE F 825 -12.93 39.46 -35.98
C ILE F 825 -12.47 40.68 -36.77
N SER F 826 -13.08 40.88 -37.95
CA SER F 826 -12.71 41.96 -38.83
C SER F 826 -13.73 43.09 -38.74
N TYR F 827 -13.29 44.22 -38.21
CA TYR F 827 -14.09 45.44 -38.19
C TYR F 827 -13.95 46.10 -39.55
N ASN F 828 -15.03 46.06 -40.32
CA ASN F 828 -15.07 46.63 -41.65
C ASN F 828 -15.96 47.86 -41.62
N THR F 829 -15.34 49.03 -41.77
CA THR F 829 -16.03 50.31 -41.75
C THR F 829 -15.63 51.08 -43.00
N ILE F 830 -16.15 52.29 -43.12
CA ILE F 830 -15.88 53.13 -44.28
C ILE F 830 -15.73 54.57 -43.86
N VAL F 831 -15.14 55.36 -44.74
CA VAL F 831 -15.04 56.80 -44.61
C VAL F 831 -15.49 57.40 -45.93
N ASN F 832 -16.56 58.20 -45.88
CA ASN F 832 -17.07 58.91 -47.05
C ASN F 832 -17.22 60.39 -46.74
N ARG F 833 -16.39 61.21 -47.37
CA ARG F 833 -16.54 62.65 -47.27
C ARG F 833 -17.58 63.13 -48.28
N ALA F 834 -17.91 64.42 -48.17
CA ALA F 834 -19.12 65.02 -48.71
C ALA F 834 -19.44 64.64 -50.16
N GLY F 835 -18.40 64.51 -50.99
CA GLY F 835 -18.61 64.23 -52.39
C GLY F 835 -17.58 63.34 -53.05
N TYR F 836 -16.57 62.91 -52.29
CA TYR F 836 -15.57 62.00 -52.81
C TYR F 836 -16.00 60.57 -52.52
N ALA F 837 -15.22 59.63 -53.03
CA ALA F 837 -15.67 58.26 -53.07
C ALA F 837 -15.43 57.59 -51.72
N PRO F 838 -16.13 56.48 -51.44
CA PRO F 838 -15.93 55.80 -50.16
C PRO F 838 -14.57 55.15 -50.08
N LEU F 839 -14.02 55.15 -48.88
CA LEU F 839 -12.76 54.49 -48.58
C LEU F 839 -13.05 53.35 -47.60
N PRO F 840 -12.77 52.10 -47.95
CA PRO F 840 -13.00 51.01 -46.99
C PRO F 840 -11.83 50.77 -46.06
N ILE F 841 -12.15 50.62 -44.78
CA ILE F 841 -11.20 50.26 -43.74
C ILE F 841 -11.61 48.88 -43.25
N SER F 842 -10.64 48.02 -43.03
CA SER F 842 -10.87 46.66 -42.56
C SER F 842 -9.72 46.33 -41.61
N ILE F 843 -9.98 46.39 -40.32
CA ILE F 843 -8.97 46.16 -39.30
C ILE F 843 -9.37 44.95 -38.47
N THR F 844 -8.45 44.00 -38.31
CA THR F 844 -8.71 42.73 -37.66
C THR F 844 -7.64 42.51 -36.59
N PRO F 845 -7.98 42.52 -35.30
CA PRO F 845 -6.96 42.21 -34.30
C PRO F 845 -6.70 40.72 -34.22
N THR F 846 -5.43 40.37 -34.19
CA THR F 846 -4.99 38.99 -34.02
C THR F 846 -4.79 38.68 -32.55
N LYS F 847 -4.16 39.60 -31.83
CA LYS F 847 -3.86 39.44 -30.42
C LYS F 847 -3.97 40.78 -29.72
N ILE F 848 -4.51 40.76 -28.52
CA ILE F 848 -4.77 41.95 -27.73
C ILE F 848 -4.28 41.65 -26.32
N LYS F 849 -3.11 42.17 -25.98
CA LYS F 849 -2.41 41.82 -24.77
C LYS F 849 -2.89 42.68 -23.60
N LEU F 850 -2.28 42.43 -22.45
CA LEU F 850 -2.52 43.23 -21.26
C LEU F 850 -1.33 42.99 -20.34
N ILE F 851 -0.40 43.94 -20.32
CA ILE F 851 0.96 43.71 -19.86
C ILE F 851 1.17 44.54 -18.59
N PRO F 852 1.20 43.92 -17.40
CA PRO F 852 1.36 44.69 -16.17
C PRO F 852 2.81 44.98 -15.83
N THR F 853 2.98 45.98 -14.96
CA THR F 853 4.30 46.40 -14.54
C THR F 853 4.67 45.67 -13.26
N VAL F 854 5.78 44.94 -13.31
CA VAL F 854 6.13 43.93 -12.33
C VAL F 854 7.38 44.38 -11.58
N ASN F 855 7.26 44.45 -10.26
CA ASN F 855 8.38 44.76 -9.39
C ASN F 855 8.58 43.60 -8.45
N LEU F 856 9.68 42.86 -8.65
CA LEU F 856 9.96 41.70 -7.82
C LEU F 856 10.15 42.10 -6.37
N GLU F 857 9.80 41.19 -5.47
CA GLU F 857 9.92 41.35 -4.03
C GLU F 857 10.81 40.27 -3.44
N TYR F 858 10.57 39.01 -3.82
CA TYR F 858 11.51 37.96 -3.53
C TYR F 858 11.25 36.75 -4.42
N VAL F 859 12.09 35.75 -4.23
CA VAL F 859 12.03 34.49 -4.94
C VAL F 859 12.32 33.40 -3.92
N THR F 860 11.32 32.55 -3.69
CA THR F 860 11.39 31.57 -2.64
C THR F 860 11.36 30.18 -3.24
N CYS F 861 11.81 29.22 -2.46
CA CYS F 861 11.95 27.85 -2.92
C CYS F 861 11.90 26.94 -1.70
N HIS F 862 12.26 25.68 -1.90
CA HIS F 862 12.44 24.80 -0.76
C HIS F 862 13.61 25.28 0.08
N TYR F 863 13.75 24.65 1.24
CA TYR F 863 14.89 24.87 2.10
C TYR F 863 15.62 23.56 2.33
N LYS F 864 16.80 23.70 2.92
CA LYS F 864 17.69 22.61 3.23
C LYS F 864 18.31 22.94 4.57
N THR F 865 18.08 22.07 5.54
CA THR F 865 18.50 22.34 6.90
C THR F 865 19.95 21.90 7.05
N GLY F 866 20.85 22.87 7.07
CA GLY F 866 22.25 22.58 7.28
C GLY F 866 22.51 22.28 8.74
N MET F 867 23.38 21.32 8.98
CA MET F 867 23.59 20.74 10.30
C MET F 867 25.09 20.70 10.52
N ASP F 868 25.63 21.74 11.16
CA ASP F 868 27.06 21.77 11.43
C ASP F 868 27.43 20.58 12.28
N SER F 869 28.67 20.13 12.12
CA SER F 869 29.12 18.97 12.85
C SER F 869 29.08 19.26 14.36
N PRO F 870 28.85 18.25 15.20
CA PRO F 870 28.97 18.47 16.63
C PRO F 870 30.37 18.87 17.04
N ALA F 871 30.44 19.69 18.08
CA ALA F 871 31.68 19.95 18.79
C ALA F 871 31.57 19.28 20.14
N ILE F 872 32.33 18.20 20.34
CA ILE F 872 32.28 17.40 21.54
C ILE F 872 33.57 17.59 22.32
N LYS F 873 33.44 17.65 23.64
CA LYS F 873 34.59 17.62 24.54
C LYS F 873 34.26 16.73 25.72
N CYS F 874 35.16 15.80 26.00
CA CYS F 874 34.98 14.81 27.05
C CYS F 874 35.51 15.38 28.36
N CYS F 875 34.69 15.32 29.40
CA CYS F 875 34.96 15.99 30.68
C CYS F 875 35.33 17.45 30.43
N GLY F 876 34.57 18.10 29.56
CA GLY F 876 34.79 19.48 29.19
C GLY F 876 33.59 20.37 29.32
N SER F 877 33.66 21.56 28.74
CA SER F 877 32.56 22.51 28.75
C SER F 877 32.81 23.53 27.66
N GLN F 878 31.98 23.49 26.62
CA GLN F 878 32.16 24.34 25.47
C GLN F 878 31.49 25.70 25.71
N GLU F 879 31.78 26.63 24.81
CA GLU F 879 31.08 27.90 24.72
C GLU F 879 30.63 28.09 23.28
N CYS F 880 29.36 28.44 23.09
CA CYS F 880 28.81 28.63 21.76
C CYS F 880 29.42 29.85 21.11
N THR F 881 30.06 29.65 19.96
CA THR F 881 30.59 30.77 19.19
C THR F 881 29.46 31.36 18.35
N PRO F 882 29.07 32.63 18.56
CA PRO F 882 27.97 33.18 17.76
C PRO F 882 28.29 33.26 16.28
N THR F 883 27.44 32.65 15.46
CA THR F 883 27.51 32.77 14.01
C THR F 883 26.19 33.32 13.52
N TYR F 884 26.20 33.83 12.29
CA TYR F 884 25.09 34.60 11.76
C TYR F 884 24.54 34.02 10.47
N ARG F 885 24.31 32.72 10.45
CA ARG F 885 23.66 32.06 9.34
C ARG F 885 22.17 32.37 9.38
N PRO F 886 21.42 31.98 8.35
CA PRO F 886 19.96 32.16 8.41
C PRO F 886 19.34 31.17 9.39
N ASP F 887 18.59 31.70 10.33
CA ASP F 887 17.92 30.91 11.36
C ASP F 887 18.94 30.09 12.15
N GLU F 888 20.08 30.70 12.40
CA GLU F 888 21.15 30.06 13.15
C GLU F 888 20.70 29.78 14.57
N GLN F 889 20.63 28.51 14.93
CA GLN F 889 20.49 28.06 16.29
C GLN F 889 21.83 27.55 16.80
N CYS F 890 21.94 27.52 18.12
CA CYS F 890 23.14 27.02 18.78
C CYS F 890 22.79 26.76 20.23
N LYS F 891 22.97 25.53 20.68
CA LYS F 891 22.78 25.15 22.07
C LYS F 891 24.00 24.35 22.51
N VAL F 892 24.00 23.98 23.78
CA VAL F 892 25.02 23.12 24.35
C VAL F 892 24.32 22.17 25.31
N PHE F 893 24.63 20.88 25.22
CA PHE F 893 24.06 19.87 26.08
C PHE F 893 25.15 19.20 26.91
N THR F 894 24.88 19.10 28.21
CA THR F 894 25.73 18.41 29.15
C THR F 894 25.09 17.07 29.51
N GLY F 895 25.91 16.12 29.92
CA GLY F 895 25.45 14.78 30.17
C GLY F 895 25.24 13.96 28.93
N VAL F 896 25.89 14.33 27.84
CA VAL F 896 25.63 13.76 26.53
C VAL F 896 26.83 12.96 26.09
N TYR F 897 26.56 11.81 25.50
CA TYR F 897 27.56 10.83 25.16
C TYR F 897 28.38 10.51 26.40
N PRO F 898 27.76 9.81 27.35
CA PRO F 898 28.48 9.30 28.52
C PRO F 898 29.39 8.15 28.12
N PHE F 899 29.71 7.27 29.07
CA PHE F 899 30.81 6.30 29.07
C PHE F 899 31.18 5.74 27.72
N MET F 900 32.47 5.42 27.57
CA MET F 900 33.13 5.07 26.30
C MET F 900 32.32 4.19 25.38
N TRP F 901 31.43 3.37 25.92
CA TRP F 901 30.39 2.72 25.14
C TRP F 901 29.19 3.65 24.91
N GLY F 902 29.48 4.89 24.52
CA GLY F 902 28.49 5.94 24.38
C GLY F 902 28.37 6.48 22.97
N GLY F 903 29.38 6.23 22.14
CA GLY F 903 29.42 6.66 20.77
C GLY F 903 30.46 7.73 20.50
N ALA F 904 30.82 8.49 21.52
CA ALA F 904 31.82 9.54 21.41
C ALA F 904 33.14 9.16 22.06
N TYR F 905 33.24 7.96 22.64
CA TYR F 905 34.47 7.45 23.22
C TYR F 905 34.95 8.34 24.36
N CYS F 906 34.04 9.03 25.02
CA CYS F 906 34.36 9.77 26.22
C CYS F 906 34.46 8.85 27.43
N PHE F 907 35.19 9.33 28.42
CA PHE F 907 35.48 8.61 29.64
C PHE F 907 34.49 8.91 30.75
N CYS F 908 33.71 9.97 30.63
CA CYS F 908 33.03 10.59 31.75
C CYS F 908 31.62 10.05 31.90
N ASP F 909 31.05 10.26 33.08
CA ASP F 909 29.67 9.84 33.35
C ASP F 909 28.70 10.95 32.98
N THR F 910 28.97 12.15 33.43
CA THR F 910 28.35 13.38 33.01
C THR F 910 29.48 14.31 32.61
N GLU F 911 29.15 15.59 32.45
CA GLU F 911 30.10 16.65 32.09
C GLU F 911 30.89 16.33 30.82
N ASN F 912 30.38 15.45 29.97
CA ASN F 912 30.69 15.51 28.56
C ASN F 912 29.81 16.57 27.93
N THR F 913 30.35 17.29 26.95
CA THR F 913 29.68 18.49 26.46
C THR F 913 29.67 18.53 24.95
N GLN F 914 28.47 18.74 24.40
CA GLN F 914 28.24 18.80 22.96
C GLN F 914 27.69 20.15 22.59
N VAL F 915 28.14 20.67 21.47
CA VAL F 915 27.56 21.85 20.83
C VAL F 915 27.02 21.42 19.48
N SER F 916 25.73 21.67 19.27
CA SER F 916 25.00 21.28 18.08
C SER F 916 24.49 22.53 17.39
N LYS F 917 25.14 22.91 16.29
CA LYS F 917 24.82 24.12 15.56
C LYS F 917 24.11 23.76 14.26
N ALA F 918 23.15 24.59 13.87
CA ALA F 918 22.34 24.35 12.70
C ALA F 918 21.96 25.66 12.04
N TYR F 919 21.56 25.58 10.78
CA TYR F 919 21.08 26.73 10.04
C TYR F 919 20.17 26.26 8.92
N VAL F 920 19.60 27.22 8.20
CA VAL F 920 18.79 26.95 7.03
C VAL F 920 19.46 27.61 5.84
N MET F 921 19.45 26.94 4.70
CA MET F 921 19.94 27.49 3.47
C MET F 921 19.02 27.03 2.35
N LYS F 922 19.19 27.63 1.17
CA LYS F 922 18.31 27.26 0.08
C LYS F 922 18.77 25.95 -0.54
N SER F 923 17.81 25.23 -1.09
CA SER F 923 18.07 23.97 -1.74
C SER F 923 19.09 24.11 -2.84
N ASP F 924 19.67 22.98 -3.21
CA ASP F 924 20.53 22.89 -4.38
C ASP F 924 19.74 22.88 -5.67
N ASP F 925 18.42 23.00 -5.62
CA ASP F 925 17.54 23.08 -6.78
C ASP F 925 16.90 24.46 -6.92
N CYS F 926 17.22 25.40 -6.04
CA CYS F 926 16.56 26.69 -6.04
C CYS F 926 16.94 27.54 -7.24
N LEU F 927 18.01 27.16 -7.95
CA LEU F 927 18.40 27.89 -9.15
C LEU F 927 17.42 27.67 -10.29
N ALA F 928 16.67 26.55 -10.28
CA ALA F 928 15.66 26.32 -11.30
C ALA F 928 14.41 25.60 -10.78
N ASP F 929 14.14 25.63 -9.49
CA ASP F 929 12.86 25.15 -8.94
C ASP F 929 12.46 26.15 -7.86
N HIS F 930 11.75 27.19 -8.27
CA HIS F 930 11.51 28.33 -7.40
C HIS F 930 10.29 29.07 -7.89
N ALA F 931 9.79 29.91 -7.01
CA ALA F 931 8.57 30.67 -7.21
C ALA F 931 8.89 32.13 -6.99
N GLU F 932 8.40 32.97 -7.89
CA GLU F 932 8.71 34.38 -7.90
C GLU F 932 7.52 35.16 -7.38
N ALA F 933 7.77 36.10 -6.49
CA ALA F 933 6.72 36.91 -5.88
C ALA F 933 6.76 38.31 -6.47
N TYR F 934 5.72 38.65 -7.22
CA TYR F 934 5.63 39.90 -7.95
C TYR F 934 4.58 40.79 -7.33
N LYS F 935 4.85 42.09 -7.36
CA LYS F 935 3.84 43.11 -7.15
C LYS F 935 3.55 43.77 -8.48
N ALA F 936 2.30 44.16 -8.71
CA ALA F 936 1.82 44.55 -10.01
C ALA F 936 1.13 45.90 -10.00
N HIS F 937 1.13 46.55 -11.16
CA HIS F 937 0.38 47.77 -11.40
C HIS F 937 0.54 48.15 -12.86
N THR F 938 -0.33 49.08 -13.30
CA THR F 938 -0.12 49.87 -14.51
C THR F 938 0.02 48.97 -15.75
N ALA F 939 -1.10 48.34 -16.09
CA ALA F 939 -1.19 47.59 -17.33
C ALA F 939 -0.90 48.48 -18.53
N SER F 940 -0.06 47.98 -19.44
CA SER F 940 0.28 48.65 -20.69
C SER F 940 -0.27 47.80 -21.82
N VAL F 941 -1.54 48.01 -22.14
CA VAL F 941 -2.23 47.22 -23.16
C VAL F 941 -1.58 47.44 -24.52
N GLN F 942 -1.67 46.42 -25.37
CA GLN F 942 -0.90 46.35 -26.61
C GLN F 942 -1.52 45.34 -27.55
N ALA F 943 -1.78 45.75 -28.79
CA ALA F 943 -2.50 44.94 -29.76
C ALA F 943 -1.65 44.67 -31.00
N PHE F 944 -2.04 43.62 -31.72
CA PHE F 944 -1.53 43.32 -33.05
C PHE F 944 -2.69 43.39 -34.02
N LEU F 945 -2.54 44.21 -35.06
CA LEU F 945 -3.61 44.48 -36.01
C LEU F 945 -3.18 44.12 -37.41
N ASN F 946 -4.11 43.51 -38.15
CA ASN F 946 -3.97 43.21 -39.57
C ASN F 946 -4.93 44.16 -40.28
N ILE F 947 -4.41 45.09 -41.08
CA ILE F 947 -5.10 46.31 -41.45
C ILE F 947 -5.12 46.44 -42.97
N THR F 948 -6.27 46.89 -43.50
CA THR F 948 -6.44 47.21 -44.91
C THR F 948 -7.19 48.54 -45.02
N VAL F 949 -6.47 49.58 -45.45
CA VAL F 949 -7.03 50.91 -45.65
C VAL F 949 -6.67 51.35 -47.06
N GLY F 950 -7.66 51.50 -47.92
CA GLY F 950 -7.43 51.90 -49.28
C GLY F 950 -6.63 50.87 -50.05
N GLU F 951 -7.02 49.61 -49.95
CA GLU F 951 -6.36 48.50 -50.64
C GLU F 951 -4.89 48.41 -50.26
N HIS F 952 -4.65 48.14 -48.98
CA HIS F 952 -3.33 47.87 -48.44
C HIS F 952 -3.45 46.70 -47.48
N SER F 953 -2.32 46.21 -46.99
CA SER F 953 -2.30 44.97 -46.20
C SER F 953 -1.27 45.02 -45.08
N ILE F 954 -1.21 46.13 -44.34
CA ILE F 954 -0.15 46.30 -43.35
C ILE F 954 -0.53 45.60 -42.06
N VAL F 955 0.42 44.93 -41.44
CA VAL F 955 0.31 44.43 -40.08
C VAL F 955 1.08 45.39 -39.21
N THR F 956 0.62 45.59 -37.99
CA THR F 956 1.29 46.52 -37.10
C THR F 956 0.98 46.21 -35.65
N THR F 957 2.02 46.28 -34.83
CA THR F 957 1.89 46.22 -33.39
C THR F 957 1.65 47.62 -32.85
N VAL F 958 0.47 47.83 -32.28
CA VAL F 958 0.02 49.14 -31.84
C VAL F 958 -0.10 49.14 -30.33
N TYR F 959 0.60 50.06 -29.69
CA TYR F 959 0.28 50.41 -28.33
C TYR F 959 -1.02 51.18 -28.35
N VAL F 960 -1.99 50.73 -27.57
CA VAL F 960 -3.30 51.38 -27.52
C VAL F 960 -3.35 52.21 -26.25
N ASN F 961 -2.20 52.71 -25.83
CA ASN F 961 -2.16 54.06 -25.31
C ASN F 961 -2.63 55.02 -26.38
N GLY F 962 -3.19 56.14 -25.95
CA GLY F 962 -3.82 57.05 -26.89
C GLY F 962 -2.87 57.98 -27.62
N GLU F 963 -1.56 57.70 -27.57
CA GLU F 963 -0.58 58.63 -28.12
C GLU F 963 0.56 57.99 -28.88
N THR F 964 0.49 56.70 -29.23
CA THR F 964 1.57 56.03 -29.92
C THR F 964 1.11 55.70 -31.34
N PRO F 965 1.33 56.58 -32.31
CA PRO F 965 0.77 56.36 -33.63
C PRO F 965 1.61 55.47 -34.53
N VAL F 966 0.94 54.96 -35.56
CA VAL F 966 1.57 54.18 -36.63
C VAL F 966 1.30 54.88 -37.96
N ASN F 967 2.32 54.89 -38.83
CA ASN F 967 2.30 55.64 -40.08
C ASN F 967 2.21 54.65 -41.23
N PHE F 968 1.01 54.57 -41.80
CA PHE F 968 0.59 53.44 -42.62
C PHE F 968 1.04 53.63 -44.08
N ASN F 969 0.39 54.56 -44.78
CA ASN F 969 0.87 55.17 -46.03
C ASN F 969 0.17 56.52 -46.08
N GLY F 970 0.83 57.56 -45.59
CA GLY F 970 0.26 58.88 -45.60
C GLY F 970 -0.82 59.13 -44.55
N VAL F 971 -1.28 58.10 -43.85
CA VAL F 971 -2.35 58.20 -42.87
C VAL F 971 -1.79 57.77 -41.52
N LYS F 972 -1.99 58.63 -40.52
CA LYS F 972 -1.51 58.40 -39.18
C LYS F 972 -2.65 57.82 -38.35
N ILE F 973 -2.42 56.67 -37.75
CA ILE F 973 -3.44 55.96 -36.97
C ILE F 973 -3.02 56.00 -35.53
N THR F 974 -3.98 56.23 -34.63
CA THR F 974 -3.75 56.30 -33.20
C THR F 974 -4.85 55.50 -32.52
N ALA F 975 -4.49 54.37 -31.93
CA ALA F 975 -5.49 53.37 -31.55
C ALA F 975 -5.97 53.55 -30.11
N GLY F 976 -6.33 54.78 -29.77
CA GLY F 976 -7.16 55.07 -28.63
C GLY F 976 -6.59 54.67 -27.29
N PRO F 977 -7.27 55.08 -26.20
CA PRO F 977 -7.09 54.40 -24.92
C PRO F 977 -8.01 53.18 -24.86
N LEU F 978 -8.19 52.56 -23.69
CA LEU F 978 -9.18 51.51 -23.53
C LEU F 978 -10.01 51.78 -22.28
N SER F 979 -11.28 51.41 -22.37
CA SER F 979 -12.19 51.40 -21.23
C SER F 979 -12.86 50.03 -21.20
N THR F 980 -12.92 49.36 -20.04
CA THR F 980 -12.46 49.82 -18.73
C THR F 980 -10.97 49.62 -18.58
N ALA F 981 -10.40 50.23 -17.54
CA ALA F 981 -9.01 50.02 -17.17
C ALA F 981 -8.93 48.82 -16.22
N TRP F 982 -9.39 47.69 -16.74
CA TRP F 982 -9.47 46.45 -15.99
C TRP F 982 -8.17 45.67 -16.10
N THR F 983 -7.87 44.90 -15.05
CA THR F 983 -6.85 43.89 -15.11
C THR F 983 -7.25 42.73 -14.21
N PRO F 984 -6.98 41.48 -14.60
CA PRO F 984 -7.12 40.39 -13.64
C PRO F 984 -5.97 40.33 -12.67
N PHE F 985 -4.82 40.86 -13.08
CA PHE F 985 -3.62 40.79 -12.29
C PHE F 985 -3.78 41.58 -11.01
N ASP F 986 -4.01 40.88 -9.90
CA ASP F 986 -4.17 41.53 -8.63
C ASP F 986 -2.82 42.09 -8.19
N ARG F 987 -2.84 42.93 -7.15
CA ARG F 987 -1.64 43.61 -6.69
C ARG F 987 -0.53 42.65 -6.28
N LYS F 988 -0.86 41.42 -5.93
CA LYS F 988 0.11 40.44 -5.45
C LYS F 988 0.02 39.19 -6.32
N ILE F 989 0.99 39.05 -7.22
CA ILE F 989 1.10 37.94 -8.16
C ILE F 989 2.17 37.00 -7.64
N VAL F 990 2.03 35.71 -7.95
CA VAL F 990 3.09 34.74 -7.77
C VAL F 990 3.19 33.95 -9.07
N GLN F 991 4.41 33.62 -9.45
CA GLN F 991 4.72 33.00 -10.72
C GLN F 991 5.43 31.69 -10.42
N TYR F 992 4.91 30.59 -10.96
CA TYR F 992 5.50 29.29 -10.68
C TYR F 992 5.06 28.28 -11.72
N ALA F 993 6.01 27.46 -12.18
CA ALA F 993 5.74 26.37 -13.10
C ALA F 993 5.13 26.84 -14.41
N GLY F 994 5.30 28.11 -14.75
CA GLY F 994 4.69 28.68 -15.92
C GLY F 994 3.26 29.10 -15.74
N GLU F 995 2.84 29.38 -14.52
CA GLU F 995 1.46 29.72 -14.22
C GLU F 995 1.42 30.79 -13.16
N ILE F 996 0.44 31.67 -13.26
CA ILE F 996 0.27 32.80 -12.37
C ILE F 996 -0.82 32.51 -11.38
N TYR F 997 -0.60 32.93 -10.13
CA TYR F 997 -1.58 32.85 -9.06
C TYR F 997 -1.69 34.21 -8.39
N ASN F 998 -2.85 34.44 -7.76
CA ASN F 998 -3.11 35.66 -7.02
C ASN F 998 -3.11 35.32 -5.53
N TYR F 999 -1.92 35.36 -4.95
CA TYR F 999 -1.69 35.07 -3.56
C TYR F 999 -1.33 36.35 -2.83
N ASP F 1000 -1.62 36.42 -1.54
CA ASP F 1000 -1.32 37.58 -0.71
C ASP F 1000 0.00 37.31 -0.01
N PHE F 1001 1.06 37.38 -0.77
CA PHE F 1001 2.36 36.97 -0.26
C PHE F 1001 2.90 38.02 0.71
N PRO F 1002 3.49 37.61 1.82
CA PRO F 1002 4.05 38.59 2.76
C PRO F 1002 5.37 39.14 2.27
N GLU F 1003 5.81 40.20 2.93
CA GLU F 1003 6.96 40.96 2.50
C GLU F 1003 8.25 40.31 2.97
N TYR F 1004 9.36 40.94 2.60
CA TYR F 1004 10.69 40.48 2.95
C TYR F 1004 10.90 40.71 4.43
N GLY F 1005 10.41 39.78 5.24
CA GLY F 1005 10.56 39.80 6.69
C GLY F 1005 9.35 39.31 7.45
N ALA F 1006 8.15 39.38 6.88
CA ALA F 1006 6.93 38.94 7.55
C ALA F 1006 6.64 37.48 7.28
N GLY F 1007 7.65 36.70 6.92
CA GLY F 1007 7.44 35.29 6.64
C GLY F 1007 7.31 34.49 7.91
N GLN F 1008 6.44 33.51 7.87
CA GLN F 1008 6.12 32.67 8.99
C GLN F 1008 6.34 31.22 8.62
N PRO F 1009 6.63 30.36 9.60
CA PRO F 1009 6.97 28.98 9.25
C PRO F 1009 5.73 28.16 8.92
N GLY F 1010 5.75 27.53 7.76
CA GLY F 1010 4.71 26.63 7.33
C GLY F 1010 3.79 27.18 6.28
N ALA F 1011 4.06 28.37 5.76
CA ALA F 1011 3.31 28.98 4.69
C ALA F 1011 4.27 29.50 3.64
N PHE F 1012 3.70 29.96 2.54
CA PHE F 1012 4.49 30.48 1.44
C PHE F 1012 5.23 31.72 1.93
N GLY F 1013 6.53 31.58 2.11
CA GLY F 1013 7.39 32.69 2.49
C GLY F 1013 8.28 32.40 3.66
N ASP F 1014 8.46 31.12 3.99
CA ASP F 1014 9.42 30.72 5.00
C ASP F 1014 10.86 30.91 4.56
N ILE F 1015 11.10 31.09 3.27
CA ILE F 1015 12.42 31.38 2.72
C ILE F 1015 12.26 32.58 1.83
N GLN F 1016 13.07 33.60 2.04
CA GLN F 1016 12.97 34.85 1.29
C GLN F 1016 14.36 35.32 0.94
N SER F 1017 14.71 35.21 -0.33
CA SER F 1017 15.87 35.84 -0.92
C SER F 1017 15.40 36.87 -1.92
N ARG F 1018 16.06 38.03 -1.90
CA ARG F 1018 15.65 39.12 -2.78
C ARG F 1018 15.88 38.77 -4.23
N THR F 1019 16.86 37.93 -4.52
CA THR F 1019 17.07 37.35 -5.83
C THR F 1019 17.55 35.92 -5.65
N VAL F 1020 17.67 35.21 -6.77
CA VAL F 1020 18.18 33.84 -6.76
C VAL F 1020 19.69 33.78 -6.74
N SER F 1021 20.37 34.93 -6.70
CA SER F 1021 21.81 35.00 -6.58
C SER F 1021 22.20 36.08 -5.57
N SER F 1022 21.38 36.26 -4.53
CA SER F 1022 21.69 37.16 -3.44
C SER F 1022 22.45 36.41 -2.35
N SER F 1023 22.66 37.09 -1.23
CA SER F 1023 23.27 36.49 -0.06
C SER F 1023 22.64 37.02 1.22
N ASP F 1024 21.35 37.37 1.15
CA ASP F 1024 20.64 38.01 2.26
C ASP F 1024 19.42 37.17 2.62
N LEU F 1025 19.62 35.87 2.72
CA LEU F 1025 18.53 34.93 2.90
C LEU F 1025 17.85 35.17 4.23
N TYR F 1026 16.52 35.04 4.24
CA TYR F 1026 15.72 35.15 5.43
C TYR F 1026 14.99 33.84 5.64
N ALA F 1027 15.20 33.24 6.81
CA ALA F 1027 14.63 31.94 7.13
C ALA F 1027 13.97 32.03 8.49
N ASN F 1028 12.65 31.97 8.50
CA ASN F 1028 11.83 31.81 9.69
C ASN F 1028 11.15 30.45 9.55
N THR F 1029 11.83 29.40 10.02
CA THR F 1029 11.37 28.02 9.85
C THR F 1029 11.01 27.34 11.17
N ASN F 1030 11.27 27.99 12.30
CA ASN F 1030 11.00 27.40 13.61
C ASN F 1030 11.84 26.15 13.82
N LEU F 1031 13.15 26.33 13.71
CA LEU F 1031 14.11 25.27 13.96
C LEU F 1031 14.42 25.23 15.43
N VAL F 1032 13.84 24.26 16.14
CA VAL F 1032 14.11 24.04 17.54
C VAL F 1032 15.02 22.83 17.66
N LEU F 1033 16.20 23.05 18.23
CA LEU F 1033 17.11 21.95 18.49
C LEU F 1033 16.63 21.12 19.68
N GLN F 1034 17.24 19.95 19.84
CA GLN F 1034 16.86 18.98 20.84
C GLN F 1034 18.11 18.28 21.33
N ARG F 1035 17.93 17.44 22.34
CA ARG F 1035 19.00 16.70 22.98
C ARG F 1035 19.21 15.37 22.27
N PRO F 1036 20.41 14.82 22.21
CA PRO F 1036 20.59 13.52 21.57
C PRO F 1036 20.35 12.35 22.50
N LYS F 1037 20.41 11.16 21.91
CA LYS F 1037 20.31 9.90 22.62
C LYS F 1037 21.63 9.15 22.46
N ALA F 1038 22.14 8.63 23.56
CA ALA F 1038 23.43 7.98 23.55
C ALA F 1038 23.42 6.76 22.64
N GLY F 1039 24.54 6.54 21.96
CA GLY F 1039 24.71 5.40 21.09
C GLY F 1039 25.51 5.72 19.85
N ALA F 1040 25.39 6.95 19.35
CA ALA F 1040 26.21 7.39 18.24
C ALA F 1040 26.03 8.90 18.08
N ILE F 1041 27.03 9.50 17.45
CA ILE F 1041 27.09 10.96 17.34
C ILE F 1041 26.03 11.43 16.37
N HIS F 1042 25.23 12.42 16.79
CA HIS F 1042 24.27 13.01 15.89
C HIS F 1042 23.77 14.34 16.44
N VAL F 1043 23.17 15.11 15.55
CA VAL F 1043 22.62 16.43 15.83
C VAL F 1043 21.12 16.36 15.61
N PRO F 1044 20.30 16.24 16.64
CA PRO F 1044 18.86 16.18 16.43
C PRO F 1044 18.23 17.56 16.31
N TYR F 1045 17.04 17.58 15.73
CA TYR F 1045 16.24 18.78 15.70
C TYR F 1045 14.82 18.44 15.32
N THR F 1046 13.91 19.36 15.62
CA THR F 1046 12.55 19.37 15.12
C THR F 1046 12.36 20.63 14.31
N GLN F 1047 11.70 20.50 13.17
CA GLN F 1047 11.57 21.63 12.26
C GLN F 1047 10.25 21.55 11.53
N ALA F 1048 9.76 22.71 11.14
CA ALA F 1048 8.51 22.81 10.44
C ALA F 1048 8.68 22.45 8.96
N PRO F 1049 7.69 21.80 8.35
CA PRO F 1049 7.78 21.56 6.91
C PRO F 1049 7.71 22.85 6.12
N SER F 1050 8.38 22.80 4.97
CA SER F 1050 8.37 23.91 4.04
C SER F 1050 6.96 24.28 3.66
N GLY F 1051 6.65 25.56 3.78
CA GLY F 1051 5.41 26.05 3.23
C GLY F 1051 5.41 26.12 1.72
N PHE F 1052 6.58 25.98 1.10
CA PHE F 1052 6.62 25.88 -0.34
C PHE F 1052 5.86 24.66 -0.82
N GLU F 1053 6.16 23.50 -0.22
CA GLU F 1053 5.39 22.29 -0.49
C GLU F 1053 3.91 22.51 -0.24
N GLN F 1054 3.57 23.00 0.95
CA GLN F 1054 2.19 23.06 1.37
C GLN F 1054 1.38 24.01 0.50
N TRP F 1055 2.03 25.02 -0.06
CA TRP F 1055 1.38 25.84 -1.07
C TRP F 1055 1.27 25.09 -2.38
N LYS F 1056 2.31 24.33 -2.73
CA LYS F 1056 2.31 23.59 -3.99
C LYS F 1056 1.20 22.55 -4.03
N LYS F 1057 0.70 22.13 -2.88
CA LYS F 1057 -0.32 21.09 -2.81
C LYS F 1057 -1.67 21.58 -2.32
N ASP F 1058 -1.76 22.83 -1.87
CA ASP F 1058 -3.03 23.42 -1.45
C ASP F 1058 -3.29 24.77 -2.12
N LYS F 1059 -2.53 25.12 -3.14
CA LYS F 1059 -2.85 26.31 -3.91
C LYS F 1059 -4.10 26.09 -4.74
N ALA F 1060 -4.83 27.18 -4.97
CA ALA F 1060 -5.98 27.14 -5.86
C ALA F 1060 -5.49 26.96 -7.29
N PRO F 1061 -6.39 26.70 -8.22
CA PRO F 1061 -6.01 26.73 -9.62
C PRO F 1061 -5.53 28.11 -10.04
N SER F 1062 -4.97 28.16 -11.24
CA SER F 1062 -4.28 29.34 -11.71
C SER F 1062 -5.27 30.37 -12.24
N LEU F 1063 -4.72 31.46 -12.77
CA LEU F 1063 -5.54 32.56 -13.25
C LEU F 1063 -5.95 32.37 -14.68
N LYS F 1064 -5.22 31.55 -15.44
CA LYS F 1064 -5.67 31.15 -16.76
C LYS F 1064 -6.92 30.32 -16.69
N PHE F 1065 -7.16 29.65 -15.58
CA PHE F 1065 -8.31 28.82 -15.34
C PHE F 1065 -9.43 29.53 -14.60
N THR F 1066 -9.17 30.73 -14.06
CA THR F 1066 -10.10 31.41 -13.17
C THR F 1066 -10.27 32.90 -13.46
N ALA F 1067 -9.64 33.42 -14.50
CA ALA F 1067 -9.78 34.82 -14.84
C ALA F 1067 -11.09 35.07 -15.58
N PRO F 1068 -11.83 36.14 -15.31
CA PRO F 1068 -13.02 36.43 -16.11
C PRO F 1068 -12.68 37.12 -17.42
N PHE F 1069 -13.72 37.34 -18.21
CA PHE F 1069 -13.66 37.96 -19.52
C PHE F 1069 -12.86 37.15 -20.53
N GLY F 1070 -12.69 35.87 -20.28
CA GLY F 1070 -12.07 34.97 -21.22
C GLY F 1070 -10.64 35.32 -21.57
N CYS F 1071 -9.84 35.57 -20.55
CA CYS F 1071 -8.45 35.92 -20.75
C CYS F 1071 -7.60 34.66 -20.86
N GLU F 1072 -6.33 34.87 -21.21
CA GLU F 1072 -5.35 33.79 -21.35
C GLU F 1072 -4.04 34.26 -20.74
N ILE F 1073 -3.71 33.72 -19.57
CA ILE F 1073 -2.58 34.22 -18.80
C ILE F 1073 -1.34 33.44 -19.19
N TYR F 1074 -0.33 34.16 -19.68
CA TYR F 1074 0.90 33.56 -20.15
C TYR F 1074 2.12 34.19 -19.49
N THR F 1075 3.10 33.34 -19.17
CA THR F 1075 4.34 33.73 -18.49
C THR F 1075 5.52 33.52 -19.42
N ASN F 1076 6.07 34.62 -19.84
CA ASN F 1076 7.12 34.88 -20.80
C ASN F 1076 7.17 36.36 -20.46
N PRO F 1077 7.56 37.34 -21.30
CA PRO F 1077 7.17 38.69 -20.90
C PRO F 1077 5.72 38.73 -20.44
N ILE F 1078 5.57 38.98 -19.13
CA ILE F 1078 4.40 38.58 -18.37
C ILE F 1078 3.15 39.20 -18.98
N ARG F 1079 2.08 38.43 -19.11
CA ARG F 1079 0.95 38.99 -19.84
C ARG F 1079 -0.33 38.21 -19.65
N ALA F 1080 -1.42 38.88 -20.02
CA ALA F 1080 -2.72 38.30 -20.30
C ALA F 1080 -3.13 38.66 -21.71
N GLU F 1081 -3.26 37.66 -22.57
CA GLU F 1081 -3.72 37.82 -23.93
C GLU F 1081 -5.21 37.59 -24.05
N ASN F 1082 -5.83 38.37 -24.94
CA ASN F 1082 -7.15 38.10 -25.49
C ASN F 1082 -8.23 38.15 -24.41
N CYS F 1083 -8.26 39.27 -23.70
CA CYS F 1083 -9.36 39.57 -22.80
C CYS F 1083 -10.49 40.22 -23.58
N ALA F 1084 -11.57 39.48 -23.80
CA ALA F 1084 -12.73 39.99 -24.52
C ALA F 1084 -13.52 40.94 -23.64
N VAL F 1085 -12.94 42.12 -23.43
CA VAL F 1085 -13.53 43.14 -22.58
C VAL F 1085 -13.36 44.50 -23.25
N GLY F 1086 -14.44 45.26 -23.27
CA GLY F 1086 -14.34 46.64 -23.65
C GLY F 1086 -14.15 46.83 -25.14
N SER F 1087 -13.87 48.07 -25.47
CA SER F 1087 -13.70 48.48 -26.85
C SER F 1087 -12.70 49.61 -26.88
N ILE F 1088 -11.82 49.56 -27.86
CA ILE F 1088 -10.76 50.55 -28.04
C ILE F 1088 -11.19 51.51 -29.14
N PRO F 1089 -11.14 52.82 -28.94
CA PRO F 1089 -11.36 53.73 -30.06
C PRO F 1089 -10.16 53.81 -30.97
N LEU F 1090 -10.40 54.38 -32.14
CA LEU F 1090 -9.39 54.56 -33.17
C LEU F 1090 -9.59 55.93 -33.78
N ALA F 1091 -8.51 56.71 -33.84
CA ALA F 1091 -8.50 58.01 -34.48
C ALA F 1091 -7.59 57.95 -35.70
N PHE F 1092 -8.16 58.24 -36.85
CA PHE F 1092 -7.42 58.28 -38.11
C PHE F 1092 -7.10 59.72 -38.48
N ASP F 1093 -6.05 59.89 -39.30
CA ASP F 1093 -5.78 61.17 -39.96
C ASP F 1093 -5.53 60.88 -41.45
N ILE F 1094 -6.62 60.79 -42.21
CA ILE F 1094 -6.57 60.27 -43.57
C ILE F 1094 -6.26 61.40 -44.55
N PRO F 1095 -5.25 61.28 -45.42
CA PRO F 1095 -5.03 62.35 -46.41
C PRO F 1095 -6.00 62.25 -47.57
N ASP F 1096 -5.84 63.11 -48.57
CA ASP F 1096 -6.75 63.20 -49.69
C ASP F 1096 -6.26 62.45 -50.93
N ALA F 1097 -5.00 62.03 -50.95
CA ALA F 1097 -4.44 61.44 -52.16
C ALA F 1097 -5.11 60.12 -52.49
N LEU F 1098 -5.07 59.18 -51.55
CA LEU F 1098 -5.68 57.85 -51.74
C LEU F 1098 -7.14 57.85 -51.30
N PHE F 1099 -7.86 58.87 -51.73
CA PHE F 1099 -9.23 59.14 -51.33
C PHE F 1099 -10.01 59.60 -52.55
N THR F 1100 -9.81 58.90 -53.67
CA THR F 1100 -10.26 59.36 -54.98
C THR F 1100 -11.77 59.58 -54.99
N ARG F 1101 -12.23 60.41 -55.93
CA ARG F 1101 -13.61 60.85 -56.01
C ARG F 1101 -14.40 59.93 -56.93
N VAL F 1102 -15.68 60.26 -57.14
CA VAL F 1102 -16.60 59.36 -57.80
C VAL F 1102 -16.30 59.25 -59.29
N SER F 1103 -15.56 60.20 -59.85
CA SER F 1103 -15.43 60.31 -61.30
C SER F 1103 -14.75 59.10 -61.94
N GLU F 1104 -14.10 58.26 -61.15
CA GLU F 1104 -13.44 57.06 -61.65
C GLU F 1104 -13.99 55.78 -61.03
N THR F 1105 -14.65 55.87 -59.94
CA THR F 1105 -15.26 54.70 -59.35
C THR F 1105 -16.59 54.41 -60.03
N PRO F 1106 -17.04 53.16 -60.09
CA PRO F 1106 -18.32 52.88 -60.74
C PRO F 1106 -19.48 53.53 -60.00
N THR F 1107 -20.38 54.12 -60.77
CA THR F 1107 -21.57 54.77 -60.25
C THR F 1107 -22.76 53.86 -60.51
N LEU F 1108 -23.49 53.56 -59.45
CA LEU F 1108 -24.59 52.62 -59.53
C LEU F 1108 -25.76 53.20 -60.31
N SER F 1109 -26.72 52.34 -60.63
CA SER F 1109 -28.00 52.78 -61.17
C SER F 1109 -28.98 51.62 -61.07
N ALA F 1110 -30.13 51.87 -60.44
CA ALA F 1110 -31.21 50.90 -60.34
C ALA F 1110 -30.75 49.63 -59.63
N ALA F 1111 -30.40 49.81 -58.37
CA ALA F 1111 -29.99 48.73 -57.49
C ALA F 1111 -31.20 48.24 -56.68
N GLU F 1112 -31.43 46.93 -56.69
CA GLU F 1112 -32.54 46.32 -55.97
C GLU F 1112 -32.04 45.08 -55.26
N CYS F 1113 -32.28 45.01 -53.96
CA CYS F 1113 -31.81 43.92 -53.12
C CYS F 1113 -32.93 42.94 -52.82
N THR F 1114 -32.55 41.70 -52.58
CA THR F 1114 -33.45 40.65 -52.13
C THR F 1114 -32.72 39.76 -51.15
N LEU F 1115 -33.33 39.52 -49.99
CA LEU F 1115 -32.77 38.61 -48.99
C LEU F 1115 -33.26 37.21 -49.30
N ASN F 1116 -32.32 36.35 -49.71
CA ASN F 1116 -32.66 35.01 -50.16
C ASN F 1116 -32.85 34.06 -48.99
N GLU F 1117 -31.79 33.87 -48.20
CA GLU F 1117 -31.76 32.87 -47.14
C GLU F 1117 -31.16 33.52 -45.90
N CYS F 1118 -32.02 33.87 -44.94
CA CYS F 1118 -31.60 34.45 -43.68
C CYS F 1118 -31.81 33.48 -42.53
N VAL F 1119 -30.75 33.26 -41.76
CA VAL F 1119 -30.81 32.54 -40.49
C VAL F 1119 -30.11 33.41 -39.45
N TYR F 1120 -30.81 33.72 -38.37
CA TYR F 1120 -30.28 34.68 -37.40
C TYR F 1120 -29.26 34.04 -36.46
N SER F 1121 -28.22 33.49 -37.07
CA SER F 1121 -27.18 32.80 -36.34
C SER F 1121 -26.11 33.78 -35.90
N SER F 1122 -25.14 33.26 -35.16
CA SER F 1122 -23.98 34.01 -34.73
C SER F 1122 -22.89 34.05 -35.79
N ASP F 1123 -23.11 33.47 -36.95
CA ASP F 1123 -22.18 33.50 -38.07
C ASP F 1123 -22.84 34.11 -39.31
N PHE F 1124 -22.10 34.08 -40.42
CA PHE F 1124 -22.51 34.71 -41.66
C PHE F 1124 -23.61 33.89 -42.31
N GLY F 1125 -24.79 33.97 -41.72
CA GLY F 1125 -25.95 33.26 -42.21
C GLY F 1125 -26.60 33.86 -43.44
N GLY F 1126 -26.88 35.15 -43.39
CA GLY F 1126 -27.72 35.76 -44.40
C GLY F 1126 -27.02 35.94 -45.73
N ILE F 1127 -27.80 35.82 -46.80
CA ILE F 1127 -27.36 36.13 -48.15
C ILE F 1127 -28.20 37.29 -48.67
N ALA F 1128 -27.58 38.15 -49.46
CA ALA F 1128 -28.24 39.26 -50.12
C ALA F 1128 -27.85 39.26 -51.59
N THR F 1129 -28.85 39.32 -52.45
CA THR F 1129 -28.65 39.32 -53.90
C THR F 1129 -29.11 40.68 -54.41
N VAL F 1130 -28.18 41.43 -55.00
CA VAL F 1130 -28.44 42.77 -55.50
C VAL F 1130 -28.37 42.75 -57.01
N LYS F 1131 -29.39 43.30 -57.66
CA LYS F 1131 -29.48 43.44 -59.11
C LYS F 1131 -29.29 44.90 -59.43
N TYR F 1132 -28.31 45.20 -60.27
CA TYR F 1132 -27.87 46.57 -60.47
C TYR F 1132 -27.59 46.83 -61.94
N SER F 1133 -27.37 48.10 -62.25
CA SER F 1133 -26.79 48.54 -63.51
C SER F 1133 -25.86 49.70 -63.16
N ALA F 1134 -24.55 49.52 -63.39
CA ALA F 1134 -23.57 50.56 -63.13
C ALA F 1134 -22.69 50.76 -64.34
N SER F 1135 -21.92 51.84 -64.30
CA SER F 1135 -21.13 52.24 -65.46
C SER F 1135 -19.95 51.31 -65.66
N LYS F 1136 -19.03 51.30 -64.70
CA LYS F 1136 -17.82 50.52 -64.80
C LYS F 1136 -17.97 49.20 -64.05
N SER F 1137 -17.26 48.19 -64.54
CA SER F 1137 -17.17 46.88 -63.89
C SER F 1137 -15.92 46.89 -63.02
N GLY F 1138 -16.11 47.19 -61.74
CA GLY F 1138 -14.99 47.49 -60.85
C GLY F 1138 -15.29 47.14 -59.42
N LYS F 1139 -14.83 47.95 -58.48
CA LYS F 1139 -15.01 47.71 -57.05
C LYS F 1139 -15.92 48.75 -56.44
N CYS F 1140 -16.58 48.36 -55.35
CA CYS F 1140 -17.35 49.26 -54.52
C CYS F 1140 -17.22 48.85 -53.07
N ALA F 1141 -16.79 49.78 -52.22
CA ALA F 1141 -16.83 49.55 -50.79
C ALA F 1141 -18.27 49.33 -50.36
N VAL F 1142 -18.51 48.24 -49.62
CA VAL F 1142 -19.84 47.89 -49.13
C VAL F 1142 -19.84 48.05 -47.61
N HIS F 1143 -20.98 48.48 -47.07
CA HIS F 1143 -21.09 48.72 -45.63
C HIS F 1143 -22.53 48.94 -45.24
N VAL F 1144 -22.82 48.74 -43.97
CA VAL F 1144 -24.12 48.95 -43.35
C VAL F 1144 -23.93 49.96 -42.22
N PRO F 1145 -24.47 51.19 -42.31
CA PRO F 1145 -24.21 52.15 -41.24
C PRO F 1145 -24.71 51.73 -39.88
N SER F 1146 -25.69 50.84 -39.82
CA SER F 1146 -26.31 50.45 -38.57
C SER F 1146 -25.71 49.14 -38.08
N GLY F 1147 -26.02 48.83 -36.82
CA GLY F 1147 -25.60 47.59 -36.21
C GLY F 1147 -26.57 46.45 -36.42
N THR F 1148 -27.49 46.61 -37.38
CA THR F 1148 -28.46 45.58 -37.70
C THR F 1148 -27.93 44.51 -38.63
N ALA F 1149 -26.62 44.51 -38.91
CA ALA F 1149 -26.03 43.56 -39.82
C ALA F 1149 -24.52 43.74 -39.77
N THR F 1150 -23.82 42.74 -40.29
CA THR F 1150 -22.37 42.77 -40.32
C THR F 1150 -21.94 41.95 -41.52
N LEU F 1151 -21.00 42.47 -42.29
CA LEU F 1151 -20.68 41.90 -43.58
C LEU F 1151 -19.32 41.21 -43.58
N LYS F 1152 -19.26 40.14 -44.37
CA LYS F 1152 -18.04 39.36 -44.51
C LYS F 1152 -16.96 40.16 -45.23
N GLU F 1153 -17.35 41.20 -45.96
CA GLU F 1153 -16.42 41.96 -46.78
C GLU F 1153 -16.65 43.44 -46.59
N ALA F 1154 -15.66 44.21 -47.04
CA ALA F 1154 -15.69 45.66 -47.02
C ALA F 1154 -15.92 46.24 -48.40
N ALA F 1155 -15.51 45.52 -49.44
CA ALA F 1155 -15.70 45.95 -50.81
C ALA F 1155 -15.95 44.74 -51.69
N VAL F 1156 -16.90 44.88 -52.61
CA VAL F 1156 -17.29 43.83 -53.53
C VAL F 1156 -17.08 44.30 -54.95
N GLU F 1157 -16.86 43.35 -55.85
CA GLU F 1157 -16.58 43.66 -57.25
C GLU F 1157 -17.85 43.50 -58.06
N LEU F 1158 -18.26 44.56 -58.73
CA LEU F 1158 -19.45 44.59 -59.55
C LEU F 1158 -19.09 44.51 -61.02
N THR F 1159 -19.93 43.83 -61.78
CA THR F 1159 -19.86 43.85 -63.24
C THR F 1159 -20.57 45.11 -63.74
N GLU F 1160 -20.88 45.17 -65.03
CA GLU F 1160 -21.57 46.33 -65.57
C GLU F 1160 -23.05 46.31 -65.20
N GLN F 1161 -23.78 45.31 -65.69
CA GLN F 1161 -25.24 45.25 -65.63
C GLN F 1161 -25.70 43.94 -65.01
N GLY F 1162 -24.91 43.37 -64.11
CA GLY F 1162 -25.16 42.09 -63.55
C GLY F 1162 -25.76 42.15 -62.17
N SER F 1163 -25.57 41.05 -61.42
CA SER F 1163 -25.99 40.94 -60.03
C SER F 1163 -24.79 40.58 -59.18
N ALA F 1164 -24.94 40.75 -57.87
CA ALA F 1164 -23.88 40.44 -56.92
C ALA F 1164 -24.46 39.79 -55.68
N THR F 1165 -23.61 39.05 -54.99
CA THR F 1165 -23.96 38.28 -53.82
C THR F 1165 -23.14 38.73 -52.63
N ILE F 1166 -23.79 38.84 -51.48
CA ILE F 1166 -23.16 39.28 -50.24
C ILE F 1166 -23.58 38.32 -49.14
N HIS F 1167 -22.63 38.00 -48.25
CA HIS F 1167 -22.90 37.21 -47.06
C HIS F 1167 -22.76 38.10 -45.83
N PHE F 1168 -23.69 37.95 -44.90
CA PHE F 1168 -23.72 38.84 -43.75
C PHE F 1168 -24.27 38.12 -42.53
N SER F 1169 -23.54 38.25 -41.42
CA SER F 1169 -24.13 37.96 -40.13
C SER F 1169 -25.23 38.97 -39.87
N THR F 1170 -26.20 38.53 -39.09
CA THR F 1170 -27.46 39.24 -39.00
C THR F 1170 -27.98 39.11 -37.59
N ALA F 1171 -29.20 39.55 -37.40
CA ALA F 1171 -29.73 39.96 -36.12
C ALA F 1171 -31.22 39.64 -36.13
N ASN F 1172 -32.00 40.42 -35.39
CA ASN F 1172 -33.45 40.29 -35.23
C ASN F 1172 -34.17 39.78 -36.46
N ILE F 1173 -35.15 38.91 -36.22
CA ILE F 1173 -35.71 37.99 -37.22
C ILE F 1173 -36.25 38.71 -38.44
N HIS F 1174 -36.48 40.03 -38.35
CA HIS F 1174 -36.95 40.85 -39.46
C HIS F 1174 -35.89 41.89 -39.78
N PRO F 1175 -34.89 41.56 -40.60
CA PRO F 1175 -33.88 42.56 -40.94
C PRO F 1175 -34.41 43.60 -41.91
N GLU F 1176 -34.02 44.84 -41.67
CA GLU F 1176 -34.20 45.91 -42.65
C GLU F 1176 -33.03 46.85 -42.47
N PHE F 1177 -31.98 46.61 -43.24
CA PHE F 1177 -30.71 47.30 -43.08
C PHE F 1177 -30.38 48.07 -44.35
N ARG F 1178 -29.93 49.31 -44.17
CA ARG F 1178 -29.59 50.19 -45.27
C ARG F 1178 -28.25 49.76 -45.84
N LEU F 1179 -28.31 48.77 -46.72
CA LEU F 1179 -27.12 48.30 -47.39
C LEU F 1179 -26.61 49.39 -48.31
N GLN F 1180 -25.29 49.56 -48.33
CA GLN F 1180 -24.64 50.60 -49.09
C GLN F 1180 -23.65 49.95 -50.02
N ILE F 1181 -23.80 50.20 -51.32
CA ILE F 1181 -22.79 49.91 -52.32
C ILE F 1181 -22.46 51.33 -52.80
N CYS F 1182 -21.52 51.49 -53.74
CA CYS F 1182 -20.65 52.66 -53.84
C CYS F 1182 -21.20 53.98 -53.32
N THR F 1183 -22.45 54.30 -53.64
CA THR F 1183 -23.11 55.47 -53.11
C THR F 1183 -24.56 55.24 -52.70
N SER F 1184 -25.17 54.14 -53.09
CA SER F 1184 -26.60 53.97 -52.93
C SER F 1184 -26.95 53.57 -51.50
N TYR F 1185 -28.22 53.72 -51.16
CA TYR F 1185 -28.80 53.23 -49.91
C TYR F 1185 -29.95 52.32 -50.31
N VAL F 1186 -29.64 51.05 -50.59
CA VAL F 1186 -30.69 50.08 -50.84
C VAL F 1186 -31.14 49.46 -49.53
N THR F 1187 -32.36 48.95 -49.51
CA THR F 1187 -33.01 48.50 -48.30
C THR F 1187 -33.40 47.04 -48.46
N CYS F 1188 -32.46 46.16 -48.20
CA CYS F 1188 -32.73 44.74 -48.08
C CYS F 1188 -33.69 44.51 -46.92
N LYS F 1189 -34.75 43.75 -47.18
CA LYS F 1189 -35.75 43.45 -46.17
C LYS F 1189 -36.19 42.01 -46.35
N GLY F 1190 -36.36 41.29 -45.26
CA GLY F 1190 -36.74 39.90 -45.36
C GLY F 1190 -37.08 39.29 -44.03
N ASP F 1191 -37.31 37.99 -44.06
CA ASP F 1191 -37.64 37.18 -42.90
C ASP F 1191 -36.60 36.11 -42.71
N CYS F 1192 -36.29 35.82 -41.45
CA CYS F 1192 -35.25 34.88 -41.09
C CYS F 1192 -35.86 33.66 -40.41
N HIS F 1193 -35.32 32.53 -40.73
CA HIS F 1193 -35.58 31.18 -40.26
C HIS F 1193 -34.67 30.90 -39.07
N PRO F 1194 -35.04 30.09 -38.08
CA PRO F 1194 -34.13 29.89 -36.94
C PRO F 1194 -33.03 28.88 -37.25
N PRO F 1195 -32.06 28.73 -36.36
CA PRO F 1195 -30.85 27.98 -36.71
C PRO F 1195 -30.94 26.49 -36.42
N LYS F 1196 -29.81 25.81 -36.63
CA LYS F 1196 -29.74 24.37 -36.74
C LYS F 1196 -28.88 23.69 -35.68
N ASP F 1197 -28.05 24.44 -34.96
CA ASP F 1197 -27.20 23.85 -33.93
C ASP F 1197 -27.03 24.87 -32.83
N HIS F 1198 -27.74 24.66 -31.72
CA HIS F 1198 -27.74 25.62 -30.63
C HIS F 1198 -26.68 25.30 -29.57
N ILE F 1199 -25.49 25.00 -30.08
CA ILE F 1199 -24.18 25.15 -29.44
C ILE F 1199 -23.21 25.23 -30.61
N VAL F 1200 -22.27 26.16 -30.57
CA VAL F 1200 -21.32 26.39 -31.64
C VAL F 1200 -19.93 26.60 -31.06
N THR F 1201 -18.95 26.77 -31.93
CA THR F 1201 -17.55 26.83 -31.60
C THR F 1201 -16.92 28.15 -31.99
N HIS F 1202 -17.62 29.25 -31.81
CA HIS F 1202 -17.10 30.54 -32.22
C HIS F 1202 -17.93 31.63 -31.58
N PRO F 1203 -17.42 32.86 -31.56
CA PRO F 1203 -18.19 33.95 -30.95
C PRO F 1203 -19.10 34.66 -31.93
N GLN F 1204 -19.75 35.72 -31.46
CA GLN F 1204 -20.76 36.41 -32.23
C GLN F 1204 -20.15 37.29 -33.29
N TYR F 1205 -20.89 37.47 -34.39
CA TYR F 1205 -20.54 38.39 -35.45
C TYR F 1205 -21.57 39.52 -35.60
N HIS F 1206 -22.30 39.86 -34.55
CA HIS F 1206 -23.28 40.93 -34.65
C HIS F 1206 -23.56 41.50 -33.27
N ALA F 1207 -24.64 42.29 -33.15
CA ALA F 1207 -24.79 43.29 -32.10
C ALA F 1207 -25.97 43.08 -31.17
N GLN F 1208 -27.12 42.60 -31.67
CA GLN F 1208 -28.28 42.30 -30.84
C GLN F 1208 -28.83 43.55 -30.14
N THR F 1209 -29.43 44.42 -30.96
CA THR F 1209 -30.09 45.63 -30.46
C THR F 1209 -31.54 45.39 -30.02
N PHE F 1210 -31.90 44.14 -29.70
CA PHE F 1210 -33.18 43.74 -29.09
C PHE F 1210 -34.40 44.42 -29.73
N THR F 1211 -34.64 44.07 -30.99
CA THR F 1211 -35.82 44.52 -31.72
C THR F 1211 -36.40 43.35 -32.52
N ALA F 1212 -36.46 42.18 -31.88
CA ALA F 1212 -36.83 40.96 -32.58
C ALA F 1212 -38.25 41.01 -33.13
N ALA F 1213 -39.24 41.09 -32.25
CA ALA F 1213 -40.63 41.16 -32.69
C ALA F 1213 -41.51 41.74 -31.59
N ASN G 341 39.54 17.77 -7.01
CA ASN G 341 39.89 16.94 -8.17
C ASN G 341 38.61 16.21 -8.60
N GLU G 342 38.71 15.10 -9.33
CA GLU G 342 37.52 14.38 -9.83
C GLU G 342 37.73 12.86 -9.70
N TYR G 343 37.43 12.29 -8.54
CA TYR G 343 37.51 12.91 -7.20
C TYR G 343 38.83 12.44 -6.60
N LYS G 344 38.96 11.11 -6.48
CA LYS G 344 40.22 10.44 -6.14
C LYS G 344 40.88 10.94 -4.86
N LEU G 345 40.14 11.66 -4.03
CA LEU G 345 40.65 12.22 -2.77
C LEU G 345 39.73 12.01 -1.60
N THR G 346 38.48 11.61 -1.80
CA THR G 346 37.50 11.50 -0.74
C THR G 346 37.55 10.12 -0.10
N ARG G 347 36.79 9.97 0.98
CA ARG G 347 36.67 8.71 1.68
C ARG G 347 35.26 8.56 2.24
N PRO G 348 34.68 7.36 2.23
CA PRO G 348 33.39 7.16 2.90
C PRO G 348 33.54 7.00 4.40
N TYR G 349 32.42 6.76 5.06
CA TYR G 349 32.39 6.72 6.52
C TYR G 349 31.29 5.81 7.02
N MET G 350 31.38 5.51 8.31
CA MET G 350 30.34 4.81 9.07
C MET G 350 29.50 5.85 9.80
N ALA G 351 28.24 5.52 10.07
CA ALA G 351 27.34 6.46 10.72
C ALA G 351 26.08 5.77 11.21
N ARG G 352 25.32 6.51 12.02
CA ARG G 352 24.11 6.01 12.66
C ARG G 352 22.99 5.88 11.64
N CYS G 353 22.48 4.67 11.48
CA CYS G 353 21.18 4.41 10.89
C CYS G 353 20.31 3.79 11.98
N ILE G 354 19.01 4.09 11.94
CA ILE G 354 18.11 3.55 12.96
C ILE G 354 18.15 2.03 12.92
N ARG G 355 18.04 1.48 11.72
CA ARG G 355 17.84 0.06 11.52
C ARG G 355 18.93 -0.46 10.61
N CYS G 356 19.50 -1.60 10.98
CA CYS G 356 20.67 -2.15 10.33
C CYS G 356 20.60 -3.67 10.26
N ALA G 357 19.38 -4.19 10.20
CA ALA G 357 19.06 -5.61 10.08
C ALA G 357 19.22 -6.37 11.38
N VAL G 358 19.84 -5.76 12.38
CA VAL G 358 19.63 -6.12 13.77
C VAL G 358 19.66 -4.83 14.56
N GLY G 359 18.48 -4.28 14.85
CA GLY G 359 18.39 -3.03 15.58
C GLY G 359 19.22 -1.93 14.95
N SER G 360 19.84 -1.12 15.79
CA SER G 360 20.67 -0.02 15.37
C SER G 360 22.14 -0.35 15.54
N CYS G 361 22.97 0.29 14.72
CA CYS G 361 24.42 0.28 14.85
C CYS G 361 24.98 1.36 13.94
N HIS G 362 26.29 1.38 13.79
CA HIS G 362 26.91 2.18 12.75
C HIS G 362 26.85 1.43 11.43
N SER G 363 26.49 2.13 10.36
CA SER G 363 26.21 1.56 9.06
C SER G 363 27.14 2.13 8.00
N PRO G 364 27.62 1.31 7.07
CA PRO G 364 28.31 1.86 5.90
C PRO G 364 27.39 2.55 4.92
N ILE G 365 26.11 2.17 4.91
CA ILE G 365 25.15 2.60 3.91
C ILE G 365 24.08 3.48 4.51
N ALA G 366 24.47 4.34 5.45
CA ALA G 366 23.57 5.33 5.99
C ALA G 366 23.01 6.23 4.90
N ILE G 367 21.99 6.99 5.26
CA ILE G 367 21.33 7.91 4.34
C ILE G 367 21.26 9.25 5.03
N GLU G 368 22.14 10.15 4.63
CA GLU G 368 22.14 11.48 5.18
C GLU G 368 21.00 12.29 4.60
N ALA G 369 20.75 12.12 3.31
CA ALA G 369 19.75 12.93 2.64
C ALA G 369 18.96 12.09 1.66
N VAL G 370 17.69 12.44 1.56
CA VAL G 370 16.79 11.98 0.52
C VAL G 370 16.10 13.22 0.00
N LYS G 371 16.03 13.36 -1.31
CA LYS G 371 15.20 14.37 -1.95
C LYS G 371 14.34 13.68 -2.99
N SER G 372 13.04 13.95 -2.94
CA SER G 372 12.04 13.27 -3.74
C SER G 372 11.04 14.26 -4.29
N ASP G 373 11.48 15.50 -4.51
CA ASP G 373 10.59 16.60 -4.84
C ASP G 373 10.60 16.93 -6.33
N GLY G 374 10.80 15.91 -7.16
CA GLY G 374 10.59 16.02 -8.58
C GLY G 374 9.29 15.37 -8.99
N HIS G 375 9.05 15.36 -10.30
CA HIS G 375 7.74 14.97 -10.80
C HIS G 375 7.55 13.45 -10.88
N ASP G 376 8.35 12.77 -11.71
CA ASP G 376 7.99 11.44 -12.19
C ASP G 376 8.69 10.31 -11.44
N GLY G 377 8.90 10.47 -10.14
CA GLY G 377 9.39 9.38 -9.31
C GLY G 377 10.88 9.37 -9.05
N TYR G 378 11.65 10.23 -9.69
CA TYR G 378 13.07 10.26 -9.41
C TYR G 378 13.31 10.72 -7.99
N VAL G 379 14.30 10.12 -7.37
CA VAL G 379 14.74 10.45 -6.03
C VAL G 379 16.26 10.48 -6.05
N ARG G 380 16.83 11.40 -5.29
CA ARG G 380 18.26 11.48 -5.06
C ARG G 380 18.57 11.14 -3.60
N LEU G 381 19.60 10.34 -3.40
CA LEU G 381 20.05 9.92 -2.10
C LEU G 381 21.47 10.38 -1.88
N GLN G 382 21.81 10.59 -0.60
CA GLN G 382 23.13 11.02 -0.17
C GLN G 382 23.46 10.18 1.05
N THR G 383 24.48 9.33 0.91
CA THR G 383 24.76 8.25 1.84
C THR G 383 26.15 8.41 2.46
N SER G 384 26.55 7.41 3.23
CA SER G 384 27.87 7.31 3.84
C SER G 384 28.74 6.31 3.09
N SER G 385 28.64 6.32 1.78
CA SER G 385 29.35 5.41 0.89
C SER G 385 29.40 6.05 -0.48
N GLN G 386 30.47 5.75 -1.22
CA GLN G 386 30.76 6.44 -2.48
C GLN G 386 30.40 5.57 -3.67
N TYR G 387 30.37 6.20 -4.83
CA TYR G 387 30.07 5.55 -6.10
C TYR G 387 31.02 6.11 -7.15
N GLY G 388 31.67 5.21 -7.89
CA GLY G 388 32.68 5.60 -8.86
C GLY G 388 32.74 4.71 -10.07
N LEU G 389 33.92 4.67 -10.70
CA LEU G 389 34.12 4.02 -11.99
C LEU G 389 34.86 2.70 -11.90
N ASP G 390 35.86 2.61 -11.02
CA ASP G 390 36.65 1.39 -10.90
C ASP G 390 35.83 0.27 -10.26
N GLY G 397 31.13 -0.32 -15.86
CA GLY G 397 31.77 -0.19 -14.56
C GLY G 397 31.12 0.85 -13.68
N ARG G 398 30.57 0.41 -12.55
CA ARG G 398 29.90 1.31 -11.62
C ARG G 398 29.85 0.59 -10.28
N THR G 399 30.61 1.09 -9.31
CA THR G 399 30.95 0.36 -8.11
C THR G 399 30.54 1.18 -6.89
N MET G 400 30.71 0.58 -5.72
CA MET G 400 30.31 1.17 -4.45
C MET G 400 31.39 0.92 -3.42
N ARG G 401 32.15 1.95 -3.10
CA ARG G 401 33.24 1.88 -2.14
C ARG G 401 32.73 2.33 -0.78
N TYR G 402 32.65 1.40 0.17
CA TYR G 402 32.10 1.67 1.49
C TYR G 402 33.16 1.54 2.56
N ASP G 403 32.89 2.19 3.68
CA ASP G 403 33.80 2.20 4.83
C ASP G 403 33.33 1.20 5.86
N MET G 404 34.28 0.50 6.45
CA MET G 404 33.99 -0.60 7.34
C MET G 404 35.19 -0.79 8.25
N HIS G 405 35.09 -0.28 9.48
CA HIS G 405 36.03 -0.61 10.55
C HIS G 405 37.46 -0.31 10.13
N GLY G 406 37.64 0.84 9.49
CA GLY G 406 38.93 1.28 9.02
C GLY G 406 39.20 0.88 7.59
N THR G 407 39.10 -0.41 7.29
CA THR G 407 39.34 -0.87 5.94
C THR G 407 38.26 -0.36 4.99
N ILE G 408 38.59 -0.36 3.71
CA ILE G 408 37.75 0.17 2.65
C ILE G 408 37.44 -0.98 1.71
N LYS G 409 36.21 -1.02 1.23
CA LYS G 409 35.68 -2.14 0.49
C LYS G 409 35.11 -1.68 -0.84
N GLU G 410 34.52 -2.60 -1.57
CA GLU G 410 34.05 -2.34 -2.93
C GLU G 410 33.08 -3.44 -3.33
N ILE G 411 31.86 -3.06 -3.64
CA ILE G 411 30.92 -3.94 -4.32
C ILE G 411 30.55 -3.28 -5.64
N PRO G 412 29.96 -4.02 -6.57
CA PRO G 412 29.33 -3.39 -7.71
C PRO G 412 28.01 -2.74 -7.33
N LEU G 413 27.28 -2.30 -8.36
CA LEU G 413 26.00 -1.64 -8.19
C LEU G 413 24.88 -2.41 -8.85
N HIS G 414 25.06 -3.72 -9.05
CA HIS G 414 23.96 -4.63 -9.30
C HIS G 414 23.63 -5.48 -8.09
N GLN G 415 24.50 -5.49 -7.08
CA GLN G 415 24.22 -6.18 -5.83
C GLN G 415 23.48 -5.30 -4.83
N VAL G 416 23.51 -4.01 -5.02
CA VAL G 416 22.82 -3.07 -4.14
C VAL G 416 21.35 -3.15 -4.46
N SER G 417 20.50 -2.91 -3.46
CA SER G 417 19.06 -2.96 -3.65
C SER G 417 18.41 -2.03 -2.66
N LEU G 418 17.64 -1.07 -3.18
CA LEU G 418 16.90 -0.14 -2.35
C LEU G 418 15.42 -0.22 -2.69
N TYR G 419 14.59 -0.06 -1.66
CA TYR G 419 13.17 -0.27 -1.76
C TYR G 419 12.46 0.61 -0.74
N THR G 420 11.31 1.14 -1.14
CA THR G 420 10.54 2.05 -0.31
C THR G 420 9.20 1.46 0.10
N SER G 421 8.36 1.18 -0.87
CA SER G 421 7.20 0.31 -0.71
C SER G 421 7.14 -0.76 -1.77
N ARG G 422 7.63 -0.47 -2.96
CA ARG G 422 7.99 -1.42 -3.98
C ARG G 422 9.48 -1.24 -4.26
N PRO G 423 10.12 -2.21 -4.90
CA PRO G 423 11.53 -2.03 -5.19
C PRO G 423 11.81 -0.88 -6.12
N CYS G 424 13.01 -0.35 -6.01
CA CYS G 424 13.49 0.72 -6.86
C CYS G 424 14.41 0.14 -7.91
N HIS G 425 14.83 1.02 -8.82
CA HIS G 425 15.77 0.68 -9.88
C HIS G 425 16.78 1.81 -9.95
N ILE G 426 17.99 1.54 -9.51
CA ILE G 426 19.03 2.55 -9.52
C ILE G 426 19.27 2.97 -10.95
N VAL G 427 19.59 4.24 -11.15
CA VAL G 427 19.84 4.78 -12.47
C VAL G 427 21.30 5.16 -12.59
N ASP G 428 21.88 5.72 -11.55
CA ASP G 428 23.28 6.11 -11.61
C ASP G 428 23.77 6.38 -10.20
N GLY G 429 25.08 6.41 -10.06
CA GLY G 429 25.70 6.77 -8.80
C GLY G 429 26.91 7.64 -9.04
N HIS G 430 27.13 8.60 -8.16
CA HIS G 430 28.27 9.50 -8.32
C HIS G 430 28.57 10.16 -6.99
N GLY G 431 29.81 10.04 -6.55
CA GLY G 431 30.19 10.57 -5.26
C GLY G 431 29.46 9.84 -4.17
N TYR G 432 29.13 10.58 -3.11
CA TYR G 432 28.25 10.11 -2.06
C TYR G 432 26.79 10.01 -2.51
N PHE G 433 26.47 10.39 -3.74
CA PHE G 433 25.09 10.49 -4.19
C PHE G 433 24.68 9.33 -5.09
N LEU G 434 23.36 9.20 -5.24
CA LEU G 434 22.76 8.09 -5.95
C LEU G 434 21.44 8.54 -6.55
N LEU G 435 21.19 8.21 -7.82
CA LEU G 435 19.96 8.55 -8.51
C LEU G 435 19.21 7.28 -8.89
N ALA G 436 17.91 7.28 -8.61
CA ALA G 436 17.03 6.13 -8.71
C ALA G 436 15.68 6.53 -9.28
N ARG G 437 14.84 5.52 -9.53
CA ARG G 437 13.45 5.68 -9.95
C ARG G 437 12.59 4.94 -8.96
N CYS G 438 12.17 5.61 -7.90
CA CYS G 438 11.47 4.99 -6.81
C CYS G 438 10.02 5.44 -6.78
N PRO G 439 9.08 4.54 -6.46
CA PRO G 439 7.71 4.99 -6.24
C PRO G 439 7.47 5.48 -4.84
N ALA G 440 6.22 5.78 -4.54
CA ALA G 440 5.87 6.37 -3.27
C ALA G 440 5.95 5.36 -2.13
N GLY G 441 6.44 5.85 -1.00
CA GLY G 441 6.46 5.11 0.23
C GLY G 441 6.66 6.05 1.39
N ASP G 442 6.83 5.47 2.58
CA ASP G 442 7.10 6.20 3.80
C ASP G 442 8.45 5.84 4.37
N SER G 443 9.34 5.31 3.54
CA SER G 443 10.67 4.97 3.99
C SER G 443 11.53 4.75 2.77
N ILE G 444 12.84 4.81 3.00
CA ILE G 444 13.81 4.27 2.06
C ILE G 444 14.67 3.29 2.81
N THR G 445 14.66 2.05 2.35
CA THR G 445 15.58 1.03 2.78
C THR G 445 16.57 0.78 1.67
N MET G 446 17.73 0.34 2.05
CA MET G 446 18.84 0.08 1.16
C MET G 446 19.61 -1.07 1.77
N GLU G 447 20.14 -1.95 0.95
CA GLU G 447 20.72 -3.16 1.50
C GLU G 447 21.56 -3.86 0.44
N PHE G 448 22.42 -4.76 0.95
CA PHE G 448 23.28 -5.56 0.10
C PHE G 448 23.82 -6.70 0.94
N LYS G 449 24.75 -7.46 0.33
CA LYS G 449 25.17 -8.72 0.93
C LYS G 449 26.54 -9.09 0.41
N LYS G 450 27.54 -9.00 1.29
CA LYS G 450 28.83 -9.64 1.11
C LYS G 450 28.70 -11.12 1.50
N ASP G 451 29.82 -11.82 1.67
CA ASP G 451 29.89 -13.29 1.61
C ASP G 451 28.77 -14.02 2.34
N SER G 452 28.47 -13.60 3.56
CA SER G 452 27.40 -14.22 4.35
C SER G 452 26.49 -13.24 5.05
N VAL G 453 26.90 -12.00 5.28
CA VAL G 453 26.14 -11.04 6.06
C VAL G 453 25.36 -10.17 5.11
N ARG G 454 24.15 -9.78 5.52
CA ARG G 454 23.39 -8.76 4.84
C ARG G 454 23.44 -7.46 5.62
N HIS G 455 23.78 -6.40 4.92
CA HIS G 455 23.79 -5.06 5.48
C HIS G 455 22.55 -4.31 5.01
N SER G 456 22.02 -3.46 5.88
CA SER G 456 20.82 -2.70 5.59
C SER G 456 20.88 -1.34 6.27
N CYS G 457 20.08 -0.42 5.73
CA CYS G 457 19.79 0.84 6.38
C CYS G 457 18.44 1.33 5.89
N SER G 458 17.54 1.59 6.82
CA SER G 458 16.23 2.14 6.52
C SER G 458 16.13 3.49 7.20
N VAL G 459 15.33 4.35 6.61
CA VAL G 459 15.19 5.70 7.14
C VAL G 459 13.78 6.21 6.83
N PRO G 460 13.10 6.89 7.77
CA PRO G 460 11.80 7.45 7.44
C PRO G 460 11.92 8.74 6.66
N TYR G 461 11.66 8.64 5.36
CA TYR G 461 11.48 9.81 4.52
C TYR G 461 10.29 9.57 3.63
N GLU G 462 9.55 10.63 3.35
CA GLU G 462 8.30 10.52 2.61
C GLU G 462 8.61 10.70 1.14
N VAL G 463 9.09 9.63 0.52
CA VAL G 463 9.13 9.56 -0.92
C VAL G 463 7.73 9.73 -1.47
N LYS G 464 7.60 10.51 -2.52
CA LYS G 464 6.31 10.90 -3.05
C LYS G 464 6.40 10.99 -4.57
N PHE G 465 5.38 10.44 -5.21
CA PHE G 465 5.23 10.48 -6.65
C PHE G 465 4.35 11.67 -6.97
N ASN G 466 4.91 12.65 -7.69
CA ASN G 466 4.28 13.94 -7.94
C ASN G 466 3.91 14.01 -9.41
N PRO G 467 2.74 13.54 -9.83
CA PRO G 467 2.49 13.40 -11.26
C PRO G 467 2.40 14.73 -11.95
N VAL G 468 2.90 14.78 -13.19
CA VAL G 468 2.74 15.96 -14.02
C VAL G 468 1.31 16.01 -14.53
N GLY G 469 0.81 17.21 -14.71
CA GLY G 469 -0.42 17.41 -15.41
C GLY G 469 -1.65 17.30 -14.54
N ARG G 470 -2.76 17.06 -15.23
CA ARG G 470 -4.09 17.11 -14.64
C ARG G 470 -4.77 15.75 -14.66
N GLU G 471 -4.02 14.67 -14.85
CA GLU G 471 -4.50 13.31 -14.68
C GLU G 471 -3.60 12.63 -13.67
N LEU G 472 -4.04 12.59 -12.42
CA LEU G 472 -3.18 12.14 -11.35
C LEU G 472 -2.98 10.64 -11.48
N TYR G 473 -1.83 10.24 -11.96
CA TYR G 473 -1.46 8.85 -12.16
C TYR G 473 -0.47 8.42 -11.09
N THR G 474 -0.17 7.13 -11.09
CA THR G 474 0.75 6.53 -10.13
C THR G 474 1.96 5.90 -10.79
N HIS G 475 1.80 5.38 -12.00
CA HIS G 475 2.87 4.90 -12.85
C HIS G 475 2.66 5.45 -14.26
N PRO G 476 3.69 5.92 -14.94
CA PRO G 476 3.47 6.72 -16.13
C PRO G 476 2.93 5.91 -17.28
N PRO G 477 2.38 6.56 -18.30
CA PRO G 477 1.63 5.86 -19.33
C PRO G 477 2.53 5.40 -20.47
N GLU G 478 2.01 4.42 -21.22
CA GLU G 478 2.70 3.95 -22.42
C GLU G 478 2.79 5.04 -23.47
N HIS G 479 1.80 5.93 -23.52
CA HIS G 479 1.74 6.95 -24.54
C HIS G 479 0.90 8.11 -24.03
N GLY G 480 1.19 9.30 -24.56
CA GLY G 480 0.44 10.47 -24.20
C GLY G 480 1.12 11.73 -24.71
N VAL G 481 0.44 12.85 -24.47
CA VAL G 481 0.94 14.18 -24.82
C VAL G 481 2.13 14.51 -23.94
N GLU G 482 2.81 15.60 -24.28
CA GLU G 482 4.13 15.91 -23.76
C GLU G 482 4.10 17.29 -23.13
N GLN G 483 4.25 17.33 -21.81
CA GLN G 483 4.27 18.55 -21.02
C GLN G 483 5.66 18.79 -20.47
N ALA G 484 5.79 19.89 -19.73
CA ALA G 484 7.06 20.35 -19.19
C ALA G 484 7.22 19.80 -17.79
N CYS G 485 8.34 19.13 -17.57
CA CYS G 485 8.63 18.46 -16.32
C CYS G 485 10.01 18.86 -15.83
N GLN G 486 10.19 18.69 -14.53
CA GLN G 486 11.49 18.83 -13.89
C GLN G 486 11.78 17.54 -13.15
N VAL G 487 12.84 16.85 -13.57
CA VAL G 487 13.22 15.57 -13.02
C VAL G 487 14.70 15.61 -12.70
N TYR G 488 15.06 14.95 -11.60
CA TYR G 488 16.45 14.96 -11.15
C TYR G 488 17.31 14.35 -12.23
N ALA G 489 18.11 15.20 -12.88
CA ALA G 489 18.73 14.83 -14.12
C ALA G 489 19.85 13.82 -13.93
N HIS G 490 20.34 13.33 -15.05
CA HIS G 490 21.40 12.32 -15.10
C HIS G 490 22.76 12.93 -15.36
N ASP G 491 22.82 14.22 -15.70
CA ASP G 491 24.10 14.88 -15.88
C ASP G 491 24.74 15.15 -14.54
N ALA G 492 26.02 14.83 -14.42
CA ALA G 492 26.78 14.99 -13.20
C ALA G 492 27.81 16.11 -13.29
N GLN G 493 27.59 17.06 -14.20
CA GLN G 493 28.46 18.20 -14.33
C GLN G 493 28.25 19.16 -13.16
N ASN G 494 29.10 20.17 -13.09
CA ASN G 494 29.06 21.16 -12.03
C ASN G 494 28.15 22.29 -12.48
N ARG G 495 27.00 22.40 -11.82
CA ARG G 495 25.96 23.36 -12.17
C ARG G 495 25.94 24.58 -11.27
N GLY G 496 26.43 24.46 -10.04
CA GLY G 496 26.46 25.56 -9.11
C GLY G 496 26.18 25.18 -7.67
N ALA G 497 25.78 23.93 -7.43
CA ALA G 497 25.44 23.46 -6.10
C ALA G 497 26.64 22.78 -5.47
N TYR G 498 26.85 23.05 -4.18
CA TYR G 498 28.04 22.61 -3.48
C TYR G 498 27.71 22.23 -2.06
N VAL G 499 28.44 21.26 -1.53
CA VAL G 499 28.33 20.86 -0.14
C VAL G 499 29.73 20.71 0.42
N GLU G 500 29.84 20.81 1.73
CA GLU G 500 31.09 21.06 2.41
C GLU G 500 31.73 19.79 2.92
N MET G 501 33.04 19.86 3.14
CA MET G 501 33.80 18.74 3.62
C MET G 501 35.19 19.21 4.05
N HIS G 502 35.98 18.29 4.58
CA HIS G 502 37.18 18.68 5.30
C HIS G 502 38.10 17.49 5.47
N LEU G 503 39.37 17.79 5.79
CA LEU G 503 40.29 16.80 6.30
C LEU G 503 40.12 16.64 7.82
N PRO G 504 40.41 15.45 8.38
CA PRO G 504 40.35 15.35 9.83
C PRO G 504 41.57 15.97 10.50
N ASP G 568 44.22 12.75 5.93
CA ASP G 568 44.82 12.19 4.73
C ASP G 568 43.84 12.21 3.56
N LYS G 569 42.55 12.08 3.87
CA LYS G 569 41.49 12.11 2.88
C LYS G 569 40.36 12.99 3.36
N TRP G 570 39.53 13.40 2.41
CA TRP G 570 38.42 14.30 2.72
C TRP G 570 37.22 13.51 3.22
N VAL G 571 36.39 14.17 3.99
CA VAL G 571 35.20 13.58 4.59
C VAL G 571 34.15 14.67 4.72
N TYR G 572 32.91 14.25 4.52
CA TYR G 572 31.79 15.16 4.50
C TYR G 572 31.58 15.80 5.87
N ASN G 573 31.10 17.04 5.85
CA ASN G 573 30.86 17.79 7.08
C ASN G 573 29.47 17.37 7.56
N SER G 574 29.43 16.20 8.17
CA SER G 574 28.19 15.52 8.50
C SER G 574 27.79 15.78 9.94
N ASP G 575 26.48 15.76 10.15
CA ASP G 575 25.91 15.79 11.49
C ASP G 575 26.27 14.55 12.29
N LYS G 576 26.61 13.44 11.63
CA LYS G 576 26.85 12.17 12.28
C LYS G 576 28.33 11.89 12.45
N LEU G 577 29.19 12.84 12.09
CA LEU G 577 30.58 12.83 12.47
C LEU G 577 30.93 14.15 13.16
N PRO G 578 31.83 14.14 14.14
CA PRO G 578 32.19 15.38 14.82
C PRO G 578 33.25 16.15 14.06
N LYS G 579 33.71 17.23 14.68
CA LYS G 579 34.67 18.13 14.07
C LYS G 579 36.02 18.03 14.76
N ALA G 580 37.08 18.12 13.95
CA ALA G 580 38.43 18.07 14.48
C ALA G 580 38.81 19.42 15.09
N ALA G 581 39.82 19.36 15.97
CA ALA G 581 40.32 20.54 16.66
C ALA G 581 41.68 20.99 16.16
N GLY G 582 42.40 20.16 15.40
CA GLY G 582 43.69 20.54 14.89
C GLY G 582 43.62 21.68 13.90
N ALA G 583 42.94 21.47 12.78
CA ALA G 583 42.76 22.49 11.77
C ALA G 583 41.51 22.19 10.96
N THR G 584 40.70 23.22 10.75
CA THR G 584 39.45 23.12 10.01
C THR G 584 39.77 23.45 8.56
N LEU G 585 40.37 22.51 7.85
CA LEU G 585 40.74 22.68 6.45
C LEU G 585 39.58 22.26 5.59
N LYS G 586 38.78 23.24 5.19
CA LYS G 586 37.51 22.98 4.53
C LYS G 586 37.62 23.06 3.02
N GLY G 587 36.55 22.64 2.35
CA GLY G 587 36.46 22.63 0.90
C GLY G 587 35.06 22.23 0.52
N LYS G 588 34.74 22.40 -0.76
CA LYS G 588 33.40 22.15 -1.26
C LYS G 588 33.45 21.31 -2.51
N LEU G 589 32.46 20.43 -2.64
CA LEU G 589 32.34 19.52 -3.77
C LEU G 589 30.91 19.52 -4.27
N HIS G 590 30.76 19.23 -5.56
CA HIS G 590 29.52 19.53 -6.25
C HIS G 590 28.51 18.40 -6.12
N VAL G 591 27.24 18.78 -6.18
CA VAL G 591 26.13 17.83 -6.13
C VAL G 591 25.72 17.58 -7.57
N PRO G 592 25.77 16.36 -8.08
CA PRO G 592 25.28 16.11 -9.42
C PRO G 592 23.77 15.93 -9.41
N PHE G 593 23.23 15.71 -10.60
CA PHE G 593 21.85 15.27 -10.75
C PHE G 593 20.90 16.33 -10.20
N LEU G 594 21.24 17.59 -10.45
CA LEU G 594 20.36 18.67 -10.11
C LEU G 594 19.02 18.52 -10.84
N LEU G 595 18.02 19.19 -10.31
CA LEU G 595 16.69 19.18 -10.87
C LEU G 595 16.67 20.12 -12.07
N ALA G 596 16.54 19.56 -13.25
CA ALA G 596 16.58 20.30 -14.51
C ALA G 596 15.30 20.06 -15.30
N ASP G 597 15.10 20.92 -16.27
CA ASP G 597 13.85 20.93 -17.02
C ASP G 597 13.87 19.79 -18.02
N GLY G 598 12.93 19.79 -18.95
CA GLY G 598 12.81 18.73 -19.91
C GLY G 598 11.37 18.63 -20.40
N LYS G 599 11.05 17.49 -20.98
CA LYS G 599 9.73 17.21 -21.51
C LYS G 599 9.35 15.78 -21.19
N CYS G 600 8.21 15.61 -20.52
CA CYS G 600 7.75 14.33 -20.04
C CYS G 600 6.38 13.98 -20.61
N THR G 601 6.07 12.69 -20.61
CA THR G 601 4.91 12.15 -21.29
C THR G 601 3.78 11.93 -20.29
N VAL G 602 2.66 12.61 -20.50
CA VAL G 602 1.55 12.63 -19.56
C VAL G 602 0.30 12.04 -20.22
N PRO G 603 -0.51 11.27 -19.50
CA PRO G 603 -1.60 10.56 -20.15
C PRO G 603 -2.69 11.50 -20.62
N LEU G 604 -3.39 11.05 -21.65
CA LEU G 604 -4.48 11.80 -22.26
C LEU G 604 -5.77 11.06 -21.96
N ALA G 605 -6.70 11.74 -21.29
CA ALA G 605 -7.93 11.10 -20.89
C ALA G 605 -8.78 10.76 -22.10
N PRO G 606 -9.81 9.94 -21.92
CA PRO G 606 -10.67 9.63 -23.05
C PRO G 606 -11.50 10.83 -23.46
N GLU G 607 -11.99 10.79 -24.68
CA GLU G 607 -12.66 11.93 -25.24
C GLU G 607 -13.97 12.15 -24.49
N PRO G 608 -14.22 13.34 -23.94
CA PRO G 608 -15.50 13.56 -23.28
C PRO G 608 -16.63 13.57 -24.28
N MET G 609 -17.77 13.02 -23.87
CA MET G 609 -18.96 13.06 -24.71
C MET G 609 -19.76 14.31 -24.35
N ILE G 610 -20.22 15.01 -25.37
CA ILE G 610 -20.75 16.36 -25.24
C ILE G 610 -22.10 16.39 -25.92
N THR G 611 -23.16 16.21 -25.16
CA THR G 611 -24.51 16.38 -25.66
C THR G 611 -24.93 17.83 -25.50
N PHE G 612 -25.68 18.33 -26.47
CA PHE G 612 -26.14 19.71 -26.49
C PHE G 612 -27.52 19.83 -25.87
N GLY G 613 -27.87 21.08 -25.55
CA GLY G 613 -29.19 21.41 -25.08
C GLY G 613 -29.35 22.90 -25.13
N PHE G 614 -30.59 23.35 -24.94
CA PHE G 614 -30.87 24.77 -25.09
C PHE G 614 -30.12 25.56 -24.03
N ARG G 615 -29.08 26.25 -24.47
CA ARG G 615 -28.21 27.01 -23.60
C ARG G 615 -27.64 26.10 -22.51
N SER G 616 -27.24 24.91 -22.91
CA SER G 616 -26.67 23.97 -21.96
C SER G 616 -25.82 22.94 -22.68
N VAL G 617 -24.85 22.41 -21.93
CA VAL G 617 -23.97 21.35 -22.38
C VAL G 617 -24.05 20.25 -21.34
N SER G 618 -23.96 19.00 -21.78
CA SER G 618 -23.96 17.85 -20.89
C SER G 618 -22.72 17.02 -21.20
N LEU G 619 -21.84 16.91 -20.21
CA LEU G 619 -20.58 16.20 -20.32
C LEU G 619 -20.74 14.84 -19.67
N LYS G 620 -20.55 13.79 -20.47
CA LYS G 620 -20.42 12.43 -19.97
C LYS G 620 -18.94 12.09 -19.98
N LEU G 621 -18.43 11.71 -18.81
CA LEU G 621 -17.01 11.57 -18.55
C LEU G 621 -16.74 10.15 -18.07
N HIS G 622 -15.73 9.51 -18.65
CA HIS G 622 -15.42 8.11 -18.42
C HIS G 622 -13.92 7.97 -18.24
N PRO G 623 -13.41 8.30 -17.06
CA PRO G 623 -11.95 8.33 -16.87
C PRO G 623 -11.34 7.02 -16.46
N LYS G 624 -10.06 6.89 -16.80
CA LYS G 624 -9.22 5.78 -16.40
C LYS G 624 -8.50 6.04 -15.10
N ASN G 625 -8.48 7.28 -14.62
CA ASN G 625 -7.69 7.68 -13.47
C ASN G 625 -8.16 9.05 -13.03
N PRO G 626 -7.83 9.47 -11.80
CA PRO G 626 -8.30 10.76 -11.30
C PRO G 626 -7.85 11.91 -12.18
N THR G 627 -8.80 12.78 -12.50
CA THR G 627 -8.59 13.78 -13.53
C THR G 627 -9.32 15.06 -13.17
N TYR G 628 -8.69 16.19 -13.49
CA TYR G 628 -9.24 17.50 -13.16
C TYR G 628 -10.16 17.97 -14.28
N LEU G 629 -11.38 18.34 -13.91
CA LEU G 629 -12.28 19.10 -14.78
C LEU G 629 -12.29 20.52 -14.28
N ILE G 630 -11.95 21.44 -15.17
CA ILE G 630 -11.84 22.85 -14.84
C ILE G 630 -12.71 23.61 -15.82
N THR G 631 -13.82 24.17 -15.32
CA THR G 631 -14.75 24.89 -16.16
C THR G 631 -14.81 26.33 -15.71
N ARG G 632 -15.07 27.23 -16.65
CA ARG G 632 -15.38 28.60 -16.31
C ARG G 632 -16.27 29.21 -17.37
N GLN G 633 -16.97 30.25 -16.97
CA GLN G 633 -17.65 31.13 -17.89
C GLN G 633 -16.70 32.21 -18.37
N LEU G 634 -16.95 32.70 -19.57
CA LEU G 634 -16.10 33.69 -20.21
C LEU G 634 -16.62 35.11 -20.00
N ALA G 635 -17.19 35.40 -18.85
CA ALA G 635 -17.87 36.65 -18.57
C ALA G 635 -17.26 37.33 -17.36
N ASP G 636 -17.89 38.42 -16.93
CA ASP G 636 -17.41 39.18 -15.79
C ASP G 636 -17.46 38.39 -14.49
N GLU G 637 -18.24 37.32 -14.44
CA GLU G 637 -18.41 36.51 -13.25
C GLU G 637 -18.04 35.08 -13.63
N PRO G 638 -16.80 34.64 -13.40
CA PRO G 638 -16.34 33.42 -14.07
C PRO G 638 -16.98 32.15 -13.58
N HIS G 639 -17.11 32.01 -12.26
CA HIS G 639 -17.64 30.80 -11.64
C HIS G 639 -16.80 29.59 -12.02
N TYR G 640 -15.56 29.62 -11.57
CA TYR G 640 -14.65 28.54 -11.85
C TYR G 640 -15.01 27.32 -11.02
N THR G 641 -15.19 26.19 -11.69
CA THR G 641 -15.51 24.92 -11.06
C THR G 641 -14.35 24.00 -11.29
N HIS G 642 -13.63 23.70 -10.22
CA HIS G 642 -12.58 22.71 -10.20
C HIS G 642 -13.14 21.44 -9.58
N GLU G 643 -12.91 20.32 -10.22
CA GLU G 643 -13.33 19.04 -9.65
C GLU G 643 -12.30 17.99 -9.99
N LEU G 644 -12.10 17.07 -9.07
CA LEU G 644 -11.41 15.82 -9.35
C LEU G 644 -12.43 14.74 -9.59
N ILE G 645 -12.26 14.00 -10.67
CA ILE G 645 -13.24 13.01 -11.12
C ILE G 645 -12.52 11.69 -11.36
N SER G 646 -13.05 10.65 -10.74
CA SER G 646 -12.65 9.27 -10.89
C SER G 646 -13.77 8.37 -11.36
N GLU G 647 -14.94 8.51 -10.80
CA GLU G 647 -16.10 7.75 -11.22
C GLU G 647 -16.59 8.24 -12.58
N PRO G 648 -17.27 7.39 -13.35
CA PRO G 648 -17.93 7.89 -14.55
C PRO G 648 -19.08 8.82 -14.19
N ALA G 649 -19.06 10.02 -14.76
CA ALA G 649 -19.93 11.09 -14.31
C ALA G 649 -20.67 11.73 -15.47
N VAL G 650 -21.70 12.49 -15.09
CA VAL G 650 -22.58 13.18 -16.03
C VAL G 650 -22.82 14.55 -15.44
N ARG G 651 -22.07 15.55 -15.91
CA ARG G 651 -22.16 16.90 -15.39
C ARG G 651 -22.72 17.84 -16.43
N ASN G 652 -23.77 18.56 -16.04
CA ASN G 652 -24.50 19.45 -16.91
C ASN G 652 -24.17 20.87 -16.53
N PHE G 653 -23.78 21.68 -17.51
CA PHE G 653 -23.38 23.06 -17.32
C PHE G 653 -24.22 23.97 -18.20
N THR G 654 -24.44 25.19 -17.72
CA THR G 654 -25.15 26.20 -18.48
C THR G 654 -24.16 27.08 -19.22
N VAL G 655 -24.53 27.48 -20.42
CA VAL G 655 -23.62 28.03 -21.41
C VAL G 655 -24.34 29.17 -22.11
N THR G 656 -23.79 30.37 -21.98
CA THR G 656 -24.45 31.58 -22.44
C THR G 656 -23.84 32.06 -23.75
N GLU G 657 -24.28 33.22 -24.20
CA GLU G 657 -23.64 33.89 -25.32
C GLU G 657 -22.34 34.54 -24.92
N LYS G 658 -22.18 34.86 -23.65
CA LYS G 658 -20.93 35.39 -23.15
C LYS G 658 -19.83 34.35 -23.18
N GLY G 659 -20.19 33.08 -23.11
CA GLY G 659 -19.30 31.99 -23.42
C GLY G 659 -19.05 31.08 -22.24
N TRP G 660 -18.53 29.90 -22.56
CA TRP G 660 -18.19 28.92 -21.53
C TRP G 660 -17.08 28.03 -22.06
N GLU G 661 -16.01 27.86 -21.30
CA GLU G 661 -14.95 26.96 -21.68
C GLU G 661 -14.70 25.94 -20.58
N PHE G 662 -14.10 24.84 -20.99
CA PHE G 662 -13.72 23.82 -20.04
C PHE G 662 -12.45 23.13 -20.48
N VAL G 663 -11.90 22.38 -19.52
CA VAL G 663 -10.65 21.69 -19.64
C VAL G 663 -10.82 20.34 -18.96
N TRP G 664 -10.54 19.27 -19.70
CA TRP G 664 -10.70 17.90 -19.22
C TRP G 664 -9.34 17.24 -19.20
N GLY G 665 -8.75 17.17 -18.03
CA GLY G 665 -7.45 16.56 -17.87
C GLY G 665 -6.42 17.31 -18.68
N ASN G 666 -5.57 16.55 -19.35
CA ASN G 666 -4.50 17.10 -20.15
C ASN G 666 -4.92 17.47 -21.55
N HIS G 667 -6.21 17.58 -21.81
CA HIS G 667 -6.68 18.06 -23.09
C HIS G 667 -6.54 19.57 -23.16
N PRO G 668 -6.61 20.14 -24.37
CA PRO G 668 -6.62 21.59 -24.47
C PRO G 668 -7.93 22.16 -24.00
N PRO G 669 -8.01 23.48 -23.85
CA PRO G 669 -9.28 24.09 -23.47
C PRO G 669 -10.20 24.22 -24.67
N LYS G 670 -11.46 23.86 -24.47
CA LYS G 670 -12.47 23.95 -25.51
C LYS G 670 -13.52 24.97 -25.11
N ARG G 671 -13.87 25.82 -26.08
CA ARG G 671 -14.75 26.97 -25.89
C ARG G 671 -16.06 26.68 -26.62
N PHE G 672 -17.15 26.69 -25.87
CA PHE G 672 -18.49 26.57 -26.43
C PHE G 672 -19.28 27.86 -26.18
N TRP G 673 -20.14 28.18 -27.13
CA TRP G 673 -20.88 29.43 -27.19
C TRP G 673 -22.31 29.09 -27.59
N ALA G 674 -23.29 29.60 -26.85
CA ALA G 674 -24.68 29.29 -27.11
C ALA G 674 -25.29 30.27 -28.10
N GLN G 675 -26.44 29.88 -28.64
CA GLN G 675 -27.23 30.74 -29.49
C GLN G 675 -28.68 30.28 -29.45
N GLU G 676 -29.55 31.05 -30.10
CA GLU G 676 -30.96 31.08 -29.77
C GLU G 676 -31.73 29.89 -30.34
N THR G 677 -32.86 29.59 -29.70
CA THR G 677 -33.81 28.60 -30.21
C THR G 677 -35.18 28.81 -29.56
N VAL H 2 0.18 -59.56 -0.10
CA VAL H 2 -1.00 -60.37 -0.40
C VAL H 2 -0.74 -61.23 -1.62
N VAL H 3 -1.25 -62.46 -1.58
CA VAL H 3 -1.14 -63.42 -2.66
C VAL H 3 -2.53 -64.03 -2.86
N MET H 4 -2.88 -64.28 -4.12
CA MET H 4 -4.23 -64.70 -4.47
C MET H 4 -4.17 -65.77 -5.55
N THR H 5 -4.82 -66.90 -5.29
CA THR H 5 -4.82 -68.03 -6.19
C THR H 5 -6.10 -68.06 -7.02
N GLN H 6 -5.98 -68.59 -8.22
CA GLN H 6 -7.04 -68.57 -9.22
C GLN H 6 -7.13 -69.95 -9.85
N THR H 7 -8.31 -70.58 -9.77
CA THR H 7 -8.48 -71.96 -10.21
C THR H 7 -9.72 -72.10 -11.09
N PRO H 8 -9.63 -72.78 -12.24
CA PRO H 8 -8.51 -73.50 -12.90
C PRO H 8 -7.57 -72.60 -13.69
N LEU H 9 -6.56 -73.23 -14.29
CA LEU H 9 -5.65 -72.55 -15.20
C LEU H 9 -6.26 -72.35 -16.58
N SER H 10 -7.09 -73.31 -17.01
CA SER H 10 -7.75 -73.26 -18.31
C SER H 10 -9.17 -73.78 -18.13
N LEU H 11 -9.95 -73.69 -19.21
CA LEU H 11 -11.34 -74.14 -19.16
C LEU H 11 -11.87 -74.36 -20.57
N PRO H 12 -11.66 -75.54 -21.16
CA PRO H 12 -12.24 -75.80 -22.48
C PRO H 12 -13.73 -76.07 -22.42
N ILE H 13 -14.46 -75.48 -23.35
CA ILE H 13 -15.90 -75.60 -23.41
C ILE H 13 -16.30 -75.40 -24.87
N THR H 14 -17.52 -75.76 -25.19
CA THR H 14 -18.16 -75.49 -26.47
C THR H 14 -19.33 -74.54 -26.28
N PRO H 15 -19.83 -73.90 -27.34
CA PRO H 15 -20.91 -72.92 -27.15
C PRO H 15 -22.19 -73.52 -26.59
N GLY H 16 -22.99 -72.66 -25.99
CA GLY H 16 -24.31 -73.01 -25.54
C GLY H 16 -24.41 -73.65 -24.18
N GLU H 17 -23.50 -73.35 -23.26
CA GLU H 17 -23.49 -73.94 -21.92
C GLU H 17 -23.06 -72.90 -20.89
N PRO H 18 -23.38 -73.10 -19.62
CA PRO H 18 -22.80 -72.24 -18.56
C PRO H 18 -21.35 -72.62 -18.27
N ALA H 19 -20.80 -71.96 -17.25
CA ALA H 19 -19.43 -72.17 -16.82
C ALA H 19 -19.18 -71.32 -15.58
N SER H 20 -18.07 -71.61 -14.89
CA SER H 20 -17.69 -70.78 -13.75
C SER H 20 -16.26 -71.09 -13.33
N ILE H 21 -15.67 -70.14 -12.58
CA ILE H 21 -14.28 -70.14 -12.16
C ILE H 21 -14.22 -69.65 -10.72
N SER H 22 -13.18 -70.03 -9.96
CA SER H 22 -13.07 -69.68 -8.55
C SER H 22 -11.74 -68.98 -8.28
N CYS H 23 -11.73 -68.18 -7.21
CA CYS H 23 -10.58 -67.39 -6.81
C CYS H 23 -10.55 -67.33 -5.29
N ARG H 24 -9.38 -67.63 -4.72
CA ARG H 24 -9.19 -67.70 -3.27
C ARG H 24 -8.14 -66.70 -2.84
N SER H 25 -8.37 -66.07 -1.70
CA SER H 25 -7.58 -64.95 -1.22
C SER H 25 -7.03 -65.23 0.17
N SER H 26 -5.83 -64.72 0.43
CA SER H 26 -5.15 -65.01 1.69
C SER H 26 -5.96 -64.50 2.87
N GLN H 27 -6.11 -63.18 2.97
CA GLN H 27 -6.99 -62.57 3.96
C GLN H 27 -8.34 -62.29 3.33
N SER H 28 -9.36 -62.28 4.18
CA SER H 28 -10.72 -62.10 3.70
C SER H 28 -10.86 -60.74 3.04
N LEU H 29 -11.53 -60.74 1.89
CA LEU H 29 -11.75 -59.54 1.11
C LEU H 29 -13.04 -58.83 1.51
N LEU H 30 -13.48 -59.02 2.74
CA LEU H 30 -14.61 -58.29 3.31
C LEU H 30 -14.08 -57.22 4.25
N HIS H 31 -14.60 -56.01 4.10
CA HIS H 31 -14.21 -54.86 4.91
C HIS H 31 -15.30 -54.59 5.92
N SER H 32 -14.93 -53.92 7.01
CA SER H 32 -15.91 -53.54 8.04
C SER H 32 -16.65 -52.26 7.66
N ASN H 33 -17.20 -52.23 6.44
CA ASN H 33 -18.12 -51.19 6.03
C ASN H 33 -19.27 -51.73 5.20
N GLY H 34 -19.41 -53.04 5.08
CA GLY H 34 -20.48 -53.62 4.30
C GLY H 34 -20.13 -53.66 2.83
N ASN H 35 -19.00 -54.26 2.50
CA ASN H 35 -18.56 -54.27 1.12
C ASN H 35 -17.47 -55.32 0.94
N THR H 36 -17.60 -56.11 -0.12
CA THR H 36 -16.55 -57.00 -0.59
C THR H 36 -15.63 -56.25 -1.55
N TYR H 37 -14.55 -56.91 -1.96
CA TYR H 37 -13.57 -56.31 -2.84
C TYR H 37 -12.95 -57.40 -3.71
N LEU H 38 -13.39 -57.46 -4.96
CA LEU H 38 -12.76 -58.32 -5.96
C LEU H 38 -13.29 -57.88 -7.32
N HIS H 39 -12.39 -57.82 -8.29
CA HIS H 39 -12.72 -57.41 -9.65
C HIS H 39 -12.39 -58.53 -10.63
N TRP H 40 -13.38 -58.87 -11.46
CA TRP H 40 -13.26 -59.93 -12.46
C TRP H 40 -13.31 -59.26 -13.83
N TYR H 41 -12.24 -59.42 -14.62
CA TYR H 41 -12.22 -58.86 -15.97
C TYR H 41 -11.47 -59.76 -16.96
N LEU H 42 -11.48 -59.33 -18.22
CA LEU H 42 -10.95 -60.07 -19.35
C LEU H 42 -9.68 -59.44 -19.90
N GLN H 43 -8.98 -60.21 -20.74
CA GLN H 43 -7.98 -59.65 -21.65
C GLN H 43 -8.24 -60.22 -23.04
N LYS H 44 -9.06 -59.53 -23.82
CA LYS H 44 -9.37 -59.97 -25.18
C LYS H 44 -8.08 -60.07 -25.99
N PRO H 45 -8.02 -60.92 -27.02
CA PRO H 45 -6.78 -61.02 -27.80
C PRO H 45 -6.52 -59.76 -28.62
N GLY H 46 -5.52 -58.98 -28.21
CA GLY H 46 -5.14 -57.81 -28.96
C GLY H 46 -6.00 -56.59 -28.73
N GLN H 47 -6.69 -56.50 -27.60
CA GLN H 47 -7.48 -55.34 -27.24
C GLN H 47 -7.37 -55.12 -25.74
N SER H 48 -8.01 -54.06 -25.27
CA SER H 48 -7.88 -53.68 -23.88
C SER H 48 -8.88 -54.42 -23.02
N PRO H 49 -8.59 -54.60 -21.72
CA PRO H 49 -9.60 -55.16 -20.82
C PRO H 49 -10.84 -54.28 -20.73
N GLN H 50 -11.94 -54.90 -20.31
CA GLN H 50 -13.15 -54.19 -19.92
C GLN H 50 -13.79 -55.00 -18.81
N LEU H 51 -13.98 -54.37 -17.65
CA LEU H 51 -14.29 -55.15 -16.46
C LEU H 51 -15.73 -55.62 -16.48
N LEU H 52 -15.92 -56.85 -16.02
CA LEU H 52 -17.24 -57.48 -15.98
C LEU H 52 -17.88 -57.40 -14.60
N ILE H 53 -17.26 -57.98 -13.58
CA ILE H 53 -17.91 -58.15 -12.29
C ILE H 53 -17.02 -57.59 -11.21
N TYR H 54 -17.34 -56.38 -10.75
CA TYR H 54 -16.70 -55.78 -9.60
C TYR H 54 -17.57 -55.98 -8.36
N GLY H 55 -16.96 -55.79 -7.20
CA GLY H 55 -17.69 -55.90 -5.96
C GLY H 55 -18.29 -57.27 -5.74
N GLY H 56 -17.68 -58.30 -6.29
CA GLY H 56 -18.17 -59.66 -6.13
C GLY H 56 -19.33 -60.05 -7.03
N SER H 57 -20.34 -59.19 -7.14
CA SER H 57 -21.56 -59.54 -7.85
C SER H 57 -22.15 -58.39 -8.67
N ASN H 58 -21.48 -57.26 -8.77
CA ASN H 58 -22.02 -56.10 -9.46
C ASN H 58 -21.53 -56.08 -10.91
N ARG H 59 -22.48 -56.13 -11.82
CA ARG H 59 -22.20 -56.03 -13.25
C ARG H 59 -21.61 -54.67 -13.58
N ALA H 60 -21.06 -54.56 -14.78
CA ALA H 60 -20.59 -53.29 -15.32
C ALA H 60 -21.75 -52.62 -16.06
N SER H 61 -21.45 -51.55 -16.81
CA SER H 61 -22.48 -50.76 -17.46
C SER H 61 -22.78 -51.25 -18.87
N GLY H 62 -21.79 -51.23 -19.75
CA GLY H 62 -21.96 -51.68 -21.13
C GLY H 62 -21.66 -53.15 -21.28
N VAL H 63 -22.23 -53.96 -20.40
CA VAL H 63 -21.93 -55.39 -20.30
C VAL H 63 -23.18 -56.16 -20.74
N PRO H 64 -23.05 -57.36 -21.32
CA PRO H 64 -24.21 -58.21 -21.49
C PRO H 64 -24.70 -58.76 -20.17
N ASP H 65 -25.91 -59.32 -20.20
CA ASP H 65 -26.52 -59.96 -19.04
C ASP H 65 -26.09 -61.41 -18.88
N ARG H 66 -25.07 -61.86 -19.60
CA ARG H 66 -24.74 -63.27 -19.69
C ARG H 66 -23.78 -63.73 -18.60
N PHE H 67 -23.77 -63.05 -17.45
CA PHE H 67 -22.78 -63.26 -16.42
C PHE H 67 -23.44 -63.19 -15.05
N SER H 68 -22.69 -63.59 -14.02
CA SER H 68 -23.03 -63.30 -12.64
C SER H 68 -21.81 -63.68 -11.81
N GLY H 69 -21.85 -63.32 -10.54
CA GLY H 69 -20.77 -63.65 -9.64
C GLY H 69 -21.21 -63.50 -8.20
N SER H 70 -20.52 -64.21 -7.32
CA SER H 70 -20.79 -64.12 -5.89
C SER H 70 -19.59 -64.68 -5.15
N GLY H 71 -19.74 -64.89 -3.86
CA GLY H 71 -18.63 -65.42 -3.09
C GLY H 71 -18.82 -65.17 -1.60
N SER H 72 -17.93 -65.77 -0.83
CA SER H 72 -18.01 -65.78 0.63
C SER H 72 -16.63 -65.48 1.21
N GLY H 73 -16.46 -64.26 1.71
CA GLY H 73 -15.29 -63.92 2.49
C GLY H 73 -14.02 -63.87 1.68
N THR H 74 -13.58 -65.05 1.24
CA THR H 74 -12.38 -65.21 0.43
C THR H 74 -12.55 -66.17 -0.73
N ASP H 75 -13.52 -67.08 -0.67
CA ASP H 75 -13.75 -68.05 -1.74
C ASP H 75 -14.81 -67.44 -2.64
N PHE H 76 -14.38 -66.91 -3.78
CA PHE H 76 -15.27 -66.15 -4.67
C PHE H 76 -15.37 -66.87 -6.00
N THR H 77 -16.49 -66.65 -6.69
CA THR H 77 -16.90 -67.44 -7.83
C THR H 77 -17.47 -66.51 -8.90
N LEU H 78 -16.99 -66.69 -10.13
CA LEU H 78 -17.54 -66.02 -11.30
C LEU H 78 -18.27 -67.07 -12.12
N LYS H 79 -19.54 -66.84 -12.40
CA LYS H 79 -20.34 -67.75 -13.21
C LYS H 79 -20.66 -67.08 -14.54
N ILE H 80 -20.48 -67.84 -15.62
CA ILE H 80 -20.83 -67.42 -16.96
C ILE H 80 -22.09 -68.18 -17.36
N SER H 81 -23.14 -67.44 -17.72
CA SER H 81 -24.45 -68.07 -17.88
C SER H 81 -24.53 -68.87 -19.18
N LYS H 82 -24.10 -68.26 -20.29
CA LYS H 82 -24.16 -68.91 -21.60
C LYS H 82 -22.92 -68.47 -22.38
N VAL H 83 -22.01 -69.40 -22.61
CA VAL H 83 -20.76 -69.09 -23.29
C VAL H 83 -21.02 -68.90 -24.77
N GLU H 84 -20.41 -67.87 -25.35
CA GLU H 84 -20.48 -67.57 -26.76
C GLU H 84 -19.08 -67.66 -27.37
N ALA H 85 -18.97 -67.32 -28.66
CA ALA H 85 -17.71 -67.43 -29.37
C ALA H 85 -16.77 -66.26 -29.07
N GLU H 86 -17.33 -65.07 -28.82
CA GLU H 86 -16.50 -63.88 -28.64
C GLU H 86 -15.84 -63.82 -27.27
N ASP H 87 -16.09 -64.77 -26.38
CA ASP H 87 -15.63 -64.71 -25.01
C ASP H 87 -14.26 -65.36 -24.85
N VAL H 88 -13.55 -65.60 -25.93
CA VAL H 88 -12.28 -66.32 -25.87
C VAL H 88 -11.19 -65.38 -25.37
N GLY H 89 -10.43 -65.84 -24.38
CA GLY H 89 -9.38 -65.00 -23.82
C GLY H 89 -8.87 -65.56 -22.51
N VAL H 90 -8.58 -64.65 -21.59
CA VAL H 90 -8.14 -65.00 -20.25
C VAL H 90 -8.83 -64.08 -19.25
N TYR H 91 -9.21 -64.65 -18.10
CA TYR H 91 -9.88 -63.93 -17.03
C TYR H 91 -8.93 -63.69 -15.86
N TYR H 92 -9.08 -62.53 -15.24
CA TYR H 92 -8.29 -62.12 -14.08
C TYR H 92 -9.23 -61.74 -12.94
N CYS H 93 -9.02 -62.34 -11.77
CA CYS H 93 -9.54 -61.82 -10.51
C CYS H 93 -8.49 -60.92 -9.89
N VAL H 94 -8.94 -59.87 -9.19
CA VAL H 94 -8.10 -58.73 -8.85
C VAL H 94 -8.53 -58.15 -7.50
N GLN H 95 -7.54 -57.73 -6.72
CA GLN H 95 -7.64 -57.42 -5.30
C GLN H 95 -7.48 -55.92 -5.04
N ALA H 96 -8.22 -55.44 -4.03
CA ALA H 96 -8.30 -54.01 -3.77
C ALA H 96 -8.24 -53.62 -2.29
N ILE H 97 -8.51 -54.53 -1.35
CA ILE H 97 -8.72 -54.11 0.03
C ILE H 97 -7.42 -53.75 0.74
N ALA H 98 -6.28 -53.97 0.11
CA ALA H 98 -5.02 -53.63 0.74
C ALA H 98 -3.94 -53.64 -0.33
N PHE H 99 -3.10 -52.63 -0.31
CA PHE H 99 -2.06 -52.55 -1.30
C PHE H 99 -1.09 -53.71 -1.11
N PRO H 100 -0.43 -54.17 -2.18
CA PRO H 100 -0.63 -53.84 -3.59
C PRO H 100 -1.93 -54.42 -4.13
N TRP H 101 -2.50 -53.75 -5.13
CA TRP H 101 -3.69 -54.25 -5.80
C TRP H 101 -3.25 -55.41 -6.68
N THR H 102 -3.01 -56.55 -6.04
CA THR H 102 -2.52 -57.73 -6.73
C THR H 102 -3.60 -58.29 -7.64
N PHE H 103 -3.16 -58.86 -8.76
CA PHE H 103 -4.04 -59.38 -9.79
C PHE H 103 -3.94 -60.90 -9.82
N GLY H 104 -4.79 -61.51 -10.64
CA GLY H 104 -4.85 -62.95 -10.75
C GLY H 104 -3.83 -63.52 -11.72
N GLN H 105 -3.64 -64.84 -11.62
CA GLN H 105 -2.68 -65.55 -12.47
C GLN H 105 -3.21 -65.84 -13.86
N GLY H 106 -4.50 -65.60 -14.10
CA GLY H 106 -5.08 -65.87 -15.40
C GLY H 106 -5.71 -67.24 -15.51
N THR H 107 -6.98 -67.27 -15.91
CA THR H 107 -7.66 -68.51 -16.28
C THR H 107 -8.12 -68.40 -17.72
N LYS H 108 -7.64 -69.29 -18.58
CA LYS H 108 -7.84 -69.16 -20.02
C LYS H 108 -9.13 -69.85 -20.43
N VAL H 109 -9.81 -69.27 -21.42
CA VAL H 109 -11.03 -69.79 -21.98
C VAL H 109 -10.91 -69.80 -23.49
N GLU H 110 -11.11 -70.98 -24.09
CA GLU H 110 -11.08 -71.13 -25.53
C GLU H 110 -11.88 -72.38 -25.88
N ILE H 111 -12.38 -72.42 -27.11
CA ILE H 111 -13.22 -73.50 -27.58
C ILE H 111 -12.41 -74.40 -28.49
N GLN I 1 32.70 26.82 -28.97
CA GLN I 1 31.56 26.69 -28.07
C GLN I 1 31.66 25.41 -27.26
N VAL I 2 31.53 24.28 -27.95
CA VAL I 2 31.55 22.96 -27.32
C VAL I 2 32.85 22.31 -27.74
N GLN I 3 33.88 22.50 -26.94
CA GLN I 3 35.17 21.89 -27.20
C GLN I 3 35.07 20.39 -26.99
N VAL I 4 35.72 19.63 -27.87
CA VAL I 4 35.83 18.18 -27.74
C VAL I 4 37.31 17.83 -27.77
N GLN I 5 37.71 16.93 -26.90
CA GLN I 5 39.02 16.32 -26.89
C GLN I 5 38.90 14.82 -27.12
N GLU I 6 40.04 14.15 -27.11
CA GLU I 6 40.09 12.72 -27.36
C GLU I 6 41.27 12.14 -26.61
N SER I 7 41.17 10.86 -26.27
CA SER I 7 42.25 10.20 -25.54
C SER I 7 42.24 8.70 -25.83
N GLY I 8 43.17 7.99 -25.20
CA GLY I 8 43.37 6.58 -25.44
C GLY I 8 44.82 6.28 -25.78
N PRO I 9 45.14 5.00 -25.89
CA PRO I 9 46.54 4.58 -26.07
C PRO I 9 46.97 4.63 -27.53
N GLY I 10 48.23 4.23 -27.74
CA GLY I 10 48.88 4.22 -29.03
C GLY I 10 49.17 2.81 -29.51
N LEU I 11 50.39 2.37 -29.26
CA LEU I 11 50.88 1.10 -29.81
C LEU I 11 50.20 -0.06 -29.10
N VAL I 12 48.96 -0.29 -29.49
CA VAL I 12 48.24 -1.47 -29.05
C VAL I 12 48.86 -2.69 -29.75
N LYS I 13 49.13 -3.73 -28.98
CA LYS I 13 49.82 -4.88 -29.55
C LYS I 13 48.91 -5.56 -30.57
N PRO I 14 49.42 -5.94 -31.74
CA PRO I 14 48.51 -6.36 -32.82
C PRO I 14 47.70 -7.60 -32.48
N SER I 15 46.62 -7.77 -33.24
CA SER I 15 45.68 -8.86 -33.06
C SER I 15 45.11 -8.84 -31.65
N GLU I 16 44.37 -7.78 -31.35
CA GLU I 16 43.93 -7.51 -29.99
C GLU I 16 42.71 -6.59 -30.05
N THR I 17 42.09 -6.36 -28.90
CA THR I 17 40.98 -5.41 -28.75
C THR I 17 41.54 -4.03 -28.45
N LEU I 18 41.56 -3.18 -29.47
CA LEU I 18 41.93 -1.78 -29.32
C LEU I 18 40.75 -0.98 -28.80
N SER I 19 41.06 0.16 -28.19
CA SER I 19 40.02 1.00 -27.63
C SER I 19 40.51 2.42 -27.48
N LEU I 20 39.61 3.38 -27.67
CA LEU I 20 39.87 4.78 -27.36
C LEU I 20 38.60 5.39 -26.78
N THR I 21 38.73 6.61 -26.25
CA THR I 21 37.64 7.38 -25.68
C THR I 21 37.48 8.70 -26.41
N CYS I 22 36.51 9.49 -25.97
CA CYS I 22 36.29 10.84 -26.47
C CYS I 22 35.33 11.54 -25.51
N ALA I 23 35.74 12.72 -25.03
CA ALA I 23 34.95 13.49 -24.09
C ALA I 23 34.58 14.83 -24.71
N VAL I 24 33.31 15.17 -24.61
CA VAL I 24 32.79 16.44 -25.11
C VAL I 24 32.77 17.43 -23.97
N SER I 25 33.62 18.44 -24.04
CA SER I 25 33.82 19.40 -22.97
C SER I 25 32.87 20.57 -23.13
N SER I 26 32.18 20.90 -22.04
CA SER I 26 31.20 21.98 -22.02
C SER I 26 30.12 21.74 -23.08
N GLY I 27 29.42 20.61 -22.95
CA GLY I 27 28.39 20.25 -23.90
C GLY I 27 27.60 19.05 -23.43
N SER I 28 26.49 18.82 -24.13
CA SER I 28 25.49 17.84 -23.72
C SER I 28 25.61 16.57 -24.57
N ILE I 29 25.43 15.44 -23.92
CA ILE I 29 25.39 14.15 -24.62
C ILE I 29 23.97 13.63 -24.75
N ASN I 30 23.13 13.82 -23.75
CA ASN I 30 21.75 13.36 -23.77
C ASN I 30 20.89 14.14 -24.74
N ASP I 31 21.42 15.15 -25.39
CA ASP I 31 20.61 15.97 -26.25
C ASP I 31 20.24 15.19 -27.50
N ASP I 32 19.09 15.52 -28.05
CA ASP I 32 18.70 15.01 -29.35
C ASP I 32 19.27 15.94 -30.40
N SER I 33 19.20 15.52 -31.66
CA SER I 33 19.59 16.30 -32.84
C SER I 33 21.09 16.44 -33.00
N TYR I 34 21.89 15.93 -32.06
CA TYR I 34 23.33 15.76 -32.23
C TYR I 34 23.67 14.29 -32.11
N TYR I 35 24.22 13.72 -33.19
CA TYR I 35 24.82 12.40 -33.15
C TYR I 35 26.33 12.54 -33.24
N TRP I 36 27.02 11.62 -32.58
CA TRP I 36 28.45 11.70 -32.37
C TRP I 36 29.13 10.52 -33.08
N THR I 37 30.20 10.79 -33.82
CA THR I 37 30.78 9.86 -34.78
C THR I 37 32.17 9.39 -34.36
N TRP I 38 32.76 8.55 -35.22
CA TRP I 38 34.15 8.13 -35.11
C TRP I 38 34.75 8.05 -36.50
N ILE I 39 35.99 8.53 -36.66
CA ILE I 39 36.63 8.68 -37.96
C ILE I 39 38.09 8.28 -37.85
N ARG I 40 38.64 7.69 -38.92
CA ARG I 40 40.07 7.42 -39.03
C ARG I 40 40.61 8.01 -40.33
N GLN I 41 41.94 8.05 -40.42
CA GLN I 41 42.66 8.49 -41.62
C GLN I 41 43.90 7.63 -41.77
N SER I 42 43.81 6.58 -42.58
CA SER I 42 44.96 5.72 -42.80
C SER I 42 45.93 6.39 -43.78
N PRO I 43 47.17 5.92 -43.86
CA PRO I 43 48.08 6.48 -44.87
C PRO I 43 47.59 6.24 -46.28
N GLY I 44 47.17 7.31 -46.95
CA GLY I 44 46.81 7.25 -48.34
C GLY I 44 45.39 6.81 -48.62
N LYS I 45 44.78 6.02 -47.73
CA LYS I 45 43.43 5.56 -47.96
C LYS I 45 42.42 6.69 -47.92
N GLY I 46 42.71 7.75 -47.18
CA GLY I 46 41.76 8.82 -46.99
C GLY I 46 40.91 8.61 -45.75
N LEU I 47 40.15 9.65 -45.43
CA LEU I 47 39.28 9.64 -44.27
C LEU I 47 38.23 8.54 -44.43
N GLU I 48 37.52 8.26 -43.33
CA GLU I 48 36.60 7.13 -43.33
C GLU I 48 35.56 7.30 -42.25
N TRP I 49 34.33 6.87 -42.55
CA TRP I 49 33.29 6.73 -41.55
C TRP I 49 33.36 5.35 -40.93
N LEU I 50 33.24 5.31 -39.62
CA LEU I 50 33.18 4.08 -38.84
C LEU I 50 31.80 3.84 -38.27
N GLY I 51 31.27 4.82 -37.56
CA GLY I 51 30.01 4.66 -36.88
C GLY I 51 29.71 5.90 -36.07
N PHE I 52 28.55 5.88 -35.43
CA PHE I 52 28.14 6.97 -34.58
C PHE I 52 27.15 6.45 -33.56
N ILE I 53 26.61 7.38 -32.78
CA ILE I 53 25.50 7.10 -31.89
C ILE I 53 24.72 8.38 -31.67
N HIS I 54 23.40 8.24 -31.53
CA HIS I 54 22.56 9.36 -31.17
C HIS I 54 22.74 9.68 -29.69
N GLY I 55 22.51 10.93 -29.34
CA GLY I 55 22.60 11.32 -27.94
C GLY I 55 21.50 10.74 -27.10
N GLY I 56 20.28 11.20 -27.32
CA GLY I 56 19.12 10.58 -26.72
C GLY I 56 18.59 9.50 -27.64
N THR I 57 18.11 8.41 -27.03
CA THR I 57 17.81 7.20 -27.78
C THR I 57 19.04 6.75 -28.54
N GLY I 58 20.07 6.44 -27.78
CA GLY I 58 21.37 6.11 -28.32
C GLY I 58 21.51 4.70 -28.84
N LYS I 59 20.97 4.43 -30.03
CA LYS I 59 21.22 3.19 -30.75
C LYS I 59 22.11 3.48 -31.94
N SER I 60 23.07 2.60 -32.16
CA SER I 60 24.23 2.89 -33.00
C SER I 60 24.07 2.31 -34.40
N PHE I 61 24.90 2.81 -35.30
CA PHE I 61 24.91 2.45 -36.71
C PHE I 61 26.34 2.34 -37.16
N TYR I 62 26.77 1.13 -37.49
CA TYR I 62 28.15 0.82 -37.78
C TYR I 62 28.33 0.64 -39.28
N ASN I 63 29.55 0.31 -39.70
CA ASN I 63 29.87 0.03 -41.09
C ASN I 63 29.95 -1.49 -41.28
N PRO I 64 29.21 -2.11 -42.20
CA PRO I 64 29.25 -3.57 -42.30
C PRO I 64 30.61 -4.16 -42.65
N SER I 65 31.58 -3.37 -43.08
CA SER I 65 32.91 -3.92 -43.35
C SER I 65 33.56 -4.40 -42.06
N LEU I 66 33.24 -3.77 -40.93
CA LEU I 66 33.78 -4.12 -39.63
C LEU I 66 32.72 -4.16 -38.54
N GLU I 67 31.47 -4.42 -38.91
CA GLU I 67 30.42 -4.57 -37.91
C GLU I 67 30.69 -5.77 -37.00
N SER I 68 31.47 -6.75 -37.49
CA SER I 68 31.79 -7.91 -36.68
C SER I 68 32.73 -7.58 -35.53
N ARG I 69 33.50 -6.49 -35.65
CA ARG I 69 34.62 -6.23 -34.78
C ARG I 69 34.59 -4.85 -34.15
N VAL I 70 33.65 -3.99 -34.55
CA VAL I 70 33.58 -2.62 -34.05
C VAL I 70 32.52 -2.53 -32.95
N THR I 71 32.68 -1.54 -32.08
CA THR I 71 31.74 -1.29 -30.99
C THR I 71 31.88 0.15 -30.51
N ILE I 72 30.76 0.86 -30.45
CA ILE I 72 30.66 2.18 -29.88
C ILE I 72 29.80 2.10 -28.63
N SER I 73 30.05 2.97 -27.67
CA SER I 73 29.45 2.94 -26.35
C SER I 73 29.12 4.37 -25.92
N LYS I 74 28.83 4.55 -24.63
CA LYS I 74 28.43 5.84 -24.11
C LYS I 74 28.39 5.79 -22.60
N ASP I 75 28.75 6.91 -21.96
CA ASP I 75 28.67 7.05 -20.51
C ASP I 75 28.24 8.48 -20.21
N THR I 76 27.01 8.62 -19.73
CA THR I 76 26.45 9.94 -19.48
C THR I 76 26.93 10.53 -18.16
N SER I 77 27.33 9.68 -17.21
CA SER I 77 27.82 10.17 -15.94
C SER I 77 29.04 11.06 -16.08
N ARG I 78 29.89 10.79 -17.08
CA ARG I 78 31.08 11.58 -17.35
C ARG I 78 31.02 12.32 -18.67
N ASN I 79 29.88 12.29 -19.37
CA ASN I 79 29.71 12.98 -20.64
C ASN I 79 30.66 12.44 -21.70
N GLN I 80 31.01 11.16 -21.59
CA GLN I 80 32.03 10.54 -22.40
C GLN I 80 31.43 9.76 -23.56
N PHE I 81 32.32 9.25 -24.39
CA PHE I 81 31.99 8.67 -25.69
C PHE I 81 33.21 7.94 -26.24
N SER I 82 33.05 6.70 -26.71
CA SER I 82 34.20 5.79 -26.81
C SER I 82 34.01 4.82 -27.98
N LEU I 83 35.07 4.05 -28.23
CA LEU I 83 35.14 3.13 -29.37
C LEU I 83 36.00 1.95 -28.98
N THR I 84 35.57 0.76 -29.39
CA THR I 84 36.29 -0.47 -29.15
C THR I 84 36.26 -1.28 -30.43
N LEU I 85 37.38 -1.94 -30.73
CA LEU I 85 37.59 -2.55 -32.03
C LEU I 85 38.44 -3.81 -31.86
N SER I 86 37.85 -4.96 -32.15
CA SER I 86 38.57 -6.21 -32.00
C SER I 86 39.38 -6.53 -33.25
N SER I 87 40.48 -7.28 -33.04
CA SER I 87 41.26 -7.87 -34.12
C SER I 87 41.83 -6.79 -35.06
N VAL I 88 42.72 -5.99 -34.49
CA VAL I 88 43.38 -4.94 -35.25
C VAL I 88 44.23 -5.56 -36.35
N SER I 89 44.26 -4.90 -37.50
CA SER I 89 45.13 -5.28 -38.61
C SER I 89 46.43 -4.49 -38.51
N ALA I 90 47.22 -4.51 -39.59
CA ALA I 90 48.50 -3.80 -39.62
C ALA I 90 48.35 -2.40 -40.19
N ALA I 91 47.57 -2.26 -41.26
CA ALA I 91 47.42 -0.99 -41.97
C ALA I 91 46.37 -0.08 -41.33
N ASP I 92 45.88 -0.43 -40.14
CA ASP I 92 44.91 0.40 -39.43
C ASP I 92 45.54 1.59 -38.71
N THR I 93 46.84 1.86 -38.94
CA THR I 93 47.47 3.03 -38.37
C THR I 93 46.73 4.28 -38.83
N ALA I 94 46.35 5.14 -37.88
CA ALA I 94 45.49 6.24 -38.25
C ALA I 94 45.44 7.29 -37.15
N VAL I 95 45.02 8.49 -37.53
CA VAL I 95 44.83 9.59 -36.58
C VAL I 95 43.33 9.63 -36.30
N TYR I 96 42.91 8.93 -35.25
CA TYR I 96 41.50 8.88 -34.92
C TYR I 96 40.96 10.26 -34.54
N TYR I 97 39.79 10.55 -35.08
CA TYR I 97 39.02 11.74 -34.77
C TYR I 97 37.65 11.32 -34.24
N CYS I 98 37.09 12.17 -33.39
CA CYS I 98 35.71 12.04 -32.94
C CYS I 98 35.02 13.37 -33.11
N ALA I 99 33.77 13.33 -33.58
CA ALA I 99 33.09 14.54 -34.04
C ALA I 99 31.65 14.59 -33.58
N ARG I 100 31.16 15.81 -33.39
CA ARG I 100 29.76 16.10 -33.09
C ARG I 100 29.04 16.52 -34.35
N SER I 101 27.73 16.33 -34.36
CA SER I 101 26.90 16.68 -35.51
C SER I 101 26.32 18.08 -35.36
N HIS I 102 25.85 18.61 -36.48
CA HIS I 102 25.10 19.85 -36.49
C HIS I 102 23.66 19.56 -36.06
N PHE I 103 22.97 20.62 -35.62
CA PHE I 103 21.65 20.48 -35.04
C PHE I 103 20.70 19.90 -36.07
N CYS I 104 20.40 18.62 -35.91
CA CYS I 104 19.70 17.86 -36.93
C CYS I 104 18.23 18.19 -36.81
N SER I 105 17.87 19.33 -37.37
CA SER I 105 16.50 19.69 -37.66
C SER I 105 16.13 19.38 -39.11
N ASN I 106 17.04 18.80 -39.87
CA ASN I 106 16.83 18.50 -41.27
C ASN I 106 17.49 17.16 -41.57
N THR I 107 17.27 16.67 -42.78
CA THR I 107 17.93 15.47 -43.29
C THR I 107 19.36 15.75 -43.75
N PHE I 108 19.86 16.96 -43.57
CA PHE I 108 21.22 17.31 -43.93
C PHE I 108 22.25 16.92 -42.88
N CYS I 109 21.83 16.63 -41.64
CA CYS I 109 22.80 16.29 -40.61
C CYS I 109 23.53 15.00 -40.91
N TYR I 110 23.01 14.20 -41.83
CA TYR I 110 23.73 13.06 -42.33
C TYR I 110 24.97 13.59 -43.05
N GLY I 111 26.11 13.56 -42.38
CA GLY I 111 27.39 13.88 -42.98
C GLY I 111 27.95 15.24 -42.61
N TRP I 112 27.10 16.26 -42.51
CA TRP I 112 27.56 17.59 -42.13
C TRP I 112 27.70 17.62 -40.61
N PHE I 113 28.78 17.03 -40.13
CA PHE I 113 29.10 17.04 -38.72
C PHE I 113 30.20 18.06 -38.40
N ASP I 114 30.15 18.54 -37.16
CA ASP I 114 30.87 19.72 -36.68
C ASP I 114 31.73 19.34 -35.48
N VAL I 115 32.03 20.31 -34.60
CA VAL I 115 33.29 20.46 -33.88
C VAL I 115 33.95 19.16 -33.46
N TRP I 116 35.26 19.12 -33.67
CA TRP I 116 36.10 17.93 -33.68
C TRP I 116 36.85 17.77 -32.36
N GLY I 117 37.50 16.62 -32.22
CA GLY I 117 38.61 16.46 -31.30
C GLY I 117 39.91 16.64 -32.06
N PRO I 118 40.96 17.14 -31.42
CA PRO I 118 42.18 17.45 -32.18
C PRO I 118 42.90 16.25 -32.77
N GLY I 119 42.49 15.03 -32.46
CA GLY I 119 43.10 13.85 -33.02
C GLY I 119 43.97 13.07 -32.06
N ILE I 120 44.02 11.76 -32.26
CA ILE I 120 44.92 10.89 -31.52
C ILE I 120 45.58 9.94 -32.51
N ARG I 121 46.89 10.06 -32.65
CA ARG I 121 47.63 9.14 -33.49
C ARG I 121 47.55 7.75 -32.88
N VAL I 122 47.53 6.74 -33.75
CA VAL I 122 47.41 5.36 -33.33
C VAL I 122 48.25 4.54 -34.30
N THR I 123 49.37 4.02 -33.82
CA THR I 123 50.29 3.22 -34.61
C THR I 123 50.29 1.80 -34.07
N VAL I 124 49.51 0.93 -34.72
CA VAL I 124 49.46 -0.48 -34.34
C VAL I 124 50.80 -1.12 -34.68
N SER I 125 51.61 -1.37 -33.66
CA SER I 125 52.99 -1.78 -33.87
C SER I 125 53.61 -2.28 -32.57
N SER I 126 54.81 -2.83 -32.71
CA SER I 126 55.55 -3.44 -31.61
C SER I 126 56.92 -2.80 -31.45
N VAL J 2 29.33 2.00 -51.53
CA VAL J 2 29.52 2.91 -52.65
C VAL J 2 30.90 3.54 -52.60
N VAL J 3 31.39 3.95 -53.76
CA VAL J 3 32.63 4.68 -53.89
C VAL J 3 32.43 5.70 -55.00
N MET J 4 33.24 6.76 -54.96
CA MET J 4 33.11 7.85 -55.91
C MET J 4 34.49 8.42 -56.23
N THR J 5 34.64 8.90 -57.46
CA THR J 5 35.91 9.39 -57.97
C THR J 5 35.94 10.90 -57.89
N GLN J 6 37.03 11.43 -57.36
CA GLN J 6 37.28 12.86 -57.25
C GLN J 6 38.33 13.24 -58.27
N THR J 7 38.09 14.30 -59.05
CA THR J 7 38.99 14.69 -60.14
C THR J 7 39.14 16.20 -60.21
N PRO J 8 40.37 16.73 -60.31
CA PRO J 8 41.71 16.13 -60.41
C PRO J 8 42.26 15.63 -59.09
N LEU J 9 43.44 15.03 -59.15
CA LEU J 9 44.18 14.69 -57.93
C LEU J 9 44.73 15.95 -57.26
N SER J 10 44.96 17.02 -58.02
CA SER J 10 45.43 18.27 -57.48
C SER J 10 45.25 19.37 -58.53
N LEU J 11 45.35 20.61 -58.08
CA LEU J 11 45.19 21.77 -58.97
C LEU J 11 45.78 23.01 -58.32
N PRO J 12 47.12 23.08 -58.22
CA PRO J 12 47.76 24.30 -57.70
C PRO J 12 48.09 25.30 -58.79
N ILE J 13 47.44 26.47 -58.82
CA ILE J 13 47.79 27.51 -59.79
C ILE J 13 47.06 28.80 -59.43
N THR J 14 47.67 29.94 -59.78
CA THR J 14 47.05 31.26 -59.96
C THR J 14 46.20 31.72 -58.79
N PRO J 15 46.81 32.18 -57.71
CA PRO J 15 46.07 32.98 -56.74
C PRO J 15 45.41 34.18 -57.39
N GLY J 16 44.19 34.48 -57.01
CA GLY J 16 43.43 35.55 -57.60
C GLY J 16 42.61 35.15 -58.81
N GLU J 17 42.28 33.88 -58.98
CA GLU J 17 41.51 33.38 -60.10
C GLU J 17 40.51 32.35 -59.62
N PRO J 18 39.54 31.95 -60.46
CA PRO J 18 38.63 30.88 -60.05
C PRO J 18 39.30 29.52 -60.08
N ALA J 19 38.47 28.49 -59.87
CA ALA J 19 38.90 27.10 -59.84
C ALA J 19 37.68 26.23 -59.63
N SER J 20 37.84 24.92 -59.78
CA SER J 20 36.72 24.00 -59.60
C SER J 20 37.22 22.56 -59.60
N ILE J 21 36.44 21.68 -58.97
CA ILE J 21 36.73 20.26 -58.86
C ILE J 21 35.45 19.49 -59.17
N SER J 22 35.58 18.25 -59.65
CA SER J 22 34.45 17.43 -60.04
C SER J 22 34.45 16.11 -59.26
N CYS J 23 33.25 15.56 -59.09
CA CYS J 23 33.03 14.34 -58.31
C CYS J 23 31.97 13.51 -58.98
N ARG J 24 32.30 12.26 -59.28
CA ARG J 24 31.43 11.33 -59.99
C ARG J 24 31.13 10.14 -59.09
N SER J 25 29.84 9.86 -58.89
CA SER J 25 29.37 8.88 -57.92
C SER J 25 28.64 7.76 -58.61
N SER J 26 28.73 6.56 -58.03
CA SER J 26 28.19 5.36 -58.65
C SER J 26 26.70 5.46 -58.87
N GLN J 27 25.94 5.50 -57.79
CA GLN J 27 24.52 5.80 -57.84
C GLN J 27 24.28 7.25 -57.49
N SER J 28 23.15 7.76 -57.94
CA SER J 28 22.86 9.17 -57.76
C SER J 28 22.67 9.49 -56.29
N LEU J 29 23.22 10.62 -55.88
CA LEU J 29 23.08 11.11 -54.53
C LEU J 29 21.91 12.06 -54.40
N LEU J 30 20.89 11.87 -55.23
CA LEU J 30 19.63 12.58 -55.14
C LEU J 30 18.55 11.61 -54.69
N HIS J 31 17.69 12.06 -53.79
CA HIS J 31 16.73 11.21 -53.11
C HIS J 31 15.32 11.59 -53.56
N SER J 32 14.37 10.70 -53.30
CA SER J 32 12.98 10.92 -53.69
C SER J 32 12.41 12.20 -53.11
N ASN J 33 12.93 12.70 -51.99
CA ASN J 33 12.41 13.89 -51.37
C ASN J 33 13.03 15.17 -51.92
N GLY J 34 13.80 15.08 -53.00
CA GLY J 34 14.32 16.29 -53.63
C GLY J 34 15.42 16.93 -52.83
N ASN J 35 16.57 16.27 -52.76
CA ASN J 35 17.71 16.80 -52.02
C ASN J 35 18.96 16.09 -52.49
N THR J 36 19.96 16.88 -52.89
CA THR J 36 21.25 16.36 -53.34
C THR J 36 22.15 16.19 -52.13
N TYR J 37 22.28 14.94 -51.68
CA TYR J 37 23.02 14.63 -50.47
C TYR J 37 24.50 14.61 -50.78
N LEU J 38 25.10 15.79 -50.83
CA LEU J 38 26.51 15.97 -51.10
C LEU J 38 27.08 16.89 -50.04
N HIS J 39 28.31 16.64 -49.63
CA HIS J 39 29.02 17.56 -48.76
C HIS J 39 30.43 17.74 -49.27
N TRP J 40 31.00 18.92 -49.03
CA TRP J 40 32.38 19.23 -49.37
C TRP J 40 33.13 19.62 -48.11
N TYR J 41 34.16 18.85 -47.76
CA TYR J 41 34.99 19.17 -46.60
C TYR J 41 36.27 19.86 -47.05
N LEU J 42 36.61 20.92 -46.33
CA LEU J 42 37.89 21.59 -46.43
C LEU J 42 38.80 21.07 -45.33
N GLN J 43 40.09 20.90 -45.64
CA GLN J 43 41.08 20.52 -44.63
C GLN J 43 42.35 21.34 -44.83
N LYS J 44 42.59 22.27 -43.91
CA LYS J 44 43.86 22.95 -43.87
C LYS J 44 44.91 22.02 -43.26
N PRO J 45 46.20 22.19 -43.57
CA PRO J 45 47.21 21.36 -42.91
C PRO J 45 47.30 21.69 -41.44
N GLY J 46 47.29 20.66 -40.61
CA GLY J 46 47.45 20.82 -39.18
C GLY J 46 46.16 21.07 -38.41
N GLN J 47 45.01 20.96 -39.08
CA GLN J 47 43.72 21.12 -38.42
C GLN J 47 42.78 20.05 -38.94
N SER J 48 41.68 19.87 -38.22
CA SER J 48 40.70 18.88 -38.61
C SER J 48 39.79 19.44 -39.70
N PRO J 49 39.05 18.60 -40.40
CA PRO J 49 38.25 19.09 -41.53
C PRO J 49 37.15 20.06 -41.13
N GLN J 50 36.97 21.07 -41.96
CA GLN J 50 35.84 21.99 -41.92
C GLN J 50 35.09 21.89 -43.24
N LEU J 51 33.95 22.57 -43.32
CA LEU J 51 33.10 22.52 -44.50
C LEU J 51 32.95 23.87 -45.18
N LEU J 52 32.61 23.80 -46.47
CA LEU J 52 32.32 24.95 -47.30
C LEU J 52 30.93 24.87 -47.91
N ILE J 53 30.55 23.73 -48.49
CA ILE J 53 29.32 23.60 -49.26
C ILE J 53 28.70 22.25 -48.92
N TYR J 54 27.53 22.26 -48.30
CA TYR J 54 26.73 21.06 -48.14
C TYR J 54 25.55 21.08 -49.09
N GLY J 55 24.92 19.91 -49.23
CA GLY J 55 23.73 19.81 -50.03
C GLY J 55 23.93 20.02 -51.51
N GLY J 56 25.17 20.10 -51.97
CA GLY J 56 25.49 20.40 -53.36
C GLY J 56 25.68 21.88 -53.65
N SER J 57 24.88 22.74 -53.02
CA SER J 57 24.89 24.16 -53.33
C SER J 57 24.73 25.06 -52.11
N ASN J 58 24.66 24.50 -50.90
CA ASN J 58 24.33 25.27 -49.71
C ASN J 58 25.60 25.58 -48.94
N ARG J 59 25.94 26.87 -48.86
CA ARG J 59 27.06 27.34 -48.08
C ARG J 59 26.86 27.03 -46.60
N ALA J 60 27.94 27.16 -45.85
CA ALA J 60 27.90 27.07 -44.40
C ALA J 60 27.63 28.45 -43.81
N SER J 61 27.62 28.51 -42.48
CA SER J 61 27.28 29.76 -41.80
C SER J 61 28.47 30.71 -41.72
N GLY J 62 29.53 30.30 -41.02
CA GLY J 62 30.70 31.13 -40.84
C GLY J 62 31.72 30.94 -41.95
N VAL J 63 31.26 30.98 -43.19
CA VAL J 63 32.08 30.71 -44.37
C VAL J 63 32.31 32.01 -45.12
N PRO J 64 33.43 32.20 -45.82
CA PRO J 64 33.52 33.32 -46.76
C PRO J 64 32.68 33.05 -48.00
N ASP J 65 32.43 34.12 -48.75
CA ASP J 65 31.61 34.08 -49.95
C ASP J 65 32.41 33.71 -51.20
N ARG J 66 33.63 33.20 -51.05
CA ARG J 66 34.53 32.98 -52.17
C ARG J 66 34.31 31.63 -52.85
N PHE J 67 33.13 31.02 -52.69
CA PHE J 67 32.88 29.65 -53.11
C PHE J 67 31.54 29.57 -53.83
N SER J 68 31.28 28.40 -54.43
CA SER J 68 29.99 28.06 -55.01
C SER J 68 30.05 26.60 -55.40
N GLY J 69 28.87 26.02 -55.60
CA GLY J 69 28.81 24.61 -55.95
C GLY J 69 27.47 24.21 -56.52
N SER J 70 27.49 23.21 -57.40
CA SER J 70 26.26 22.71 -58.01
C SER J 70 26.58 21.41 -58.74
N GLY J 71 25.54 20.73 -59.17
CA GLY J 71 25.73 19.43 -59.78
C GLY J 71 24.40 18.79 -60.10
N SER J 72 24.50 17.59 -60.68
CA SER J 72 23.33 16.86 -61.14
C SER J 72 23.52 15.37 -60.89
N GLY J 73 22.76 14.83 -59.95
CA GLY J 73 22.62 13.39 -59.80
C GLY J 73 23.87 12.73 -59.27
N THR J 74 24.88 12.71 -60.12
CA THR J 74 26.18 12.14 -59.80
C THR J 74 27.35 12.98 -60.26
N ASP J 75 27.18 13.83 -61.26
CA ASP J 75 28.25 14.69 -61.74
C ASP J 75 28.14 16.00 -60.98
N PHE J 76 29.01 16.18 -60.00
CA PHE J 76 28.93 17.28 -59.06
C PHE J 76 30.18 18.11 -59.19
N THR J 77 30.05 19.39 -58.87
CA THR J 77 31.06 20.38 -59.17
C THR J 77 31.16 21.37 -58.02
N LEU J 78 32.34 21.48 -57.44
CA LEU J 78 32.70 22.60 -56.57
C LEU J 78 33.40 23.63 -57.44
N LYS J 79 33.23 24.90 -57.11
CA LYS J 79 33.82 26.00 -57.88
C LYS J 79 34.24 27.09 -56.92
N ILE J 80 35.55 27.29 -56.82
CA ILE J 80 36.10 28.36 -55.99
C ILE J 80 36.16 29.62 -56.82
N SER J 81 35.63 30.71 -56.29
CA SER J 81 35.44 31.91 -57.10
C SER J 81 36.75 32.69 -57.24
N LYS J 82 37.51 32.80 -56.17
CA LYS J 82 38.79 33.51 -56.22
C LYS J 82 39.73 32.89 -55.20
N VAL J 83 40.81 32.30 -55.68
CA VAL J 83 41.77 31.66 -54.80
C VAL J 83 42.47 32.72 -53.97
N GLU J 84 42.67 32.44 -52.69
CA GLU J 84 43.45 33.28 -51.80
C GLU J 84 44.71 32.52 -51.37
N ALA J 85 45.53 33.19 -50.56
CA ALA J 85 46.76 32.57 -50.08
C ALA J 85 46.50 31.54 -49.00
N GLU J 86 45.52 31.80 -48.12
CA GLU J 86 45.26 30.93 -46.97
C GLU J 86 44.53 29.64 -47.34
N ASP J 87 44.18 29.44 -48.61
CA ASP J 87 43.31 28.34 -49.00
C ASP J 87 44.08 27.06 -49.30
N VAL J 88 45.35 26.99 -48.91
CA VAL J 88 46.16 25.81 -49.17
C VAL J 88 45.66 24.67 -48.30
N GLY J 89 45.52 23.49 -48.90
CA GLY J 89 45.08 22.35 -48.13
C GLY J 89 44.63 21.23 -49.05
N VAL J 90 43.61 20.50 -48.61
CA VAL J 90 43.01 19.44 -49.40
C VAL J 90 41.50 19.59 -49.34
N TYR J 91 40.83 19.22 -50.43
CA TYR J 91 39.39 19.25 -50.53
C TYR J 91 38.88 17.82 -50.68
N TYR J 92 37.74 17.54 -50.05
CA TYR J 92 37.13 16.22 -50.05
C TYR J 92 35.68 16.30 -50.52
N CYS J 93 35.32 15.41 -51.44
CA CYS J 93 33.95 15.10 -51.78
C CYS J 93 33.41 14.10 -50.76
N VAL J 94 32.14 14.25 -50.36
CA VAL J 94 31.59 13.49 -49.24
C VAL J 94 30.13 13.11 -49.52
N GLN J 95 29.78 11.89 -49.11
CA GLN J 95 28.56 11.18 -49.47
C GLN J 95 27.77 10.79 -48.21
N ALA J 96 26.42 10.80 -48.35
CA ALA J 96 25.56 10.62 -47.20
C ALA J 96 24.32 9.75 -47.43
N ILE J 97 23.93 9.47 -48.68
CA ILE J 97 22.57 8.98 -48.92
C ILE J 97 22.42 7.50 -48.58
N ALA J 98 23.51 6.76 -48.46
CA ALA J 98 23.42 5.35 -48.14
C ALA J 98 24.68 4.93 -47.40
N PHE J 99 24.48 4.15 -46.34
CA PHE J 99 25.62 3.55 -45.69
C PHE J 99 26.32 2.62 -46.67
N PRO J 100 27.64 2.46 -46.58
CA PRO J 100 28.59 3.17 -45.73
C PRO J 100 28.84 4.58 -46.24
N TRP J 101 28.85 5.55 -45.33
CA TRP J 101 29.13 6.94 -45.71
C TRP J 101 30.60 7.06 -46.07
N THR J 102 30.89 6.85 -47.35
CA THR J 102 32.24 6.95 -47.86
C THR J 102 32.56 8.40 -48.23
N PHE J 103 33.84 8.73 -48.19
CA PHE J 103 34.33 10.08 -48.45
C PHE J 103 35.21 10.08 -49.69
N GLY J 104 35.59 11.29 -50.12
CA GLY J 104 36.43 11.47 -51.28
C GLY J 104 37.87 11.05 -51.05
N GLN J 105 38.62 10.98 -52.15
CA GLN J 105 40.00 10.53 -52.11
C GLN J 105 40.99 11.66 -51.87
N GLY J 106 40.56 12.91 -52.02
CA GLY J 106 41.43 14.05 -51.78
C GLY J 106 41.87 14.77 -53.04
N THR J 107 41.81 16.09 -53.01
CA THR J 107 42.38 16.92 -54.06
C THR J 107 43.18 18.03 -53.40
N LYS J 108 44.50 18.03 -53.61
CA LYS J 108 45.40 18.94 -52.91
C LYS J 108 45.51 20.24 -53.68
N VAL J 109 45.45 21.35 -52.97
CA VAL J 109 45.54 22.69 -53.55
C VAL J 109 46.62 23.47 -52.82
N GLU J 110 47.52 24.06 -53.60
CA GLU J 110 48.55 24.95 -53.10
C GLU J 110 48.82 25.98 -54.18
N ILE J 111 49.94 26.70 -54.06
CA ILE J 111 50.25 27.81 -54.93
C ILE J 111 51.65 27.61 -55.50
N GLN K 1 23.38 -13.48 43.43
CA GLN K 1 22.18 -13.07 42.72
C GLN K 1 22.25 -13.49 41.27
N VAL K 2 23.37 -13.19 40.63
CA VAL K 2 23.58 -13.47 39.22
C VAL K 2 24.76 -14.42 39.15
N GLN K 3 24.46 -15.72 39.14
CA GLN K 3 25.51 -16.72 39.00
C GLN K 3 26.10 -16.65 37.61
N VAL K 4 27.37 -17.03 37.51
CA VAL K 4 28.09 -17.04 36.23
C VAL K 4 28.93 -18.31 36.17
N GLN K 5 28.96 -18.93 35.01
CA GLN K 5 29.80 -20.09 34.75
C GLN K 5 30.63 -19.84 33.50
N GLU K 6 31.64 -20.69 33.32
CA GLU K 6 32.58 -20.55 32.23
C GLU K 6 32.81 -21.93 31.63
N SER K 7 33.14 -21.96 30.34
CA SER K 7 33.31 -23.21 29.64
C SER K 7 34.40 -23.08 28.58
N GLY K 8 34.58 -24.13 27.77
CA GLY K 8 35.57 -24.16 26.73
C GLY K 8 36.63 -25.19 27.02
N PRO K 9 37.43 -25.52 26.01
CA PRO K 9 38.38 -26.63 26.16
C PRO K 9 39.65 -26.23 26.88
N GLY K 10 40.54 -27.22 27.00
CA GLY K 10 41.79 -27.08 27.70
C GLY K 10 42.97 -27.04 26.76
N LEU K 11 43.59 -28.20 26.53
CA LEU K 11 44.85 -28.29 25.81
C LEU K 11 44.60 -27.97 24.34
N VAL K 12 44.49 -26.68 24.05
CA VAL K 12 44.44 -26.21 22.67
C VAL K 12 45.83 -26.28 22.09
N LYS K 13 45.95 -26.84 20.88
CA LYS K 13 47.26 -27.04 20.30
C LYS K 13 47.88 -25.68 19.97
N PRO K 14 49.20 -25.53 20.11
CA PRO K 14 49.81 -24.22 19.83
C PRO K 14 49.62 -23.79 18.39
N SER K 15 49.69 -22.46 18.19
CA SER K 15 49.52 -21.85 16.88
C SER K 15 48.17 -22.20 16.28
N GLU K 16 47.10 -21.74 16.93
CA GLU K 16 45.75 -22.08 16.53
C GLU K 16 44.80 -21.05 17.14
N THR K 17 43.53 -21.08 16.69
CA THR K 17 42.48 -20.17 17.15
C THR K 17 41.83 -20.76 18.41
N LEU K 18 42.30 -20.34 19.57
CA LEU K 18 41.73 -20.73 20.84
C LEU K 18 40.37 -20.07 21.05
N SER K 19 39.52 -20.71 21.86
CA SER K 19 38.17 -20.21 22.08
C SER K 19 37.63 -20.63 23.43
N LEU K 20 36.87 -19.74 24.06
CA LEU K 20 36.17 -20.02 25.30
C LEU K 20 34.83 -19.29 25.30
N THR K 21 33.97 -19.65 26.26
CA THR K 21 32.68 -19.00 26.44
C THR K 21 32.34 -18.89 27.92
N CYS K 22 31.17 -18.33 28.20
CA CYS K 22 30.76 -17.91 29.54
C CYS K 22 29.28 -17.57 29.49
N ALA K 23 28.50 -18.18 30.38
CA ALA K 23 27.07 -17.97 30.42
C ALA K 23 26.68 -17.05 31.57
N VAL K 24 25.51 -16.44 31.43
CA VAL K 24 24.94 -15.56 32.43
C VAL K 24 23.78 -16.31 33.07
N SER K 25 24.05 -16.96 34.20
CA SER K 25 23.06 -17.81 34.84
C SER K 25 22.14 -16.95 35.70
N SER K 26 20.87 -16.88 35.32
CA SER K 26 19.86 -16.10 36.03
C SER K 26 20.26 -14.62 36.07
N GLY K 27 20.35 -14.03 34.88
CA GLY K 27 20.74 -12.64 34.77
C GLY K 27 20.61 -12.14 33.35
N SER K 28 20.73 -10.81 33.22
CA SER K 28 20.52 -10.12 31.96
C SER K 28 21.86 -9.74 31.33
N ILE K 29 22.08 -10.21 30.11
CA ILE K 29 23.21 -9.78 29.31
C ILE K 29 22.88 -8.56 28.46
N ASN K 30 21.62 -8.40 28.08
CA ASN K 30 21.21 -7.32 27.18
C ASN K 30 20.96 -6.02 27.89
N ASP K 31 21.39 -5.90 29.14
CA ASP K 31 21.12 -4.71 29.92
C ASP K 31 22.25 -3.71 29.76
N ASP K 32 21.90 -2.44 29.91
CA ASP K 32 22.89 -1.39 30.01
C ASP K 32 23.44 -1.40 31.42
N SER K 33 24.44 -0.56 31.67
CA SER K 33 25.02 -0.31 32.99
C SER K 33 25.83 -1.49 33.52
N TYR K 34 25.93 -2.59 32.78
CA TYR K 34 26.82 -3.69 33.09
C TYR K 34 27.65 -3.99 31.86
N TYR K 35 28.96 -4.12 32.03
CA TYR K 35 29.83 -4.64 31.00
C TYR K 35 30.49 -5.91 31.50
N TRP K 36 30.82 -6.78 30.55
CA TRP K 36 31.29 -8.12 30.80
C TRP K 36 32.72 -8.24 30.31
N THR K 37 33.59 -8.85 31.13
CA THR K 37 35.04 -8.82 30.96
C THR K 37 35.61 -10.22 30.89
N TRP K 38 36.84 -10.30 30.35
CA TRP K 38 37.63 -11.52 30.33
C TRP K 38 39.00 -11.24 30.95
N ILE K 39 39.43 -12.10 31.89
CA ILE K 39 40.62 -11.86 32.69
C ILE K 39 41.39 -13.16 32.83
N ARG K 40 42.70 -13.12 32.54
CA ARG K 40 43.56 -14.30 32.64
C ARG K 40 44.58 -14.12 33.75
N GLN K 41 45.09 -15.27 34.22
CA GLN K 41 46.12 -15.33 35.25
C GLN K 41 47.17 -16.35 34.84
N SER K 42 48.40 -15.89 34.65
CA SER K 42 49.52 -16.75 34.27
C SER K 42 50.38 -17.06 35.49
N PRO K 43 51.08 -18.21 35.51
CA PRO K 43 51.84 -18.57 36.70
C PRO K 43 53.04 -17.67 36.91
N GLY K 44 53.00 -16.86 37.98
CA GLY K 44 54.09 -15.98 38.32
C GLY K 44 54.02 -14.61 37.68
N LYS K 45 53.05 -14.37 36.81
CA LYS K 45 52.89 -13.07 36.17
C LYS K 45 52.00 -12.13 36.98
N GLY K 46 51.02 -12.67 37.68
CA GLY K 46 49.94 -11.87 38.22
C GLY K 46 48.78 -11.82 37.24
N LEU K 47 47.68 -11.26 37.73
CA LEU K 47 46.47 -11.15 36.93
C LEU K 47 46.70 -10.25 35.73
N GLU K 48 45.74 -10.28 34.80
CA GLU K 48 45.88 -9.54 33.55
C GLU K 48 44.51 -9.31 32.95
N TRP K 49 44.33 -8.12 32.40
CA TRP K 49 43.10 -7.75 31.70
C TRP K 49 43.25 -7.99 30.21
N LEU K 50 42.17 -8.44 29.59
CA LEU K 50 42.13 -8.67 28.15
C LEU K 50 41.19 -7.69 27.47
N GLY K 51 39.93 -7.68 27.88
CA GLY K 51 38.94 -6.88 27.20
C GLY K 51 37.60 -7.07 27.83
N PHE K 52 36.63 -6.32 27.30
CA PHE K 52 35.27 -6.40 27.78
C PHE K 52 34.34 -6.01 26.64
N ILE K 53 33.06 -5.96 26.95
CA ILE K 53 32.07 -5.38 26.05
C ILE K 53 30.84 -5.03 26.85
N HIS K 54 30.15 -3.98 26.42
CA HIS K 54 28.91 -3.58 27.05
C HIS K 54 27.78 -4.52 26.63
N GLY K 55 26.76 -4.63 27.48
CA GLY K 55 25.60 -5.42 27.13
C GLY K 55 24.78 -4.82 26.02
N GLY K 56 24.12 -3.70 26.31
CA GLY K 56 23.43 -2.95 25.30
C GLY K 56 24.37 -1.95 24.66
N THR K 57 24.19 -1.74 23.37
CA THR K 57 25.17 -1.01 22.56
C THR K 57 26.54 -1.66 22.72
N GLY K 58 26.57 -2.94 22.38
CA GLY K 58 27.74 -3.76 22.57
C GLY K 58 28.83 -3.59 21.54
N LYS K 59 29.62 -2.52 21.68
CA LYS K 59 30.86 -2.38 20.93
C LYS K 59 32.03 -2.62 21.87
N SER K 60 33.03 -3.33 21.37
CA SER K 60 34.03 -3.98 22.20
C SER K 60 35.19 -3.05 22.52
N PHE K 61 35.97 -3.47 23.51
CA PHE K 61 37.15 -2.75 23.94
C PHE K 61 38.21 -3.77 24.34
N TYR K 62 39.39 -3.64 23.77
CA TYR K 62 40.43 -4.66 23.82
C TYR K 62 41.72 -4.04 24.37
N ASN K 63 42.76 -4.87 24.41
CA ASN K 63 44.09 -4.44 24.84
C ASN K 63 44.98 -4.30 23.61
N PRO K 64 45.57 -3.13 23.33
CA PRO K 64 46.32 -2.96 22.08
C PRO K 64 47.50 -3.91 21.90
N SER K 65 48.00 -4.53 22.96
CA SER K 65 49.10 -5.47 22.82
C SER K 65 48.69 -6.63 21.93
N LEU K 66 47.58 -7.30 22.28
CA LEU K 66 47.05 -8.42 21.52
C LEU K 66 45.71 -8.09 20.86
N GLU K 67 45.49 -6.81 20.54
CA GLU K 67 44.32 -6.44 19.76
C GLU K 67 44.33 -7.08 18.38
N SER K 68 45.52 -7.44 17.88
CA SER K 68 45.61 -8.11 16.59
C SER K 68 45.02 -9.50 16.61
N ARG K 69 44.86 -10.11 17.80
CA ARG K 69 44.57 -11.52 17.91
C ARG K 69 43.55 -11.85 19.00
N VAL K 70 42.80 -10.86 19.48
CA VAL K 70 41.75 -11.08 20.48
C VAL K 70 40.42 -10.67 19.86
N THR K 71 39.36 -11.35 20.29
CA THR K 71 38.02 -11.08 19.79
C THR K 71 37.00 -11.52 20.82
N ILE K 72 36.11 -10.61 21.20
CA ILE K 72 35.01 -10.87 22.11
C ILE K 72 33.70 -10.66 21.36
N SER K 73 32.71 -11.51 21.65
CA SER K 73 31.44 -11.51 20.93
C SER K 73 30.31 -11.81 21.90
N LYS K 74 29.13 -12.15 21.40
CA LYS K 74 27.95 -12.26 22.23
C LYS K 74 26.82 -12.91 21.43
N ASP K 75 25.92 -13.57 22.15
CA ASP K 75 24.74 -14.18 21.55
C ASP K 75 23.58 -14.03 22.52
N THR K 76 22.68 -13.09 22.22
CA THR K 76 21.53 -12.84 23.06
C THR K 76 20.57 -14.03 23.05
N SER K 77 20.53 -14.77 21.95
CA SER K 77 19.60 -15.89 21.81
C SER K 77 19.84 -16.95 22.87
N ARG K 78 21.09 -17.15 23.28
CA ARG K 78 21.46 -18.08 24.32
C ARG K 78 21.91 -17.41 25.61
N ASN K 79 22.03 -16.08 25.61
CA ASN K 79 22.48 -15.34 26.79
C ASN K 79 23.89 -15.76 27.20
N GLN K 80 24.72 -15.99 26.19
CA GLN K 80 26.08 -16.45 26.35
C GLN K 80 27.05 -15.34 26.00
N PHE K 81 28.34 -15.61 26.19
CA PHE K 81 29.37 -14.59 26.08
C PHE K 81 30.72 -15.28 25.90
N SER K 82 31.56 -14.73 25.02
CA SER K 82 32.54 -15.54 24.30
C SER K 82 33.91 -14.84 24.23
N LEU K 83 34.88 -15.58 23.71
CA LEU K 83 36.24 -15.09 23.54
C LEU K 83 36.94 -15.97 22.52
N THR K 84 37.68 -15.34 21.61
CA THR K 84 38.39 -16.03 20.55
C THR K 84 39.77 -15.40 20.41
N LEU K 85 40.80 -16.20 20.61
CA LEU K 85 42.17 -15.75 20.73
C LEU K 85 42.99 -16.44 19.65
N SER K 86 43.39 -15.70 18.63
CA SER K 86 44.13 -16.29 17.53
C SER K 86 45.62 -16.31 17.82
N SER K 87 46.33 -17.24 17.17
CA SER K 87 47.79 -17.29 17.15
C SER K 87 48.35 -17.36 18.58
N VAL K 88 48.02 -18.47 19.24
CA VAL K 88 48.42 -18.63 20.63
C VAL K 88 49.94 -18.80 20.72
N SER K 89 50.44 -18.77 21.95
CA SER K 89 51.86 -18.83 22.24
C SER K 89 52.13 -19.77 23.40
N ALA K 90 53.36 -19.75 23.91
CA ALA K 90 53.75 -20.68 24.98
C ALA K 90 53.41 -20.12 26.36
N ALA K 91 53.66 -18.83 26.58
CA ALA K 91 53.42 -18.23 27.88
C ALA K 91 51.94 -18.05 28.19
N ASP K 92 51.06 -18.19 27.19
CA ASP K 92 49.63 -17.99 27.38
C ASP K 92 48.96 -19.06 28.24
N THR K 93 49.71 -20.07 28.70
CA THR K 93 49.14 -21.03 29.64
C THR K 93 48.67 -20.30 30.87
N ALA K 94 47.35 -20.29 31.08
CA ALA K 94 46.79 -19.42 32.11
C ALA K 94 45.42 -19.92 32.51
N VAL K 95 44.94 -19.38 33.61
CA VAL K 95 43.58 -19.60 34.07
C VAL K 95 42.74 -18.44 33.58
N TYR K 96 41.70 -18.75 32.81
CA TYR K 96 40.80 -17.75 32.26
C TYR K 96 39.53 -17.66 33.09
N TYR K 97 39.14 -16.42 33.43
CA TYR K 97 37.90 -16.09 34.10
C TYR K 97 37.10 -15.13 33.24
N CYS K 98 35.80 -15.05 33.52
CA CYS K 98 34.90 -14.06 32.95
C CYS K 98 34.17 -13.37 34.09
N ALA K 99 33.89 -12.08 33.93
CA ALA K 99 33.42 -11.27 35.04
C ALA K 99 32.33 -10.29 34.62
N ARG K 100 31.46 -9.97 35.57
CA ARG K 100 30.46 -8.91 35.42
C ARG K 100 30.95 -7.64 36.09
N SER K 101 30.36 -6.52 35.69
CA SER K 101 30.65 -5.22 36.28
C SER K 101 29.44 -4.68 37.02
N HIS K 102 29.72 -3.81 37.98
CA HIS K 102 28.66 -3.24 38.80
C HIS K 102 27.80 -2.30 37.95
N PHE K 103 26.61 -2.00 38.47
CA PHE K 103 25.67 -1.11 37.82
C PHE K 103 26.33 0.24 37.62
N CYS K 104 26.65 0.56 36.37
CA CYS K 104 27.58 1.64 36.08
C CYS K 104 26.80 2.95 35.94
N SER K 105 26.30 3.40 37.08
CA SER K 105 25.74 4.73 37.21
C SER K 105 26.80 5.77 37.51
N ASN K 106 28.06 5.36 37.60
CA ASN K 106 29.17 6.24 37.90
C ASN K 106 30.36 5.77 37.11
N THR K 107 31.41 6.58 37.09
CA THR K 107 32.63 6.27 36.39
C THR K 107 33.55 5.34 37.17
N PHE K 108 33.07 4.75 38.26
CA PHE K 108 33.82 3.78 39.03
C PHE K 108 33.67 2.35 38.52
N CYS K 109 32.69 2.08 37.66
CA CYS K 109 32.53 0.74 37.10
C CYS K 109 33.73 0.34 36.27
N TYR K 110 34.54 1.30 35.84
CA TYR K 110 35.76 1.02 35.10
C TYR K 110 36.71 0.25 36.00
N GLY K 111 36.87 -1.04 35.73
CA GLY K 111 37.69 -1.91 36.55
C GLY K 111 36.98 -2.54 37.71
N TRP K 112 35.90 -1.93 38.19
CA TRP K 112 35.21 -2.39 39.38
C TRP K 112 34.24 -3.51 39.00
N PHE K 113 34.79 -4.70 38.84
CA PHE K 113 34.01 -5.88 38.47
C PHE K 113 33.72 -6.78 39.66
N ASP K 114 32.70 -7.63 39.47
CA ASP K 114 32.00 -8.36 40.52
C ASP K 114 31.59 -9.71 39.93
N VAL K 115 30.51 -10.32 40.44
CA VAL K 115 30.32 -11.77 40.56
C VAL K 115 30.86 -12.57 39.39
N TRP K 116 31.66 -13.58 39.72
CA TRP K 116 32.53 -14.33 38.83
C TRP K 116 31.94 -15.70 38.53
N GLY K 117 32.72 -16.50 37.80
CA GLY K 117 32.54 -17.92 37.72
C GLY K 117 33.80 -18.58 38.24
N PRO K 118 33.82 -19.90 38.33
CA PRO K 118 34.98 -20.57 38.95
C PRO K 118 36.26 -20.33 38.17
N GLY K 119 36.26 -20.68 36.89
CA GLY K 119 37.42 -20.55 36.05
C GLY K 119 37.66 -21.74 35.15
N ILE K 120 38.47 -21.54 34.12
CA ILE K 120 38.84 -22.59 33.19
C ILE K 120 40.34 -22.54 33.01
N ARG K 121 41.02 -23.63 33.32
CA ARG K 121 42.45 -23.73 33.10
C ARG K 121 42.69 -23.95 31.62
N VAL K 122 43.78 -23.39 31.11
CA VAL K 122 44.15 -23.53 29.71
C VAL K 122 45.65 -23.76 29.67
N THR K 123 46.05 -24.98 29.37
CA THR K 123 47.44 -25.36 29.19
C THR K 123 47.70 -25.63 27.73
N VAL K 124 48.27 -24.66 27.03
CA VAL K 124 48.55 -24.81 25.58
C VAL K 124 49.76 -25.74 25.50
N SER K 125 49.45 -27.03 25.39
CA SER K 125 50.45 -28.08 25.52
C SER K 125 50.05 -29.26 24.66
N SER K 126 50.95 -30.24 24.58
CA SER K 126 50.81 -31.39 23.71
C SER K 126 50.95 -32.68 24.50
N VAL L 2 51.56 1.53 30.54
CA VAL L 2 51.30 1.91 31.92
C VAL L 2 51.83 0.83 32.85
N VAL L 3 52.45 1.25 33.95
CA VAL L 3 53.15 0.37 34.87
C VAL L 3 52.80 0.79 36.28
N MET L 4 52.71 -0.18 37.19
CA MET L 4 52.31 0.06 38.56
C MET L 4 52.98 -0.95 39.47
N THR L 5 53.62 -0.46 40.52
CA THR L 5 54.36 -1.30 41.46
C THR L 5 53.65 -1.35 42.80
N GLN L 6 53.61 -2.54 43.38
CA GLN L 6 53.01 -2.78 44.69
C GLN L 6 54.11 -3.18 45.65
N THR L 7 54.13 -2.57 46.84
CA THR L 7 55.13 -2.84 47.85
C THR L 7 54.48 -3.09 49.21
N PRO L 8 54.92 -4.10 49.98
CA PRO L 8 55.93 -5.15 49.73
C PRO L 8 55.40 -6.35 48.96
N LEU L 9 56.30 -7.28 48.64
CA LEU L 9 55.93 -8.54 48.02
C LEU L 9 55.15 -9.44 48.97
N SER L 10 55.46 -9.38 50.27
CA SER L 10 54.75 -10.14 51.29
C SER L 10 54.71 -9.30 52.56
N LEU L 11 53.96 -9.79 53.55
CA LEU L 11 53.76 -9.05 54.79
C LEU L 11 53.41 -10.04 55.90
N PRO L 12 54.40 -10.55 56.62
CA PRO L 12 54.09 -11.38 57.78
C PRO L 12 53.60 -10.54 58.95
N ILE L 13 52.70 -11.12 59.74
CA ILE L 13 52.08 -10.43 60.87
C ILE L 13 51.55 -11.47 61.82
N THR L 14 51.38 -11.08 63.08
CA THR L 14 50.60 -11.81 64.06
C THR L 14 49.34 -11.00 64.38
N PRO L 15 48.17 -11.61 64.58
CA PRO L 15 46.93 -10.83 64.62
C PRO L 15 46.87 -9.84 65.77
N GLY L 16 45.86 -8.98 65.70
CA GLY L 16 45.62 -7.98 66.72
C GLY L 16 46.30 -6.64 66.47
N GLU L 17 46.64 -6.34 65.22
CA GLU L 17 47.41 -5.14 64.89
C GLU L 17 46.92 -4.52 63.59
N PRO L 18 47.18 -3.23 63.37
CA PRO L 18 46.94 -2.64 62.05
C PRO L 18 48.01 -3.08 61.05
N ALA L 19 47.96 -2.46 59.87
CA ALA L 19 48.91 -2.73 58.80
C ALA L 19 48.78 -1.65 57.73
N SER L 20 49.73 -1.61 56.81
CA SER L 20 49.73 -0.64 55.74
C SER L 20 50.56 -1.16 54.57
N ILE L 21 50.03 -1.00 53.36
CA ILE L 21 50.65 -1.49 52.13
C ILE L 21 50.58 -0.35 51.11
N SER L 22 51.59 -0.24 50.25
CA SER L 22 51.74 0.91 49.37
C SER L 22 51.73 0.52 47.90
N CYS L 23 51.32 1.46 47.07
CA CYS L 23 51.25 1.28 45.62
C CYS L 23 51.70 2.56 44.94
N ARG L 24 52.63 2.42 44.01
CA ARG L 24 53.17 3.53 43.23
C ARG L 24 52.80 3.34 41.77
N SER L 25 52.04 4.30 41.24
CA SER L 25 51.57 4.27 39.86
C SER L 25 52.38 5.23 39.02
N SER L 26 52.58 4.87 37.76
CA SER L 26 53.44 5.64 36.88
C SER L 26 52.92 7.07 36.71
N GLN L 27 51.75 7.23 36.10
CA GLN L 27 51.14 8.54 35.91
C GLN L 27 50.15 8.83 37.03
N SER L 28 49.91 10.11 37.24
CA SER L 28 49.03 10.53 38.32
C SER L 28 47.63 10.02 38.06
N LEU L 29 47.16 9.12 38.92
CA LEU L 29 45.86 8.50 38.75
C LEU L 29 44.71 9.36 39.24
N LEU L 30 44.95 10.64 39.49
CA LEU L 30 43.86 11.58 39.68
C LEU L 30 43.39 12.09 38.32
N HIS L 31 42.10 12.38 38.23
CA HIS L 31 41.47 12.81 36.99
C HIS L 31 40.88 14.19 37.18
N SER L 32 40.83 14.95 36.07
CA SER L 32 40.31 16.30 36.08
C SER L 32 38.88 16.40 36.62
N ASN L 33 38.11 15.32 36.60
CA ASN L 33 36.76 15.35 37.11
C ASN L 33 36.68 15.04 38.60
N GLY L 34 37.81 15.14 39.31
CA GLY L 34 37.82 14.95 40.74
C GLY L 34 37.55 13.52 41.11
N ASN L 35 38.49 12.64 40.80
CA ASN L 35 38.31 11.24 41.09
C ASN L 35 39.66 10.53 41.03
N THR L 36 39.98 9.79 42.09
CA THR L 36 41.20 9.02 42.19
C THR L 36 40.89 7.58 41.87
N TYR L 37 41.22 7.15 40.65
CA TYR L 37 40.86 5.85 40.13
C TYR L 37 41.81 4.80 40.67
N LEU L 38 41.35 4.08 41.68
CA LEU L 38 42.14 3.05 42.34
C LEU L 38 41.19 1.98 42.83
N HIS L 39 41.62 0.73 42.73
CA HIS L 39 40.85 -0.37 43.28
C HIS L 39 41.80 -1.32 43.99
N TRP L 40 41.31 -1.93 45.07
CA TRP L 40 42.05 -2.91 45.84
C TRP L 40 41.28 -4.22 45.87
N TYR L 41 41.85 -5.26 45.27
CA TYR L 41 41.20 -6.57 45.23
C TYR L 41 41.80 -7.47 46.30
N LEU L 42 40.90 -8.13 47.04
CA LEU L 42 41.27 -9.18 47.99
C LEU L 42 41.05 -10.52 47.32
N GLN L 43 42.10 -11.34 47.23
CA GLN L 43 42.01 -12.69 46.68
C GLN L 43 42.23 -13.67 47.82
N LYS L 44 41.16 -14.37 48.20
CA LYS L 44 41.28 -15.46 49.15
C LYS L 44 41.92 -16.67 48.47
N PRO L 45 42.31 -17.68 49.22
CA PRO L 45 42.75 -18.93 48.58
C PRO L 45 41.58 -19.69 47.98
N GLY L 46 41.61 -19.90 46.67
CA GLY L 46 40.66 -20.77 46.00
C GLY L 46 39.40 -20.09 45.51
N GLN L 47 39.37 -18.76 45.46
CA GLN L 47 38.23 -18.02 44.93
C GLN L 47 38.73 -16.89 44.04
N SER L 48 37.78 -16.15 43.42
CA SER L 48 38.11 -15.05 42.52
C SER L 48 38.20 -13.75 43.32
N PRO L 49 38.84 -12.71 42.78
CA PRO L 49 39.15 -11.55 43.62
C PRO L 49 37.90 -10.78 44.01
N GLN L 50 37.63 -10.75 45.31
CA GLN L 50 36.66 -9.83 45.88
C GLN L 50 37.35 -8.52 46.22
N LEU L 51 36.54 -7.54 46.64
CA LEU L 51 37.02 -6.17 46.85
C LEU L 51 36.81 -5.69 48.28
N LEU L 52 37.64 -4.71 48.64
CA LEU L 52 37.57 -4.04 49.93
C LEU L 52 37.44 -2.53 49.76
N ILE L 53 38.29 -1.92 48.94
CA ILE L 53 38.49 -0.47 48.93
C ILE L 53 38.71 -0.01 47.50
N TYR L 54 37.78 0.80 46.99
CA TYR L 54 37.92 1.46 45.70
C TYR L 54 38.00 2.97 45.87
N GLY L 55 38.24 3.65 44.75
CA GLY L 55 38.25 5.10 44.73
C GLY L 55 39.41 5.74 45.45
N GLY L 56 40.34 4.96 45.97
CA GLY L 56 41.39 5.44 46.84
C GLY L 56 41.02 5.38 48.31
N SER L 57 39.76 5.68 48.64
CA SER L 57 39.32 5.72 50.03
C SER L 57 37.91 5.19 50.24
N ASN L 58 37.23 4.67 49.22
CA ASN L 58 35.84 4.28 49.32
C ASN L 58 35.72 2.81 49.63
N ARG L 59 34.96 2.49 50.66
CA ARG L 59 34.72 1.11 51.04
C ARG L 59 33.75 0.45 50.06
N ALA L 60 33.63 -0.87 50.18
CA ALA L 60 32.67 -1.64 49.41
C ALA L 60 31.40 -1.83 50.23
N SER L 61 30.44 -2.57 49.71
CA SER L 61 29.12 -2.69 50.32
C SER L 61 29.08 -3.80 51.37
N GLY L 62 29.36 -5.03 50.97
CA GLY L 62 29.36 -6.15 51.88
C GLY L 62 30.71 -6.37 52.53
N VAL L 63 31.32 -5.28 53.01
CA VAL L 63 32.67 -5.29 53.56
C VAL L 63 32.60 -5.01 55.05
N PRO L 64 33.48 -5.58 55.88
CA PRO L 64 33.55 -5.12 57.27
C PRO L 64 34.22 -3.77 57.36
N ASP L 65 34.14 -3.18 58.54
CA ASP L 65 34.70 -1.86 58.79
C ASP L 65 36.17 -1.91 59.18
N ARG L 66 36.85 -3.05 59.00
CA ARG L 66 38.19 -3.24 59.50
C ARG L 66 39.28 -2.75 58.54
N PHE L 67 38.95 -1.82 57.65
CA PHE L 67 39.84 -1.39 56.58
C PHE L 67 39.75 0.13 56.41
N SER L 68 40.64 0.65 55.58
CA SER L 68 40.59 2.02 55.10
C SER L 68 41.68 2.17 54.05
N GLY L 69 41.67 3.31 53.38
CA GLY L 69 42.67 3.58 52.36
C GLY L 69 42.67 5.04 52.01
N SER L 70 43.79 5.48 51.44
CA SER L 70 43.91 6.87 50.99
C SER L 70 45.13 6.95 50.09
N GLY L 71 45.52 8.16 49.74
CA GLY L 71 46.64 8.33 48.83
C GLY L 71 46.61 9.65 48.12
N SER L 72 47.54 9.83 47.18
CA SER L 72 47.67 11.09 46.47
C SER L 72 48.31 10.84 45.12
N GLY L 73 47.53 11.02 44.05
CA GLY L 73 48.08 11.15 42.72
C GLY L 73 48.67 9.85 42.21
N THR L 74 49.77 9.44 42.83
CA THR L 74 50.49 8.24 42.45
C THR L 74 50.89 7.36 43.62
N ASP L 75 50.99 7.91 44.83
CA ASP L 75 51.43 7.16 46.01
C ASP L 75 50.20 6.88 46.86
N PHE L 76 49.81 5.62 46.92
CA PHE L 76 48.55 5.21 47.53
C PHE L 76 48.83 4.20 48.63
N THR L 77 47.96 4.19 49.63
CA THR L 77 48.14 3.36 50.82
C THR L 77 46.83 2.68 51.16
N LEU L 78 46.89 1.36 51.35
CA LEU L 78 45.81 0.56 51.91
C LEU L 78 46.15 0.23 53.35
N LYS L 79 45.26 0.56 54.28
CA LYS L 79 45.51 0.40 55.71
C LYS L 79 44.48 -0.56 56.27
N ILE L 80 44.94 -1.51 57.08
CA ILE L 80 44.06 -2.44 57.78
C ILE L 80 44.07 -2.06 59.25
N SER L 81 42.93 -2.24 59.92
CA SER L 81 42.79 -1.80 61.30
C SER L 81 43.19 -2.89 62.28
N LYS L 82 42.60 -4.07 62.15
CA LYS L 82 42.85 -5.19 63.06
C LYS L 82 42.74 -6.48 62.27
N VAL L 83 43.88 -7.12 62.02
CA VAL L 83 43.92 -8.32 61.20
C VAL L 83 43.27 -9.46 61.95
N GLU L 84 42.54 -10.31 61.23
CA GLU L 84 41.95 -11.52 61.74
C GLU L 84 42.58 -12.73 61.06
N ALA L 85 42.07 -13.92 61.36
CA ALA L 85 42.59 -15.13 60.75
C ALA L 85 42.18 -15.26 59.29
N GLU L 86 40.99 -14.78 58.93
CA GLU L 86 40.46 -14.98 57.59
C GLU L 86 41.01 -13.99 56.57
N ASP L 87 41.98 -13.16 56.94
CA ASP L 87 42.53 -12.18 56.01
C ASP L 87 43.65 -12.75 55.16
N VAL L 88 43.92 -14.05 55.25
CA VAL L 88 45.06 -14.65 54.58
C VAL L 88 44.76 -14.73 53.09
N GLY L 89 45.69 -14.30 52.26
CA GLY L 89 45.48 -14.30 50.83
C GLY L 89 46.45 -13.40 50.10
N VAL L 90 45.98 -12.67 49.10
CA VAL L 90 46.81 -11.72 48.37
C VAL L 90 46.01 -10.44 48.14
N TYR L 91 46.71 -9.32 48.10
CA TYR L 91 46.14 -8.02 47.78
C TYR L 91 46.67 -7.54 46.44
N TYR L 92 45.77 -7.01 45.61
CA TYR L 92 46.13 -6.46 44.31
C TYR L 92 45.77 -4.99 44.24
N CYS L 93 46.75 -4.17 43.87
CA CYS L 93 46.51 -2.79 43.46
C CYS L 93 46.05 -2.79 42.01
N VAL L 94 45.09 -1.91 41.68
CA VAL L 94 44.39 -1.97 40.40
C VAL L 94 44.08 -0.57 39.89
N GLN L 95 44.22 -0.41 38.57
CA GLN L 95 44.28 0.85 37.84
C GLN L 95 43.30 0.84 36.67
N ALA L 96 42.63 1.98 36.42
CA ALA L 96 41.60 2.02 35.39
C ALA L 96 41.52 3.32 34.58
N ILE L 97 42.37 4.33 34.83
CA ILE L 97 42.14 5.63 34.21
C ILE L 97 42.60 5.65 32.74
N ALA L 98 43.51 4.78 32.36
CA ALA L 98 43.95 4.69 30.98
C ALA L 98 44.19 3.24 30.64
N PHE L 99 43.78 2.85 29.44
CA PHE L 99 44.01 1.50 29.00
C PHE L 99 45.52 1.24 28.91
N PRO L 100 45.98 0.02 29.21
CA PRO L 100 45.25 -1.14 29.72
C PRO L 100 44.86 -0.97 31.19
N TRP L 101 43.75 -1.61 31.59
CA TRP L 101 43.36 -1.66 32.99
C TRP L 101 44.30 -2.63 33.70
N THR L 102 45.53 -2.16 33.92
CA THR L 102 46.55 -2.99 34.52
C THR L 102 46.32 -3.17 36.01
N PHE L 103 46.78 -4.31 36.53
CA PHE L 103 46.61 -4.69 37.92
C PHE L 103 47.97 -4.75 38.61
N GLY L 104 47.93 -4.99 39.91
CA GLY L 104 49.14 -5.08 40.70
C GLY L 104 49.81 -6.43 40.63
N GLN L 105 51.03 -6.48 41.20
CA GLN L 105 51.82 -7.71 41.16
C GLN L 105 51.38 -8.70 42.24
N GLY L 106 50.85 -8.20 43.36
CA GLY L 106 50.34 -9.05 44.41
C GLY L 106 51.17 -9.07 45.66
N THR L 107 50.61 -8.59 46.76
CA THR L 107 51.24 -8.67 48.07
C THR L 107 50.58 -9.78 48.86
N LYS L 108 51.36 -10.80 49.22
CA LYS L 108 50.83 -11.99 49.89
C LYS L 108 50.79 -11.72 51.40
N VAL L 109 49.65 -12.03 52.01
CA VAL L 109 49.41 -11.79 53.42
C VAL L 109 49.10 -13.11 54.10
N GLU L 110 49.80 -13.39 55.19
CA GLU L 110 49.60 -14.61 55.97
C GLU L 110 50.11 -14.37 57.38
N ILE L 111 49.64 -15.19 58.30
CA ILE L 111 50.02 -15.06 59.71
C ILE L 111 51.24 -15.93 59.97
#